data_8F2J
#
_entry.id   8F2J
#
_cell.length_a   143.190
_cell.length_b   154.430
_cell.length_c   165.250
_cell.angle_alpha   90.00
_cell.angle_beta   90.00
_cell.angle_gamma   90.00
#
_symmetry.space_group_name_H-M   'P 21 21 21'
#
loop_
_entity.id
_entity.type
_entity.pdbx_description
1 polymer 'WRAIR-2134 Fab Heavy Chain'
2 polymer 'WRAIR-2134 Fab Light Chain'
3 polymer 'Spike protein S1'
4 branched 2-acetamido-2-deoxy-beta-D-glucopyranose-(1-4)-2-acetamido-2-deoxy-beta-D-glucopyranose
5 non-polymer 2-acetamido-2-deoxy-beta-D-glucopyranose
#
loop_
_entity_poly.entity_id
_entity_poly.type
_entity_poly.pdbx_seq_one_letter_code
_entity_poly.pdbx_strand_id
1 'polypeptide(L)'
;EVQLVESGGGVVQPGRSLRLSCAASGFIFSSYGMYWVRQAPGKGLEWVAVIWYDGSNKYYADSVKGRFTISRDNSKNTLY
LQMNSLRAEDTAVYYCARDLSSSSGWDDYYYYYGMDVWGQGTTVTVSSASTKGPSVFPLAPSSKSTSGGTAALGCLVKDY
FPEPVTVSWNSGALTSGVHTFPAVLQSSGLYSLSSVVTVPSSSLGTQTYICNVNHKPSNTKVDKRVEPKSCDK
;
A,D,H,I
2 'polypeptide(L)'
;SYELTQPPSVSVSPGQTASITCSGDKLGDKYACWYQQKPGQSPVLVIYQDSKRPSGIPERFSGSNSGNTATLTISGTQAM
DEADYYCQAWDSSTSYVVFGGGTKLTVLGQPKAAPSVTLFPPSSEELQANKATLVCLISDFYPGAVTVAWKADSSPVKAG
VETTTPSKQSNNKYAASSYLSLTPEQWKSHRSYSCQVTHEGSTVEKTVAPTECS
;
B,F,J,L
3 'polypeptide(L)'
;NITNLCPFGEVFNATRFASVYAWNRKRISNCVADYSVLYNSASFSTFKCYGVSPTKLNDLCFTNVYADSFVIRGDEVRQI
APGQTGKIADYNYKLPDDFTGCVIAWNSNNLDSKVGGNYNYLYRLFRKSNLKPFERDISTEIYQAGSTPCNGVEGFNCYF
PLQSYGFQPTNGVGYQPYRVVVLSFELLHAPATVCGPGSHHHHHH
;
C,E,G,K
#
loop_
_chem_comp.id
_chem_comp.type
_chem_comp.name
_chem_comp.formula
NAG D-saccharide, beta linking 2-acetamido-2-deoxy-beta-D-glucopyranose 'C8 H15 N O6'
#
# COMPACT_ATOMS: atom_id res chain seq x y z
N GLU A 1 12.19 47.04 -47.04
CA GLU A 1 12.33 45.59 -47.09
C GLU A 1 11.64 44.89 -45.92
N VAL A 2 10.72 43.97 -46.25
CA VAL A 2 10.10 43.14 -45.24
C VAL A 2 11.14 42.19 -44.66
N GLN A 3 11.19 42.11 -43.34
CA GLN A 3 12.26 41.39 -42.66
C GLN A 3 11.76 40.82 -41.34
N LEU A 4 12.04 39.54 -41.13
CA LEU A 4 11.85 38.86 -39.86
C LEU A 4 13.21 38.36 -39.39
N VAL A 5 13.55 38.62 -38.13
CA VAL A 5 14.85 38.22 -37.58
C VAL A 5 14.62 37.48 -36.27
N GLU A 6 14.92 36.18 -36.25
CA GLU A 6 14.85 35.40 -35.03
C GLU A 6 16.10 35.59 -34.18
N SER A 7 15.93 35.46 -32.87
CA SER A 7 17.06 35.52 -31.94
C SER A 7 16.67 34.81 -30.66
N GLY A 8 17.70 34.43 -29.89
CA GLY A 8 17.54 33.89 -28.56
C GLY A 8 17.76 32.40 -28.47
N GLY A 9 18.03 31.73 -29.57
CA GLY A 9 18.42 30.34 -29.52
C GLY A 9 19.80 30.15 -28.93
N GLY A 10 20.16 28.88 -28.77
CA GLY A 10 21.44 28.53 -28.18
C GLY A 10 21.42 27.12 -27.66
N VAL A 11 22.43 26.81 -26.87
CA VAL A 11 22.51 25.54 -26.17
C VAL A 11 21.83 25.71 -24.81
N VAL A 12 20.98 24.74 -24.45
CA VAL A 12 20.22 24.82 -23.21
C VAL A 12 19.98 23.40 -22.73
N GLN A 13 19.91 23.23 -21.42
CA GLN A 13 19.80 21.94 -20.78
C GLN A 13 18.34 21.49 -20.72
N PRO A 14 18.05 20.19 -20.89
CA PRO A 14 16.65 19.74 -20.85
C PRO A 14 15.98 20.03 -19.52
N GLY A 15 14.66 20.19 -19.56
CA GLY A 15 13.89 20.59 -18.40
C GLY A 15 13.94 22.06 -18.09
N ARG A 16 14.96 22.77 -18.58
CA ARG A 16 15.10 24.22 -18.41
C ARG A 16 14.16 24.91 -19.40
N SER A 17 14.33 26.22 -19.59
CA SER A 17 13.41 26.98 -20.42
C SER A 17 14.15 28.13 -21.09
N LEU A 18 13.50 28.74 -22.08
CA LEU A 18 14.17 29.61 -23.04
C LEU A 18 13.13 30.45 -23.78
N ARG A 19 13.47 31.70 -24.09
CA ARG A 19 12.52 32.62 -24.72
C ARG A 19 13.09 33.15 -26.03
N LEU A 20 12.44 32.82 -27.14
CA LEU A 20 12.83 33.25 -28.48
C LEU A 20 12.09 34.52 -28.86
N SER A 21 12.79 35.37 -29.62
CA SER A 21 12.22 36.60 -30.16
C SER A 21 12.29 36.58 -31.69
N CYS A 22 11.35 37.31 -32.30
CA CYS A 22 11.31 37.51 -33.74
C CYS A 22 10.99 38.97 -33.96
N ALA A 23 11.90 39.69 -34.60
CA ALA A 23 11.78 41.12 -34.83
C ALA A 23 11.34 41.36 -36.26
N ALA A 24 10.20 42.04 -36.42
CA ALA A 24 9.66 42.37 -37.73
C ALA A 24 9.99 43.81 -38.10
N SER A 25 10.17 44.05 -39.39
CA SER A 25 10.42 45.40 -39.87
C SER A 25 10.02 45.47 -41.34
N GLY A 26 9.50 46.62 -41.75
CA GLY A 26 9.15 46.85 -43.14
C GLY A 26 7.74 46.47 -43.53
N PHE A 27 6.86 46.20 -42.57
CA PHE A 27 5.45 45.98 -42.85
C PHE A 27 4.67 46.26 -41.57
N ILE A 28 3.36 46.46 -41.72
CA ILE A 28 2.54 46.78 -40.56
C ILE A 28 2.29 45.51 -39.76
N PHE A 29 3.22 45.22 -38.85
CA PHE A 29 3.23 43.97 -38.09
C PHE A 29 1.91 43.71 -37.40
N SER A 30 1.29 44.76 -36.83
CA SER A 30 0.09 44.60 -36.01
C SER A 30 -1.10 44.07 -36.79
N SER A 31 -0.96 43.89 -38.10
CA SER A 31 -2.09 43.54 -38.96
C SER A 31 -1.94 42.15 -39.60
N TYR A 32 -1.10 41.28 -39.04
CA TYR A 32 -0.83 39.99 -39.65
C TYR A 32 -0.80 38.90 -38.59
N GLY A 33 -1.49 37.79 -38.86
CA GLY A 33 -1.24 36.56 -38.13
C GLY A 33 0.22 36.13 -38.24
N MET A 34 0.75 35.57 -37.14
CA MET A 34 2.15 35.14 -37.10
C MET A 34 2.26 33.68 -36.67
N TYR A 35 3.31 33.02 -37.15
CA TYR A 35 3.56 31.59 -36.96
C TYR A 35 4.94 31.35 -36.35
N TRP A 36 5.03 30.29 -35.55
CA TRP A 36 6.29 29.62 -35.23
C TRP A 36 6.27 28.22 -35.85
N VAL A 37 7.33 27.90 -36.61
CA VAL A 37 7.51 26.62 -37.28
C VAL A 37 8.94 26.15 -37.04
N ARG A 38 9.13 24.88 -36.72
CA ARG A 38 10.48 24.39 -36.46
C ARG A 38 10.86 23.26 -37.40
N GLN A 39 12.17 23.00 -37.46
CA GLN A 39 12.74 21.95 -38.30
C GLN A 39 13.89 21.32 -37.53
N ALA A 40 13.70 20.08 -37.06
CA ALA A 40 14.78 19.32 -36.47
C ALA A 40 15.81 18.96 -37.53
N PRO A 41 17.05 18.68 -37.15
CA PRO A 41 18.09 18.38 -38.15
C PRO A 41 17.71 17.17 -38.98
N GLY A 42 17.71 17.36 -40.30
CA GLY A 42 17.40 16.30 -41.25
C GLY A 42 15.96 15.86 -41.30
N LYS A 43 15.06 16.56 -40.60
CA LYS A 43 13.64 16.27 -40.64
C LYS A 43 12.90 17.35 -41.43
N GLY A 44 11.58 17.24 -41.46
CA GLY A 44 10.74 18.18 -42.17
C GLY A 44 10.32 19.36 -41.32
N LEU A 45 9.46 20.18 -41.90
CA LEU A 45 8.94 21.35 -41.20
C LEU A 45 7.81 20.91 -40.27
N GLU A 46 7.90 21.34 -39.01
CA GLU A 46 6.87 21.05 -38.01
C GLU A 46 6.23 22.36 -37.58
N TRP A 47 4.91 22.44 -37.72
CA TRP A 47 4.19 23.58 -37.17
C TRP A 47 4.27 23.56 -35.65
N VAL A 48 4.48 24.73 -35.06
CA VAL A 48 4.59 24.87 -33.60
C VAL A 48 3.43 25.68 -33.04
N ALA A 49 3.24 26.90 -33.53
CA ALA A 49 2.16 27.73 -32.99
C ALA A 49 1.76 28.81 -33.97
N VAL A 50 0.61 29.44 -33.69
CA VAL A 50 0.10 30.54 -34.51
C VAL A 50 -0.70 31.46 -33.62
N ILE A 51 -0.65 32.76 -33.94
CA ILE A 51 -1.28 33.81 -33.15
C ILE A 51 -1.92 34.84 -34.08
N TRP A 52 -3.08 35.35 -33.69
CA TRP A 52 -3.83 36.32 -34.47
C TRP A 52 -3.11 37.67 -34.50
N TYR A 53 -3.50 38.49 -35.48
CA TYR A 53 -2.88 39.80 -35.68
C TYR A 53 -2.85 40.65 -34.43
N ASP A 54 -3.78 40.42 -33.49
CA ASP A 54 -3.85 41.20 -32.27
C ASP A 54 -3.52 40.38 -31.02
N GLY A 55 -3.17 39.11 -31.16
CA GLY A 55 -2.86 38.27 -30.03
C GLY A 55 -4.06 37.68 -29.32
N SER A 56 -5.26 37.87 -29.85
CA SER A 56 -6.46 37.39 -29.20
C SER A 56 -6.52 35.87 -29.18
N ASN A 57 -6.29 35.23 -30.33
CA ASN A 57 -6.41 33.80 -30.45
C ASN A 57 -5.05 33.17 -30.69
N LYS A 58 -4.79 32.06 -30.01
CA LYS A 58 -3.52 31.35 -30.08
C LYS A 58 -3.80 29.87 -30.24
N TYR A 59 -3.09 29.23 -31.18
CA TYR A 59 -3.23 27.80 -31.40
C TYR A 59 -1.86 27.14 -31.40
N TYR A 60 -1.78 25.95 -30.78
CA TYR A 60 -0.53 25.24 -30.62
C TYR A 60 -0.63 23.83 -31.18
N ALA A 61 0.52 23.30 -31.60
CA ALA A 61 0.60 21.89 -31.95
C ALA A 61 0.59 21.03 -30.69
N ASP A 62 0.06 19.81 -30.83
CA ASP A 62 -0.07 18.91 -29.68
C ASP A 62 1.26 18.63 -29.02
N SER A 63 2.34 18.52 -29.80
CA SER A 63 3.64 18.19 -29.23
C SER A 63 4.12 19.22 -28.21
N VAL A 64 3.65 20.46 -28.31
CA VAL A 64 4.08 21.54 -27.43
C VAL A 64 2.96 22.10 -26.57
N LYS A 65 1.73 21.56 -26.68
CA LYS A 65 0.61 22.06 -25.90
C LYS A 65 0.92 22.03 -24.41
N GLY A 66 0.63 23.12 -23.73
CA GLY A 66 0.88 23.23 -22.30
C GLY A 66 2.29 23.60 -21.92
N ARG A 67 3.26 23.40 -22.80
CA ARG A 67 4.66 23.70 -22.52
C ARG A 67 5.12 25.03 -23.13
N PHE A 68 4.63 25.38 -24.32
CA PHE A 68 5.04 26.58 -25.00
C PHE A 68 3.95 27.65 -24.92
N THR A 69 4.37 28.90 -25.04
CA THR A 69 3.46 30.05 -25.02
C THR A 69 3.86 31.00 -26.14
N ILE A 70 2.92 31.32 -27.03
CA ILE A 70 3.17 32.29 -28.10
C ILE A 70 2.58 33.63 -27.68
N SER A 71 3.28 34.71 -28.01
CA SER A 71 2.77 36.03 -27.67
C SER A 71 3.37 37.06 -28.62
N ARG A 72 2.80 38.26 -28.64
CA ARG A 72 3.33 39.32 -29.46
C ARG A 72 3.20 40.67 -28.78
N ASP A 73 4.19 41.53 -28.99
CA ASP A 73 4.11 42.94 -28.61
C ASP A 73 3.97 43.71 -29.92
N ASN A 74 2.74 44.16 -30.20
CA ASN A 74 2.47 44.89 -31.43
C ASN A 74 3.09 46.28 -31.43
N SER A 75 3.22 46.88 -30.24
CA SER A 75 3.87 48.19 -30.16
C SER A 75 5.35 48.11 -30.51
N LYS A 76 6.00 46.99 -30.18
CA LYS A 76 7.42 46.83 -30.37
C LYS A 76 7.76 45.96 -31.59
N ASN A 77 6.77 45.60 -32.40
CA ASN A 77 6.98 44.84 -33.63
C ASN A 77 7.63 43.48 -33.36
N THR A 78 7.20 42.79 -32.30
CA THR A 78 7.94 41.59 -31.88
C THR A 78 7.01 40.41 -31.62
N LEU A 79 7.48 39.23 -32.00
CA LEU A 79 6.82 37.96 -31.69
C LEU A 79 7.71 37.15 -30.74
N TYR A 80 7.10 36.56 -29.71
CA TYR A 80 7.83 35.78 -28.72
C TYR A 80 7.31 34.35 -28.67
N LEU A 81 8.24 33.42 -28.43
CA LEU A 81 7.92 32.05 -28.06
C LEU A 81 8.60 31.72 -26.74
N GLN A 82 7.80 31.51 -25.70
CA GLN A 82 8.28 31.03 -24.41
C GLN A 82 8.25 29.50 -24.40
N MET A 83 9.43 28.87 -24.42
CA MET A 83 9.55 27.43 -24.39
C MET A 83 9.91 26.99 -22.97
N ASN A 84 9.03 26.21 -22.35
CA ASN A 84 9.25 25.69 -21.01
C ASN A 84 9.30 24.17 -21.04
N SER A 85 9.98 23.60 -20.03
CA SER A 85 10.12 22.16 -19.88
C SER A 85 10.68 21.53 -21.15
N LEU A 86 11.78 22.11 -21.63
CA LEU A 86 12.38 21.68 -22.89
C LEU A 86 12.80 20.22 -22.84
N ARG A 87 12.30 19.44 -23.80
CA ARG A 87 12.74 18.07 -23.99
C ARG A 87 13.84 18.03 -25.05
N ALA A 88 14.47 16.87 -25.20
CA ALA A 88 15.55 16.75 -26.17
C ALA A 88 15.02 16.84 -27.61
N GLU A 89 13.83 16.29 -27.86
CA GLU A 89 13.24 16.29 -29.19
C GLU A 89 12.76 17.67 -29.62
N ASP A 90 13.00 18.70 -28.79
CA ASP A 90 12.75 20.08 -29.19
C ASP A 90 13.92 20.69 -29.95
N THR A 91 15.09 20.05 -29.96
CA THR A 91 16.24 20.55 -30.69
C THR A 91 15.86 20.75 -32.15
N ALA A 92 16.06 21.98 -32.65
CA ALA A 92 15.62 22.31 -34.00
C ALA A 92 15.97 23.75 -34.31
N VAL A 93 15.89 24.09 -35.58
CA VAL A 93 15.84 25.49 -36.00
C VAL A 93 14.40 25.98 -35.88
N TYR A 94 14.22 27.14 -35.28
CA TYR A 94 12.91 27.75 -35.07
C TYR A 94 12.80 28.97 -35.96
N TYR A 95 11.82 28.95 -36.86
CA TYR A 95 11.50 30.03 -37.77
C TYR A 95 10.24 30.74 -37.29
N CYS A 96 10.24 32.07 -37.36
CA CYS A 96 9.00 32.80 -37.35
C CYS A 96 8.59 33.12 -38.77
N ALA A 97 7.27 33.21 -38.99
CA ALA A 97 6.75 33.38 -40.33
C ALA A 97 5.48 34.20 -40.28
N ARG A 98 5.26 34.98 -41.34
CA ARG A 98 4.10 35.86 -41.40
C ARG A 98 3.10 35.31 -42.41
N ASP A 99 1.81 35.39 -42.07
CA ASP A 99 0.77 35.04 -43.01
C ASP A 99 0.57 36.16 -44.01
N LEU A 100 0.22 35.79 -45.25
CA LEU A 100 0.12 36.79 -46.30
C LEU A 100 -1.14 37.62 -46.23
N SER A 101 -2.12 37.23 -45.41
CA SER A 101 -3.37 37.96 -45.28
C SER A 101 -3.27 38.95 -44.12
N SER A 102 -3.89 40.11 -44.30
CA SER A 102 -3.84 41.16 -43.29
C SER A 102 -5.24 41.59 -42.93
N SER A 103 -5.47 41.85 -41.64
CA SER A 103 -6.77 42.33 -41.20
C SER A 103 -6.79 43.85 -41.27
N SER A 104 -7.91 44.39 -41.77
CA SER A 104 -8.05 45.84 -41.81
C SER A 104 -8.34 46.42 -40.43
N GLY A 105 -8.72 45.59 -39.47
CA GLY A 105 -9.00 46.04 -38.12
C GLY A 105 -10.46 46.12 -37.73
N TRP A 106 -11.41 45.94 -38.65
CA TRP A 106 -12.76 46.39 -38.34
C TRP A 106 -13.71 45.35 -37.75
N ASP A 107 -13.52 44.04 -37.93
CA ASP A 107 -14.53 43.12 -37.41
C ASP A 107 -14.07 41.69 -37.08
N ASP A 108 -13.02 41.54 -36.29
CA ASP A 108 -12.60 40.21 -35.75
C ASP A 108 -12.63 39.07 -36.78
N TYR A 109 -12.41 39.33 -38.07
CA TYR A 109 -12.40 38.27 -39.06
C TYR A 109 -10.98 38.04 -39.57
N TYR A 110 -10.56 36.78 -39.64
CA TYR A 110 -9.27 36.47 -40.21
C TYR A 110 -9.34 35.11 -40.91
N TYR A 111 -8.72 35.02 -42.08
CA TYR A 111 -8.54 33.75 -42.78
C TYR A 111 -7.07 33.59 -43.10
N TYR A 112 -6.48 32.48 -42.66
CA TYR A 112 -5.08 32.21 -42.89
C TYR A 112 -4.85 31.59 -44.27
N TYR A 113 -4.00 32.25 -45.06
CA TYR A 113 -3.54 31.71 -46.33
C TYR A 113 -2.08 31.29 -46.14
N GLY A 114 -1.28 31.34 -47.20
CA GLY A 114 0.11 30.91 -47.09
C GLY A 114 0.99 31.80 -46.22
N MET A 115 2.12 31.24 -45.79
CA MET A 115 3.08 31.98 -44.96
C MET A 115 4.14 32.47 -45.95
N ASP A 116 4.06 33.74 -46.31
CA ASP A 116 4.88 34.27 -47.41
C ASP A 116 6.22 34.85 -46.95
N VAL A 117 6.35 35.24 -45.69
CA VAL A 117 7.61 35.77 -45.17
C VAL A 117 8.14 34.83 -44.10
N TRP A 118 9.43 34.52 -44.20
CA TRP A 118 10.11 33.67 -43.23
C TRP A 118 11.38 34.35 -42.76
N GLY A 119 11.67 34.23 -41.46
CA GLY A 119 12.97 34.60 -40.95
C GLY A 119 14.04 33.61 -41.40
N GLN A 120 15.27 33.89 -40.95
CA GLN A 120 16.37 33.01 -41.29
C GLN A 120 16.52 31.86 -40.30
N GLY A 121 15.87 31.92 -39.16
CA GLY A 121 15.86 30.85 -38.19
C GLY A 121 16.80 31.12 -37.01
N THR A 122 16.49 30.49 -35.88
CA THR A 122 17.39 30.48 -34.74
C THR A 122 17.47 29.06 -34.20
N THR A 123 18.67 28.62 -33.86
CA THR A 123 18.92 27.21 -33.57
C THR A 123 18.87 26.97 -32.06
N VAL A 124 18.13 25.96 -31.64
CA VAL A 124 17.99 25.61 -30.23
C VAL A 124 18.42 24.16 -30.07
N THR A 125 19.56 23.95 -29.41
CA THR A 125 20.06 22.62 -29.08
C THR A 125 19.83 22.37 -27.60
N VAL A 126 19.06 21.34 -27.27
CA VAL A 126 18.73 21.00 -25.89
C VAL A 126 19.42 19.67 -25.59
N SER A 127 20.59 19.75 -24.95
CA SER A 127 21.40 18.59 -24.60
C SER A 127 21.80 18.67 -23.13
N SER A 128 22.10 17.50 -22.56
CA SER A 128 22.51 17.41 -21.15
C SER A 128 24.02 17.64 -21.02
N ALA A 129 24.39 18.93 -20.97
CA ALA A 129 25.75 19.37 -20.68
C ALA A 129 26.87 18.65 -21.44
N SER A 130 28.02 18.47 -20.76
CA SER A 130 29.19 17.74 -21.27
C SER A 130 29.91 18.51 -22.38
N THR A 131 30.16 19.80 -22.15
CA THR A 131 30.80 20.66 -23.15
C THR A 131 32.31 20.41 -23.12
N LYS A 132 32.77 19.53 -24.01
CA LYS A 132 34.16 19.14 -24.08
C LYS A 132 34.74 19.38 -25.47
N GLY A 133 36.07 19.48 -25.52
CA GLY A 133 36.77 19.60 -26.77
C GLY A 133 37.09 18.22 -27.32
N PRO A 134 37.39 18.15 -28.62
CA PRO A 134 37.52 16.85 -29.28
C PRO A 134 38.90 16.23 -29.14
N SER A 135 38.94 14.92 -29.38
CA SER A 135 40.20 14.20 -29.53
C SER A 135 40.39 13.91 -31.02
N VAL A 136 41.55 14.30 -31.55
CA VAL A 136 41.82 14.22 -32.98
C VAL A 136 42.82 13.08 -33.22
N PHE A 137 42.41 12.11 -34.02
CA PHE A 137 43.26 10.99 -34.40
C PHE A 137 43.50 10.97 -35.90
N PRO A 138 44.69 10.58 -36.35
CA PRO A 138 44.97 10.59 -37.79
C PRO A 138 44.49 9.32 -38.46
N LEU A 139 43.98 9.47 -39.70
CA LEU A 139 43.59 8.37 -40.57
C LEU A 139 44.68 8.27 -41.64
N ALA A 140 45.65 7.41 -41.40
CA ALA A 140 46.80 7.26 -42.27
C ALA A 140 46.38 6.66 -43.62
N PRO A 141 47.08 7.01 -44.70
CA PRO A 141 46.82 6.37 -45.99
C PRO A 141 47.48 5.00 -46.06
N SER A 142 46.69 3.98 -46.41
CA SER A 142 47.12 2.59 -46.34
C SER A 142 47.77 2.15 -47.66
N SER A 143 48.10 0.86 -47.75
CA SER A 143 48.75 0.32 -48.94
C SER A 143 47.79 0.09 -50.10
N LYS A 144 46.49 0.01 -49.84
CA LYS A 144 45.51 -0.11 -50.91
C LYS A 144 45.04 1.25 -51.42
N SER A 145 45.27 2.31 -50.65
CA SER A 145 45.17 3.65 -51.20
C SER A 145 46.34 3.94 -52.15
N THR A 146 47.50 3.31 -51.89
CA THR A 146 48.73 3.59 -52.62
C THR A 146 48.69 3.12 -54.08
N SER A 147 47.82 2.16 -54.42
CA SER A 147 47.94 1.48 -55.70
C SER A 147 46.96 1.98 -56.76
N GLY A 148 46.03 2.85 -56.40
CA GLY A 148 45.33 3.63 -57.40
C GLY A 148 46.23 4.70 -57.98
N GLY A 149 45.61 5.56 -58.78
CA GLY A 149 46.29 6.79 -59.17
C GLY A 149 46.66 7.64 -57.96
N THR A 150 45.73 7.77 -57.02
CA THR A 150 45.86 8.65 -55.85
C THR A 150 45.44 7.89 -54.59
N ALA A 151 45.55 8.56 -53.44
CA ALA A 151 45.34 7.92 -52.14
C ALA A 151 44.63 8.87 -51.21
N ALA A 152 43.94 8.32 -50.21
CA ALA A 152 43.13 9.11 -49.29
C ALA A 152 43.77 9.16 -47.91
N LEU A 153 43.65 10.30 -47.24
CA LEU A 153 44.08 10.40 -45.85
C LEU A 153 43.20 11.40 -45.11
N GLY A 154 43.18 11.30 -43.77
CA GLY A 154 42.21 12.14 -43.08
C GLY A 154 42.46 12.36 -41.59
N CYS A 155 41.48 13.04 -40.98
CA CYS A 155 41.46 13.30 -39.54
C CYS A 155 40.09 12.89 -38.98
N LEU A 156 40.11 12.08 -37.93
CA LEU A 156 38.93 11.79 -37.12
C LEU A 156 38.88 12.75 -35.93
N VAL A 157 37.80 13.52 -35.84
CA VAL A 157 37.60 14.46 -34.74
C VAL A 157 36.46 13.91 -33.88
N LYS A 158 36.80 13.29 -32.74
CA LYS A 158 35.84 12.50 -31.97
C LYS A 158 35.46 13.15 -30.65
N ASP A 159 34.19 12.97 -30.28
CA ASP A 159 33.66 13.21 -28.94
C ASP A 159 33.88 14.66 -28.50
N TYR A 160 33.08 15.53 -29.11
CA TYR A 160 33.12 16.96 -28.82
C TYR A 160 31.69 17.49 -28.74
N PHE A 161 31.57 18.63 -28.04
CA PHE A 161 30.32 19.33 -27.84
C PHE A 161 30.70 20.73 -27.43
N PRO A 162 30.06 21.76 -27.97
CA PRO A 162 28.91 21.77 -28.87
C PRO A 162 29.24 21.60 -30.35
N GLU A 163 28.29 21.98 -31.20
CA GLU A 163 28.26 21.63 -32.62
C GLU A 163 29.30 22.26 -33.55
N PRO A 164 29.85 23.44 -33.30
CA PRO A 164 30.69 24.04 -34.35
C PRO A 164 32.19 23.82 -34.14
N VAL A 165 32.75 22.98 -35.00
CA VAL A 165 34.18 22.70 -35.05
C VAL A 165 34.65 22.90 -36.49
N THR A 166 35.75 23.63 -36.67
CA THR A 166 36.27 23.95 -37.99
C THR A 166 37.56 23.17 -38.23
N VAL A 167 37.74 22.68 -39.45
CA VAL A 167 38.90 21.87 -39.81
C VAL A 167 39.48 22.39 -41.12
N SER A 168 40.76 22.72 -41.10
CA SER A 168 41.53 23.05 -42.29
C SER A 168 42.72 22.11 -42.43
N TRP A 169 43.47 22.29 -43.52
CA TRP A 169 44.65 21.48 -43.78
C TRP A 169 45.81 22.40 -44.16
N ASN A 170 46.94 22.20 -43.49
CA ASN A 170 48.15 22.98 -43.75
C ASN A 170 47.87 24.48 -43.67
N SER A 171 47.17 24.87 -42.61
CA SER A 171 46.78 26.26 -42.42
C SER A 171 46.07 26.83 -43.65
N GLY A 172 45.20 26.02 -44.24
CA GLY A 172 44.42 26.46 -45.38
C GLY A 172 45.12 26.36 -46.71
N ALA A 173 46.42 26.05 -46.72
CA ALA A 173 47.16 25.93 -47.97
C ALA A 173 46.60 24.79 -48.83
N LEU A 174 46.10 23.73 -48.21
CA LEU A 174 45.59 22.56 -48.92
C LEU A 174 44.07 22.68 -48.95
N THR A 175 43.51 22.83 -50.15
CA THR A 175 42.08 23.10 -50.30
C THR A 175 41.37 22.09 -51.18
N SER A 176 41.94 21.74 -52.33
CA SER A 176 41.27 20.87 -53.29
C SER A 176 41.46 19.40 -52.93
N GLY A 177 40.44 18.60 -53.19
CA GLY A 177 40.43 17.22 -52.79
C GLY A 177 39.93 16.99 -51.38
N VAL A 178 39.51 18.04 -50.69
CA VAL A 178 39.18 18.01 -49.27
C VAL A 178 37.66 18.02 -49.13
N HIS A 179 37.13 16.99 -48.48
CA HIS A 179 35.76 17.01 -47.97
C HIS A 179 35.76 16.83 -46.47
N THR A 180 35.19 17.80 -45.75
CA THR A 180 34.92 17.67 -44.34
C THR A 180 33.45 17.32 -44.17
N PHE A 181 33.16 16.29 -43.39
CA PHE A 181 31.81 15.75 -43.33
C PHE A 181 30.99 16.44 -42.26
N PRO A 182 29.66 16.40 -42.39
CA PRO A 182 28.80 16.75 -41.25
C PRO A 182 29.05 15.79 -40.10
N ALA A 183 28.74 16.26 -38.90
CA ALA A 183 28.99 15.46 -37.71
C ALA A 183 27.84 14.47 -37.47
N VAL A 184 28.17 13.36 -36.82
CA VAL A 184 27.16 12.48 -36.27
C VAL A 184 26.95 12.85 -34.82
N LEU A 185 25.70 12.81 -34.37
CA LEU A 185 25.38 12.93 -32.95
C LEU A 185 25.30 11.53 -32.36
N GLN A 186 26.30 11.17 -31.58
CA GLN A 186 26.29 9.86 -30.96
C GLN A 186 25.22 9.84 -29.86
N SER A 187 24.71 8.64 -29.55
CA SER A 187 23.77 8.52 -28.44
C SER A 187 24.37 8.98 -27.13
N SER A 188 25.70 9.01 -27.04
CA SER A 188 26.37 9.58 -25.88
C SER A 188 26.04 11.06 -25.70
N GLY A 189 25.52 11.73 -26.73
CA GLY A 189 25.25 13.14 -26.70
C GLY A 189 26.36 14.00 -27.25
N LEU A 190 27.50 13.42 -27.59
CA LEU A 190 28.65 14.13 -28.12
C LEU A 190 28.71 13.98 -29.64
N TYR A 191 29.29 14.98 -30.30
CA TYR A 191 29.42 14.98 -31.74
C TYR A 191 30.77 14.41 -32.18
N SER A 192 30.85 14.04 -33.46
CA SER A 192 32.04 13.42 -34.01
C SER A 192 31.97 13.52 -35.53
N LEU A 193 33.11 13.83 -36.16
CA LEU A 193 33.13 13.98 -37.62
C LEU A 193 34.50 13.57 -38.16
N SER A 194 34.60 13.58 -39.48
CA SER A 194 35.84 13.29 -40.18
C SER A 194 36.08 14.30 -41.28
N SER A 195 37.36 14.60 -41.52
CA SER A 195 37.78 15.36 -42.70
C SER A 195 38.74 14.48 -43.51
N VAL A 196 38.64 14.53 -44.83
CA VAL A 196 39.47 13.68 -45.69
C VAL A 196 39.96 14.47 -46.90
N VAL A 197 41.14 14.09 -47.39
CA VAL A 197 41.72 14.68 -48.59
C VAL A 197 42.29 13.56 -49.46
N THR A 198 41.93 13.58 -50.74
CA THR A 198 42.56 12.75 -51.76
C THR A 198 43.80 13.45 -52.27
N VAL A 199 44.85 12.67 -52.52
CA VAL A 199 46.19 13.24 -52.66
C VAL A 199 47.09 12.29 -53.45
N PRO A 200 48.00 12.79 -54.29
CA PRO A 200 48.85 11.89 -55.07
C PRO A 200 49.64 10.91 -54.21
N SER A 201 49.63 9.63 -54.63
CA SER A 201 50.34 8.58 -53.91
C SER A 201 51.82 8.91 -53.74
N SER A 202 52.47 9.41 -54.80
CA SER A 202 53.90 9.63 -54.78
C SER A 202 54.33 10.83 -53.95
N SER A 203 53.39 11.66 -53.51
CA SER A 203 53.71 12.82 -52.69
C SER A 203 53.74 12.51 -51.21
N LEU A 204 53.48 11.26 -50.82
CA LEU A 204 53.42 10.91 -49.40
C LEU A 204 54.80 10.96 -48.75
N GLY A 205 55.87 10.92 -49.53
CA GLY A 205 57.21 11.10 -49.00
C GLY A 205 57.59 12.55 -48.86
N THR A 206 57.30 13.35 -49.89
CA THR A 206 57.75 14.73 -49.90
C THR A 206 56.82 15.65 -49.10
N GLN A 207 55.55 15.74 -49.50
CA GLN A 207 54.66 16.76 -48.98
C GLN A 207 54.07 16.34 -47.64
N THR A 208 54.24 17.18 -46.63
CA THR A 208 53.66 16.94 -45.32
C THR A 208 52.19 17.35 -45.29
N TYR A 209 51.41 16.62 -44.49
CA TYR A 209 49.97 16.88 -44.36
C TYR A 209 49.61 16.97 -42.88
N ILE A 210 49.20 18.16 -42.44
CA ILE A 210 48.71 18.39 -41.09
C ILE A 210 47.28 18.89 -41.17
N CYS A 211 46.42 18.37 -40.30
CA CYS A 211 45.06 18.89 -40.18
C CYS A 211 44.97 19.75 -38.92
N ASN A 212 44.33 20.91 -39.08
CA ASN A 212 44.14 21.88 -38.01
C ASN A 212 42.68 21.88 -37.60
N VAL A 213 42.43 21.67 -36.31
CA VAL A 213 41.09 21.54 -35.76
C VAL A 213 40.90 22.63 -34.72
N ASN A 214 39.84 23.43 -34.89
CA ASN A 214 39.51 24.52 -33.98
C ASN A 214 38.11 24.28 -33.44
N HIS A 215 38.01 24.05 -32.14
CA HIS A 215 36.74 23.98 -31.42
C HIS A 215 36.71 25.20 -30.50
N LYS A 216 36.14 26.29 -31.00
CA LYS A 216 36.03 27.56 -30.30
C LYS A 216 35.41 27.43 -28.90
N PRO A 217 34.21 26.84 -28.75
CA PRO A 217 33.55 26.88 -27.44
C PRO A 217 34.35 26.28 -26.29
N SER A 218 35.20 25.30 -26.56
CA SER A 218 36.08 24.74 -25.53
C SER A 218 37.46 25.35 -25.59
N ASN A 219 37.67 26.33 -26.48
CA ASN A 219 38.95 26.97 -26.71
C ASN A 219 40.04 25.93 -26.99
N THR A 220 39.70 24.99 -27.85
CA THR A 220 40.60 23.90 -28.23
C THR A 220 41.14 24.16 -29.63
N LYS A 221 42.46 23.97 -29.79
CA LYS A 221 43.09 23.98 -31.09
C LYS A 221 44.13 22.87 -31.14
N VAL A 222 44.07 22.06 -32.20
CA VAL A 222 44.90 20.87 -32.32
C VAL A 222 45.40 20.75 -33.74
N ASP A 223 46.72 20.61 -33.91
CA ASP A 223 47.30 20.24 -35.19
C ASP A 223 47.78 18.80 -35.11
N LYS A 224 47.47 18.02 -36.14
CA LYS A 224 47.84 16.61 -36.14
C LYS A 224 48.39 16.25 -37.51
N ARG A 225 49.64 15.78 -37.54
CA ARG A 225 50.28 15.34 -38.76
C ARG A 225 49.85 13.92 -39.09
N VAL A 226 49.49 13.70 -40.34
CA VAL A 226 49.02 12.40 -40.81
C VAL A 226 50.14 11.75 -41.60
N GLU A 227 50.90 10.85 -40.95
CA GLU A 227 51.92 10.09 -41.65
C GLU A 227 51.38 8.74 -42.08
N PRO A 228 52.06 8.06 -43.00
CA PRO A 228 51.63 6.71 -43.40
C PRO A 228 52.22 5.59 -42.58
N LYS A 229 52.57 5.84 -41.31
CA LYS A 229 53.20 4.84 -40.45
C LYS A 229 52.51 3.47 -40.50
N TYR B 2 -5.27 14.57 -38.40
CA TYR B 2 -5.23 14.95 -39.80
C TYR B 2 -3.78 14.93 -40.31
N GLU B 3 -3.55 14.26 -41.43
CA GLU B 3 -2.21 14.12 -41.97
C GLU B 3 -2.18 14.38 -43.47
N LEU B 4 -1.14 15.07 -43.92
CA LEU B 4 -0.89 15.32 -45.33
C LEU B 4 0.32 14.48 -45.74
N THR B 5 0.16 13.68 -46.79
CA THR B 5 1.15 12.65 -47.11
C THR B 5 1.65 12.85 -48.53
N GLN B 6 2.97 12.97 -48.67
CA GLN B 6 3.66 13.32 -49.90
C GLN B 6 4.53 12.17 -50.36
N PRO B 7 4.89 12.13 -51.65
CA PRO B 7 5.93 11.20 -52.10
C PRO B 7 7.27 11.58 -51.49
N PRO B 8 8.06 10.61 -51.02
CA PRO B 8 9.32 10.99 -50.36
C PRO B 8 10.32 11.62 -51.31
N SER B 9 10.43 11.12 -52.54
CA SER B 9 11.38 11.64 -53.50
C SER B 9 10.77 11.61 -54.90
N VAL B 10 11.22 12.56 -55.73
CA VAL B 10 10.81 12.71 -57.11
C VAL B 10 12.00 13.25 -57.90
N SER B 11 12.48 12.49 -58.88
CA SER B 11 13.56 12.95 -59.74
C SER B 11 13.06 13.20 -61.15
N VAL B 12 13.78 14.06 -61.87
CA VAL B 12 13.32 14.58 -63.14
C VAL B 12 14.53 15.13 -63.90
N SER B 13 14.55 14.91 -65.20
CA SER B 13 15.59 15.49 -66.03
C SER B 13 15.30 16.96 -66.30
N PRO B 14 16.34 17.78 -66.52
CA PRO B 14 16.11 19.20 -66.77
C PRO B 14 15.23 19.40 -67.99
N GLY B 15 14.29 20.34 -67.89
CA GLY B 15 13.36 20.61 -68.95
C GLY B 15 12.07 19.81 -68.86
N GLN B 16 12.11 18.63 -68.24
CA GLN B 16 10.93 17.81 -68.11
C GLN B 16 9.95 18.44 -67.12
N THR B 17 8.69 18.00 -67.19
CA THR B 17 7.70 18.42 -66.23
C THR B 17 7.77 17.54 -64.99
N ALA B 18 7.64 18.15 -63.82
CA ALA B 18 7.71 17.44 -62.55
C ALA B 18 6.43 17.70 -61.76
N SER B 19 5.92 16.66 -61.09
CA SER B 19 4.69 16.77 -60.34
C SER B 19 4.87 16.17 -58.95
N ILE B 20 4.40 16.89 -57.93
CA ILE B 20 4.46 16.45 -56.55
C ILE B 20 3.03 16.45 -56.00
N THR B 21 2.63 15.33 -55.41
CA THR B 21 1.27 15.17 -54.90
C THR B 21 1.19 15.35 -53.39
N CYS B 22 -0.02 15.59 -52.90
CA CYS B 22 -0.27 15.87 -51.50
C CYS B 22 -1.69 15.41 -51.19
N SER B 23 -1.83 14.40 -50.33
CA SER B 23 -3.11 13.74 -50.09
C SER B 23 -3.53 13.88 -48.64
N GLY B 24 -4.79 14.24 -48.43
CA GLY B 24 -5.37 14.34 -47.10
C GLY B 24 -6.88 14.23 -47.21
N ASP B 25 -7.52 14.06 -46.05
CA ASP B 25 -8.96 13.84 -46.00
C ASP B 25 -9.70 15.14 -46.30
N LYS B 26 -10.56 15.11 -47.33
CA LYS B 26 -11.28 16.28 -47.82
C LYS B 26 -10.34 17.47 -47.96
N LEU B 27 -9.17 17.22 -48.56
CA LEU B 27 -8.22 18.29 -48.82
C LEU B 27 -8.75 19.28 -49.85
N GLY B 28 -9.59 18.82 -50.78
CA GLY B 28 -10.25 19.73 -51.71
C GLY B 28 -11.03 20.83 -51.02
N ASP B 29 -11.46 20.59 -49.78
CA ASP B 29 -12.29 21.54 -49.05
C ASP B 29 -11.45 22.58 -48.31
N LYS B 30 -10.13 22.45 -48.31
CA LYS B 30 -9.23 23.45 -47.76
C LYS B 30 -8.29 23.96 -48.83
N TYR B 31 -7.65 25.09 -48.56
CA TYR B 31 -6.62 25.60 -49.45
C TYR B 31 -5.28 24.94 -49.16
N ALA B 32 -4.52 24.69 -50.23
CA ALA B 32 -3.19 24.09 -50.12
C ALA B 32 -2.12 25.12 -50.51
N CYS B 33 -1.03 25.12 -49.75
CA CYS B 33 0.16 25.89 -50.04
C CYS B 33 1.32 24.96 -50.38
N TRP B 34 2.26 25.49 -51.14
CA TRP B 34 3.50 24.79 -51.48
C TRP B 34 4.69 25.69 -51.23
N TYR B 35 5.67 25.15 -50.50
CA TYR B 35 6.90 25.81 -50.11
C TYR B 35 8.12 25.07 -50.67
N GLN B 36 9.10 25.84 -51.12
CA GLN B 36 10.38 25.35 -51.59
C GLN B 36 11.46 25.65 -50.56
N GLN B 37 12.31 24.67 -50.26
CA GLN B 37 13.42 24.85 -49.33
C GLN B 37 14.67 24.21 -49.93
N LYS B 38 15.62 25.04 -50.32
CA LYS B 38 16.94 24.60 -50.70
C LYS B 38 17.81 24.39 -49.47
N PRO B 39 18.93 23.66 -49.59
CA PRO B 39 19.69 23.32 -48.38
C PRO B 39 20.27 24.55 -47.71
N GLY B 40 20.16 24.58 -46.38
CA GLY B 40 20.63 25.71 -45.60
C GLY B 40 19.97 27.04 -45.93
N GLN B 41 18.77 27.01 -46.47
CA GLN B 41 17.98 28.21 -46.69
C GLN B 41 16.62 28.07 -46.01
N SER B 42 15.98 29.21 -45.77
CA SER B 42 14.62 29.22 -45.26
C SER B 42 13.63 28.79 -46.35
N PRO B 43 12.43 28.35 -45.96
CA PRO B 43 11.40 28.07 -46.94
C PRO B 43 10.97 29.34 -47.67
N VAL B 44 10.48 29.16 -48.90
CA VAL B 44 9.84 30.22 -49.66
C VAL B 44 8.52 29.71 -50.20
N LEU B 45 7.50 30.56 -50.19
CA LEU B 45 6.20 30.21 -50.72
C LEU B 45 6.23 30.26 -52.25
N VAL B 46 5.87 29.15 -52.88
CA VAL B 46 5.75 29.11 -54.33
C VAL B 46 4.31 28.99 -54.81
N ILE B 47 3.42 28.40 -54.00
CA ILE B 47 2.00 28.36 -54.37
C ILE B 47 1.15 28.58 -53.12
N TYR B 48 0.09 29.37 -53.26
CA TYR B 48 -0.91 29.51 -52.21
C TYR B 48 -2.28 29.49 -52.86
N GLN B 49 -3.31 29.36 -52.01
CA GLN B 49 -4.70 29.34 -52.47
C GLN B 49 -4.90 28.32 -53.59
N ASP B 50 -4.33 27.12 -53.40
CA ASP B 50 -4.40 25.97 -54.31
C ASP B 50 -3.52 26.18 -55.53
N SER B 51 -3.62 27.35 -56.15
CA SER B 51 -3.14 27.56 -57.51
C SER B 51 -2.53 28.94 -57.73
N LYS B 52 -2.70 29.89 -56.82
CA LYS B 52 -2.13 31.21 -56.99
C LYS B 52 -0.64 31.19 -56.68
N ARG B 53 0.09 32.03 -57.41
CA ARG B 53 1.54 32.08 -57.37
C ARG B 53 1.98 33.42 -56.82
N PRO B 54 2.76 33.47 -55.74
CA PRO B 54 3.10 34.75 -55.10
C PRO B 54 3.92 35.64 -56.02
N SER B 55 4.02 36.90 -55.62
CA SER B 55 4.73 37.89 -56.41
C SER B 55 6.20 37.54 -56.53
N GLY B 56 6.70 37.52 -57.76
CA GLY B 56 8.09 37.21 -58.04
C GLY B 56 8.42 35.73 -58.20
N ILE B 57 7.42 34.86 -58.19
CA ILE B 57 7.64 33.42 -58.38
C ILE B 57 7.52 33.08 -59.86
N PRO B 58 8.50 32.39 -60.43
CA PRO B 58 8.44 32.03 -61.85
C PRO B 58 7.11 31.37 -62.23
N GLU B 59 6.69 31.65 -63.47
CA GLU B 59 5.38 31.18 -63.94
C GLU B 59 5.35 29.68 -64.18
N ARG B 60 6.49 29.01 -64.27
CA ARG B 60 6.49 27.58 -64.50
C ARG B 60 5.95 26.79 -63.32
N PHE B 61 5.86 27.41 -62.14
CA PHE B 61 5.21 26.81 -60.98
C PHE B 61 3.70 26.98 -61.07
N SER B 62 2.97 25.88 -61.16
CA SER B 62 1.51 25.89 -61.07
C SER B 62 1.06 24.92 -59.98
N GLY B 63 -0.20 25.04 -59.59
CA GLY B 63 -0.76 24.17 -58.55
C GLY B 63 -2.23 23.92 -58.78
N SER B 64 -2.66 22.72 -58.38
CA SER B 64 -4.07 22.34 -58.40
C SER B 64 -4.46 21.68 -57.08
N ASN B 65 -5.77 21.56 -56.87
CA ASN B 65 -6.31 20.84 -55.71
C ASN B 65 -7.72 20.39 -56.04
N SER B 66 -7.97 19.08 -55.98
CA SER B 66 -9.30 18.58 -56.23
C SER B 66 -9.46 17.24 -55.53
N GLY B 67 -10.69 16.94 -55.14
CA GLY B 67 -10.92 15.73 -54.38
C GLY B 67 -10.13 15.80 -53.09
N ASN B 68 -9.25 14.82 -52.90
CA ASN B 68 -8.36 14.78 -51.75
C ASN B 68 -6.91 15.00 -52.13
N THR B 69 -6.63 15.48 -53.34
CA THR B 69 -5.26 15.57 -53.83
C THR B 69 -4.96 16.96 -54.34
N ALA B 70 -3.94 17.60 -53.75
CA ALA B 70 -3.29 18.77 -54.31
C ALA B 70 -2.04 18.35 -55.08
N THR B 71 -1.74 19.10 -56.14
CA THR B 71 -0.62 18.76 -57.01
C THR B 71 0.15 20.01 -57.40
N LEU B 72 1.44 20.03 -57.06
CA LEU B 72 2.37 21.05 -57.52
C LEU B 72 3.04 20.60 -58.81
N THR B 73 2.96 21.42 -59.86
CA THR B 73 3.55 21.10 -61.15
C THR B 73 4.59 22.15 -61.52
N ILE B 74 5.77 21.68 -61.92
CA ILE B 74 6.85 22.53 -62.43
C ILE B 74 7.10 22.10 -63.88
N SER B 75 6.61 22.89 -64.83
CA SER B 75 6.94 22.65 -66.23
C SER B 75 8.32 23.25 -66.52
N GLY B 76 9.06 22.59 -67.41
CA GLY B 76 10.40 23.05 -67.76
C GLY B 76 11.31 23.11 -66.55
N THR B 77 11.38 22.00 -65.80
CA THR B 77 12.15 21.96 -64.57
C THR B 77 13.63 22.29 -64.82
N GLN B 78 14.21 23.12 -63.95
CA GLN B 78 15.56 23.63 -64.12
C GLN B 78 16.43 23.23 -62.93
N ALA B 79 17.74 23.28 -63.16
CA ALA B 79 18.73 22.98 -62.11
C ALA B 79 18.40 23.71 -60.80
N MET B 80 18.07 25.00 -60.88
CA MET B 80 17.84 25.79 -59.69
C MET B 80 16.52 25.45 -59.00
N ASP B 81 15.75 24.48 -59.51
CA ASP B 81 14.54 24.03 -58.84
C ASP B 81 14.75 22.83 -57.93
N GLU B 82 15.94 22.22 -57.97
CA GLU B 82 16.25 21.09 -57.10
C GLU B 82 16.15 21.50 -55.63
N ALA B 83 15.23 20.89 -54.89
CA ALA B 83 15.00 21.32 -53.51
C ALA B 83 14.02 20.37 -52.84
N ASP B 84 13.83 20.57 -51.54
CA ASP B 84 12.72 19.95 -50.85
C ASP B 84 11.45 20.79 -51.01
N TYR B 85 10.33 20.13 -51.29
CA TYR B 85 9.05 20.81 -51.43
C TYR B 85 8.06 20.26 -50.43
N TYR B 86 7.44 21.15 -49.65
CA TYR B 86 6.43 20.79 -48.67
C TYR B 86 5.07 21.37 -49.06
N CYS B 87 4.02 20.56 -48.94
CA CYS B 87 2.67 21.11 -48.98
C CYS B 87 2.20 21.42 -47.56
N GLN B 88 1.17 22.25 -47.49
CA GLN B 88 0.65 22.67 -46.20
C GLN B 88 -0.82 23.02 -46.35
N ALA B 89 -1.58 22.75 -45.30
CA ALA B 89 -3.00 23.08 -45.27
C ALA B 89 -3.34 23.63 -43.90
N TRP B 90 -4.06 24.75 -43.91
CA TRP B 90 -4.61 25.35 -42.69
C TRP B 90 -6.09 25.00 -42.66
N ASP B 91 -6.46 24.13 -41.73
CA ASP B 91 -7.84 23.70 -41.58
C ASP B 91 -8.73 24.90 -41.27
N SER B 92 -9.85 25.00 -42.01
CA SER B 92 -10.76 26.11 -41.79
C SER B 92 -11.35 26.08 -40.39
N SER B 93 -11.35 24.90 -39.78
CA SER B 93 -11.78 24.69 -38.41
C SER B 93 -10.55 24.43 -37.56
N THR B 94 -10.69 24.72 -36.26
CA THR B 94 -9.60 24.53 -35.29
C THR B 94 -8.45 25.51 -35.54
N SER B 95 -8.34 26.04 -36.76
CA SER B 95 -7.25 26.92 -37.16
C SER B 95 -5.91 26.27 -36.82
N TYR B 96 -5.73 25.08 -37.39
CA TYR B 96 -4.65 24.15 -37.08
C TYR B 96 -3.87 23.87 -38.35
N VAL B 97 -2.58 24.15 -38.34
CA VAL B 97 -1.72 24.06 -39.52
C VAL B 97 -1.12 22.66 -39.64
N VAL B 98 -0.96 22.18 -40.88
CA VAL B 98 -0.49 20.83 -41.15
C VAL B 98 0.44 20.86 -42.35
N PHE B 99 1.68 20.41 -42.17
CA PHE B 99 2.62 20.26 -43.29
C PHE B 99 2.63 18.82 -43.79
N GLY B 100 3.09 18.66 -45.02
CA GLY B 100 3.41 17.34 -45.52
C GLY B 100 4.80 16.91 -45.11
N GLY B 101 5.09 15.63 -45.34
CA GLY B 101 6.39 15.08 -45.02
C GLY B 101 7.52 15.61 -45.89
N GLY B 102 7.20 16.31 -46.97
CA GLY B 102 8.21 16.85 -47.86
C GLY B 102 8.57 15.88 -48.98
N THR B 103 9.16 16.45 -50.04
CA THR B 103 9.56 15.69 -51.21
C THR B 103 10.89 16.22 -51.72
N LYS B 104 11.87 15.33 -51.87
CA LYS B 104 13.19 15.71 -52.36
C LYS B 104 13.16 15.69 -53.88
N LEU B 105 12.92 16.85 -54.50
CA LEU B 105 12.99 16.97 -55.96
C LEU B 105 14.45 17.09 -56.38
N THR B 106 14.94 16.01 -57.01
CA THR B 106 16.26 15.99 -57.65
C THR B 106 16.12 16.32 -59.13
N VAL B 107 17.01 17.17 -59.62
CA VAL B 107 17.11 17.48 -61.04
C VAL B 107 18.38 16.83 -61.57
N LEU B 108 18.21 15.82 -62.44
CA LEU B 108 19.36 15.07 -62.93
C LEU B 108 20.22 16.03 -63.75
N GLY B 109 21.24 16.62 -63.12
CA GLY B 109 22.10 17.57 -63.82
C GLY B 109 23.44 17.04 -64.26
N GLN B 110 23.77 15.83 -63.84
CA GLN B 110 25.01 15.20 -64.22
C GLN B 110 24.84 13.69 -64.25
N PRO B 111 25.77 12.94 -64.82
CA PRO B 111 25.56 11.50 -65.00
C PRO B 111 25.84 10.69 -63.75
N LYS B 112 25.51 9.40 -63.85
CA LYS B 112 25.66 8.47 -62.73
C LYS B 112 27.14 8.23 -62.43
N ALA B 113 27.45 8.08 -61.14
CA ALA B 113 28.83 7.92 -60.68
C ALA B 113 28.83 6.95 -59.51
N ALA B 114 29.53 5.81 -59.68
CA ALA B 114 29.62 4.84 -58.61
C ALA B 114 30.48 5.39 -57.47
N PRO B 115 30.19 5.00 -56.23
CA PRO B 115 30.94 5.54 -55.09
C PRO B 115 32.35 4.96 -54.99
N SER B 116 33.21 5.74 -54.35
CA SER B 116 34.60 5.37 -54.07
C SER B 116 34.71 5.21 -52.55
N VAL B 117 34.89 3.97 -52.10
CA VAL B 117 34.84 3.62 -50.69
C VAL B 117 36.26 3.38 -50.18
N THR B 118 36.58 4.00 -49.06
CA THR B 118 37.87 3.84 -48.41
C THR B 118 37.64 3.52 -46.94
N LEU B 119 38.13 2.37 -46.49
CA LEU B 119 37.94 1.92 -45.12
C LEU B 119 39.25 2.05 -44.35
N PHE B 120 39.23 2.82 -43.25
CA PHE B 120 40.34 3.09 -42.35
C PHE B 120 40.19 2.28 -41.08
N PRO B 121 41.23 1.53 -40.71
CA PRO B 121 41.24 0.83 -39.42
C PRO B 121 41.57 1.80 -38.30
N PRO B 122 41.34 1.41 -37.04
CA PRO B 122 41.63 2.34 -35.92
C PRO B 122 43.09 2.75 -35.89
N SER B 123 43.31 4.04 -35.68
CA SER B 123 44.65 4.58 -35.50
C SER B 123 45.28 4.00 -34.23
N SER B 124 46.62 3.87 -34.26
CA SER B 124 47.33 3.37 -33.09
C SER B 124 47.28 4.37 -31.93
N GLU B 125 47.11 5.67 -32.22
CA GLU B 125 46.86 6.63 -31.15
C GLU B 125 45.56 6.30 -30.42
N GLU B 126 44.50 6.04 -31.18
CA GLU B 126 43.20 5.74 -30.59
C GLU B 126 43.24 4.42 -29.83
N LEU B 127 43.96 3.43 -30.37
CA LEU B 127 44.14 2.18 -29.65
C LEU B 127 44.87 2.41 -28.33
N GLN B 128 45.97 3.17 -28.37
CA GLN B 128 46.66 3.56 -27.14
C GLN B 128 45.76 4.32 -26.18
N ALA B 129 44.69 4.93 -26.68
CA ALA B 129 43.70 5.57 -25.83
C ALA B 129 42.56 4.62 -25.43
N ASN B 130 42.68 3.34 -25.76
CA ASN B 130 41.76 2.28 -25.31
C ASN B 130 40.40 2.38 -25.97
N LYS B 131 40.35 2.84 -27.22
CA LYS B 131 39.14 2.84 -28.02
C LYS B 131 39.52 2.43 -29.45
N ALA B 132 38.50 2.14 -30.27
CA ALA B 132 38.80 1.74 -31.65
C ALA B 132 37.63 2.14 -32.54
N THR B 133 37.92 2.90 -33.61
CA THR B 133 36.88 3.36 -34.51
C THR B 133 37.27 3.03 -35.95
N LEU B 134 36.43 2.24 -36.62
CA LEU B 134 36.55 2.03 -38.06
C LEU B 134 35.83 3.14 -38.81
N VAL B 135 36.48 3.65 -39.85
CA VAL B 135 35.99 4.81 -40.58
C VAL B 135 35.81 4.44 -42.05
N CYS B 136 34.57 4.49 -42.54
CA CYS B 136 34.25 4.16 -43.93
C CYS B 136 33.83 5.43 -44.64
N LEU B 137 34.66 5.89 -45.58
CA LEU B 137 34.46 7.16 -46.27
C LEU B 137 34.08 6.88 -47.72
N ILE B 138 32.95 7.43 -48.15
CA ILE B 138 32.37 7.18 -49.46
C ILE B 138 32.34 8.51 -50.21
N SER B 139 32.89 8.54 -51.42
CA SER B 139 33.05 9.81 -52.11
C SER B 139 32.72 9.66 -53.60
N ASP B 140 32.38 10.79 -54.21
CA ASP B 140 32.30 10.92 -55.67
C ASP B 140 31.20 10.03 -56.27
N PHE B 141 29.98 10.16 -55.75
CA PHE B 141 28.85 9.43 -56.30
C PHE B 141 27.67 10.37 -56.58
N TYR B 142 26.93 10.02 -57.63
CA TYR B 142 25.72 10.73 -58.06
C TYR B 142 24.77 9.67 -58.62
N PRO B 143 23.48 9.69 -58.25
CA PRO B 143 22.80 10.61 -57.32
C PRO B 143 23.27 10.45 -55.87
N GLY B 144 22.98 11.43 -55.02
CA GLY B 144 23.40 11.39 -53.63
C GLY B 144 22.55 10.50 -52.75
N ALA B 145 22.55 9.20 -53.01
CA ALA B 145 21.70 8.27 -52.26
C ALA B 145 22.43 6.94 -52.19
N VAL B 146 22.69 6.46 -50.97
CA VAL B 146 23.58 5.32 -50.74
C VAL B 146 23.19 4.69 -49.41
N THR B 147 23.34 3.37 -49.30
CA THR B 147 23.17 2.66 -48.03
C THR B 147 24.46 1.97 -47.58
N VAL B 148 24.67 1.91 -46.26
CA VAL B 148 25.88 1.34 -45.67
C VAL B 148 25.51 0.13 -44.79
N ALA B 149 26.38 -0.88 -44.79
CA ALA B 149 26.20 -2.08 -43.98
C ALA B 149 27.56 -2.58 -43.48
N TRP B 150 27.66 -2.82 -42.17
CA TRP B 150 28.90 -3.29 -41.56
C TRP B 150 28.85 -4.79 -41.28
N LYS B 151 30.02 -5.44 -41.34
CA LYS B 151 30.11 -6.88 -41.11
C LYS B 151 31.40 -7.23 -40.38
N ALA B 152 31.31 -8.20 -39.48
CA ALA B 152 32.46 -8.84 -38.86
C ALA B 152 32.54 -10.29 -39.35
N ASP B 153 33.38 -10.53 -40.38
CA ASP B 153 33.61 -11.86 -40.92
C ASP B 153 32.35 -12.42 -41.59
N SER B 154 31.75 -11.59 -42.45
CA SER B 154 30.51 -11.89 -43.17
C SER B 154 29.30 -12.01 -42.25
N SER B 155 29.48 -11.73 -40.96
CA SER B 155 28.40 -11.70 -39.98
C SER B 155 28.00 -10.25 -39.72
N PRO B 156 26.72 -9.90 -39.86
CA PRO B 156 26.35 -8.48 -39.93
C PRO B 156 26.41 -7.80 -38.57
N VAL B 157 27.04 -6.63 -38.53
CA VAL B 157 27.23 -5.90 -37.28
C VAL B 157 25.90 -5.24 -36.90
N LYS B 158 25.54 -5.35 -35.62
CA LYS B 158 24.23 -4.99 -35.11
C LYS B 158 24.15 -3.53 -34.67
N ALA B 159 25.04 -3.10 -33.77
CA ALA B 159 25.00 -1.76 -33.19
C ALA B 159 26.41 -1.18 -33.16
N GLY B 160 26.50 0.08 -32.77
CA GLY B 160 27.75 0.82 -32.79
C GLY B 160 28.03 1.54 -34.10
N VAL B 161 27.03 1.66 -34.97
CA VAL B 161 27.18 2.27 -36.27
C VAL B 161 26.47 3.62 -36.27
N GLU B 162 27.18 4.66 -36.70
CA GLU B 162 26.53 5.92 -37.03
C GLU B 162 26.90 6.32 -38.45
N THR B 163 25.91 6.76 -39.22
CA THR B 163 26.12 7.05 -40.63
C THR B 163 25.54 8.40 -40.99
N THR B 164 26.31 9.21 -41.73
CA THR B 164 25.90 10.51 -42.21
C THR B 164 24.98 10.38 -43.42
N THR B 165 24.17 11.41 -43.62
CA THR B 165 23.44 11.53 -44.88
C THR B 165 24.35 12.18 -45.93
N PRO B 166 24.27 11.74 -47.20
CA PRO B 166 25.08 12.34 -48.26
C PRO B 166 25.12 13.86 -48.27
N SER B 167 26.29 14.42 -48.60
CA SER B 167 26.49 15.87 -48.67
C SER B 167 27.30 16.22 -49.90
N LYS B 168 26.91 17.29 -50.57
CA LYS B 168 27.65 17.73 -51.76
C LYS B 168 29.09 18.06 -51.40
N GLN B 169 30.01 17.57 -52.22
CA GLN B 169 31.39 18.01 -52.16
C GLN B 169 31.54 19.16 -53.16
N SER B 170 32.78 19.61 -53.38
CA SER B 170 32.97 20.79 -54.21
C SER B 170 32.68 20.54 -55.68
N ASN B 171 32.90 19.32 -56.17
CA ASN B 171 32.65 18.99 -57.57
C ASN B 171 31.20 18.61 -57.88
N ASN B 172 30.25 19.04 -57.04
CA ASN B 172 28.82 18.77 -57.22
C ASN B 172 28.44 17.30 -57.09
N LYS B 173 29.41 16.43 -56.79
CA LYS B 173 29.06 15.06 -56.43
C LYS B 173 28.83 14.99 -54.92
N TYR B 174 28.47 13.81 -54.43
CA TYR B 174 28.09 13.64 -53.03
C TYR B 174 29.05 12.67 -52.33
N ALA B 175 29.12 12.80 -51.01
CA ALA B 175 29.95 11.95 -50.18
C ALA B 175 29.27 11.71 -48.84
N ALA B 176 29.57 10.56 -48.23
CA ALA B 176 28.98 10.16 -46.97
C ALA B 176 30.03 9.43 -46.13
N SER B 177 29.79 9.36 -44.82
CA SER B 177 30.68 8.66 -43.91
C SER B 177 29.91 7.77 -42.97
N SER B 178 30.49 6.62 -42.63
CA SER B 178 29.96 5.76 -41.58
C SER B 178 31.07 5.37 -40.61
N TYR B 179 30.73 5.33 -39.31
CA TYR B 179 31.67 4.98 -38.27
C TYR B 179 31.16 3.77 -37.49
N LEU B 180 32.09 2.87 -37.17
CA LEU B 180 31.82 1.71 -36.31
C LEU B 180 32.71 1.77 -35.08
N SER B 181 32.10 1.85 -33.90
CA SER B 181 32.82 1.87 -32.63
C SER B 181 33.03 0.46 -32.08
N LEU B 182 34.24 0.20 -31.60
CA LEU B 182 34.59 -1.06 -30.98
C LEU B 182 35.56 -0.82 -29.82
N THR B 183 35.46 -1.68 -28.80
CA THR B 183 36.55 -1.82 -27.85
C THR B 183 37.72 -2.51 -28.52
N PRO B 184 38.95 -2.23 -28.10
CA PRO B 184 40.11 -2.85 -28.78
C PRO B 184 40.10 -4.37 -28.70
N GLU B 185 39.55 -4.95 -27.63
CA GLU B 185 39.33 -6.39 -27.57
C GLU B 185 38.62 -6.90 -28.81
N GLN B 186 37.39 -6.41 -29.06
CA GLN B 186 36.60 -6.95 -30.14
C GLN B 186 37.13 -6.54 -31.51
N TRP B 187 37.90 -5.45 -31.59
CA TRP B 187 38.68 -5.19 -32.79
C TRP B 187 39.64 -6.34 -33.07
N LYS B 188 40.50 -6.66 -32.10
CA LYS B 188 41.51 -7.68 -32.31
C LYS B 188 40.93 -9.10 -32.40
N SER B 189 39.67 -9.30 -32.01
CA SER B 189 39.11 -10.64 -31.84
C SER B 189 38.22 -11.08 -32.99
N HIS B 190 38.33 -10.44 -34.16
CA HIS B 190 37.69 -10.91 -35.38
C HIS B 190 38.72 -10.94 -36.49
N ARG B 191 38.51 -11.83 -37.45
CA ARG B 191 39.46 -11.97 -38.56
C ARG B 191 39.52 -10.69 -39.38
N SER B 192 38.36 -10.13 -39.72
CA SER B 192 38.30 -8.93 -40.53
C SER B 192 36.96 -8.25 -40.31
N TYR B 193 36.92 -6.96 -40.65
CA TYR B 193 35.69 -6.20 -40.74
C TYR B 193 35.52 -5.66 -42.15
N SER B 194 34.26 -5.47 -42.55
CA SER B 194 33.94 -5.08 -43.93
C SER B 194 32.83 -4.03 -43.94
N CYS B 195 32.97 -3.08 -44.86
CA CYS B 195 31.99 -2.02 -45.11
C CYS B 195 31.41 -2.21 -46.50
N GLN B 196 30.09 -2.38 -46.58
CA GLN B 196 29.36 -2.62 -47.82
C GLN B 196 28.52 -1.39 -48.16
N VAL B 197 28.76 -0.82 -49.33
CA VAL B 197 28.13 0.41 -49.77
C VAL B 197 27.32 0.14 -51.04
N THR B 198 26.03 0.48 -51.00
CA THR B 198 25.10 0.17 -52.08
C THR B 198 24.61 1.46 -52.71
N HIS B 199 24.73 1.55 -54.03
CA HIS B 199 24.43 2.75 -54.80
C HIS B 199 23.74 2.32 -56.09
N GLU B 200 22.45 2.65 -56.20
CA GLU B 200 21.62 2.35 -57.36
C GLU B 200 21.73 0.88 -57.75
N GLY B 201 21.53 0.01 -56.77
CA GLY B 201 21.53 -1.42 -57.01
C GLY B 201 22.90 -2.05 -57.14
N SER B 202 23.97 -1.27 -57.07
CA SER B 202 25.32 -1.80 -57.24
C SER B 202 26.05 -1.66 -55.92
N THR B 203 26.51 -2.78 -55.38
CA THR B 203 27.16 -2.84 -54.08
C THR B 203 28.65 -3.08 -54.23
N VAL B 204 29.45 -2.33 -53.47
CA VAL B 204 30.89 -2.53 -53.37
C VAL B 204 31.27 -2.61 -51.91
N GLU B 205 32.20 -3.51 -51.57
CA GLU B 205 32.64 -3.66 -50.19
C GLU B 205 34.14 -3.50 -50.09
N LYS B 206 34.58 -3.05 -48.92
CA LYS B 206 36.01 -2.93 -48.62
C LYS B 206 36.26 -3.49 -47.23
N THR B 207 37.43 -4.09 -47.04
CA THR B 207 37.70 -4.89 -45.84
C THR B 207 39.05 -4.54 -45.24
N VAL B 208 39.09 -4.58 -43.90
CA VAL B 208 40.33 -4.40 -43.14
C VAL B 208 40.44 -5.54 -42.13
N ALA B 209 41.67 -5.82 -41.71
CA ALA B 209 41.95 -6.85 -40.72
C ALA B 209 42.83 -6.28 -39.61
N PRO B 210 42.72 -6.82 -38.38
CA PRO B 210 43.61 -6.34 -37.32
C PRO B 210 45.08 -6.55 -37.62
N THR B 211 45.41 -7.60 -38.38
CA THR B 211 46.81 -7.84 -38.73
C THR B 211 47.35 -6.76 -39.66
N GLU B 212 46.64 -6.47 -40.75
CA GLU B 212 47.15 -5.61 -41.81
C GLU B 212 46.87 -4.15 -41.51
N GLU C 1 22.15 6.86 -18.77
CA GLU C 1 21.20 6.46 -17.74
C GLU C 1 21.55 7.18 -16.43
N VAL C 2 20.52 7.48 -15.63
CA VAL C 2 20.71 8.13 -14.34
C VAL C 2 21.42 7.20 -13.36
N GLN C 3 22.43 7.74 -12.66
CA GLN C 3 23.30 6.96 -11.77
C GLN C 3 23.82 7.82 -10.63
N LEU C 4 23.70 7.30 -9.40
CA LEU C 4 24.33 7.85 -8.22
C LEU C 4 25.27 6.80 -7.64
N VAL C 5 26.50 7.20 -7.30
CA VAL C 5 27.51 6.28 -6.80
C VAL C 5 28.11 6.85 -5.52
N GLU C 6 27.86 6.18 -4.39
CA GLU C 6 28.47 6.57 -3.12
C GLU C 6 29.87 5.99 -2.98
N SER C 7 30.71 6.71 -2.24
CA SER C 7 32.06 6.23 -1.93
C SER C 7 32.57 6.92 -0.67
N GLY C 8 33.58 6.30 -0.07
CA GLY C 8 34.31 6.89 1.04
C GLY C 8 33.99 6.30 2.40
N GLY C 9 33.07 5.34 2.47
CA GLY C 9 32.84 4.65 3.71
C GLY C 9 33.98 3.73 4.10
N GLY C 10 33.85 3.15 5.28
CA GLY C 10 34.89 2.29 5.81
C GLY C 10 34.76 2.15 7.31
N VAL C 11 35.82 1.64 7.91
CA VAL C 11 35.94 1.55 9.36
C VAL C 11 36.60 2.82 9.86
N VAL C 12 36.07 3.38 10.93
CA VAL C 12 36.56 4.65 11.48
C VAL C 12 36.31 4.64 12.98
N GLN C 13 37.18 5.31 13.71
CA GLN C 13 37.16 5.28 15.16
C GLN C 13 36.15 6.29 15.69
N PRO C 14 35.44 5.97 16.78
CA PRO C 14 34.47 6.91 17.33
C PRO C 14 35.16 8.20 17.74
N GLY C 15 34.41 9.29 17.70
CA GLY C 15 34.94 10.60 17.96
C GLY C 15 35.73 11.20 16.82
N ARG C 16 36.24 10.38 15.88
CA ARG C 16 36.94 10.86 14.70
C ARG C 16 35.92 11.29 13.63
N SER C 17 36.38 11.46 12.39
CA SER C 17 35.53 12.02 11.33
C SER C 17 35.91 11.41 9.98
N LEU C 18 35.03 11.64 9.00
CA LEU C 18 35.00 10.89 7.74
C LEU C 18 34.16 11.65 6.73
N ARG C 19 34.57 11.63 5.46
CA ARG C 19 33.90 12.40 4.41
C ARG C 19 33.44 11.49 3.27
N LEU C 20 32.13 11.43 3.07
CA LEU C 20 31.52 10.64 2.00
C LEU C 20 31.28 11.47 0.75
N SER C 21 31.43 10.81 -0.42
CA SER C 21 31.16 11.41 -1.71
C SER C 21 30.05 10.66 -2.43
N CYS C 22 29.32 11.37 -3.28
CA CYS C 22 28.29 10.78 -4.13
C CYS C 22 28.41 11.41 -5.51
N ALA C 23 28.67 10.58 -6.52
CA ALA C 23 28.89 11.02 -7.88
C ALA C 23 27.62 10.79 -8.69
N ALA C 24 27.10 11.86 -9.29
CA ALA C 24 25.92 11.81 -10.13
C ALA C 24 26.31 11.79 -11.60
N SER C 25 25.51 11.10 -12.40
CA SER C 25 25.75 11.06 -13.83
C SER C 25 24.44 10.72 -14.55
N GLY C 26 24.25 11.31 -15.71
CA GLY C 26 23.09 11.02 -16.53
C GLY C 26 21.89 11.91 -16.26
N PHE C 27 22.07 12.98 -15.51
CA PHE C 27 21.02 13.97 -15.33
C PHE C 27 21.66 15.29 -14.92
N ILE C 28 20.88 16.35 -15.03
CA ILE C 28 21.37 17.70 -14.77
C ILE C 28 21.44 17.90 -13.26
N PHE C 29 22.57 17.49 -12.67
CA PHE C 29 22.71 17.46 -11.21
C PHE C 29 22.36 18.80 -10.58
N SER C 30 22.78 19.90 -11.18
CA SER C 30 22.64 21.23 -10.59
C SER C 30 21.18 21.66 -10.42
N SER C 31 20.22 20.84 -10.87
CA SER C 31 18.82 21.25 -10.89
C SER C 31 17.95 20.41 -9.96
N TYR C 32 18.55 19.72 -8.99
CA TYR C 32 17.81 18.82 -8.12
C TYR C 32 18.28 18.96 -6.68
N GLY C 33 17.32 19.07 -5.76
CA GLY C 33 17.61 18.83 -4.35
C GLY C 33 18.20 17.43 -4.13
N MET C 34 19.14 17.33 -3.19
CA MET C 34 19.80 16.06 -2.91
C MET C 34 19.70 15.72 -1.42
N TYR C 35 19.65 14.42 -1.13
CA TYR C 35 19.46 13.86 0.20
C TYR C 35 20.60 12.93 0.56
N TRP C 36 20.91 12.88 1.86
CA TRP C 36 21.62 11.77 2.48
C TRP C 36 20.67 11.06 3.44
N VAL C 37 20.56 9.74 3.28
CA VAL C 37 19.70 8.88 4.11
C VAL C 37 20.50 7.65 4.52
N ARG C 38 20.37 7.24 5.78
CA ARG C 38 21.14 6.09 6.25
C ARG C 38 20.23 4.99 6.77
N GLN C 39 20.82 3.81 6.90
CA GLN C 39 20.14 2.61 7.39
C GLN C 39 21.10 1.83 8.28
N ALA C 40 20.86 1.85 9.59
CA ALA C 40 21.63 1.02 10.49
C ALA C 40 21.36 -0.46 10.19
N PRO C 41 22.28 -1.36 10.55
CA PRO C 41 22.07 -2.78 10.22
C PRO C 41 20.79 -3.31 10.83
N GLY C 42 19.93 -3.85 9.97
CA GLY C 42 18.67 -4.45 10.40
C GLY C 42 17.63 -3.47 10.90
N LYS C 43 17.87 -2.18 10.77
CA LYS C 43 16.91 -1.16 11.18
C LYS C 43 16.29 -0.51 9.93
N GLY C 44 15.48 0.52 10.16
CA GLY C 44 14.82 1.21 9.07
C GLY C 44 15.64 2.33 8.47
N LEU C 45 15.01 3.04 7.53
CA LEU C 45 15.66 4.16 6.86
C LEU C 45 15.54 5.40 7.74
N GLU C 46 16.67 6.07 7.95
CA GLU C 46 16.71 7.32 8.70
C GLU C 46 17.16 8.45 7.78
N TRP C 47 16.35 9.50 7.70
CA TRP C 47 16.78 10.71 7.01
C TRP C 47 17.95 11.35 7.76
N VAL C 48 18.94 11.81 7.00
CA VAL C 48 20.13 12.44 7.57
C VAL C 48 20.19 13.92 7.20
N ALA C 49 20.17 14.23 5.90
CA ALA C 49 20.29 15.64 5.53
C ALA C 49 19.73 15.85 4.13
N VAL C 50 19.53 17.13 3.80
CA VAL C 50 19.04 17.53 2.48
C VAL C 50 19.60 18.89 2.15
N ILE C 51 19.86 19.11 0.86
CA ILE C 51 20.47 20.34 0.36
C ILE C 51 19.75 20.73 -0.92
N TRP C 52 19.54 22.04 -1.11
CA TRP C 52 18.80 22.54 -2.26
C TRP C 52 19.64 22.39 -3.53
N TYR C 53 18.96 22.47 -4.68
CA TYR C 53 19.62 22.29 -5.97
C TYR C 53 20.85 23.17 -6.14
N ASP C 54 20.91 24.31 -5.46
CA ASP C 54 22.03 25.23 -5.59
C ASP C 54 22.88 25.33 -4.34
N GLY C 55 22.57 24.57 -3.29
CA GLY C 55 23.35 24.63 -2.07
C GLY C 55 22.99 25.79 -1.15
N SER C 56 21.94 26.54 -1.47
CA SER C 56 21.60 27.71 -0.67
C SER C 56 21.14 27.30 0.73
N ASN C 57 20.22 26.34 0.81
CA ASN C 57 19.62 25.93 2.06
C ASN C 57 19.96 24.48 2.36
N LYS C 58 20.25 24.19 3.62
CA LYS C 58 20.58 22.85 4.08
C LYS C 58 19.79 22.54 5.35
N TYR C 59 19.24 21.32 5.41
CA TYR C 59 18.52 20.88 6.60
C TYR C 59 19.07 19.55 7.08
N TYR C 60 19.17 19.41 8.41
CA TYR C 60 19.75 18.23 9.06
C TYR C 60 18.76 17.66 10.06
N ALA C 61 18.87 16.35 10.31
CA ALA C 61 18.16 15.71 11.41
C ALA C 61 18.79 16.09 12.75
N ASP C 62 17.96 16.08 13.80
CA ASP C 62 18.46 16.45 15.13
C ASP C 62 19.63 15.57 15.56
N SER C 63 19.58 14.27 15.23
CA SER C 63 20.61 13.35 15.69
C SER C 63 22.00 13.74 15.19
N VAL C 64 22.09 14.44 14.07
CA VAL C 64 23.37 14.80 13.47
C VAL C 64 23.61 16.31 13.44
N LYS C 65 22.68 17.11 13.95
CA LYS C 65 22.85 18.56 13.96
C LYS C 65 24.13 18.95 14.69
N GLY C 66 24.89 19.86 14.07
CA GLY C 66 26.15 20.33 14.62
C GLY C 66 27.34 19.43 14.36
N ARG C 67 27.11 18.15 14.05
CA ARG C 67 28.17 17.20 13.78
C ARG C 67 28.41 16.96 12.29
N PHE C 68 27.36 16.95 11.49
CA PHE C 68 27.48 16.68 10.06
C PHE C 68 27.36 17.97 9.24
N THR C 69 27.92 17.94 8.04
CA THR C 69 27.85 19.04 7.10
C THR C 69 27.58 18.49 5.72
N ILE C 70 26.49 18.94 5.08
CA ILE C 70 26.17 18.53 3.72
C ILE C 70 26.61 19.64 2.77
N SER C 71 27.12 19.26 1.61
CA SER C 71 27.54 20.25 0.62
C SER C 71 27.52 19.62 -0.76
N ARG C 72 27.60 20.46 -1.79
CA ARG C 72 27.64 19.96 -3.15
C ARG C 72 28.53 20.83 -4.02
N ASP C 73 29.21 20.17 -4.96
CA ASP C 73 29.95 20.83 -6.03
C ASP C 73 29.12 20.57 -7.29
N ASN C 74 28.39 21.60 -7.72
CA ASN C 74 27.57 21.47 -8.91
C ASN C 74 28.41 21.40 -10.18
N SER C 75 29.60 22.00 -10.17
CA SER C 75 30.47 21.92 -11.33
C SER C 75 30.99 20.50 -11.55
N LYS C 76 31.21 19.75 -10.47
CA LYS C 76 31.75 18.40 -10.56
C LYS C 76 30.70 17.30 -10.42
N ASN C 77 29.41 17.66 -10.37
CA ASN C 77 28.34 16.67 -10.25
C ASN C 77 28.48 15.85 -8.97
N THR C 78 28.82 16.49 -7.86
CA THR C 78 29.18 15.74 -6.66
C THR C 78 28.46 16.26 -5.43
N LEU C 79 28.04 15.32 -4.56
CA LEU C 79 27.47 15.60 -3.25
C LEU C 79 28.39 15.08 -2.16
N TYR C 80 28.61 15.87 -1.12
CA TYR C 80 29.49 15.50 -0.01
C TYR C 80 28.73 15.49 1.31
N LEU C 81 29.09 14.54 2.17
CA LEU C 81 28.69 14.53 3.58
C LEU C 81 29.94 14.46 4.46
N GLN C 82 30.20 15.53 5.21
CA GLN C 82 31.26 15.58 6.20
C GLN C 82 30.70 15.14 7.55
N MET C 83 31.08 13.95 8.01
CA MET C 83 30.64 13.41 9.29
C MET C 83 31.73 13.63 10.32
N ASN C 84 31.43 14.41 11.36
CA ASN C 84 32.38 14.69 12.42
C ASN C 84 31.87 14.16 13.75
N SER C 85 32.80 13.90 14.68
CA SER C 85 32.50 13.43 16.02
C SER C 85 31.60 12.19 15.98
N LEU C 86 32.03 11.21 15.17
CA LEU C 86 31.22 10.03 14.91
C LEU C 86 30.92 9.26 16.19
N ARG C 87 29.63 9.04 16.45
CA ARG C 87 29.17 8.19 17.54
C ARG C 87 28.92 6.78 17.02
N ALA C 88 28.66 5.86 17.96
CA ALA C 88 28.43 4.46 17.57
C ALA C 88 27.13 4.30 16.79
N GLU C 89 26.09 5.05 17.15
CA GLU C 89 24.81 4.93 16.48
C GLU C 89 24.82 5.53 15.07
N ASP C 90 25.97 6.02 14.61
CA ASP C 90 26.12 6.44 13.23
C ASP C 90 26.47 5.29 12.30
N THR C 91 26.88 4.14 12.84
CA THR C 91 27.19 2.99 12.00
C THR C 91 25.99 2.63 11.14
N ALA C 92 26.18 2.61 9.83
CA ALA C 92 25.05 2.41 8.92
C ALA C 92 25.54 2.40 7.48
N VAL C 93 24.65 1.97 6.59
CA VAL C 93 24.81 2.22 5.16
C VAL C 93 24.30 3.62 4.86
N TYR C 94 25.08 4.39 4.12
CA TYR C 94 24.73 5.76 3.76
C TYR C 94 24.44 5.81 2.26
N TYR C 95 23.22 6.23 1.93
CA TYR C 95 22.73 6.41 0.58
C TYR C 95 22.67 7.90 0.27
N CYS C 96 23.07 8.28 -0.93
CA CYS C 96 22.65 9.55 -1.49
C CYS C 96 21.44 9.32 -2.38
N ALA C 97 20.57 10.32 -2.45
CA ALA C 97 19.31 10.17 -3.17
C ALA C 97 18.92 11.52 -3.76
N ARG C 98 18.27 11.47 -4.92
CA ARG C 98 17.84 12.67 -5.61
C ARG C 98 16.32 12.79 -5.49
N ASP C 99 15.84 14.02 -5.27
CA ASP C 99 14.42 14.25 -5.28
C ASP C 99 13.93 14.34 -6.72
N LEU C 100 12.71 13.85 -6.97
CA LEU C 100 12.25 13.77 -8.35
C LEU C 100 11.87 15.13 -8.91
N SER C 101 11.81 16.15 -8.07
CA SER C 101 11.37 17.46 -8.50
C SER C 101 12.57 18.23 -9.04
N SER C 102 12.34 19.00 -10.09
CA SER C 102 13.37 19.74 -10.77
C SER C 102 13.02 21.21 -10.67
N SER C 103 14.03 22.04 -10.42
CA SER C 103 13.79 23.46 -10.26
C SER C 103 13.26 24.03 -11.56
N SER C 104 12.33 24.97 -11.44
CA SER C 104 11.80 25.61 -12.63
C SER C 104 12.86 26.52 -13.22
N GLY C 105 12.85 26.62 -14.56
CA GLY C 105 13.85 27.45 -15.18
C GLY C 105 13.57 28.93 -15.09
N TRP C 106 12.32 29.31 -14.80
CA TRP C 106 11.92 30.71 -14.86
C TRP C 106 11.88 31.40 -13.50
N ASP C 107 11.81 30.66 -12.39
CA ASP C 107 11.73 31.29 -11.08
C ASP C 107 12.46 30.44 -10.04
N ASP C 108 12.62 31.02 -8.85
CA ASP C 108 13.33 30.39 -7.75
C ASP C 108 12.45 29.48 -6.89
N TYR C 109 11.52 28.77 -7.50
CA TYR C 109 10.56 27.94 -6.77
C TYR C 109 10.98 26.48 -6.84
N TYR C 110 10.93 25.81 -5.68
CA TYR C 110 11.20 24.38 -5.56
C TYR C 110 10.27 23.77 -4.52
N TYR C 111 9.71 22.61 -4.85
CA TYR C 111 8.94 21.81 -3.91
C TYR C 111 9.44 20.38 -3.94
N TYR C 112 9.79 19.82 -2.78
CA TYR C 112 10.28 18.45 -2.70
C TYR C 112 9.09 17.48 -2.71
N TYR C 113 9.05 16.56 -3.67
CA TYR C 113 7.98 15.57 -3.70
C TYR C 113 8.41 14.12 -3.46
N GLY C 114 9.70 13.84 -3.30
CA GLY C 114 10.12 12.47 -3.03
C GLY C 114 11.40 12.06 -3.74
N MET C 115 12.02 11.00 -3.21
CA MET C 115 13.35 10.55 -3.61
C MET C 115 13.23 9.40 -4.60
N ASP C 116 13.41 9.71 -5.89
CA ASP C 116 13.20 8.72 -6.95
C ASP C 116 14.48 8.01 -7.40
N VAL C 117 15.64 8.60 -7.19
CA VAL C 117 16.93 7.99 -7.54
C VAL C 117 17.73 7.74 -6.28
N TRP C 118 18.28 6.54 -6.15
CA TRP C 118 19.11 6.15 -5.02
C TRP C 118 20.41 5.53 -5.51
N GLY C 119 21.51 5.86 -4.84
CA GLY C 119 22.74 5.14 -5.05
C GLY C 119 22.68 3.74 -4.46
N GLN C 120 23.79 3.02 -4.59
CA GLN C 120 23.87 1.66 -4.07
C GLN C 120 24.29 1.60 -2.61
N GLY C 121 24.79 2.69 -2.06
CA GLY C 121 25.12 2.79 -0.65
C GLY C 121 26.62 2.64 -0.38
N THR C 122 27.05 3.23 0.73
CA THR C 122 28.41 3.01 1.22
C THR C 122 28.35 2.77 2.72
N THR C 123 29.13 1.81 3.20
CA THR C 123 28.99 1.32 4.58
C THR C 123 30.00 2.00 5.50
N VAL C 124 29.53 2.49 6.64
CA VAL C 124 30.37 3.17 7.62
C VAL C 124 30.22 2.45 8.96
N THR C 125 31.30 1.80 9.39
CA THR C 125 31.39 1.13 10.69
C THR C 125 32.26 1.94 11.63
N VAL C 126 31.71 2.34 12.77
CA VAL C 126 32.42 3.15 13.76
C VAL C 126 32.67 2.30 15.00
N SER C 127 33.88 1.74 15.11
CA SER C 127 34.27 0.99 16.30
C SER C 127 35.69 1.35 16.68
N SER C 128 36.03 1.17 17.97
CA SER C 128 37.41 1.31 18.40
C SER C 128 38.07 -0.02 18.03
N ALA C 129 38.31 -0.18 16.73
CA ALA C 129 38.88 -1.39 16.17
C ALA C 129 40.10 -1.86 16.94
N SER C 130 40.21 -3.17 17.08
CA SER C 130 41.34 -3.81 17.72
C SER C 130 41.92 -4.91 16.86
N THR C 131 41.28 -5.26 15.74
CA THR C 131 41.59 -6.38 14.86
C THR C 131 42.11 -7.68 15.48
N LYS C 132 41.29 -8.26 16.36
CA LYS C 132 41.64 -9.39 17.20
C LYS C 132 40.84 -10.62 16.80
N GLY C 133 41.35 -11.78 17.18
CA GLY C 133 40.70 -13.04 16.90
C GLY C 133 39.68 -13.44 17.96
N PRO C 134 38.84 -14.40 17.61
CA PRO C 134 37.69 -14.72 18.47
C PRO C 134 38.04 -15.68 19.60
N SER C 135 37.17 -15.66 20.62
CA SER C 135 37.17 -16.63 21.69
C SER C 135 36.02 -17.60 21.45
N VAL C 136 36.33 -18.90 21.39
CA VAL C 136 35.33 -19.90 21.02
C VAL C 136 34.93 -20.67 22.27
N PHE C 137 33.64 -20.64 22.59
CA PHE C 137 33.08 -21.37 23.72
C PHE C 137 32.05 -22.40 23.24
N PRO C 138 31.98 -23.56 23.88
CA PRO C 138 31.04 -24.60 23.44
C PRO C 138 29.64 -24.42 24.02
N LEU C 139 28.64 -24.72 23.19
CA LEU C 139 27.23 -24.76 23.58
C LEU C 139 26.84 -26.23 23.64
N ALA C 140 26.94 -26.81 24.84
CA ALA C 140 26.70 -28.23 25.04
C ALA C 140 25.22 -28.58 24.84
N PRO C 141 24.93 -29.79 24.37
CA PRO C 141 23.54 -30.26 24.28
C PRO C 141 23.04 -30.73 25.64
N SER C 142 21.90 -30.20 26.06
CA SER C 142 21.41 -30.43 27.41
C SER C 142 20.51 -31.68 27.45
N SER C 143 19.94 -31.94 28.63
CA SER C 143 19.05 -33.07 28.83
C SER C 143 17.66 -32.82 28.25
N LYS C 144 17.30 -31.57 27.97
CA LYS C 144 16.03 -31.26 27.33
C LYS C 144 16.13 -31.32 25.81
N SER C 145 17.34 -31.21 25.27
CA SER C 145 17.56 -31.57 23.87
C SER C 145 17.51 -33.08 23.67
N THR C 146 17.90 -33.86 24.69
CA THR C 146 18.03 -35.30 24.58
C THR C 146 16.68 -36.01 24.39
N SER C 147 15.58 -35.38 24.79
CA SER C 147 14.31 -36.08 24.90
C SER C 147 13.36 -35.80 23.75
N GLY C 148 13.70 -34.88 22.84
CA GLY C 148 13.04 -34.82 21.56
C GLY C 148 13.48 -35.98 20.68
N GLY C 149 13.05 -35.90 19.41
CA GLY C 149 13.64 -36.78 18.41
C GLY C 149 15.14 -36.60 18.29
N THR C 150 15.59 -35.34 18.25
CA THR C 150 16.98 -34.96 18.03
C THR C 150 17.37 -33.89 19.04
N ALA C 151 18.63 -33.45 18.98
CA ALA C 151 19.19 -32.55 19.98
C ALA C 151 20.08 -31.52 19.31
N ALA C 152 20.23 -30.36 19.94
CA ALA C 152 20.96 -29.24 19.37
C ALA C 152 22.29 -29.01 20.10
N LEU C 153 23.32 -28.64 19.36
CA LEU C 153 24.58 -28.24 20.00
C LEU C 153 25.29 -27.21 19.13
N GLY C 154 26.22 -26.46 19.72
CA GLY C 154 26.79 -25.37 18.94
C GLY C 154 28.11 -24.81 19.43
N CYS C 155 28.55 -23.76 18.74
CA CYS C 155 29.74 -23.00 19.07
C CYS C 155 29.41 -21.50 19.10
N LEU C 156 29.77 -20.85 20.20
CA LEU C 156 29.75 -19.39 20.31
C LEU C 156 31.13 -18.83 19.96
N VAL C 157 31.18 -17.97 18.94
CA VAL C 157 32.41 -17.35 18.48
C VAL C 157 32.32 -15.88 18.89
N LYS C 158 33.02 -15.50 19.94
CA LYS C 158 32.81 -14.26 20.65
C LYS C 158 33.93 -13.26 20.42
N ASP C 159 33.56 -11.99 20.27
CA ASP C 159 34.47 -10.84 20.40
C ASP C 159 35.64 -10.93 19.41
N TYR C 160 35.33 -10.69 18.14
CA TYR C 160 36.34 -10.73 17.09
C TYR C 160 36.16 -9.54 16.17
N PHE C 161 37.23 -9.17 15.46
CA PHE C 161 37.20 -8.03 14.56
C PHE C 161 38.40 -8.10 13.62
N PRO C 162 38.24 -7.77 12.33
CA PRO C 162 37.00 -7.42 11.64
C PRO C 162 36.41 -8.68 11.01
N GLU C 163 35.39 -8.52 10.19
CA GLU C 163 34.75 -9.66 9.55
C GLU C 163 35.65 -10.15 8.42
N PRO C 164 35.48 -11.39 7.95
CA PRO C 164 34.59 -12.46 8.42
C PRO C 164 35.30 -13.58 9.16
N VAL C 165 34.53 -14.47 9.77
CA VAL C 165 35.05 -15.68 10.38
C VAL C 165 34.25 -16.87 9.85
N THR C 166 34.95 -17.93 9.43
CA THR C 166 34.31 -19.09 8.84
C THR C 166 34.33 -20.27 9.81
N VAL C 167 33.24 -21.06 9.80
CA VAL C 167 33.05 -22.14 10.75
C VAL C 167 32.66 -23.41 10.01
N SER C 168 33.37 -24.50 10.26
CA SER C 168 33.00 -25.83 9.81
C SER C 168 32.84 -26.75 11.01
N TRP C 169 32.43 -28.00 10.76
CA TRP C 169 32.26 -28.99 11.80
C TRP C 169 32.97 -30.28 11.41
N ASN C 170 33.80 -30.79 12.33
CA ASN C 170 34.59 -32.00 12.10
C ASN C 170 35.40 -31.88 10.82
N SER C 171 36.01 -30.71 10.63
CA SER C 171 36.79 -30.39 9.43
C SER C 171 36.01 -30.71 8.16
N GLY C 172 34.73 -30.32 8.15
CA GLY C 172 33.87 -30.47 6.99
C GLY C 172 33.12 -31.79 6.89
N ALA C 173 33.39 -32.75 7.79
CA ALA C 173 32.66 -34.01 7.74
C ALA C 173 31.16 -33.83 8.01
N LEU C 174 30.81 -32.90 8.89
CA LEU C 174 29.43 -32.70 9.32
C LEU C 174 28.82 -31.52 8.58
N THR C 175 27.79 -31.77 7.77
CA THR C 175 27.23 -30.75 6.89
C THR C 175 25.76 -30.47 7.11
N SER C 176 24.91 -31.49 7.16
CA SER C 176 23.47 -31.27 7.25
C SER C 176 23.03 -31.05 8.69
N GLY C 177 22.02 -30.20 8.87
CA GLY C 177 21.59 -29.78 10.17
C GLY C 177 22.34 -28.60 10.73
N VAL C 178 23.25 -28.02 9.95
CA VAL C 178 24.16 -26.99 10.42
C VAL C 178 23.67 -25.64 9.88
N HIS C 179 23.38 -24.72 10.80
CA HIS C 179 23.21 -23.32 10.45
C HIS C 179 24.24 -22.48 11.21
N THR C 180 25.04 -21.74 10.47
CA THR C 180 25.91 -20.72 11.05
C THR C 180 25.27 -19.37 10.81
N PHE C 181 25.16 -18.57 11.87
CA PHE C 181 24.37 -17.35 11.80
C PHE C 181 25.22 -16.17 11.33
N PRO C 182 24.59 -15.14 10.77
CA PRO C 182 25.29 -13.87 10.60
C PRO C 182 25.72 -13.28 11.94
N ALA C 183 26.75 -12.45 11.90
CA ALA C 183 27.31 -11.90 13.11
C ALA C 183 26.52 -10.67 13.56
N VAL C 184 26.54 -10.42 14.87
CA VAL C 184 26.10 -9.15 15.43
C VAL C 184 27.31 -8.27 15.65
N LEU C 185 27.15 -6.97 15.43
CA LEU C 185 28.14 -5.99 15.85
C LEU C 185 27.75 -5.54 17.25
N GLN C 186 28.48 -6.00 18.25
CA GLN C 186 28.18 -5.59 19.61
C GLN C 186 28.52 -4.12 19.81
N SER C 187 27.86 -3.50 20.78
CA SER C 187 28.15 -2.12 21.13
C SER C 187 29.60 -1.95 21.56
N SER C 188 30.23 -3.04 21.98
CA SER C 188 31.66 -3.03 22.26
C SER C 188 32.49 -2.70 21.03
N GLY C 189 31.91 -2.81 19.83
CA GLY C 189 32.63 -2.62 18.59
C GLY C 189 33.16 -3.89 17.98
N LEU C 190 33.06 -5.01 18.68
CA LEU C 190 33.52 -6.32 18.23
C LEU C 190 32.35 -7.16 17.76
N TYR C 191 32.64 -8.10 16.85
CA TYR C 191 31.63 -9.02 16.32
C TYR C 191 31.59 -10.31 17.13
N SER C 192 30.48 -11.04 16.99
CA SER C 192 30.24 -12.30 17.67
C SER C 192 29.11 -13.01 16.95
N LEU C 193 29.24 -14.33 16.79
CA LEU C 193 28.22 -15.10 16.09
C LEU C 193 28.16 -16.50 16.69
N SER C 194 27.20 -17.29 16.21
CA SER C 194 27.02 -18.67 16.66
C SER C 194 26.82 -19.60 15.47
N SER C 195 27.31 -20.83 15.62
CA SER C 195 27.01 -21.93 14.72
C SER C 195 26.33 -23.05 15.49
N VAL C 196 25.35 -23.71 14.88
CA VAL C 196 24.59 -24.75 15.55
C VAL C 196 24.35 -25.91 14.60
N VAL C 197 24.26 -27.11 15.17
CA VAL C 197 23.94 -28.33 14.43
C VAL C 197 22.91 -29.13 15.21
N THR C 198 21.84 -29.52 14.52
CA THR C 198 20.89 -30.51 15.02
C THR C 198 21.41 -31.91 14.71
N VAL C 199 21.21 -32.83 15.64
CA VAL C 199 21.96 -34.08 15.62
C VAL C 199 21.23 -35.15 16.42
N PRO C 200 21.25 -36.42 15.99
CA PRO C 200 20.51 -37.46 16.72
C PRO C 200 20.89 -37.55 18.19
N SER C 201 19.86 -37.61 19.04
CA SER C 201 20.06 -37.71 20.49
C SER C 201 20.95 -38.89 20.86
N SER C 202 20.74 -40.04 20.21
CA SER C 202 21.46 -41.26 20.59
C SER C 202 22.91 -41.26 20.16
N SER C 203 23.34 -40.30 19.35
CA SER C 203 24.73 -40.21 18.92
C SER C 203 25.61 -39.40 19.87
N LEU C 204 25.02 -38.87 20.95
CA LEU C 204 25.78 -38.03 21.87
C LEU C 204 26.78 -38.83 22.69
N GLY C 205 26.60 -40.15 22.77
CA GLY C 205 27.58 -41.01 23.40
C GLY C 205 28.71 -41.40 22.48
N THR C 206 28.36 -41.78 21.24
CA THR C 206 29.34 -42.30 20.29
C THR C 206 30.08 -41.19 19.54
N GLN C 207 29.34 -40.39 18.77
CA GLN C 207 29.94 -39.52 17.77
C GLN C 207 30.48 -38.23 18.40
N THR C 208 31.75 -37.95 18.13
CA THR C 208 32.41 -36.73 18.58
C THR C 208 32.05 -35.52 17.71
N TYR C 209 31.95 -34.35 18.34
CA TYR C 209 31.60 -33.11 17.63
C TYR C 209 32.59 -32.01 18.02
N ILE C 210 33.39 -31.58 17.05
CA ILE C 210 34.30 -30.45 17.21
C ILE C 210 33.95 -29.42 16.14
N CYS C 211 33.97 -28.15 16.52
CA CYS C 211 33.75 -27.05 15.58
C CYS C 211 35.08 -26.36 15.27
N ASN C 212 35.29 -26.06 13.99
CA ASN C 212 36.51 -25.45 13.49
C ASN C 212 36.20 -24.01 13.10
N VAL C 213 36.97 -23.07 13.67
CA VAL C 213 36.76 -21.65 13.49
C VAL C 213 38.03 -21.05 12.91
N ASN C 214 37.89 -20.36 11.78
CA ASN C 214 39.00 -19.73 11.08
C ASN C 214 38.73 -18.24 10.94
N HIS C 215 39.56 -17.42 11.57
CA HIS C 215 39.55 -15.97 11.41
C HIS C 215 40.85 -15.57 10.72
N LYS C 216 40.80 -15.48 9.39
CA LYS C 216 41.95 -15.08 8.59
C LYS C 216 42.60 -13.77 9.04
N PRO C 217 41.88 -12.65 9.18
CA PRO C 217 42.56 -11.37 9.46
C PRO C 217 43.48 -11.39 10.68
N SER C 218 43.18 -12.21 11.68
CA SER C 218 44.03 -12.35 12.85
C SER C 218 44.89 -13.59 12.80
N ASN C 219 44.84 -14.35 11.70
CA ASN C 219 45.56 -15.63 11.58
C ASN C 219 45.22 -16.55 12.75
N THR C 220 43.94 -16.62 13.07
CA THR C 220 43.46 -17.44 14.18
C THR C 220 42.78 -18.68 13.64
N LYS C 221 43.10 -19.83 14.23
CA LYS C 221 42.41 -21.07 13.93
C LYS C 221 42.20 -21.80 15.25
N VAL C 222 40.95 -22.22 15.50
CA VAL C 222 40.59 -22.82 16.79
C VAL C 222 39.65 -23.99 16.55
N ASP C 223 39.98 -25.14 17.11
CA ASP C 223 39.08 -26.28 17.16
C ASP C 223 38.55 -26.46 18.58
N LYS C 224 37.24 -26.70 18.71
CA LYS C 224 36.65 -26.82 20.04
C LYS C 224 35.69 -28.00 20.08
N ARG C 225 35.96 -28.95 20.97
CA ARG C 225 35.07 -30.09 21.15
C ARG C 225 33.89 -29.71 22.03
N VAL C 226 32.68 -30.08 21.60
CA VAL C 226 31.43 -29.80 22.28
C VAL C 226 30.95 -31.09 22.93
N GLU C 227 31.27 -31.26 24.22
CA GLU C 227 30.83 -32.40 25.01
C GLU C 227 29.61 -32.04 25.83
N PRO C 228 28.81 -33.02 26.24
CA PRO C 228 27.71 -32.74 27.18
C PRO C 228 28.14 -32.93 28.62
N LYS C 229 28.51 -31.85 29.30
CA LYS C 229 29.02 -31.97 30.67
C LYS C 229 27.91 -32.28 31.67
N SER C 230 28.21 -33.18 32.60
CA SER C 230 27.21 -33.65 33.55
C SER C 230 26.72 -32.52 34.44
N CYS C 231 27.63 -31.67 34.90
CA CYS C 231 27.26 -30.55 35.75
C CYS C 231 27.31 -29.25 34.95
N TYR D 2 7.15 14.06 15.44
CA TYR D 2 6.20 13.47 14.52
C TYR D 2 6.62 12.04 14.14
N GLU D 3 5.69 11.09 14.23
CA GLU D 3 6.02 9.70 14.00
C GLU D 3 5.01 9.04 13.07
N LEU D 4 5.53 8.21 12.17
CA LEU D 4 4.75 7.41 11.24
C LEU D 4 4.85 5.95 11.63
N THR D 5 3.71 5.31 11.85
CA THR D 5 3.70 3.92 12.36
C THR D 5 3.19 2.96 11.29
N GLN D 6 3.91 1.87 11.07
CA GLN D 6 3.52 0.86 10.07
C GLN D 6 3.41 -0.49 10.74
N PRO D 7 2.73 -1.47 10.14
CA PRO D 7 2.65 -2.80 10.69
C PRO D 7 4.03 -3.41 10.45
N PRO D 8 4.60 -4.16 11.41
CA PRO D 8 5.92 -4.73 11.25
C PRO D 8 6.05 -5.80 10.15
N SER D 9 5.05 -6.66 10.01
CA SER D 9 5.06 -7.72 8.98
C SER D 9 3.69 -7.80 8.35
N VAL D 10 3.62 -7.92 7.03
CA VAL D 10 2.33 -8.23 6.33
C VAL D 10 2.59 -9.38 5.36
N SER D 11 1.64 -10.31 5.25
CA SER D 11 1.85 -11.47 4.33
C SER D 11 0.66 -11.60 3.38
N VAL D 12 0.90 -12.13 2.17
CA VAL D 12 -0.18 -12.19 1.16
C VAL D 12 0.11 -13.35 0.20
N SER D 13 -0.90 -14.14 -0.16
CA SER D 13 -0.70 -15.20 -1.13
C SER D 13 -0.49 -14.58 -2.51
N PRO D 14 0.29 -15.23 -3.38
CA PRO D 14 0.56 -14.66 -4.70
C PRO D 14 -0.73 -14.45 -5.47
N GLY D 15 -0.82 -13.31 -6.15
CA GLY D 15 -2.00 -12.94 -6.90
C GLY D 15 -3.03 -12.15 -6.10
N GLN D 16 -3.08 -12.37 -4.80
CA GLN D 16 -4.00 -11.63 -3.94
C GLN D 16 -3.54 -10.19 -3.74
N THR D 17 -4.47 -9.36 -3.28
CA THR D 17 -4.16 -7.96 -2.99
C THR D 17 -3.55 -7.82 -1.60
N ALA D 18 -2.55 -6.95 -1.50
CA ALA D 18 -1.86 -6.69 -0.24
C ALA D 18 -1.95 -5.21 0.10
N SER D 19 -2.14 -4.90 1.37
CA SER D 19 -2.30 -3.53 1.82
C SER D 19 -1.40 -3.25 3.01
N ILE D 20 -0.70 -2.11 2.97
CA ILE D 20 0.19 -1.67 4.02
C ILE D 20 -0.25 -0.29 4.47
N THR D 21 -0.43 -0.11 5.77
CA THR D 21 -0.91 1.16 6.31
C THR D 21 0.23 1.98 6.90
N CYS D 22 -0.06 3.27 7.07
CA CYS D 22 0.93 4.24 7.54
C CYS D 22 0.15 5.30 8.30
N SER D 23 0.36 5.40 9.61
CA SER D 23 -0.49 6.23 10.45
C SER D 23 0.32 7.34 11.12
N GLY D 24 -0.22 8.55 11.07
CA GLY D 24 0.34 9.72 11.73
C GLY D 24 -0.75 10.75 11.93
N ASP D 25 -0.45 11.75 12.76
CA ASP D 25 -1.46 12.74 13.10
C ASP D 25 -1.72 13.66 11.92
N LYS D 26 -2.97 13.69 11.46
CA LYS D 26 -3.39 14.40 10.24
C LYS D 26 -2.41 14.17 9.10
N LEU D 27 -2.08 12.89 8.89
CA LEU D 27 -1.24 12.53 7.76
C LEU D 27 -1.91 12.84 6.43
N GLY D 28 -3.24 12.82 6.39
CA GLY D 28 -3.99 13.23 5.21
C GLY D 28 -3.66 14.63 4.71
N ASP D 29 -3.18 15.47 5.61
CA ASP D 29 -2.89 16.87 5.29
C ASP D 29 -1.48 17.06 4.72
N LYS D 30 -0.69 16.00 4.64
CA LYS D 30 0.62 16.01 4.01
C LYS D 30 0.66 14.99 2.89
N TYR D 31 1.68 15.09 2.03
CA TYR D 31 1.90 14.09 1.01
C TYR D 31 2.67 12.90 1.58
N ALA D 32 2.29 11.69 1.15
CA ALA D 32 2.96 10.46 1.55
C ALA D 32 3.68 9.84 0.36
N CYS D 33 4.89 9.33 0.62
CA CYS D 33 5.65 8.54 -0.33
C CYS D 33 5.77 7.11 0.17
N TRP D 34 5.96 6.18 -0.76
CA TRP D 34 6.22 4.78 -0.47
C TRP D 34 7.42 4.29 -1.27
N TYR D 35 8.34 3.63 -0.56
CA TYR D 35 9.57 3.07 -1.09
C TYR D 35 9.60 1.56 -0.87
N GLN D 36 10.12 0.85 -1.88
CA GLN D 36 10.35 -0.58 -1.83
C GLN D 36 11.85 -0.88 -1.71
N GLN D 37 12.20 -1.82 -0.84
CA GLN D 37 13.60 -2.22 -0.64
C GLN D 37 13.64 -3.73 -0.57
N LYS D 38 14.21 -4.35 -1.60
CA LYS D 38 14.50 -5.78 -1.59
C LYS D 38 15.80 -6.03 -0.86
N PRO D 39 16.07 -7.28 -0.43
CA PRO D 39 17.23 -7.53 0.43
C PRO D 39 18.54 -7.21 -0.28
N GLY D 40 19.41 -6.50 0.45
CA GLY D 40 20.69 -6.09 -0.11
C GLY D 40 20.58 -5.21 -1.33
N GLN D 41 19.47 -4.49 -1.50
CA GLN D 41 19.31 -3.52 -2.57
C GLN D 41 18.97 -2.16 -2.01
N SER D 42 19.18 -1.14 -2.83
CA SER D 42 18.78 0.22 -2.48
C SER D 42 17.26 0.36 -2.54
N PRO D 43 16.72 1.37 -1.86
CA PRO D 43 15.29 1.68 -2.02
C PRO D 43 14.97 2.17 -3.41
N VAL D 44 13.72 1.95 -3.81
CA VAL D 44 13.16 2.54 -5.03
C VAL D 44 11.82 3.17 -4.69
N LEU D 45 11.53 4.30 -5.32
CA LEU D 45 10.27 4.98 -5.12
C LEU D 45 9.17 4.26 -5.89
N VAL D 46 8.11 3.85 -5.20
CA VAL D 46 6.97 3.24 -5.85
C VAL D 46 5.74 4.12 -5.80
N ILE D 47 5.61 5.01 -4.82
CA ILE D 47 4.50 5.95 -4.78
C ILE D 47 4.99 7.30 -4.27
N TYR D 48 4.53 8.38 -4.89
CA TYR D 48 4.76 9.72 -4.36
C TYR D 48 3.47 10.52 -4.52
N GLN D 49 3.44 11.67 -3.86
CA GLN D 49 2.29 12.57 -3.91
C GLN D 49 0.99 11.84 -3.60
N ASP D 50 1.04 11.01 -2.55
CA ASP D 50 -0.09 10.22 -2.04
C ASP D 50 -0.40 9.02 -2.94
N SER D 51 -0.48 9.23 -4.24
CA SER D 51 -1.13 8.26 -5.11
C SER D 51 -0.45 8.17 -6.47
N LYS D 52 0.44 9.11 -6.77
CA LYS D 52 1.13 9.11 -8.05
C LYS D 52 2.23 8.05 -8.07
N ARG D 53 2.42 7.46 -9.25
CA ARG D 53 3.31 6.32 -9.44
C ARG D 53 4.46 6.73 -10.34
N PRO D 54 5.72 6.61 -9.91
CA PRO D 54 6.84 7.09 -10.71
C PRO D 54 6.97 6.34 -12.04
N SER D 55 7.78 6.92 -12.92
CA SER D 55 7.97 6.36 -14.26
C SER D 55 8.60 4.98 -14.18
N GLY D 56 7.97 4.01 -14.83
CA GLY D 56 8.47 2.65 -14.86
C GLY D 56 8.03 1.76 -13.71
N ILE D 57 7.16 2.24 -12.83
CA ILE D 57 6.65 1.42 -11.73
C ILE D 57 5.37 0.72 -12.20
N PRO D 58 5.28 -0.60 -12.05
CA PRO D 58 4.05 -1.32 -12.45
C PRO D 58 2.79 -0.67 -11.91
N GLU D 59 1.72 -0.76 -12.71
CA GLU D 59 0.46 -0.10 -12.39
C GLU D 59 -0.27 -0.75 -11.22
N ARG D 60 0.09 -1.98 -10.85
CA ARG D 60 -0.58 -2.64 -9.74
C ARG D 60 -0.29 -1.97 -8.41
N PHE D 61 0.76 -1.14 -8.33
CA PHE D 61 1.04 -0.33 -7.15
C PHE D 61 0.13 0.90 -7.17
N SER D 62 -0.76 1.00 -6.19
CA SER D 62 -1.55 2.20 -5.97
C SER D 62 -1.38 2.69 -4.54
N GLY D 63 -1.80 3.92 -4.29
CA GLY D 63 -1.67 4.51 -2.97
C GLY D 63 -2.78 5.48 -2.69
N SER D 64 -3.18 5.55 -1.42
CA SER D 64 -4.16 6.53 -0.96
C SER D 64 -3.63 7.19 0.30
N ASN D 65 -4.25 8.31 0.68
CA ASN D 65 -3.93 8.99 1.93
C ASN D 65 -5.11 9.85 2.36
N SER D 66 -5.68 9.58 3.53
CA SER D 66 -6.77 10.38 4.06
C SER D 66 -6.82 10.23 5.57
N GLY D 67 -7.32 11.27 6.23
CA GLY D 67 -7.40 11.23 7.69
C GLY D 67 -6.02 11.09 8.27
N ASN D 68 -5.81 10.03 9.03
CA ASN D 68 -4.52 9.73 9.62
C ASN D 68 -3.82 8.56 8.95
N THR D 69 -4.31 8.08 7.82
CA THR D 69 -3.78 6.84 7.24
C THR D 69 -3.49 7.00 5.76
N ALA D 70 -2.24 6.76 5.38
CA ALA D 70 -1.87 6.47 4.01
C ALA D 70 -1.83 4.95 3.84
N THR D 71 -2.21 4.47 2.66
CA THR D 71 -2.29 3.04 2.40
C THR D 71 -1.69 2.73 1.03
N LEU D 72 -0.66 1.88 1.04
CA LEU D 72 -0.08 1.31 -0.18
C LEU D 72 -0.78 0.01 -0.51
N THR D 73 -1.32 -0.10 -1.72
CA THR D 73 -2.02 -1.30 -2.16
C THR D 73 -1.32 -1.91 -3.37
N ILE D 74 -1.07 -3.21 -3.32
CA ILE D 74 -0.52 -3.97 -4.44
C ILE D 74 -1.57 -5.01 -4.82
N SER D 75 -2.31 -4.75 -5.90
CA SER D 75 -3.22 -5.76 -6.43
C SER D 75 -2.44 -6.76 -7.28
N GLY D 76 -2.86 -8.01 -7.25
CA GLY D 76 -2.19 -9.04 -7.99
C GLY D 76 -0.74 -9.16 -7.59
N THR D 77 -0.50 -9.28 -6.29
CA THR D 77 0.86 -9.30 -5.76
C THR D 77 1.66 -10.44 -6.37
N GLN D 78 2.91 -10.17 -6.69
CA GLN D 78 3.77 -11.11 -7.39
C GLN D 78 4.94 -11.46 -6.49
N ALA D 79 5.56 -12.62 -6.78
CA ALA D 79 6.74 -13.05 -6.04
C ALA D 79 7.77 -11.93 -5.95
N MET D 80 8.02 -11.23 -7.06
CA MET D 80 9.07 -10.22 -7.08
C MET D 80 8.70 -8.97 -6.29
N ASP D 81 7.53 -8.95 -5.65
CA ASP D 81 7.15 -7.83 -4.80
C ASP D 81 7.49 -8.03 -3.33
N GLU D 82 7.94 -9.24 -2.95
CA GLU D 82 8.34 -9.49 -1.57
C GLU D 82 9.49 -8.58 -1.18
N ALA D 83 9.27 -7.71 -0.18
CA ALA D 83 10.28 -6.72 0.16
C ALA D 83 9.85 -5.96 1.42
N ASP D 84 10.76 -5.12 1.92
CA ASP D 84 10.40 -4.13 2.92
C ASP D 84 9.82 -2.89 2.25
N TYR D 85 8.75 -2.36 2.82
CA TYR D 85 8.12 -1.15 2.30
C TYR D 85 8.10 -0.09 3.41
N TYR D 86 8.61 1.09 3.08
CA TYR D 86 8.60 2.23 4.00
C TYR D 86 7.74 3.36 3.45
N CYS D 87 6.93 3.96 4.32
CA CYS D 87 6.29 5.23 3.99
C CYS D 87 7.13 6.41 4.50
N GLN D 88 6.84 7.59 3.94
CA GLN D 88 7.59 8.79 4.28
C GLN D 88 6.74 10.03 4.07
N ALA D 89 6.90 11.00 4.96
CA ALA D 89 6.21 12.29 4.83
C ALA D 89 7.13 13.39 5.34
N TRP D 90 6.56 14.60 5.48
CA TRP D 90 7.25 15.75 6.03
CA TRP D 90 7.25 15.75 6.03
C TRP D 90 6.63 16.12 7.38
N ASP D 91 7.49 16.56 8.31
CA ASP D 91 7.04 16.90 9.65
C ASP D 91 6.26 18.21 9.66
N SER D 92 5.03 18.15 10.19
CA SER D 92 4.15 19.31 10.31
C SER D 92 4.91 20.56 10.74
N SER D 93 4.89 21.57 9.87
CA SER D 93 5.48 22.90 10.11
C SER D 93 6.99 22.90 9.99
N THR D 94 7.67 22.11 10.81
CA THR D 94 9.13 22.12 10.79
C THR D 94 9.67 21.42 9.54
N SER D 95 10.99 21.54 9.36
CA SER D 95 11.72 21.02 8.20
C SER D 95 12.34 19.67 8.55
N TYR D 96 11.64 18.59 8.21
CA TYR D 96 12.07 17.27 8.68
C TYR D 96 11.48 16.14 7.84
N VAL D 97 12.31 15.26 7.28
CA VAL D 97 11.79 14.12 6.52
C VAL D 97 11.57 12.99 7.51
N VAL D 98 10.51 12.20 7.32
CA VAL D 98 10.10 11.23 8.33
C VAL D 98 9.70 9.93 7.66
N PHE D 99 10.36 8.84 8.01
CA PHE D 99 10.03 7.51 7.52
C PHE D 99 9.19 6.75 8.54
N GLY D 100 8.50 5.72 8.04
CA GLY D 100 7.88 4.75 8.90
C GLY D 100 8.84 3.66 9.33
N GLY D 101 8.39 2.84 10.29
CA GLY D 101 9.22 1.75 10.77
C GLY D 101 9.46 0.64 9.76
N GLY D 102 8.75 0.65 8.64
CA GLY D 102 8.91 -0.35 7.62
C GLY D 102 7.99 -1.55 7.83
N THR D 103 7.78 -2.30 6.74
CA THR D 103 6.91 -3.45 6.76
C THR D 103 7.49 -4.55 5.87
N LYS D 104 7.65 -5.74 6.44
CA LYS D 104 8.19 -6.89 5.70
C LYS D 104 7.02 -7.57 4.99
N LEU D 105 6.80 -7.21 3.73
CA LEU D 105 5.80 -7.88 2.90
C LEU D 105 6.37 -9.21 2.41
N THR D 106 5.82 -10.30 2.94
CA THR D 106 6.10 -11.66 2.50
C THR D 106 5.07 -12.09 1.46
N VAL D 107 5.53 -12.73 0.40
CA VAL D 107 4.67 -13.35 -0.60
C VAL D 107 4.79 -14.84 -0.40
N LEU D 108 3.70 -15.45 0.07
CA LEU D 108 3.65 -16.84 0.50
C LEU D 108 3.94 -17.85 -0.60
N GLY D 109 5.16 -18.36 -0.64
CA GLY D 109 5.53 -19.42 -1.56
C GLY D 109 5.54 -20.79 -0.91
N GLN D 110 5.60 -20.82 0.43
CA GLN D 110 5.60 -22.07 1.19
C GLN D 110 4.74 -21.83 2.42
N PRO D 111 4.37 -22.84 3.21
CA PRO D 111 3.39 -22.62 4.28
C PRO D 111 4.00 -22.01 5.52
N LYS D 112 3.12 -21.62 6.44
CA LYS D 112 3.56 -21.02 7.69
C LYS D 112 4.22 -22.08 8.57
N ALA D 113 5.25 -21.67 9.31
CA ALA D 113 6.03 -22.61 10.11
C ALA D 113 6.42 -21.95 11.43
N ALA D 114 5.97 -22.54 12.54
CA ALA D 114 6.31 -22.01 13.84
C ALA D 114 7.80 -22.20 14.13
N PRO D 115 8.41 -21.29 14.87
CA PRO D 115 9.86 -21.39 15.12
C PRO D 115 10.22 -22.48 16.12
N SER D 116 11.47 -22.93 16.01
CA SER D 116 12.06 -23.93 16.90
C SER D 116 13.15 -23.21 17.69
N VAL D 117 12.92 -23.03 18.98
CA VAL D 117 13.76 -22.22 19.85
C VAL D 117 14.58 -23.11 20.76
N THR D 118 15.89 -22.88 20.81
CA THR D 118 16.79 -23.58 21.71
C THR D 118 17.64 -22.56 22.45
N LEU D 119 17.57 -22.58 23.78
CA LEU D 119 18.30 -21.63 24.63
C LEU D 119 19.45 -22.33 25.33
N PHE D 120 20.67 -21.82 25.14
CA PHE D 120 21.90 -22.31 25.74
C PHE D 120 22.34 -21.39 26.86
N PRO D 121 22.61 -21.96 28.04
CA PRO D 121 23.17 -21.18 29.14
C PRO D 121 24.66 -20.96 28.94
N PRO D 122 25.26 -20.03 29.69
CA PRO D 122 26.70 -19.77 29.52
C PRO D 122 27.54 -21.00 29.79
N SER D 123 28.51 -21.24 28.92
CA SER D 123 29.46 -22.31 29.14
C SER D 123 30.30 -22.03 30.39
N SER D 124 30.70 -23.11 31.06
CA SER D 124 31.55 -22.95 32.24
C SER D 124 32.92 -22.41 31.88
N GLU D 125 33.38 -22.61 30.64
CA GLU D 125 34.59 -21.93 30.19
C GLU D 125 34.41 -20.42 30.23
N GLU D 126 33.28 -19.94 29.70
CA GLU D 126 33.04 -18.50 29.67
C GLU D 126 32.88 -17.94 31.08
N LEU D 127 32.22 -18.70 31.96
CA LEU D 127 32.12 -18.28 33.35
C LEU D 127 33.49 -18.17 33.99
N GLN D 128 34.33 -19.20 33.80
CA GLN D 128 35.71 -19.14 34.27
C GLN D 128 36.49 -17.99 33.64
N ALA D 129 36.03 -17.48 32.49
CA ALA D 129 36.61 -16.28 31.89
C ALA D 129 35.92 -15.01 32.37
N ASN D 130 35.02 -15.13 33.35
CA ASN D 130 34.39 -14.01 34.05
C ASN D 130 33.39 -13.24 33.19
N LYS D 131 32.74 -13.94 32.26
CA LYS D 131 31.62 -13.37 31.50
C LYS D 131 30.56 -14.46 31.34
N ALA D 132 29.37 -14.07 30.87
CA ALA D 132 28.30 -15.04 30.72
C ALA D 132 27.40 -14.61 29.58
N THR D 133 27.17 -15.50 28.61
CA THR D 133 26.33 -15.18 27.45
C THR D 133 25.28 -16.25 27.27
N LEU D 134 24.02 -15.85 27.34
CA LEU D 134 22.91 -16.72 26.96
C LEU D 134 22.68 -16.63 25.46
N VAL D 135 22.48 -17.78 24.83
CA VAL D 135 22.39 -17.88 23.37
C VAL D 135 21.04 -18.47 23.00
N CYS D 136 20.21 -17.70 22.30
CA CYS D 136 18.87 -18.12 21.90
C CYS D 136 18.87 -18.31 20.38
N LEU D 137 18.72 -19.55 19.93
CA LEU D 137 18.79 -19.91 18.53
C LEU D 137 17.40 -20.29 18.04
N ILE D 138 16.93 -19.61 17.00
CA ILE D 138 15.58 -19.75 16.47
C ILE D 138 15.69 -20.24 15.04
N SER D 139 15.00 -21.33 14.71
CA SER D 139 15.17 -21.95 13.39
C SER D 139 13.84 -22.40 12.82
N ASP D 140 13.80 -22.51 11.48
CA ASP D 140 12.73 -23.20 10.75
C ASP D 140 11.37 -22.49 10.91
N PHE D 141 11.34 -21.20 10.60
CA PHE D 141 10.08 -20.46 10.63
C PHE D 141 9.87 -19.68 9.34
N TYR D 142 8.59 -19.57 8.95
CA TYR D 142 8.11 -18.85 7.79
C TYR D 142 6.76 -18.27 8.18
N PRO D 143 6.49 -16.98 7.90
CA PRO D 143 7.36 -15.98 7.24
C PRO D 143 8.57 -15.60 8.08
N GLY D 144 9.58 -14.98 7.47
CA GLY D 144 10.78 -14.60 8.19
C GLY D 144 10.60 -13.33 9.01
N ALA D 145 9.72 -13.40 10.01
CA ALA D 145 9.39 -12.22 10.82
C ALA D 145 9.09 -12.71 12.23
N VAL D 146 9.82 -12.19 13.20
CA VAL D 146 9.77 -12.73 14.55
C VAL D 146 10.26 -11.66 15.52
N THR D 147 9.73 -11.67 16.74
CA THR D 147 10.25 -10.82 17.81
C THR D 147 10.81 -11.65 18.95
N VAL D 148 11.86 -11.13 19.59
CA VAL D 148 12.51 -11.81 20.71
C VAL D 148 12.38 -10.92 21.95
N ALA D 149 12.18 -11.56 23.10
CA ALA D 149 12.06 -10.86 24.38
C ALA D 149 12.74 -11.69 25.46
N TRP D 150 13.63 -11.07 26.22
CA TRP D 150 14.34 -11.77 27.28
C TRP D 150 13.72 -11.45 28.63
N LYS D 151 13.80 -12.41 29.54
CA LYS D 151 13.24 -12.22 30.87
C LYS D 151 14.11 -12.89 31.93
N ALA D 152 14.21 -12.24 33.09
CA ALA D 152 14.78 -12.82 34.29
C ALA D 152 13.65 -13.00 35.29
N ASP D 153 13.08 -14.22 35.33
CA ASP D 153 12.04 -14.58 36.30
C ASP D 153 10.77 -13.74 36.08
N SER D 154 10.31 -13.72 34.82
CA SER D 154 9.15 -12.95 34.39
C SER D 154 9.38 -11.45 34.49
N SER D 155 10.60 -11.02 34.79
CA SER D 155 10.94 -9.62 34.79
C SER D 155 11.66 -9.31 33.50
N PRO D 156 11.20 -8.34 32.70
CA PRO D 156 11.69 -8.22 31.31
C PRO D 156 13.05 -7.55 31.25
N VAL D 157 13.99 -8.18 30.54
CA VAL D 157 15.35 -7.68 30.43
C VAL D 157 15.42 -6.61 29.35
N LYS D 158 16.02 -5.47 29.70
CA LYS D 158 16.19 -4.33 28.82
C LYS D 158 17.54 -4.33 28.12
N ALA D 159 18.63 -4.51 28.86
CA ALA D 159 19.95 -4.31 28.30
C ALA D 159 20.75 -5.60 28.27
N GLY D 160 21.83 -5.57 27.49
CA GLY D 160 22.62 -6.74 27.22
C GLY D 160 22.11 -7.62 26.09
N VAL D 161 21.15 -7.15 25.29
CA VAL D 161 20.52 -7.95 24.25
C VAL D 161 21.01 -7.48 22.88
N GLU D 162 21.50 -8.42 22.07
CA GLU D 162 21.77 -8.18 20.66
C GLU D 162 21.03 -9.22 19.83
N THR D 163 20.37 -8.81 18.76
CA THR D 163 19.56 -9.77 18.00
C THR D 163 19.79 -9.64 16.50
N THR D 164 19.92 -10.80 15.85
CA THR D 164 20.07 -10.90 14.41
C THR D 164 18.72 -10.71 13.71
N THR D 165 18.77 -10.22 12.44
CA THR D 165 17.58 -10.24 11.61
C THR D 165 17.45 -11.61 10.94
N PRO D 166 16.20 -12.12 10.80
CA PRO D 166 16.01 -13.42 10.14
C PRO D 166 16.80 -13.55 8.83
N SER D 167 17.36 -14.73 8.60
CA SER D 167 18.11 -15.00 7.39
C SER D 167 17.71 -16.38 6.86
N LYS D 168 17.56 -16.47 5.54
CA LYS D 168 17.17 -17.73 4.93
C LYS D 168 18.18 -18.82 5.25
N GLN D 169 17.70 -19.97 5.68
CA GLN D 169 18.56 -21.13 5.70
C GLN D 169 18.35 -21.88 4.39
N SER D 170 18.96 -23.07 4.28
CA SER D 170 18.81 -23.84 3.05
C SER D 170 17.40 -24.40 2.90
N ASN D 171 16.60 -24.43 3.99
CA ASN D 171 15.23 -24.91 3.87
C ASN D 171 14.31 -23.90 3.22
N ASN D 172 14.85 -22.78 2.72
CA ASN D 172 14.07 -21.67 2.20
C ASN D 172 13.24 -21.07 3.33
N LYS D 173 13.38 -21.63 4.53
CA LYS D 173 12.86 -21.07 5.77
C LYS D 173 13.89 -20.10 6.36
N TYR D 174 13.54 -19.46 7.47
CA TYR D 174 14.38 -18.45 8.09
C TYR D 174 14.81 -18.87 9.49
N ALA D 175 15.92 -18.27 9.93
CA ALA D 175 16.46 -18.51 11.26
C ALA D 175 17.07 -17.22 11.79
N ALA D 176 17.07 -17.07 13.12
CA ALA D 176 17.58 -15.87 13.77
C ALA D 176 18.28 -16.25 15.08
N SER D 177 19.11 -15.34 15.57
CA SER D 177 19.80 -15.53 16.84
C SER D 177 19.68 -14.30 17.71
N SER D 178 19.57 -14.52 19.03
CA SER D 178 19.64 -13.44 20.00
C SER D 178 20.61 -13.83 21.12
N TYR D 179 21.36 -12.84 21.60
CA TYR D 179 22.33 -13.04 22.67
C TYR D 179 22.03 -12.11 23.82
N LEU D 180 22.15 -12.63 25.04
CA LEU D 180 22.03 -11.82 26.25
C LEU D 180 23.33 -11.90 27.04
N SER D 181 23.99 -10.75 27.20
CA SER D 181 25.22 -10.66 27.98
C SER D 181 24.93 -10.36 29.43
N LEU D 182 25.61 -11.09 30.33
CA LEU D 182 25.49 -10.89 31.75
C LEU D 182 26.85 -11.07 32.41
N THR D 183 27.05 -10.33 33.50
CA THR D 183 28.11 -10.69 34.43
C THR D 183 27.73 -11.98 35.16
N PRO D 184 28.72 -12.78 35.56
CA PRO D 184 28.37 -14.04 36.25
C PRO D 184 27.57 -13.82 37.52
N GLU D 185 27.79 -12.70 38.21
CA GLU D 185 26.94 -12.33 39.34
C GLU D 185 25.47 -12.44 38.98
N GLN D 186 25.03 -11.65 38.01
CA GLN D 186 23.61 -11.56 37.68
C GLN D 186 23.10 -12.81 36.98
N TRP D 187 23.99 -13.57 36.34
CA TRP D 187 23.61 -14.92 35.91
C TRP D 187 23.19 -15.76 37.11
N LYS D 188 24.07 -15.91 38.09
CA LYS D 188 23.80 -16.78 39.22
C LYS D 188 22.72 -16.24 40.16
N SER D 189 22.35 -14.96 40.04
CA SER D 189 21.51 -14.30 41.03
C SER D 189 20.06 -14.16 40.59
N HIS D 190 19.63 -14.95 39.61
CA HIS D 190 18.22 -15.07 39.26
C HIS D 190 17.88 -16.54 39.21
N ARG D 191 16.62 -16.84 39.54
CA ARG D 191 16.20 -18.23 39.57
C ARG D 191 16.26 -18.86 38.18
N SER D 192 15.84 -18.12 37.15
CA SER D 192 15.87 -18.59 35.77
C SER D 192 15.89 -17.41 34.81
N TYR D 193 16.35 -17.66 33.59
CA TYR D 193 16.20 -16.74 32.46
C TYR D 193 15.41 -17.42 31.35
N SER D 194 14.72 -16.61 30.56
CA SER D 194 13.84 -17.12 29.53
C SER D 194 13.95 -16.28 28.26
N CYS D 195 13.87 -16.98 27.12
CA CYS D 195 13.85 -16.38 25.80
C CYS D 195 12.49 -16.64 25.19
N GLN D 196 11.75 -15.57 24.88
CA GLN D 196 10.39 -15.61 24.35
C GLN D 196 10.42 -15.16 22.89
N VAL D 197 9.95 -16.02 22.01
CA VAL D 197 10.00 -15.82 20.57
C VAL D 197 8.56 -15.77 20.06
N THR D 198 8.20 -14.68 19.40
CA THR D 198 6.82 -14.44 18.97
C THR D 198 6.75 -14.42 17.45
N HIS D 199 5.87 -15.27 16.91
CA HIS D 199 5.74 -15.53 15.48
C HIS D 199 4.27 -15.70 15.14
N GLU D 200 3.74 -14.81 14.31
CA GLU D 200 2.35 -14.89 13.84
C GLU D 200 1.38 -15.04 15.00
N GLY D 201 1.52 -14.15 15.98
CA GLY D 201 0.61 -14.11 17.10
C GLY D 201 0.84 -15.16 18.16
N SER D 202 1.79 -16.07 17.96
CA SER D 202 2.01 -17.18 18.87
C SER D 202 3.40 -17.06 19.50
N THR D 203 3.46 -17.08 20.82
CA THR D 203 4.71 -16.94 21.54
C THR D 203 5.14 -18.30 22.07
N VAL D 204 6.41 -18.61 21.90
CA VAL D 204 7.03 -19.82 22.45
C VAL D 204 8.25 -19.41 23.24
N GLU D 205 8.44 -19.99 24.41
CA GLU D 205 9.56 -19.62 25.25
C GLU D 205 10.37 -20.83 25.65
N LYS D 206 11.65 -20.59 25.93
CA LYS D 206 12.53 -21.60 26.48
C LYS D 206 13.32 -20.99 27.62
N THR D 207 13.61 -21.80 28.63
CA THR D 207 14.13 -21.30 29.90
C THR D 207 15.33 -22.11 30.35
N VAL D 208 16.30 -21.42 30.95
CA VAL D 208 17.47 -22.05 31.57
C VAL D 208 17.62 -21.51 32.98
N ALA D 209 18.27 -22.30 33.83
CA ALA D 209 18.52 -21.89 35.20
C ALA D 209 19.99 -22.08 35.55
N PRO D 210 20.51 -21.24 36.46
CA PRO D 210 21.92 -21.40 36.86
C PRO D 210 22.21 -22.73 37.52
N THR D 211 21.24 -23.30 38.24
CA THR D 211 21.45 -24.56 38.94
C THR D 211 21.57 -25.73 37.97
N GLU D 212 20.61 -25.90 37.08
CA GLU D 212 20.46 -27.12 36.29
C GLU D 212 21.27 -27.17 35.01
N GLU E 1 -12.14 -45.22 -24.12
CA GLU E 1 -11.84 -44.67 -22.80
C GLU E 1 -13.14 -44.35 -22.06
N VAL E 2 -13.03 -43.61 -20.97
CA VAL E 2 -14.20 -43.11 -20.26
C VAL E 2 -14.88 -42.03 -21.10
N GLN E 3 -16.20 -42.16 -21.26
CA GLN E 3 -16.96 -41.29 -22.16
C GLN E 3 -18.39 -41.16 -21.67
N LEU E 4 -18.88 -39.91 -21.61
CA LEU E 4 -20.28 -39.61 -21.34
C LEU E 4 -20.87 -38.87 -22.53
N VAL E 5 -22.07 -39.27 -22.97
CA VAL E 5 -22.70 -38.69 -24.16
C VAL E 5 -24.13 -38.30 -23.80
N GLU E 6 -24.41 -36.99 -23.80
CA GLU E 6 -25.77 -36.50 -23.58
C GLU E 6 -26.57 -36.52 -24.88
N SER E 7 -27.88 -36.68 -24.74
CA SER E 7 -28.79 -36.65 -25.89
C SER E 7 -30.20 -36.33 -25.41
N GLY E 8 -31.02 -35.88 -26.37
CA GLY E 8 -32.45 -35.70 -26.16
C GLY E 8 -32.91 -34.27 -26.03
N GLY E 9 -31.99 -33.30 -26.05
CA GLY E 9 -32.36 -31.91 -26.08
C GLY E 9 -32.95 -31.45 -27.40
N GLY E 10 -33.35 -30.19 -27.42
CA GLY E 10 -33.95 -29.58 -28.59
C GLY E 10 -34.70 -28.32 -28.23
N VAL E 11 -35.44 -27.80 -29.19
CA VAL E 11 -36.29 -26.64 -28.97
C VAL E 11 -37.68 -27.13 -28.60
N VAL E 12 -38.27 -26.53 -27.55
CA VAL E 12 -39.55 -26.98 -27.02
C VAL E 12 -40.26 -25.79 -26.40
N GLN E 13 -41.60 -25.84 -26.41
CA GLN E 13 -42.41 -24.75 -25.92
C GLN E 13 -42.58 -24.83 -24.40
N PRO E 14 -42.63 -23.69 -23.72
CA PRO E 14 -42.74 -23.69 -22.25
C PRO E 14 -44.01 -24.39 -21.78
N GLY E 15 -43.94 -24.87 -20.53
CA GLY E 15 -45.00 -25.66 -19.94
C GLY E 15 -45.00 -27.12 -20.35
N ARG E 16 -44.39 -27.46 -21.48
CA ARG E 16 -44.27 -28.86 -21.85
C ARG E 16 -43.11 -29.51 -21.11
N SER E 17 -42.71 -30.71 -21.56
CA SER E 17 -41.74 -31.49 -20.83
C SER E 17 -40.89 -32.28 -21.81
N LEU E 18 -39.78 -32.82 -21.29
CA LEU E 18 -38.67 -33.28 -22.12
C LEU E 18 -37.77 -34.20 -21.29
N ARG E 19 -37.21 -35.22 -21.92
CA ARG E 19 -36.43 -36.24 -21.23
C ARG E 19 -35.02 -36.34 -21.81
N LEU E 20 -34.02 -36.02 -21.00
CA LEU E 20 -32.62 -36.10 -21.39
C LEU E 20 -32.01 -37.44 -20.98
N SER E 21 -31.10 -37.94 -21.81
CA SER E 21 -30.34 -39.15 -21.55
C SER E 21 -28.85 -38.85 -21.53
N CYS E 22 -28.11 -39.66 -20.78
CA CYS E 22 -26.65 -39.60 -20.72
C CYS E 22 -26.14 -41.03 -20.76
N ALA E 23 -25.37 -41.36 -21.79
CA ALA E 23 -24.86 -42.71 -22.00
C ALA E 23 -23.40 -42.76 -21.55
N ALA E 24 -23.11 -43.65 -20.61
CA ALA E 24 -21.78 -43.85 -20.07
C ALA E 24 -21.10 -45.05 -20.73
N SER E 25 -19.78 -44.97 -20.86
CA SER E 25 -19.01 -46.08 -21.42
C SER E 25 -17.57 -45.96 -20.95
N GLY E 26 -16.94 -47.11 -20.69
CA GLY E 26 -15.55 -47.17 -20.31
C GLY E 26 -15.27 -47.11 -18.83
N PHE E 27 -16.28 -47.27 -17.99
CA PHE E 27 -16.09 -47.38 -16.55
C PHE E 27 -17.30 -48.07 -15.95
N ILE E 28 -17.15 -48.53 -14.71
CA ILE E 28 -18.20 -49.27 -14.05
C ILE E 28 -19.27 -48.28 -13.59
N PHE E 29 -20.21 -47.98 -14.48
CA PHE E 29 -21.19 -46.93 -14.24
C PHE E 29 -21.92 -47.12 -12.91
N SER E 30 -22.27 -48.36 -12.58
CA SER E 30 -23.10 -48.66 -11.42
C SER E 30 -22.45 -48.29 -10.09
N SER E 31 -21.19 -47.82 -10.12
CA SER E 31 -20.45 -47.58 -8.90
C SER E 31 -20.11 -46.11 -8.69
N TYR E 32 -20.80 -45.20 -9.37
CA TYR E 32 -20.44 -43.79 -9.28
C TYR E 32 -21.70 -42.94 -9.13
N GLY E 33 -21.66 -42.00 -8.19
CA GLY E 33 -22.63 -40.91 -8.19
C GLY E 33 -22.59 -40.13 -9.50
N MET E 34 -23.76 -39.69 -9.95
CA MET E 34 -23.88 -38.94 -11.20
C MET E 34 -24.59 -37.60 -10.97
N TYR E 35 -24.22 -36.61 -11.80
CA TYR E 35 -24.68 -35.24 -11.69
C TYR E 35 -25.34 -34.78 -12.98
N TRP E 36 -26.33 -33.92 -12.85
CA TRP E 36 -26.78 -33.04 -13.92
C TRP E 36 -26.45 -31.59 -13.55
N VAL E 37 -25.78 -30.90 -14.45
CA VAL E 37 -25.36 -29.51 -14.29
C VAL E 37 -25.69 -28.75 -15.58
N ARG E 38 -26.21 -27.54 -15.46
CA ARG E 38 -26.57 -26.79 -16.65
C ARG E 38 -25.84 -25.46 -16.72
N GLN E 39 -25.83 -24.89 -17.92
CA GLN E 39 -25.19 -23.60 -18.18
C GLN E 39 -26.06 -22.84 -19.18
N ALA E 40 -26.74 -21.79 -18.70
CA ALA E 40 -27.47 -20.91 -19.58
C ALA E 40 -26.49 -20.16 -20.48
N PRO E 41 -26.94 -19.67 -21.64
CA PRO E 41 -26.02 -18.97 -22.54
C PRO E 41 -25.39 -17.76 -21.87
N GLY E 42 -24.05 -17.74 -21.86
CA GLY E 42 -23.33 -16.65 -21.26
C GLY E 42 -23.39 -16.58 -19.75
N LYS E 43 -23.94 -17.60 -19.08
CA LYS E 43 -24.00 -17.63 -17.63
C LYS E 43 -23.00 -18.66 -17.10
N GLY E 44 -23.01 -18.86 -15.77
CA GLY E 44 -22.11 -19.82 -15.15
C GLY E 44 -22.70 -21.21 -15.06
N LEU E 45 -21.97 -22.10 -14.40
CA LEU E 45 -22.43 -23.46 -14.20
C LEU E 45 -23.41 -23.50 -13.04
N GLU E 46 -24.58 -24.10 -13.27
CA GLU E 46 -25.62 -24.24 -12.27
C GLU E 46 -25.83 -25.72 -11.96
N TRP E 47 -25.72 -26.09 -10.69
CA TRP E 47 -26.07 -27.45 -10.30
C TRP E 47 -27.56 -27.69 -10.48
N VAL E 48 -27.91 -28.86 -11.01
CA VAL E 48 -29.30 -29.25 -11.24
C VAL E 48 -29.70 -30.41 -10.34
N ALA E 49 -28.98 -31.52 -10.41
CA ALA E 49 -29.37 -32.67 -9.60
C ALA E 49 -28.19 -33.61 -9.42
N VAL E 50 -28.34 -34.54 -8.47
CA VAL E 50 -27.32 -35.55 -8.22
C VAL E 50 -28.03 -36.82 -7.73
N ILE E 51 -27.46 -37.97 -8.07
CA ILE E 51 -28.03 -39.27 -7.76
C ILE E 51 -26.92 -40.23 -7.33
N TRP E 52 -27.22 -41.08 -6.36
CA TRP E 52 -26.27 -42.03 -5.80
C TRP E 52 -25.93 -43.12 -6.81
N TYR E 53 -24.81 -43.80 -6.55
CA TYR E 53 -24.31 -44.86 -7.44
C TYR E 53 -25.36 -45.92 -7.75
N ASP E 54 -26.32 -46.13 -6.86
CA ASP E 54 -27.34 -47.15 -7.04
C ASP E 54 -28.72 -46.57 -7.30
N GLY E 55 -28.84 -45.24 -7.39
CA GLY E 55 -30.11 -44.58 -7.63
C GLY E 55 -30.98 -44.42 -6.41
N SER E 56 -30.48 -44.78 -5.22
CA SER E 56 -31.30 -44.73 -4.02
C SER E 56 -31.64 -43.30 -3.63
N ASN E 57 -30.65 -42.41 -3.63
CA ASN E 57 -30.83 -41.05 -3.14
C ASN E 57 -30.74 -40.08 -4.29
N LYS E 58 -31.63 -39.09 -4.28
CA LYS E 58 -31.71 -38.08 -5.32
C LYS E 58 -31.80 -36.73 -4.64
N TYR E 59 -30.99 -35.78 -5.10
CA TYR E 59 -30.96 -34.44 -4.54
C TYR E 59 -31.13 -33.44 -5.67
N TYR E 60 -31.94 -32.42 -5.45
CA TYR E 60 -32.27 -31.45 -6.48
C TYR E 60 -31.97 -30.03 -6.02
N ALA E 61 -31.66 -29.17 -6.99
CA ALA E 61 -31.58 -27.74 -6.74
C ALA E 61 -32.97 -27.16 -6.56
N ASP E 62 -33.03 -26.06 -5.79
CA ASP E 62 -34.31 -25.43 -5.47
C ASP E 62 -35.08 -25.04 -6.72
N SER E 63 -34.36 -24.54 -7.74
CA SER E 63 -34.99 -24.05 -8.95
C SER E 63 -35.76 -25.14 -9.70
N VAL E 64 -35.37 -26.41 -9.54
CA VAL E 64 -36.00 -27.50 -10.25
C VAL E 64 -36.66 -28.50 -9.31
N LYS E 65 -36.56 -28.31 -8.00
CA LYS E 65 -37.15 -29.24 -7.06
C LYS E 65 -38.65 -29.33 -7.30
N GLY E 66 -39.17 -30.56 -7.37
CA GLY E 66 -40.56 -30.80 -7.65
C GLY E 66 -40.94 -30.81 -9.12
N ARG E 67 -40.12 -30.21 -9.99
CA ARG E 67 -40.37 -30.18 -11.42
C ARG E 67 -39.55 -31.20 -12.19
N PHE E 68 -38.31 -31.44 -11.78
CA PHE E 68 -37.42 -32.38 -12.45
C PHE E 68 -37.33 -33.68 -11.66
N THR E 69 -36.97 -34.75 -12.37
CA THR E 69 -36.79 -36.07 -11.77
C THR E 69 -35.51 -36.68 -12.33
N ILE E 70 -34.57 -37.03 -11.46
CA ILE E 70 -33.34 -37.68 -11.87
C ILE E 70 -33.47 -39.18 -11.64
N SER E 71 -32.92 -39.97 -12.55
CA SER E 71 -32.98 -41.42 -12.39
C SER E 71 -31.84 -42.04 -13.18
N ARG E 72 -31.58 -43.32 -12.91
CA ARG E 72 -30.55 -44.03 -13.66
C ARG E 72 -30.96 -45.47 -13.88
N ASP E 73 -30.60 -46.01 -15.04
CA ASP E 73 -30.68 -47.43 -15.33
C ASP E 73 -29.24 -47.95 -15.35
N ASN E 74 -28.86 -48.63 -14.26
CA ASN E 74 -27.51 -49.15 -14.14
C ASN E 74 -27.27 -50.31 -15.10
N SER E 75 -28.32 -51.07 -15.43
CA SER E 75 -28.18 -52.16 -16.40
C SER E 75 -27.87 -51.62 -17.78
N LYS E 76 -28.40 -50.45 -18.13
CA LYS E 76 -28.24 -49.86 -19.45
C LYS E 76 -27.19 -48.76 -19.48
N ASN E 77 -26.45 -48.55 -18.40
CA ASN E 77 -25.38 -47.56 -18.35
C ASN E 77 -25.90 -46.15 -18.65
N THR E 78 -27.07 -45.81 -18.11
CA THR E 78 -27.74 -44.59 -18.54
C THR E 78 -28.22 -43.75 -17.38
N LEU E 79 -28.08 -42.44 -17.52
CA LEU E 79 -28.63 -41.45 -16.59
C LEU E 79 -29.72 -40.65 -17.29
N TYR E 80 -30.85 -40.44 -16.62
CA TYR E 80 -31.97 -39.70 -17.18
C TYR E 80 -32.30 -38.48 -16.34
N LEU E 81 -32.70 -37.41 -17.01
CA LEU E 81 -33.34 -36.25 -16.40
C LEU E 81 -34.69 -36.02 -17.06
N GLN E 82 -35.76 -36.20 -16.30
CA GLN E 82 -37.11 -35.88 -16.72
C GLN E 82 -37.42 -34.44 -16.31
N MET E 83 -37.50 -33.54 -17.29
CA MET E 83 -37.78 -32.13 -17.06
C MET E 83 -39.26 -31.89 -17.36
N ASN E 84 -40.02 -31.47 -16.35
CA ASN E 84 -41.44 -31.19 -16.50
C ASN E 84 -41.70 -29.72 -16.21
N SER E 85 -42.80 -29.21 -16.77
CA SER E 85 -43.25 -27.84 -16.57
C SER E 85 -42.13 -26.85 -16.89
N LEU E 86 -41.55 -27.02 -18.07
CA LEU E 86 -40.40 -26.23 -18.47
C LEU E 86 -40.74 -24.75 -18.52
N ARG E 87 -39.97 -23.95 -17.79
CA ARG E 87 -40.05 -22.50 -17.86
C ARG E 87 -39.01 -22.00 -18.85
N ALA E 88 -39.08 -20.71 -19.18
CA ALA E 88 -38.14 -20.16 -20.16
C ALA E 88 -36.72 -20.12 -19.59
N GLU E 89 -36.59 -19.83 -18.29
CA GLU E 89 -35.29 -19.73 -17.65
C GLU E 89 -34.59 -21.07 -17.47
N ASP E 90 -35.17 -22.16 -17.99
CA ASP E 90 -34.51 -23.45 -18.03
C ASP E 90 -33.62 -23.62 -19.26
N THR E 91 -33.73 -22.73 -20.25
CA THR E 91 -32.90 -22.81 -21.45
C THR E 91 -31.42 -22.83 -21.07
N ALA E 92 -30.71 -23.85 -21.55
CA ALA E 92 -29.32 -24.03 -21.16
C ALA E 92 -28.75 -25.26 -21.87
N VAL E 93 -27.43 -25.37 -21.83
CA VAL E 93 -26.76 -26.63 -22.10
C VAL E 93 -26.80 -27.49 -20.85
N TYR E 94 -27.17 -28.75 -21.00
CA TYR E 94 -27.27 -29.68 -19.89
C TYR E 94 -26.16 -30.72 -20.03
N TYR E 95 -25.28 -30.77 -19.03
CA TYR E 95 -24.17 -31.70 -18.93
C TYR E 95 -24.52 -32.77 -17.89
N CYS E 96 -24.19 -34.01 -18.20
CA CYS E 96 -24.06 -35.03 -17.17
C CYS E 96 -22.59 -35.15 -16.78
N ALA E 97 -22.35 -35.50 -15.52
CA ALA E 97 -20.99 -35.55 -15.02
C ALA E 97 -20.86 -36.64 -13.98
N ARG E 98 -19.68 -37.24 -13.92
CA ARG E 98 -19.41 -38.34 -13.02
C ARG E 98 -18.52 -37.88 -11.88
N ASP E 99 -18.85 -38.32 -10.67
CA ASP E 99 -18.00 -38.07 -9.51
C ASP E 99 -16.82 -39.03 -9.53
N LEU E 100 -15.68 -38.55 -9.03
CA LEU E 100 -14.45 -39.31 -9.14
C LEU E 100 -14.33 -40.48 -8.17
N SER E 101 -15.16 -40.55 -7.12
CA SER E 101 -15.06 -41.65 -6.17
C SER E 101 -16.08 -42.75 -6.45
N SER E 102 -15.65 -44.00 -6.33
CA SER E 102 -16.48 -45.18 -6.52
C SER E 102 -16.27 -46.16 -5.37
N SER E 103 -17.35 -46.80 -4.93
CA SER E 103 -17.26 -47.78 -3.85
C SER E 103 -18.28 -48.89 -4.07
N SER E 104 -17.92 -50.12 -3.65
CA SER E 104 -18.79 -51.28 -3.76
C SER E 104 -19.98 -51.25 -2.80
N GLY E 105 -20.61 -52.42 -2.63
CA GLY E 105 -21.81 -52.59 -1.85
C GLY E 105 -21.65 -52.76 -0.36
N TRP E 106 -20.44 -52.94 0.17
CA TRP E 106 -20.34 -53.41 1.56
C TRP E 106 -20.95 -52.45 2.55
N ASP E 107 -21.01 -51.17 2.23
CA ASP E 107 -21.65 -50.23 3.15
C ASP E 107 -22.23 -49.08 2.35
N ASP E 108 -23.16 -48.38 2.98
CA ASP E 108 -23.87 -47.24 2.37
C ASP E 108 -23.12 -45.92 2.54
N TYR E 109 -21.80 -45.92 2.48
CA TYR E 109 -21.02 -44.71 2.64
C TYR E 109 -20.58 -44.23 1.25
N TYR E 110 -20.77 -42.95 1.00
CA TYR E 110 -20.32 -42.30 -0.21
C TYR E 110 -19.94 -40.88 0.12
N TYR E 111 -18.81 -40.44 -0.44
CA TYR E 111 -18.40 -39.05 -0.31
C TYR E 111 -18.16 -38.49 -1.69
N TYR E 112 -18.84 -37.39 -2.01
CA TYR E 112 -18.66 -36.75 -3.30
C TYR E 112 -17.42 -35.86 -3.24
N TYR E 113 -16.44 -36.15 -4.10
CA TYR E 113 -15.21 -35.37 -4.16
C TYR E 113 -15.05 -34.53 -5.41
N GLY E 114 -15.97 -34.59 -6.36
CA GLY E 114 -15.83 -33.73 -7.52
C GLY E 114 -16.00 -34.40 -8.87
N MET E 115 -16.33 -33.58 -9.86
CA MET E 115 -16.79 -34.08 -11.16
C MET E 115 -15.61 -34.11 -12.11
N ASP E 116 -15.05 -35.31 -12.32
CA ASP E 116 -13.85 -35.48 -13.13
C ASP E 116 -14.14 -35.83 -14.58
N VAL E 117 -15.32 -36.38 -14.86
CA VAL E 117 -15.76 -36.70 -16.20
C VAL E 117 -16.99 -35.86 -16.54
N TRP E 118 -16.98 -35.24 -17.71
CA TRP E 118 -18.09 -34.44 -18.20
C TRP E 118 -18.43 -34.87 -19.62
N GLY E 119 -19.72 -34.92 -19.93
CA GLY E 119 -20.15 -35.06 -21.30
C GLY E 119 -19.92 -33.78 -22.09
N GLN E 120 -20.30 -33.84 -23.37
CA GLN E 120 -20.14 -32.68 -24.23
C GLN E 120 -21.33 -31.73 -24.17
N GLY E 121 -22.43 -32.15 -23.57
CA GLY E 121 -23.58 -31.31 -23.37
C GLY E 121 -24.69 -31.55 -24.38
N THR E 122 -25.92 -31.24 -23.99
CA THR E 122 -27.04 -31.22 -24.91
C THR E 122 -27.84 -29.95 -24.68
N THR E 123 -28.26 -29.30 -25.76
CA THR E 123 -28.81 -27.96 -25.66
C THR E 123 -30.33 -28.02 -25.60
N VAL E 124 -30.92 -27.30 -24.66
CA VAL E 124 -32.36 -27.25 -24.49
C VAL E 124 -32.78 -25.79 -24.54
N THR E 125 -33.48 -25.42 -25.62
CA THR E 125 -34.04 -24.08 -25.78
C THR E 125 -35.54 -24.17 -25.52
N VAL E 126 -36.00 -23.47 -24.50
CA VAL E 126 -37.43 -23.48 -24.19
C VAL E 126 -37.97 -22.08 -24.42
N SER E 127 -38.50 -21.86 -25.63
CA SER E 127 -39.00 -20.56 -26.01
C SER E 127 -40.42 -20.71 -26.52
N SER E 128 -41.21 -19.67 -26.28
CA SER E 128 -42.60 -19.64 -26.71
C SER E 128 -42.78 -19.10 -28.11
N ALA E 129 -41.76 -18.47 -28.68
CA ALA E 129 -41.85 -17.96 -30.05
C ALA E 129 -41.86 -19.08 -31.07
N SER E 130 -42.62 -18.87 -32.14
CA SER E 130 -42.70 -19.82 -33.25
C SER E 130 -41.45 -19.71 -34.13
N THR E 131 -41.24 -20.73 -34.95
CA THR E 131 -40.03 -20.81 -35.77
C THR E 131 -40.20 -20.00 -37.04
N LYS E 132 -39.12 -19.35 -37.47
CA LYS E 132 -39.18 -18.56 -38.69
C LYS E 132 -37.77 -18.43 -39.26
N GLY E 133 -37.70 -18.24 -40.57
CA GLY E 133 -36.45 -18.06 -41.26
C GLY E 133 -36.03 -16.61 -41.31
N PRO E 134 -34.76 -16.37 -41.60
CA PRO E 134 -34.23 -15.01 -41.51
C PRO E 134 -34.49 -14.20 -42.77
N SER E 135 -34.47 -12.88 -42.58
CA SER E 135 -34.44 -11.93 -43.68
C SER E 135 -33.02 -11.36 -43.78
N VAL E 136 -32.42 -11.47 -44.96
CA VAL E 136 -31.03 -11.09 -45.15
C VAL E 136 -30.97 -9.78 -45.91
N PHE E 137 -30.35 -8.77 -45.30
CA PHE E 137 -30.18 -7.48 -45.93
C PHE E 137 -28.68 -7.19 -46.11
N PRO E 138 -28.29 -6.57 -47.22
CA PRO E 138 -26.86 -6.32 -47.45
C PRO E 138 -26.36 -5.06 -46.76
N LEU E 139 -25.15 -5.14 -46.23
CA LEU E 139 -24.44 -4.00 -45.65
C LEU E 139 -23.35 -3.60 -46.64
N ALA E 140 -23.69 -2.64 -47.50
CA ALA E 140 -22.79 -2.19 -48.56
C ALA E 140 -21.58 -1.46 -48.00
N PRO E 141 -20.43 -1.56 -48.68
CA PRO E 141 -19.26 -0.77 -48.27
C PRO E 141 -19.37 0.67 -48.74
N SER E 142 -19.21 1.60 -47.81
CA SER E 142 -19.46 3.02 -48.08
C SER E 142 -18.20 3.72 -48.58
N SER E 143 -18.32 5.04 -48.75
CA SER E 143 -17.20 5.85 -49.21
C SER E 143 -16.18 6.12 -48.11
N LYS E 144 -16.55 5.91 -46.84
CA LYS E 144 -15.61 6.04 -45.74
C LYS E 144 -14.86 4.75 -45.48
N SER E 145 -15.39 3.62 -45.94
CA SER E 145 -14.60 2.39 -46.00
C SER E 145 -13.58 2.45 -47.13
N THR E 146 -13.88 3.18 -48.21
CA THR E 146 -13.06 3.20 -49.42
C THR E 146 -11.71 3.86 -49.22
N SER E 147 -11.55 4.71 -48.19
CA SER E 147 -10.38 5.59 -48.12
C SER E 147 -9.30 5.09 -47.16
N GLY E 148 -9.57 4.04 -46.39
CA GLY E 148 -8.49 3.31 -45.75
C GLY E 148 -7.71 2.50 -46.77
N GLY E 149 -6.81 1.66 -46.24
CA GLY E 149 -6.22 0.63 -47.06
C GLY E 149 -7.28 -0.31 -47.64
N THR E 150 -8.23 -0.72 -46.80
CA THR E 150 -9.23 -1.71 -47.13
C THR E 150 -10.60 -1.22 -46.66
N ALA E 151 -11.64 -2.02 -46.92
CA ALA E 151 -13.03 -1.63 -46.70
C ALA E 151 -13.83 -2.80 -46.16
N ALA E 152 -14.91 -2.50 -45.45
CA ALA E 152 -15.71 -3.53 -44.80
C ALA E 152 -17.05 -3.69 -45.50
N LEU E 153 -17.54 -4.93 -45.58
CA LEU E 153 -18.90 -5.15 -46.08
C LEU E 153 -19.50 -6.36 -45.39
N GLY E 154 -20.83 -6.47 -45.45
CA GLY E 154 -21.42 -7.53 -44.66
C GLY E 154 -22.84 -7.93 -45.03
N CYS E 155 -23.38 -8.84 -44.23
CA CYS E 155 -24.75 -9.31 -44.31
C CYS E 155 -25.41 -9.22 -42.94
N LEU E 156 -26.57 -8.56 -42.88
CA LEU E 156 -27.42 -8.58 -41.69
C LEU E 156 -28.44 -9.70 -41.84
N VAL E 157 -28.42 -10.65 -40.90
CA VAL E 157 -29.34 -11.79 -40.90
C VAL E 157 -30.31 -11.56 -39.75
N LYS E 158 -31.53 -11.14 -40.09
CA LYS E 158 -32.47 -10.56 -39.14
C LYS E 158 -33.64 -11.51 -38.85
N ASP E 159 -34.06 -11.55 -37.59
CA ASP E 159 -35.35 -12.08 -37.15
C ASP E 159 -35.54 -13.54 -37.59
N TYR E 160 -34.83 -14.43 -36.91
CA TYR E 160 -34.92 -15.85 -37.21
C TYR E 160 -35.01 -16.64 -35.91
N PHE E 161 -35.55 -17.85 -36.00
CA PHE E 161 -35.72 -18.72 -34.84
C PHE E 161 -36.00 -20.14 -35.30
N PRO E 162 -35.41 -21.15 -34.65
CA PRO E 162 -34.44 -21.05 -33.57
C PRO E 162 -33.03 -21.10 -34.12
N GLU E 163 -32.00 -21.19 -33.30
CA GLU E 163 -30.63 -21.29 -33.79
C GLU E 163 -30.38 -22.70 -34.30
N PRO E 164 -29.29 -22.89 -35.08
CA PRO E 164 -28.37 -21.87 -35.58
C PRO E 164 -28.57 -21.56 -37.04
N VAL E 165 -27.93 -20.50 -37.53
CA VAL E 165 -27.91 -20.19 -38.95
C VAL E 165 -26.45 -20.04 -39.36
N THR E 166 -26.08 -20.68 -40.47
CA THR E 166 -24.69 -20.69 -40.91
C THR E 166 -24.52 -19.77 -42.11
N VAL E 167 -23.39 -19.06 -42.14
CA VAL E 167 -23.14 -18.04 -43.15
C VAL E 167 -21.79 -18.29 -43.78
N SER E 168 -21.77 -18.40 -45.10
CA SER E 168 -20.53 -18.43 -45.86
C SER E 168 -20.51 -17.27 -46.86
N TRP E 169 -19.38 -17.13 -47.55
CA TRP E 169 -19.19 -16.08 -48.55
C TRP E 169 -18.65 -16.70 -49.83
N ASN E 170 -19.30 -16.40 -50.95
CA ASN E 170 -18.91 -16.91 -52.26
C ASN E 170 -18.80 -18.44 -52.24
N SER E 171 -19.84 -19.06 -51.68
CA SER E 171 -19.94 -20.52 -51.54
C SER E 171 -18.67 -21.10 -50.88
N GLY E 172 -18.18 -20.41 -49.86
CA GLY E 172 -17.04 -20.90 -49.09
C GLY E 172 -15.70 -20.56 -49.68
N ALA E 173 -15.64 -20.02 -50.90
CA ALA E 173 -14.37 -19.63 -51.49
C ALA E 173 -13.70 -18.52 -50.69
N LEU E 174 -14.49 -17.63 -50.10
CA LEU E 174 -13.99 -16.47 -49.37
C LEU E 174 -14.04 -16.76 -47.87
N THR E 175 -12.86 -16.86 -47.26
CA THR E 175 -12.74 -17.23 -45.86
C THR E 175 -11.93 -16.16 -45.10
N SER E 176 -10.90 -15.61 -45.73
CA SER E 176 -10.01 -14.72 -45.01
C SER E 176 -10.64 -13.35 -44.85
N GLY E 177 -10.44 -12.76 -43.69
CA GLY E 177 -11.07 -11.50 -43.36
C GLY E 177 -12.48 -11.60 -42.84
N VAL E 178 -13.01 -12.80 -42.63
CA VAL E 178 -14.43 -13.01 -42.35
C VAL E 178 -14.62 -13.25 -40.86
N HIS E 179 -15.43 -12.40 -40.23
CA HIS E 179 -15.94 -12.65 -38.89
C HIS E 179 -17.46 -12.72 -38.95
N THR E 180 -18.02 -13.84 -38.53
CA THR E 180 -19.45 -13.97 -38.31
C THR E 180 -19.70 -13.91 -36.81
N PHE E 181 -20.64 -13.07 -36.40
CA PHE E 181 -20.81 -12.77 -34.99
C PHE E 181 -21.78 -13.74 -34.33
N PRO E 182 -21.68 -13.88 -33.01
CA PRO E 182 -22.76 -14.52 -32.25
C PRO E 182 -24.06 -13.73 -32.39
N ALA E 183 -25.18 -14.42 -32.22
CA ALA E 183 -26.47 -13.80 -32.39
C ALA E 183 -26.92 -13.07 -31.13
N VAL E 184 -27.74 -12.05 -31.31
CA VAL E 184 -28.48 -11.43 -30.22
C VAL E 184 -29.88 -12.03 -30.16
N LEU E 185 -30.40 -12.21 -28.95
CA LEU E 185 -31.78 -12.58 -28.74
C LEU E 185 -32.62 -11.32 -28.52
N GLN E 186 -33.44 -10.97 -29.51
CA GLN E 186 -34.31 -9.80 -29.46
C GLN E 186 -35.44 -9.99 -28.45
N SER E 187 -36.06 -8.87 -28.07
CA SER E 187 -37.15 -8.90 -27.11
C SER E 187 -38.32 -9.77 -27.57
N SER E 188 -38.55 -9.85 -28.89
CA SER E 188 -39.57 -10.75 -29.40
C SER E 188 -39.22 -12.22 -29.22
N GLY E 189 -37.97 -12.55 -28.93
CA GLY E 189 -37.56 -13.94 -28.90
C GLY E 189 -36.90 -14.41 -30.18
N LEU E 190 -36.81 -13.55 -31.19
CA LEU E 190 -36.21 -13.92 -32.46
C LEU E 190 -34.74 -13.51 -32.42
N TYR E 191 -33.89 -14.31 -33.08
CA TYR E 191 -32.46 -14.05 -33.07
C TYR E 191 -32.06 -13.21 -34.28
N SER E 192 -30.88 -12.61 -34.19
CA SER E 192 -30.39 -11.70 -35.22
C SER E 192 -28.87 -11.61 -35.11
N LEU E 193 -28.21 -11.61 -36.26
CA LEU E 193 -26.75 -11.58 -36.27
C LEU E 193 -26.24 -10.86 -37.52
N SER E 194 -24.93 -10.68 -37.57
CA SER E 194 -24.25 -10.09 -38.71
C SER E 194 -23.02 -10.89 -39.08
N SER E 195 -22.70 -10.92 -40.37
CA SER E 195 -21.43 -11.43 -40.86
C SER E 195 -20.72 -10.31 -41.61
N VAL E 196 -19.40 -10.22 -41.47
CA VAL E 196 -18.65 -9.13 -42.10
C VAL E 196 -17.35 -9.67 -42.66
N VAL E 197 -16.88 -9.04 -43.74
CA VAL E 197 -15.61 -9.35 -44.37
C VAL E 197 -14.90 -8.03 -44.68
N THR E 198 -13.63 -7.96 -44.26
CA THR E 198 -12.72 -6.90 -44.69
C THR E 198 -12.10 -7.28 -46.03
N VAL E 199 -11.95 -6.30 -46.91
CA VAL E 199 -11.74 -6.61 -48.31
C VAL E 199 -11.06 -5.42 -49.04
N PRO E 200 -10.16 -5.68 -49.99
CA PRO E 200 -9.48 -4.56 -50.66
C PRO E 200 -10.42 -3.57 -51.31
N SER E 201 -10.15 -2.28 -51.06
CA SER E 201 -10.96 -1.20 -51.66
C SER E 201 -10.99 -1.32 -53.19
N SER E 202 -9.84 -1.62 -53.79
CA SER E 202 -9.73 -1.61 -55.25
C SER E 202 -10.42 -2.80 -55.92
N SER E 203 -10.86 -3.79 -55.14
CA SER E 203 -11.55 -4.95 -55.69
C SER E 203 -13.06 -4.78 -55.78
N LEU E 204 -13.58 -3.62 -55.35
CA LEU E 204 -15.03 -3.43 -55.33
C LEU E 204 -15.63 -3.31 -56.72
N GLY E 205 -14.81 -2.99 -57.73
CA GLY E 205 -15.28 -3.00 -59.10
C GLY E 205 -15.25 -4.38 -59.71
N THR E 206 -14.15 -5.10 -59.47
CA THR E 206 -13.95 -6.39 -60.12
C THR E 206 -14.65 -7.52 -59.38
N GLN E 207 -14.24 -7.78 -58.13
CA GLN E 207 -14.62 -9.01 -57.45
C GLN E 207 -16.01 -8.89 -56.83
N THR E 208 -16.88 -9.85 -57.18
CA THR E 208 -18.23 -9.94 -56.63
C THR E 208 -18.24 -10.59 -55.25
N TYR E 209 -19.17 -10.15 -54.40
CA TYR E 209 -19.32 -10.68 -53.05
C TYR E 209 -20.79 -11.00 -52.79
N ILE E 210 -21.09 -12.29 -52.64
CA ILE E 210 -22.42 -12.75 -52.23
C ILE E 210 -22.27 -13.52 -50.93
N CYS E 211 -23.19 -13.30 -50.00
CA CYS E 211 -23.21 -14.07 -48.77
C CYS E 211 -24.33 -15.10 -48.85
N ASN E 212 -24.02 -16.33 -48.43
CA ASN E 212 -24.95 -17.44 -48.41
C ASN E 212 -25.34 -17.75 -46.98
N VAL E 213 -26.64 -17.76 -46.73
CA VAL E 213 -27.23 -17.94 -45.40
C VAL E 213 -28.07 -19.19 -45.45
N ASN E 214 -27.77 -20.14 -44.55
CA ASN E 214 -28.48 -21.41 -44.46
C ASN E 214 -29.09 -21.53 -43.07
N HIS E 215 -30.42 -21.55 -43.01
CA HIS E 215 -31.16 -21.82 -41.79
C HIS E 215 -31.88 -23.16 -41.98
N LYS E 216 -31.22 -24.24 -41.58
CA LYS E 216 -31.80 -25.57 -41.67
C LYS E 216 -33.17 -25.68 -41.02
N PRO E 217 -33.39 -25.25 -39.76
CA PRO E 217 -34.69 -25.51 -39.11
C PRO E 217 -35.90 -24.98 -39.88
N SER E 218 -35.76 -23.91 -40.64
CA SER E 218 -36.85 -23.37 -41.43
C SER E 218 -36.76 -23.76 -42.90
N ASN E 219 -35.78 -24.61 -43.26
CA ASN E 219 -35.54 -25.00 -44.65
C ASN E 219 -35.32 -23.76 -45.51
N THR E 220 -34.54 -22.82 -44.99
CA THR E 220 -34.25 -21.58 -45.68
C THR E 220 -32.82 -21.53 -46.20
N LYS E 221 -32.67 -21.08 -47.45
CA LYS E 221 -31.37 -20.74 -48.00
C LYS E 221 -31.51 -19.47 -48.82
N VAL E 222 -30.61 -18.51 -48.58
CA VAL E 222 -30.68 -17.19 -49.16
C VAL E 222 -29.28 -16.76 -49.61
N ASP E 223 -29.16 -16.34 -50.86
CA ASP E 223 -27.94 -15.69 -51.34
C ASP E 223 -28.24 -14.20 -51.54
N LYS E 224 -27.34 -13.35 -51.06
CA LYS E 224 -27.50 -11.91 -51.20
C LYS E 224 -26.20 -11.29 -51.68
N ARG E 225 -26.26 -10.62 -52.83
CA ARG E 225 -25.11 -9.93 -53.36
C ARG E 225 -24.96 -8.59 -52.66
N VAL E 226 -23.75 -8.30 -52.20
CA VAL E 226 -23.46 -7.05 -51.51
C VAL E 226 -22.68 -6.15 -52.43
N GLU E 227 -23.40 -5.27 -53.13
CA GLU E 227 -22.79 -4.27 -54.01
C GLU E 227 -22.69 -2.94 -53.28
N PRO E 228 -21.87 -2.02 -53.76
CA PRO E 228 -21.90 -0.68 -53.19
C PRO E 228 -22.94 0.17 -53.91
N LYS E 229 -23.91 0.70 -53.19
CA LYS E 229 -24.98 1.47 -53.82
C LYS E 229 -24.47 2.86 -54.19
N SER E 230 -24.51 3.16 -55.50
CA SER E 230 -23.99 4.43 -55.98
C SER E 230 -24.87 5.60 -55.54
N CYS E 231 -26.18 5.46 -55.70
CA CYS E 231 -27.11 6.52 -55.32
C CYS E 231 -28.31 5.97 -54.55
N GLU F 1 -9.89 -16.92 67.54
CA GLU F 1 -10.81 -15.82 67.76
C GLU F 1 -10.06 -14.49 67.80
N VAL F 2 -8.86 -14.47 67.20
CA VAL F 2 -8.18 -13.22 66.95
C VAL F 2 -8.96 -12.50 65.86
N GLN F 3 -9.26 -11.22 66.07
CA GLN F 3 -10.21 -10.57 65.18
C GLN F 3 -9.92 -9.09 64.98
N LEU F 4 -9.92 -8.67 63.73
CA LEU F 4 -9.89 -7.27 63.32
C LEU F 4 -11.16 -6.99 62.53
N VAL F 5 -11.84 -5.89 62.87
CA VAL F 5 -13.11 -5.54 62.23
C VAL F 5 -13.02 -4.10 61.75
N GLU F 6 -13.02 -3.91 60.43
CA GLU F 6 -13.04 -2.58 59.85
C GLU F 6 -14.46 -2.03 59.78
N SER F 7 -14.57 -0.71 59.87
CA SER F 7 -15.86 -0.05 59.73
C SER F 7 -15.64 1.39 59.29
N GLY F 8 -16.70 1.98 58.73
CA GLY F 8 -16.75 3.39 58.41
C GLY F 8 -16.60 3.72 56.95
N GLY F 9 -16.41 2.73 56.09
CA GLY F 9 -16.40 2.97 54.66
C GLY F 9 -17.78 3.30 54.11
N GLY F 10 -17.81 3.63 52.83
CA GLY F 10 -19.05 4.03 52.19
C GLY F 10 -18.78 4.80 50.91
N VAL F 11 -19.84 5.44 50.44
CA VAL F 11 -19.76 6.34 49.29
C VAL F 11 -19.48 7.73 49.80
N VAL F 12 -18.55 8.43 49.15
CA VAL F 12 -18.14 9.76 49.60
C VAL F 12 -17.69 10.56 48.39
N GLN F 13 -17.87 11.88 48.46
CA GLN F 13 -17.58 12.76 47.33
C GLN F 13 -16.09 13.09 47.29
N PRO F 14 -15.51 13.19 46.09
CA PRO F 14 -14.08 13.53 46.00
C PRO F 14 -13.79 14.88 46.62
N GLY F 15 -12.57 15.05 47.11
CA GLY F 15 -12.17 16.23 47.82
C GLY F 15 -12.66 16.29 49.25
N ARG F 16 -13.72 15.57 49.59
CA ARG F 16 -14.21 15.49 50.97
C ARG F 16 -13.36 14.48 51.74
N SER F 17 -13.82 14.06 52.92
CA SER F 17 -13.00 13.25 53.81
C SER F 17 -13.86 12.26 54.61
N LEU F 18 -13.17 11.31 55.25
CA LEU F 18 -13.79 10.08 55.77
C LEU F 18 -12.84 9.43 56.77
N ARG F 19 -13.38 8.84 57.83
CA ARG F 19 -12.60 8.26 58.91
C ARG F 19 -12.95 6.78 59.12
N LEU F 20 -11.97 5.91 58.89
CA LEU F 20 -12.12 4.47 59.08
C LEU F 20 -11.66 4.03 60.46
N SER F 21 -12.34 3.01 61.00
CA SER F 21 -12.01 2.38 62.27
C SER F 21 -11.68 0.91 62.08
N CYS F 22 -10.85 0.38 62.98
CA CYS F 22 -10.51 -1.03 63.02
C CYS F 22 -10.49 -1.46 64.49
N ALA F 23 -11.37 -2.40 64.83
CA ALA F 23 -11.52 -2.88 66.20
C ALA F 23 -10.80 -4.20 66.34
N ALA F 24 -9.86 -4.28 67.27
CA ALA F 24 -9.09 -5.48 67.54
C ALA F 24 -9.64 -6.22 68.76
N SER F 25 -9.52 -7.54 68.73
CA SER F 25 -9.97 -8.37 69.85
C SER F 25 -9.23 -9.69 69.81
N GLY F 26 -8.95 -10.23 71.00
CA GLY F 26 -8.32 -11.53 71.12
C GLY F 26 -6.82 -11.51 71.13
N PHE F 27 -6.20 -10.34 71.26
CA PHE F 27 -4.76 -10.22 71.43
C PHE F 27 -4.48 -8.88 72.08
N ILE F 28 -3.26 -8.75 72.63
CA ILE F 28 -2.88 -7.56 73.36
C ILE F 28 -2.54 -6.46 72.35
N PHE F 29 -3.57 -5.72 71.94
CA PHE F 29 -3.46 -4.75 70.84
C PHE F 29 -2.29 -3.80 71.02
N SER F 30 -2.07 -3.33 72.25
CA SER F 30 -1.07 -2.29 72.52
C SER F 30 0.36 -2.74 72.22
N SER F 31 0.56 -3.99 71.84
CA SER F 31 1.90 -4.56 71.70
C SER F 31 2.23 -4.96 70.26
N TYR F 32 1.53 -4.42 69.27
CA TYR F 32 1.73 -4.81 67.88
C TYR F 32 1.70 -3.58 66.99
N GLY F 33 2.68 -3.47 66.09
CA GLY F 33 2.56 -2.58 64.96
C GLY F 33 1.31 -2.89 64.13
N MET F 34 0.67 -1.85 63.61
CA MET F 34 -0.55 -2.01 62.83
C MET F 34 -0.42 -1.33 61.46
N TYR F 35 -1.12 -1.90 60.48
CA TYR F 35 -1.05 -1.49 59.08
C TYR F 35 -2.44 -1.14 58.54
N TRP F 36 -2.47 -0.20 57.61
CA TRP F 36 -3.58 -0.04 56.67
C TRP F 36 -3.08 -0.37 55.26
N VAL F 37 -3.81 -1.26 54.58
CA VAL F 37 -3.51 -1.71 53.22
C VAL F 37 -4.80 -1.68 52.40
N ARG F 38 -4.72 -1.22 51.15
CA ARG F 38 -5.92 -1.14 50.33
C ARG F 38 -5.78 -1.95 49.04
N GLN F 39 -6.94 -2.21 48.42
CA GLN F 39 -7.03 -2.98 47.18
C GLN F 39 -8.12 -2.36 46.33
N ALA F 40 -7.73 -1.69 45.24
CA ALA F 40 -8.68 -1.18 44.27
C ALA F 40 -9.40 -2.35 43.58
N PRO F 41 -10.59 -2.12 43.02
CA PRO F 41 -11.32 -3.23 42.39
C PRO F 41 -10.51 -3.84 41.25
N GLY F 42 -10.30 -5.15 41.35
CA GLY F 42 -9.59 -5.90 40.33
C GLY F 42 -8.10 -5.63 40.25
N LYS F 43 -7.54 -4.87 41.20
CA LYS F 43 -6.12 -4.61 41.27
C LYS F 43 -5.48 -5.38 42.42
N GLY F 44 -4.19 -5.13 42.64
CA GLY F 44 -3.44 -5.77 43.70
C GLY F 44 -3.50 -5.01 45.01
N LEU F 45 -2.73 -5.51 45.97
CA LEU F 45 -2.67 -4.92 47.29
C LEU F 45 -1.71 -3.73 47.29
N GLU F 46 -2.17 -2.60 47.83
CA GLU F 46 -1.34 -1.41 47.99
C GLU F 46 -1.18 -1.10 49.47
N TRP F 47 0.07 -1.01 49.92
CA TRP F 47 0.32 -0.53 51.27
C TRP F 47 -0.07 0.94 51.39
N VAL F 48 -0.70 1.29 52.52
CA VAL F 48 -1.14 2.65 52.77
C VAL F 48 -0.38 3.28 53.94
N ALA F 49 -0.41 2.64 55.10
CA ALA F 49 0.28 3.24 56.24
C ALA F 49 0.62 2.18 57.28
N VAL F 50 1.47 2.56 58.23
CA VAL F 50 1.88 1.70 59.33
C VAL F 50 2.19 2.56 60.54
N ILE F 51 1.91 2.02 61.72
CA ILE F 51 2.07 2.72 62.99
C ILE F 51 2.65 1.75 64.03
N TRP F 52 3.53 2.26 64.89
CA TRP F 52 4.16 1.44 65.92
C TRP F 52 3.17 1.03 66.99
N TYR F 53 3.58 0.01 67.75
CA TYR F 53 2.75 -0.55 68.82
C TYR F 53 2.25 0.52 69.78
N ASP F 54 3.00 1.61 69.94
CA ASP F 54 2.64 2.68 70.86
C ASP F 54 2.30 3.99 70.16
N GLY F 55 2.30 4.01 68.82
CA GLY F 55 2.01 5.24 68.11
C GLY F 55 3.19 6.18 67.96
N SER F 56 4.40 5.74 68.35
CA SER F 56 5.55 6.63 68.30
C SER F 56 5.91 7.01 66.87
N ASN F 57 5.99 6.02 65.99
CA ASN F 57 6.42 6.22 64.61
C ASN F 57 5.30 5.88 63.66
N LYS F 58 5.14 6.71 62.63
CA LYS F 58 4.11 6.52 61.61
C LYS F 58 4.74 6.70 60.24
N TYR F 59 4.47 5.77 59.33
CA TYR F 59 4.96 5.87 57.96
C TYR F 59 3.80 5.70 56.98
N TYR F 60 3.84 6.49 55.91
CA TYR F 60 2.79 6.54 54.91
C TYR F 60 3.37 6.27 53.52
N ALA F 61 2.53 5.76 52.63
CA ALA F 61 2.91 5.72 51.23
C ALA F 61 2.84 7.12 50.64
N ASP F 62 3.72 7.37 49.66
CA ASP F 62 3.78 8.67 49.03
C ASP F 62 2.44 9.09 48.43
N SER F 63 1.68 8.14 47.88
CA SER F 63 0.42 8.49 47.25
C SER F 63 -0.56 9.13 48.23
N VAL F 64 -0.43 8.84 49.52
CA VAL F 64 -1.33 9.38 50.53
C VAL F 64 -0.63 10.27 51.54
N LYS F 65 0.70 10.45 51.41
CA LYS F 65 1.43 11.30 52.35
C LYS F 65 0.86 12.70 52.37
N GLY F 66 0.65 13.24 53.56
CA GLY F 66 0.08 14.56 53.73
C GLY F 66 -1.43 14.62 53.66
N ARG F 67 -2.08 13.62 53.07
CA ARG F 67 -3.54 13.57 52.97
C ARG F 67 -4.16 12.64 54.01
N PHE F 68 -3.50 11.54 54.34
CA PHE F 68 -4.01 10.58 55.31
C PHE F 68 -3.28 10.71 56.63
N THR F 69 -3.95 10.26 57.69
CA THR F 69 -3.39 10.27 59.03
C THR F 69 -3.74 8.95 59.71
N ILE F 70 -2.73 8.20 60.16
CA ILE F 70 -2.95 6.97 60.90
C ILE F 70 -2.81 7.25 62.39
N SER F 71 -3.64 6.61 63.19
CA SER F 71 -3.56 6.81 64.63
C SER F 71 -4.14 5.60 65.32
N ARG F 72 -3.88 5.48 66.63
CA ARG F 72 -4.44 4.37 67.39
C ARG F 72 -4.80 4.83 68.80
N ASP F 73 -5.89 4.28 69.32
CA ASP F 73 -6.25 4.39 70.73
C ASP F 73 -6.00 3.02 71.33
N ASN F 74 -4.89 2.90 72.07
CA ASN F 74 -4.52 1.64 72.69
C ASN F 74 -5.45 1.28 73.84
N SER F 75 -6.01 2.29 74.50
CA SER F 75 -6.97 2.02 75.58
C SER F 75 -8.25 1.40 75.05
N LYS F 76 -8.65 1.78 73.83
CA LYS F 76 -9.91 1.32 73.25
C LYS F 76 -9.72 0.21 72.22
N ASN F 77 -8.51 -0.31 72.07
CA ASN F 77 -8.23 -1.42 71.15
C ASN F 77 -8.57 -1.03 69.70
N THR F 78 -8.25 0.20 69.32
CA THR F 78 -8.75 0.69 68.03
C THR F 78 -7.66 1.34 67.20
N LEU F 79 -7.72 1.11 65.89
CA LEU F 79 -6.88 1.77 64.90
C LEU F 79 -7.74 2.65 64.00
N TYR F 80 -7.28 3.87 63.72
CA TYR F 80 -8.02 4.81 62.88
C TYR F 80 -7.18 5.22 61.66
N LEU F 81 -7.89 5.41 60.54
CA LEU F 81 -7.34 6.07 59.35
C LEU F 81 -8.22 7.26 59.00
N GLN F 82 -7.67 8.47 59.14
CA GLN F 82 -8.32 9.70 58.70
C GLN F 82 -7.90 9.98 57.26
N MET F 83 -8.82 9.80 56.31
CA MET F 83 -8.58 10.04 54.90
C MET F 83 -9.15 11.40 54.54
N ASN F 84 -8.27 12.33 54.13
CA ASN F 84 -8.69 13.66 53.75
C ASN F 84 -8.36 13.91 52.28
N SER F 85 -9.09 14.84 51.67
CA SER F 85 -8.88 15.25 50.29
C SER F 85 -8.90 14.05 49.35
N LEU F 86 -9.95 13.24 49.49
CA LEU F 86 -10.07 11.98 48.76
C LEU F 86 -10.08 12.20 47.25
N ARG F 87 -9.20 11.48 46.55
CA ARG F 87 -9.19 11.40 45.10
C ARG F 87 -9.99 10.20 44.64
N ALA F 88 -10.21 10.10 43.33
CA ALA F 88 -10.93 8.97 42.77
C ALA F 88 -10.10 7.70 42.87
N GLU F 89 -8.79 7.81 42.71
CA GLU F 89 -7.90 6.66 42.77
C GLU F 89 -7.74 6.12 44.18
N ASP F 90 -8.44 6.68 45.16
CA ASP F 90 -8.49 6.13 46.50
C ASP F 90 -9.58 5.07 46.66
N THR F 91 -10.50 4.96 45.70
CA THR F 91 -11.55 3.95 45.75
C THR F 91 -10.93 2.57 45.91
N ALA F 92 -11.32 1.85 46.96
CA ALA F 92 -10.69 0.56 47.25
C ALA F 92 -11.35 -0.05 48.47
N VAL F 93 -11.06 -1.34 48.67
CA VAL F 93 -11.28 -1.98 49.95
C VAL F 93 -10.10 -1.66 50.85
N TYR F 94 -10.38 -1.24 52.08
CA TYR F 94 -9.35 -0.89 53.05
C TYR F 94 -9.35 -1.93 54.16
N TYR F 95 -8.20 -2.59 54.32
CA TYR F 95 -7.93 -3.58 55.34
C TYR F 95 -7.04 -2.98 56.42
N CYS F 96 -7.34 -3.29 57.67
CA CYS F 96 -6.35 -3.16 58.73
C CYS F 96 -5.69 -4.51 58.95
N ALA F 97 -4.42 -4.47 59.36
CA ALA F 97 -3.67 -5.71 59.47
C ALA F 97 -2.68 -5.57 60.63
N ARG F 98 -2.42 -6.69 61.30
CA ARG F 98 -1.49 -6.71 62.41
C ARG F 98 -0.22 -7.41 61.98
N ASP F 99 0.91 -6.88 62.43
CA ASP F 99 2.19 -7.52 62.20
C ASP F 99 2.37 -8.66 63.18
N LEU F 100 3.05 -9.72 62.74
CA LEU F 100 3.18 -10.92 63.56
C LEU F 100 4.17 -10.72 64.70
N SER F 101 4.88 -9.60 64.72
CA SER F 101 5.87 -9.32 65.75
C SER F 101 5.18 -8.64 66.93
N SER F 102 5.62 -8.98 68.13
CA SER F 102 5.03 -8.47 69.35
C SER F 102 6.10 -7.75 70.16
N SER F 103 5.71 -6.65 70.80
CA SER F 103 6.62 -5.89 71.64
C SER F 103 7.33 -6.80 72.64
N SER F 104 8.62 -6.52 72.84
CA SER F 104 9.38 -7.25 73.84
C SER F 104 8.96 -6.80 75.23
N GLY F 105 8.97 -7.73 76.17
CA GLY F 105 8.58 -7.40 77.54
C GLY F 105 9.56 -6.48 78.24
N TRP F 106 10.76 -6.31 77.69
CA TRP F 106 11.87 -5.70 78.39
C TRP F 106 12.65 -4.69 77.55
N ASP F 107 12.26 -4.46 76.30
CA ASP F 107 13.10 -3.74 75.37
C ASP F 107 12.28 -2.90 74.40
N ASP F 108 12.80 -1.71 74.09
CA ASP F 108 12.19 -0.84 73.08
C ASP F 108 12.52 -1.31 71.66
N TYR F 109 12.70 -2.62 71.46
CA TYR F 109 13.09 -3.16 70.17
C TYR F 109 11.88 -3.75 69.46
N TYR F 110 11.75 -3.43 68.17
CA TYR F 110 10.69 -3.97 67.34
C TYR F 110 11.24 -4.19 65.93
N TYR F 111 10.94 -5.34 65.35
CA TYR F 111 11.25 -5.61 63.95
C TYR F 111 10.01 -6.12 63.24
N TYR F 112 9.65 -5.49 62.13
CA TYR F 112 8.46 -5.91 61.37
C TYR F 112 8.79 -7.10 60.48
N TYR F 113 8.09 -8.23 60.67
CA TYR F 113 8.31 -9.41 59.84
C TYR F 113 7.16 -9.81 58.92
N GLY F 114 5.99 -9.20 58.99
CA GLY F 114 4.90 -9.56 58.09
C GLY F 114 3.53 -9.57 58.71
N MET F 115 2.52 -9.43 57.86
CA MET F 115 1.16 -9.17 58.28
C MET F 115 0.37 -10.47 58.36
N ASP F 116 0.20 -11.00 59.57
CA ASP F 116 -0.41 -12.31 59.78
C ASP F 116 -1.91 -12.26 60.10
N VAL F 117 -2.42 -11.14 60.60
CA VAL F 117 -3.84 -10.98 60.90
C VAL F 117 -4.40 -9.88 60.00
N TRP F 118 -5.53 -10.17 59.36
CA TRP F 118 -6.22 -9.23 58.48
C TRP F 118 -7.69 -9.15 58.85
N GLY F 119 -8.25 -7.94 58.81
CA GLY F 119 -9.68 -7.79 58.88
C GLY F 119 -10.37 -8.26 57.61
N GLN F 120 -11.70 -8.12 57.59
CA GLN F 120 -12.47 -8.51 56.42
C GLN F 120 -12.58 -7.39 55.39
N GLY F 121 -12.21 -6.17 55.75
CA GLY F 121 -12.18 -5.05 54.84
C GLY F 121 -13.40 -4.15 54.95
N THR F 122 -13.22 -2.88 54.57
CA THR F 122 -14.34 -1.96 54.42
C THR F 122 -14.16 -1.20 53.11
N THR F 123 -15.25 -1.03 52.37
CA THR F 123 -15.17 -0.56 51.00
C THR F 123 -15.43 0.96 50.96
N VAL F 124 -14.57 1.68 50.26
CA VAL F 124 -14.68 3.13 50.13
C VAL F 124 -14.74 3.47 48.64
N THR F 125 -15.90 3.94 48.20
CA THR F 125 -16.10 4.43 46.84
C THR F 125 -16.18 5.95 46.85
N VAL F 126 -15.30 6.59 46.09
CA VAL F 126 -15.27 8.05 46.03
C VAL F 126 -15.72 8.46 44.63
N SER F 127 -17.00 8.79 44.51
CA SER F 127 -17.63 9.10 43.24
C SER F 127 -18.44 10.39 43.32
N SER F 128 -18.64 11.00 42.16
CA SER F 128 -19.51 12.16 42.08
C SER F 128 -20.98 11.76 42.00
N ALA F 129 -21.26 10.53 41.57
CA ALA F 129 -22.60 9.93 41.63
C ALA F 129 -23.85 10.69 41.20
N SER F 130 -23.98 11.03 39.91
CA SER F 130 -25.13 11.81 39.46
C SER F 130 -26.43 11.03 39.48
N THR F 131 -26.36 9.69 39.47
CA THR F 131 -27.53 8.80 39.39
C THR F 131 -28.30 9.04 38.09
N LYS F 132 -27.60 8.84 36.98
CA LYS F 132 -28.13 9.01 35.63
C LYS F 132 -28.68 7.70 35.08
N GLY F 133 -29.60 7.81 34.13
CA GLY F 133 -30.14 6.66 33.41
C GLY F 133 -29.32 6.36 32.16
N PRO F 134 -29.45 5.14 31.64
CA PRO F 134 -28.58 4.71 30.54
C PRO F 134 -29.10 5.10 29.16
N SER F 135 -28.17 5.13 28.20
CA SER F 135 -28.49 5.28 26.79
C SER F 135 -28.27 3.95 26.11
N VAL F 136 -29.29 3.44 25.42
CA VAL F 136 -29.24 2.11 24.81
C VAL F 136 -29.12 2.25 23.30
N PHE F 137 -28.05 1.69 22.75
CA PHE F 137 -27.75 1.66 21.31
C PHE F 137 -27.71 0.23 20.79
N PRO F 138 -28.16 -0.02 19.57
CA PRO F 138 -28.14 -1.38 19.02
C PRO F 138 -26.81 -1.75 18.38
N LEU F 139 -26.40 -3.00 18.57
CA LEU F 139 -25.23 -3.58 17.94
C LEU F 139 -25.73 -4.55 16.87
N ALA F 140 -25.81 -4.05 15.63
CA ALA F 140 -26.34 -4.82 14.52
C ALA F 140 -25.43 -6.00 14.16
N PRO F 141 -26.00 -7.09 13.67
CA PRO F 141 -25.18 -8.21 13.19
C PRO F 141 -24.60 -7.93 11.82
N SER F 142 -23.27 -8.08 11.70
CA SER F 142 -22.55 -7.67 10.50
C SER F 142 -22.49 -8.80 9.47
N SER F 143 -21.77 -8.54 8.38
CA SER F 143 -21.59 -9.53 7.32
C SER F 143 -20.59 -10.60 7.70
N LYS F 144 -19.76 -10.35 8.72
CA LYS F 144 -18.83 -11.36 9.20
C LYS F 144 -19.44 -12.28 10.24
N SER F 145 -20.52 -11.83 10.89
CA SER F 145 -21.35 -12.74 11.67
C SER F 145 -22.19 -13.64 10.78
N THR F 146 -22.57 -13.16 9.59
CA THR F 146 -23.48 -13.88 8.71
C THR F 146 -22.85 -15.16 8.16
N SER F 147 -21.52 -15.25 8.18
CA SER F 147 -20.82 -16.30 7.45
C SER F 147 -20.37 -17.46 8.33
N GLY F 148 -20.53 -17.37 9.64
CA GLY F 148 -20.48 -18.56 10.46
C GLY F 148 -21.74 -19.40 10.28
N GLY F 149 -21.85 -20.43 11.11
CA GLY F 149 -23.12 -21.10 11.25
C GLY F 149 -24.22 -20.15 11.70
N THR F 150 -23.90 -19.30 12.67
CA THR F 150 -24.84 -18.39 13.32
C THR F 150 -24.19 -17.00 13.40
N ALA F 151 -24.92 -16.04 13.96
CA ALA F 151 -24.50 -14.64 13.94
C ALA F 151 -24.81 -14.00 15.28
N ALA F 152 -24.06 -12.95 15.62
CA ALA F 152 -24.18 -12.27 16.90
C ALA F 152 -24.82 -10.90 16.76
N LEU F 153 -25.64 -10.52 17.74
CA LEU F 153 -26.18 -9.17 17.79
C LEU F 153 -26.38 -8.76 19.24
N GLY F 154 -26.47 -7.45 19.50
CA GLY F 154 -26.48 -7.05 20.89
C GLY F 154 -27.02 -5.66 21.17
N CYS F 155 -26.93 -5.30 22.46
CA CYS F 155 -27.31 -3.99 22.98
C CYS F 155 -26.18 -3.41 23.82
N LEU F 156 -25.79 -2.16 23.50
CA LEU F 156 -24.90 -1.36 24.33
C LEU F 156 -25.71 -0.48 25.28
N VAL F 157 -25.47 -0.64 26.58
CA VAL F 157 -26.13 0.13 27.62
C VAL F 157 -25.08 1.06 28.23
N LYS F 158 -25.15 2.35 27.89
CA LYS F 158 -24.07 3.30 28.11
C LYS F 158 -24.39 4.29 29.22
N ASP F 159 -23.38 4.60 30.04
CA ASP F 159 -23.35 5.77 30.91
C ASP F 159 -24.55 5.81 31.87
N TYR F 160 -24.49 4.92 32.87
CA TYR F 160 -25.56 4.84 33.85
C TYR F 160 -24.97 4.72 35.25
N PHE F 161 -25.80 5.09 36.25
CA PHE F 161 -25.40 5.05 37.65
C PHE F 161 -26.64 5.12 38.53
N PRO F 162 -26.69 4.35 39.63
CA PRO F 162 -25.72 3.34 40.05
C PRO F 162 -26.14 1.99 39.54
N GLU F 163 -25.48 0.92 39.93
CA GLU F 163 -25.90 -0.39 39.48
C GLU F 163 -27.11 -0.86 40.27
N PRO F 164 -27.82 -1.89 39.78
CA PRO F 164 -27.66 -2.61 38.49
C PRO F 164 -28.67 -2.25 37.42
N VAL F 165 -28.42 -2.73 36.19
CA VAL F 165 -29.37 -2.63 35.10
C VAL F 165 -29.56 -4.03 34.53
N THR F 166 -30.82 -4.44 34.36
CA THR F 166 -31.14 -5.80 33.93
C THR F 166 -31.62 -5.81 32.49
N VAL F 167 -31.22 -6.85 31.75
CA VAL F 167 -31.47 -6.94 30.31
C VAL F 167 -32.07 -8.29 29.99
N SER F 168 -33.21 -8.27 29.29
CA SER F 168 -33.81 -9.46 28.70
C SER F 168 -33.92 -9.27 27.19
N TRP F 169 -34.38 -10.31 26.49
CA TRP F 169 -34.57 -10.24 25.05
C TRP F 169 -35.96 -10.75 24.70
N ASN F 170 -36.69 -9.97 23.91
CA ASN F 170 -38.06 -10.28 23.50
C ASN F 170 -38.92 -10.57 24.73
N SER F 171 -38.78 -9.71 25.74
CA SER F 171 -39.48 -9.84 27.02
C SER F 171 -39.33 -11.24 27.62
N GLY F 172 -38.10 -11.77 27.56
CA GLY F 172 -37.78 -13.04 28.18
C GLY F 172 -37.99 -14.28 27.33
N ALA F 173 -38.59 -14.16 26.14
CA ALA F 173 -38.77 -15.32 25.29
C ALA F 173 -37.43 -15.92 24.85
N LEU F 174 -36.42 -15.07 24.63
CA LEU F 174 -35.12 -15.50 24.13
C LEU F 174 -34.15 -15.55 25.29
N THR F 175 -33.66 -16.76 25.61
CA THR F 175 -32.84 -16.95 26.80
C THR F 175 -31.47 -17.53 26.51
N SER F 176 -31.40 -18.62 25.75
CA SER F 176 -30.15 -19.30 25.50
C SER F 176 -29.40 -18.66 24.34
N GLY F 177 -28.07 -18.70 24.42
CA GLY F 177 -27.23 -17.99 23.48
C GLY F 177 -26.96 -16.56 23.88
N VAL F 178 -27.46 -16.15 25.04
CA VAL F 178 -27.38 -14.77 25.51
C VAL F 178 -26.32 -14.72 26.58
N HIS F 179 -25.32 -13.86 26.39
CA HIS F 179 -24.41 -13.50 27.47
C HIS F 179 -24.53 -12.00 27.69
N THR F 180 -24.91 -11.61 28.90
CA THR F 180 -24.85 -10.21 29.32
C THR F 180 -23.63 -10.04 30.21
N PHE F 181 -22.81 -9.04 29.90
CA PHE F 181 -21.52 -8.93 30.56
C PHE F 181 -21.64 -8.08 31.81
N PRO F 182 -20.71 -8.27 32.77
CA PRO F 182 -20.56 -7.29 33.85
C PRO F 182 -20.18 -5.93 33.30
N ALA F 183 -20.49 -4.91 34.07
CA ALA F 183 -20.29 -3.53 33.66
C ALA F 183 -18.85 -3.09 33.94
N VAL F 184 -18.41 -2.08 33.17
CA VAL F 184 -17.19 -1.34 33.47
C VAL F 184 -17.56 -0.11 34.28
N LEU F 185 -16.72 0.23 35.24
CA LEU F 185 -16.78 1.52 35.90
C LEU F 185 -15.83 2.46 35.17
N GLN F 186 -16.40 3.39 34.40
CA GLN F 186 -15.56 4.34 33.70
C GLN F 186 -14.94 5.31 34.70
N SER F 187 -13.80 5.89 34.33
CA SER F 187 -13.17 6.89 35.18
C SER F 187 -14.11 8.08 35.41
N SER F 188 -15.09 8.29 34.53
CA SER F 188 -16.13 9.28 34.75
C SER F 188 -16.95 9.00 36.00
N GLY F 189 -16.91 7.76 36.51
CA GLY F 189 -17.73 7.35 37.62
C GLY F 189 -19.01 6.66 37.23
N LEU F 190 -19.33 6.61 35.94
CA LEU F 190 -20.56 5.99 35.45
C LEU F 190 -20.28 4.58 34.93
N TYR F 191 -21.29 3.72 35.02
CA TYR F 191 -21.20 2.34 34.55
C TYR F 191 -21.70 2.20 33.10
N SER F 192 -21.33 1.07 32.48
CA SER F 192 -21.68 0.77 31.09
C SER F 192 -21.50 -0.72 30.87
N LEU F 193 -22.41 -1.34 30.12
CA LEU F 193 -22.29 -2.77 29.86
C LEU F 193 -22.86 -3.10 28.47
N SER F 194 -22.69 -4.36 28.09
CA SER F 194 -23.20 -4.85 26.82
C SER F 194 -23.88 -6.21 27.03
N SER F 195 -24.93 -6.45 26.26
CA SER F 195 -25.55 -7.78 26.17
C SER F 195 -25.49 -8.27 24.72
N VAL F 196 -25.25 -9.56 24.52
CA VAL F 196 -25.14 -10.11 23.18
C VAL F 196 -25.85 -11.46 23.12
N VAL F 197 -26.38 -11.78 21.95
CA VAL F 197 -27.08 -13.04 21.70
C VAL F 197 -26.64 -13.62 20.36
N THR F 198 -26.30 -14.91 20.37
CA THR F 198 -26.10 -15.70 19.17
C THR F 198 -27.43 -16.22 18.63
N VAL F 199 -27.59 -16.20 17.30
CA VAL F 199 -28.88 -16.41 16.64
C VAL F 199 -28.65 -16.91 15.23
N PRO F 200 -29.48 -17.82 14.71
CA PRO F 200 -29.28 -18.33 13.35
C PRO F 200 -29.23 -17.21 12.32
N SER F 201 -28.23 -17.28 11.43
CA SER F 201 -28.08 -16.26 10.39
C SER F 201 -29.35 -16.11 9.55
N SER F 202 -29.95 -17.23 9.15
CA SER F 202 -31.07 -17.18 8.22
C SER F 202 -32.33 -16.62 8.86
N SER F 203 -32.33 -16.44 10.18
CA SER F 203 -33.46 -15.86 10.89
C SER F 203 -33.40 -14.34 10.90
N LEU F 204 -32.36 -13.74 10.33
CA LEU F 204 -32.26 -12.29 10.36
C LEU F 204 -33.32 -11.63 9.47
N GLY F 205 -33.90 -12.37 8.54
CA GLY F 205 -35.00 -11.87 7.74
C GLY F 205 -36.34 -11.99 8.42
N THR F 206 -36.59 -13.16 9.04
CA THR F 206 -37.90 -13.42 9.63
C THR F 206 -38.03 -12.85 11.04
N GLN F 207 -37.22 -13.34 11.97
CA GLN F 207 -37.47 -13.13 13.39
C GLN F 207 -36.96 -11.78 13.87
N THR F 208 -37.84 -11.02 14.51
CA THR F 208 -37.50 -9.74 15.10
C THR F 208 -36.80 -9.92 16.45
N TYR F 209 -35.86 -9.03 16.76
CA TYR F 209 -35.10 -9.07 18.00
C TYR F 209 -35.08 -7.69 18.65
N ILE F 210 -35.71 -7.58 19.82
CA ILE F 210 -35.66 -6.37 20.63
C ILE F 210 -35.05 -6.72 21.98
N CYS F 211 -34.21 -5.84 22.49
CA CYS F 211 -33.64 -5.98 23.82
C CYS F 211 -34.38 -5.07 24.79
N ASN F 212 -34.69 -5.61 25.97
CA ASN F 212 -35.45 -4.95 27.02
C ASN F 212 -34.49 -4.59 28.15
N VAL F 213 -34.40 -3.31 28.48
CA VAL F 213 -33.45 -2.81 29.47
C VAL F 213 -34.21 -2.09 30.58
N ASN F 214 -33.97 -2.52 31.83
CA ASN F 214 -34.60 -1.94 33.00
C ASN F 214 -33.53 -1.42 33.94
N HIS F 215 -33.51 -0.11 34.16
CA HIS F 215 -32.68 0.55 35.17
C HIS F 215 -33.63 1.09 36.24
N LYS F 216 -33.87 0.26 37.26
CA LYS F 216 -34.74 0.65 38.38
C LYS F 216 -34.36 1.97 39.04
N PRO F 217 -33.10 2.20 39.47
CA PRO F 217 -32.82 3.41 40.25
C PRO F 217 -33.20 4.72 39.56
N SER F 218 -33.16 4.78 38.23
CA SER F 218 -33.54 5.99 37.50
C SER F 218 -34.94 5.90 36.93
N ASN F 219 -35.69 4.84 37.25
CA ASN F 219 -37.02 4.61 36.70
C ASN F 219 -36.99 4.60 35.18
N THR F 220 -35.98 3.94 34.62
CA THR F 220 -35.81 3.87 33.17
C THR F 220 -36.15 2.49 32.63
N LYS F 221 -36.90 2.46 31.54
CA LYS F 221 -37.14 1.23 30.78
C LYS F 221 -37.09 1.54 29.29
N VAL F 222 -36.33 0.73 28.55
CA VAL F 222 -36.07 0.98 27.13
C VAL F 222 -36.15 -0.35 26.38
N ASP F 223 -36.96 -0.37 25.32
CA ASP F 223 -36.95 -1.47 24.37
C ASP F 223 -36.30 -0.99 23.08
N LYS F 224 -35.38 -1.78 22.53
CA LYS F 224 -34.63 -1.39 21.34
C LYS F 224 -34.60 -2.54 20.34
N ARG F 225 -35.11 -2.31 19.15
CA ARG F 225 -35.04 -3.28 18.07
C ARG F 225 -33.67 -3.23 17.39
N VAL F 226 -33.06 -4.41 17.21
CA VAL F 226 -31.74 -4.54 16.61
C VAL F 226 -31.94 -5.08 15.20
N GLU F 227 -31.95 -4.18 14.23
CA GLU F 227 -32.08 -4.44 12.80
C GLU F 227 -30.72 -4.48 12.11
N PRO F 228 -30.65 -5.03 10.88
CA PRO F 228 -29.36 -5.02 10.16
C PRO F 228 -29.13 -3.79 9.32
N LYS F 229 -27.93 -3.21 9.38
CA LYS F 229 -27.57 -2.05 8.57
C LYS F 229 -26.50 -2.46 7.57
N SER F 230 -26.65 -2.03 6.32
CA SER F 230 -25.67 -2.35 5.29
C SER F 230 -24.31 -1.72 5.59
N SER G 1 10.01 4.04 43.15
CA SER G 1 10.71 3.49 44.30
C SER G 1 11.32 2.13 44.02
N TYR G 2 11.13 1.23 44.97
CA TYR G 2 11.53 -0.16 44.87
C TYR G 2 10.37 -0.96 44.29
N GLU G 3 10.65 -1.83 43.33
CA GLU G 3 9.56 -2.56 42.68
C GLU G 3 9.83 -4.06 42.72
N LEU G 4 8.77 -4.79 43.03
CA LEU G 4 8.75 -6.25 43.05
C LEU G 4 7.88 -6.70 41.91
N THR G 5 8.40 -7.58 41.05
CA THR G 5 7.73 -7.91 39.80
C THR G 5 7.48 -9.42 39.74
N GLN G 6 6.22 -9.79 39.57
CA GLN G 6 5.72 -11.16 39.64
C GLN G 6 5.19 -11.58 38.27
N PRO G 7 5.14 -12.88 38.00
CA PRO G 7 4.41 -13.35 36.81
C PRO G 7 2.92 -13.07 36.96
N PRO G 8 2.25 -12.60 35.92
CA PRO G 8 0.82 -12.27 36.08
C PRO G 8 -0.04 -13.49 36.36
N SER G 9 0.22 -14.62 35.71
CA SER G 9 -0.57 -15.82 35.90
C SER G 9 0.33 -17.04 35.83
N VAL G 10 -0.10 -18.09 36.54
CA VAL G 10 0.58 -19.38 36.61
C VAL G 10 -0.47 -20.48 36.74
N SER G 11 -0.51 -21.41 35.78
CA SER G 11 -1.44 -22.53 35.88
C SER G 11 -0.68 -23.83 36.12
N VAL G 12 -1.39 -24.80 36.70
CA VAL G 12 -0.77 -26.02 37.19
C VAL G 12 -1.86 -27.08 37.33
N SER G 13 -1.51 -28.32 36.96
CA SER G 13 -2.44 -29.44 37.13
C SER G 13 -2.45 -29.90 38.59
N PRO G 14 -3.55 -30.48 39.06
CA PRO G 14 -3.59 -30.92 40.45
C PRO G 14 -2.52 -31.97 40.74
N GLY G 15 -1.86 -31.81 41.88
CA GLY G 15 -0.81 -32.68 42.33
C GLY G 15 0.60 -32.30 41.89
N GLN G 16 0.78 -31.69 40.72
CA GLN G 16 2.12 -31.27 40.35
C GLN G 16 2.52 -30.01 41.14
N THR G 17 3.81 -29.74 41.14
CA THR G 17 4.37 -28.62 41.87
C THR G 17 4.22 -27.30 41.11
N ALA G 18 3.94 -26.22 41.84
CA ALA G 18 3.75 -24.89 41.29
C ALA G 18 4.73 -23.91 41.94
N SER G 19 5.27 -23.00 41.13
CA SER G 19 6.26 -22.04 41.60
C SER G 19 5.90 -20.63 41.12
N ILE G 20 6.00 -19.67 42.04
CA ILE G 20 5.75 -18.26 41.76
C ILE G 20 6.98 -17.46 42.16
N THR G 21 7.50 -16.65 41.24
CA THR G 21 8.70 -15.88 41.50
C THR G 21 8.38 -14.42 41.81
N CYS G 22 9.37 -13.75 42.40
CA CYS G 22 9.24 -12.37 42.85
C CYS G 22 10.63 -11.76 42.75
N SER G 23 10.81 -10.78 41.87
CA SER G 23 12.12 -10.26 41.54
C SER G 23 12.25 -8.80 41.91
N GLY G 24 13.37 -8.45 42.54
CA GLY G 24 13.71 -7.08 42.89
C GLY G 24 15.20 -6.97 43.07
N ASP G 25 15.68 -5.74 43.12
CA ASP G 25 17.12 -5.50 43.18
C ASP G 25 17.64 -5.82 44.58
N LYS G 26 18.60 -6.76 44.64
CA LYS G 26 19.13 -7.27 45.89
C LYS G 26 17.99 -7.61 46.87
N LEU G 27 16.98 -8.31 46.34
CA LEU G 27 15.89 -8.77 47.17
C LEU G 27 16.35 -9.82 48.18
N GLY G 28 17.40 -10.57 47.84
CA GLY G 28 18.02 -11.50 48.76
C GLY G 28 18.45 -10.87 50.07
N ASP G 29 18.69 -9.55 50.04
CA ASP G 29 19.17 -8.83 51.20
C ASP G 29 18.04 -8.37 52.11
N LYS G 30 16.79 -8.55 51.70
CA LYS G 30 15.64 -8.24 52.53
C LYS G 30 14.80 -9.49 52.74
N TYR G 31 13.91 -9.44 53.73
CA TYR G 31 12.97 -10.53 53.95
C TYR G 31 11.78 -10.42 53.02
N ALA G 32 11.31 -11.56 52.52
CA ALA G 32 10.14 -11.64 51.66
C ALA G 32 9.01 -12.37 52.36
N CYS G 33 7.80 -11.84 52.21
CA CYS G 33 6.57 -12.48 52.64
C CYS G 33 5.73 -12.88 51.44
N TRP G 34 4.88 -13.89 51.63
CA TRP G 34 3.92 -14.33 50.63
C TRP G 34 2.54 -14.46 51.27
N TYR G 35 1.55 -13.86 50.60
CA TYR G 35 0.15 -13.84 51.00
C TYR G 35 -0.70 -14.50 49.94
N GLN G 36 -1.69 -15.26 50.42
CA GLN G 36 -2.69 -15.91 49.58
C GLN G 36 -4.02 -15.17 49.72
N GLN G 37 -4.68 -14.93 48.59
CA GLN G 37 -5.99 -14.27 48.55
C GLN G 37 -6.88 -15.03 47.58
N LYS G 38 -7.87 -15.70 48.15
CA LYS G 38 -8.95 -16.32 47.41
C LYS G 38 -10.00 -15.27 47.08
N PRO G 39 -10.86 -15.52 46.09
CA PRO G 39 -11.78 -14.47 45.64
C PRO G 39 -12.77 -14.09 46.73
N GLY G 40 -12.96 -12.79 46.89
CA GLY G 40 -13.85 -12.28 47.93
C GLY G 40 -13.45 -12.68 49.34
N GLN G 41 -12.17 -12.96 49.56
CA GLN G 41 -11.65 -13.21 50.89
C GLN G 41 -10.51 -12.24 51.17
N SER G 42 -10.22 -12.06 52.46
CA SER G 42 -9.07 -11.27 52.86
C SER G 42 -7.77 -12.05 52.59
N PRO G 43 -6.64 -11.35 52.51
CA PRO G 43 -5.36 -12.04 52.41
C PRO G 43 -5.05 -12.84 53.66
N VAL G 44 -4.25 -13.89 53.49
CA VAL G 44 -3.69 -14.64 54.60
C VAL G 44 -2.20 -14.83 54.36
N LEU G 45 -1.42 -14.78 55.44
CA LEU G 45 0.02 -14.98 55.36
C LEU G 45 0.32 -16.46 55.22
N VAL G 46 1.05 -16.83 54.16
CA VAL G 46 1.49 -18.19 53.99
C VAL G 46 3.00 -18.34 54.14
N ILE G 47 3.78 -17.30 53.89
CA ILE G 47 5.22 -17.35 54.13
C ILE G 47 5.69 -16.02 54.69
N TYR G 48 6.57 -16.07 55.69
CA TYR G 48 7.24 -14.88 56.18
C TYR G 48 8.71 -15.21 56.42
N GLN G 49 9.51 -14.16 56.63
CA GLN G 49 10.94 -14.30 56.88
C GLN G 49 11.61 -15.20 55.83
N ASP G 50 11.27 -14.95 54.56
CA ASP G 50 11.80 -15.65 53.38
C ASP G 50 11.21 -17.05 53.22
N SER G 51 11.18 -17.81 54.32
CA SER G 51 10.97 -19.26 54.25
C SER G 51 10.13 -19.80 55.41
N LYS G 52 9.90 -19.04 56.46
CA LYS G 52 9.12 -19.53 57.59
C LYS G 52 7.64 -19.55 57.25
N ARG G 53 6.95 -20.55 57.80
CA ARG G 53 5.55 -20.81 57.49
C ARG G 53 4.70 -20.57 58.72
N PRO G 54 3.70 -19.69 58.67
CA PRO G 54 2.94 -19.36 59.89
C PRO G 54 2.15 -20.55 60.40
N SER G 55 1.68 -20.40 61.64
CA SER G 55 0.95 -21.47 62.31
C SER G 55 -0.34 -21.79 61.58
N GLY G 56 -0.55 -23.06 61.28
CA GLY G 56 -1.74 -23.52 60.58
C GLY G 56 -1.67 -23.49 59.07
N ILE G 57 -0.51 -23.14 58.51
CA ILE G 57 -0.35 -23.17 57.06
C ILE G 57 0.18 -24.55 56.66
N PRO G 58 -0.46 -25.22 55.71
CA PRO G 58 0.01 -26.54 55.26
C PRO G 58 1.51 -26.58 54.92
N GLU G 59 2.12 -27.74 55.17
CA GLU G 59 3.56 -27.89 54.97
C GLU G 59 3.96 -27.88 53.51
N ARG G 60 3.02 -28.08 52.59
CA ARG G 60 3.36 -28.07 51.17
C ARG G 60 3.76 -26.69 50.68
N PHE G 61 3.43 -25.64 51.42
CA PHE G 61 3.89 -24.29 51.12
C PHE G 61 5.31 -24.10 51.64
N SER G 62 6.26 -23.89 50.74
CA SER G 62 7.62 -23.50 51.09
C SER G 62 8.01 -22.22 50.38
N GLY G 63 9.09 -21.61 50.84
CA GLY G 63 9.55 -20.36 50.25
C GLY G 63 11.05 -20.23 50.35
N SER G 64 11.63 -19.59 49.33
CA SER G 64 13.06 -19.27 49.33
C SER G 64 13.26 -17.82 48.93
N ASN G 65 14.46 -17.31 49.18
CA ASN G 65 14.84 -15.97 48.75
C ASN G 65 16.35 -15.89 48.68
N SER G 66 16.88 -15.61 47.49
CA SER G 66 18.33 -15.43 47.32
C SER G 66 18.59 -14.63 46.06
N GLY G 67 19.73 -13.94 46.05
CA GLY G 67 20.05 -13.12 44.90
C GLY G 67 19.01 -12.04 44.74
N ASN G 68 18.37 -12.03 43.58
CA ASN G 68 17.31 -11.08 43.29
C ASN G 68 15.93 -11.74 43.26
N THR G 69 15.79 -12.98 43.70
CA THR G 69 14.52 -13.70 43.52
C THR G 69 14.08 -14.39 44.79
N ALA G 70 12.87 -14.08 45.23
CA ALA G 70 12.12 -14.92 46.16
C ALA G 70 11.19 -15.83 45.36
N THR G 71 10.98 -17.04 45.88
CA THR G 71 10.18 -18.05 45.19
C THR G 71 9.26 -18.76 46.17
N LEU G 72 7.96 -18.69 45.90
CA LEU G 72 6.95 -19.46 46.62
C LEU G 72 6.71 -20.78 45.88
N THR G 73 6.86 -21.90 46.58
CA THR G 73 6.66 -23.22 45.99
C THR G 73 5.54 -23.96 46.71
N ILE G 74 4.59 -24.51 45.94
CA ILE G 74 3.52 -25.36 46.45
C ILE G 74 3.69 -26.73 45.81
N SER G 75 4.22 -27.69 46.58
CA SER G 75 4.28 -29.07 46.11
C SER G 75 2.92 -29.73 46.34
N GLY G 76 2.56 -30.65 45.44
CA GLY G 76 1.28 -31.33 45.53
C GLY G 76 0.12 -30.35 45.51
N THR G 77 0.12 -29.48 44.51
CA THR G 77 -0.89 -28.43 44.42
C THR G 77 -2.29 -29.02 44.36
N GLN G 78 -3.22 -28.41 45.10
CA GLN G 78 -4.58 -28.91 45.24
C GLN G 78 -5.57 -27.85 44.76
N ALA G 79 -6.78 -28.32 44.45
CA ALA G 79 -7.85 -27.42 44.01
C ALA G 79 -7.99 -26.20 44.91
N MET G 80 -7.96 -26.39 46.22
CA MET G 80 -8.19 -25.30 47.16
C MET G 80 -7.02 -24.32 47.24
N ASP G 81 -5.96 -24.52 46.46
CA ASP G 81 -4.84 -23.59 46.40
C ASP G 81 -4.97 -22.55 45.30
N GLU G 82 -5.96 -22.69 44.43
CA GLU G 82 -6.19 -21.70 43.37
C GLU G 82 -6.50 -20.35 43.99
N ALA G 83 -5.65 -19.36 43.69
CA ALA G 83 -5.82 -18.05 44.34
C ALA G 83 -4.85 -17.06 43.72
N ASP G 84 -5.00 -15.79 44.11
CA ASP G 84 -3.97 -14.80 43.84
C ASP G 84 -2.91 -14.85 44.94
N TYR G 85 -1.65 -14.79 44.55
CA TYR G 85 -0.54 -14.80 45.50
C TYR G 85 0.29 -13.54 45.31
N TYR G 86 0.53 -12.82 46.40
CA TYR G 86 1.33 -11.61 46.40
C TYR G 86 2.59 -11.80 47.23
N CYS G 87 3.72 -11.35 46.71
CA CYS G 87 4.91 -11.20 47.54
C CYS G 87 4.99 -9.79 48.12
N GLN G 88 5.79 -9.63 49.17
CA GLN G 88 5.93 -8.35 49.84
C GLN G 88 7.28 -8.25 50.53
N ALA G 89 7.86 -7.05 50.52
CA ALA G 89 9.12 -6.77 51.20
C ALA G 89 9.09 -5.37 51.77
N TRP G 90 10.20 -4.97 52.38
CA TRP G 90 10.44 -3.60 52.81
C TRP G 90 11.55 -2.98 51.98
N ASP G 91 11.67 -1.66 52.06
CA ASP G 91 12.72 -0.95 51.35
C ASP G 91 14.01 -0.82 52.18
N SER G 92 14.32 -1.80 53.03
CA SER G 92 15.48 -1.80 53.93
C SER G 92 15.39 -0.55 54.82
N SER G 93 16.47 0.23 54.97
CA SER G 93 16.44 1.49 55.72
C SER G 93 15.18 2.26 55.38
N THR G 94 15.10 2.73 54.13
CA THR G 94 13.95 3.46 53.60
C THR G 94 12.65 2.80 54.05
N SER G 95 11.86 3.47 54.88
CA SER G 95 10.64 2.88 55.41
C SER G 95 9.54 2.89 54.35
N TYR G 96 9.20 1.71 53.84
CA TYR G 96 8.23 1.62 52.76
C TYR G 96 7.95 0.15 52.46
N VAL G 97 6.68 -0.26 52.56
CA VAL G 97 6.27 -1.63 52.31
C VAL G 97 5.96 -1.76 50.82
N VAL G 98 6.26 -2.92 50.23
CA VAL G 98 6.20 -3.07 48.78
C VAL G 98 5.62 -4.43 48.45
N PHE G 99 4.51 -4.43 47.72
CA PHE G 99 3.91 -5.66 47.22
C PHE G 99 4.30 -5.90 45.77
N GLY G 100 4.19 -7.15 45.35
CA GLY G 100 4.27 -7.47 43.95
C GLY G 100 2.92 -7.29 43.27
N GLY G 101 2.95 -7.37 41.93
CA GLY G 101 1.72 -7.23 41.18
C GLY G 101 0.74 -8.36 41.38
N GLY G 102 1.15 -9.44 42.02
CA GLY G 102 0.29 -10.58 42.23
C GLY G 102 0.38 -11.59 41.10
N THR G 103 -0.05 -12.82 41.41
CA THR G 103 -0.02 -13.92 40.45
C THR G 103 -1.29 -14.74 40.61
N LYS G 104 -2.02 -14.92 39.52
CA LYS G 104 -3.27 -15.69 39.52
C LYS G 104 -2.92 -17.16 39.29
N LEU G 105 -2.78 -17.91 40.39
CA LEU G 105 -2.54 -19.35 40.32
C LEU G 105 -3.85 -20.07 40.06
N THR G 106 -3.96 -20.62 38.83
CA THR G 106 -5.05 -21.50 38.44
C THR G 106 -4.64 -22.95 38.64
N VAL G 107 -5.55 -23.74 39.20
CA VAL G 107 -5.40 -25.19 39.31
C VAL G 107 -6.35 -25.79 38.30
N LEU G 108 -5.79 -26.41 37.26
CA LEU G 108 -6.55 -26.85 36.09
C LEU G 108 -7.61 -27.90 36.41
N GLY G 109 -8.87 -27.48 36.58
CA GLY G 109 -9.95 -28.41 36.75
C GLY G 109 -10.75 -28.58 35.47
N GLN G 110 -10.10 -28.33 34.33
CA GLN G 110 -10.61 -28.51 32.97
C GLN G 110 -9.50 -28.05 32.03
N PRO G 111 -9.57 -28.31 30.73
CA PRO G 111 -8.46 -27.93 29.85
C PRO G 111 -8.50 -26.47 29.43
N LYS G 112 -7.43 -26.06 28.77
CA LYS G 112 -7.28 -24.68 28.32
C LYS G 112 -8.27 -24.36 27.19
N ALA G 113 -8.73 -23.11 27.17
CA ALA G 113 -9.77 -22.70 26.22
C ALA G 113 -9.45 -21.30 25.72
N ALA G 114 -9.22 -21.18 24.41
CA ALA G 114 -8.94 -19.88 23.81
C ALA G 114 -10.20 -19.01 23.82
N PRO G 115 -10.06 -17.69 23.94
CA PRO G 115 -11.23 -16.83 24.02
C PRO G 115 -11.95 -16.67 22.69
N SER G 116 -13.22 -16.30 22.81
CA SER G 116 -14.11 -16.02 21.67
C SER G 116 -14.38 -14.53 21.70
N VAL G 117 -13.81 -13.83 20.72
CA VAL G 117 -13.79 -12.36 20.67
C VAL G 117 -14.77 -11.89 19.60
N THR G 118 -15.62 -10.92 19.96
CA THR G 118 -16.58 -10.32 19.05
C THR G 118 -16.47 -8.80 19.14
N LEU G 119 -16.15 -8.14 18.03
CA LEU G 119 -15.96 -6.69 18.02
C LEU G 119 -17.11 -6.02 17.27
N PHE G 120 -17.80 -5.08 17.96
CA PHE G 120 -18.89 -4.28 17.42
C PHE G 120 -18.43 -2.84 17.18
N PRO G 121 -18.67 -2.31 15.99
CA PRO G 121 -18.39 -0.90 15.71
C PRO G 121 -19.47 -0.01 16.28
N PRO G 122 -19.23 1.31 16.36
CA PRO G 122 -20.24 2.21 16.92
C PRO G 122 -21.54 2.19 16.14
N SER G 123 -22.64 2.16 16.86
CA SER G 123 -23.96 2.26 16.24
C SER G 123 -24.13 3.62 15.57
N SER G 124 -24.91 3.65 14.49
CA SER G 124 -25.17 4.90 13.80
C SER G 124 -26.03 5.84 14.64
N GLU G 125 -26.83 5.30 15.57
CA GLU G 125 -27.52 6.14 16.53
C GLU G 125 -26.53 6.91 17.39
N GLU G 126 -25.50 6.21 17.89
CA GLU G 126 -24.50 6.85 18.74
C GLU G 126 -23.70 7.87 17.97
N LEU G 127 -23.37 7.56 16.70
CA LEU G 127 -22.69 8.53 15.85
C LEU G 127 -23.53 9.79 15.67
N GLN G 128 -24.82 9.60 15.34
CA GLN G 128 -25.75 10.73 15.26
C GLN G 128 -25.85 11.47 16.58
N ALA G 129 -25.50 10.83 17.69
CA ALA G 129 -25.43 11.48 18.99
C ALA G 129 -24.05 12.07 19.29
N ASN G 130 -23.15 12.06 18.30
CA ASN G 130 -21.84 12.71 18.38
C ASN G 130 -20.88 12.02 19.34
N LYS G 131 -21.00 10.69 19.46
CA LYS G 131 -20.05 9.89 20.22
C LYS G 131 -19.81 8.60 19.45
N ALA G 132 -18.80 7.83 19.86
CA ALA G 132 -18.49 6.59 19.18
C ALA G 132 -17.85 5.61 20.16
N THR G 133 -18.43 4.42 20.30
CA THR G 133 -17.91 3.42 21.23
C THR G 133 -17.74 2.08 20.51
N LEU G 134 -16.51 1.58 20.48
CA LEU G 134 -16.21 0.22 20.02
C LEU G 134 -16.34 -0.75 21.19
N VAL G 135 -16.97 -1.90 20.94
CA VAL G 135 -17.29 -2.86 22.00
C VAL G 135 -16.66 -4.21 21.67
N CYS G 136 -15.74 -4.67 22.52
CA CYS G 136 -15.02 -5.92 22.32
C CYS G 136 -15.45 -6.89 23.42
N LEU G 137 -16.15 -7.96 23.04
CA LEU G 137 -16.75 -8.91 23.98
C LEU G 137 -16.00 -10.23 23.89
N ILE G 138 -15.46 -10.71 25.02
CA ILE G 138 -14.57 -11.87 25.09
C ILE G 138 -15.22 -12.90 26.01
N SER G 139 -15.34 -14.14 25.52
CA SER G 139 -16.06 -15.17 26.28
C SER G 139 -15.34 -16.51 26.19
N ASP G 140 -15.61 -17.38 27.18
CA ASP G 140 -15.27 -18.81 27.13
C ASP G 140 -13.76 -19.07 27.09
N PHE G 141 -13.03 -18.51 28.04
CA PHE G 141 -11.60 -18.78 28.13
C PHE G 141 -11.21 -19.25 29.53
N TYR G 142 -10.22 -20.15 29.57
CA TYR G 142 -9.65 -20.75 30.77
C TYR G 142 -8.16 -20.99 30.49
N PRO G 143 -7.26 -20.60 31.41
CA PRO G 143 -7.49 -19.91 32.69
C PRO G 143 -8.02 -18.48 32.50
N GLY G 144 -8.59 -17.89 33.55
CA GLY G 144 -9.16 -16.56 33.47
C GLY G 144 -8.15 -15.44 33.53
N ALA G 145 -7.27 -15.37 32.54
CA ALA G 145 -6.20 -14.37 32.51
C ALA G 145 -5.95 -14.00 31.06
N VAL G 146 -6.09 -12.71 30.74
CA VAL G 146 -6.11 -12.25 29.36
C VAL G 146 -5.65 -10.80 29.33
N THR G 147 -4.99 -10.41 28.23
CA THR G 147 -4.69 -9.00 28.01
C THR G 147 -5.41 -8.50 26.76
N VAL G 148 -5.82 -7.23 26.81
CA VAL G 148 -6.53 -6.59 25.71
C VAL G 148 -5.68 -5.44 25.21
N ALA G 149 -5.67 -5.25 23.89
CA ALA G 149 -4.90 -4.18 23.25
C ALA G 149 -5.67 -3.63 22.07
N TRP G 150 -5.84 -2.32 22.03
CA TRP G 150 -6.55 -1.68 20.92
C TRP G 150 -5.56 -1.07 19.94
N LYS G 151 -5.94 -1.06 18.66
CA LYS G 151 -5.08 -0.51 17.62
C LYS G 151 -5.90 0.19 16.55
N ALA G 152 -5.34 1.29 16.04
CA ALA G 152 -5.84 1.97 14.85
C ALA G 152 -4.81 1.80 13.73
N ASP G 153 -5.04 0.79 12.87
CA ASP G 153 -4.19 0.57 11.69
C ASP G 153 -2.77 0.20 12.08
N SER G 154 -2.64 -0.79 12.96
CA SER G 154 -1.38 -1.28 13.50
C SER G 154 -0.68 -0.26 14.39
N SER G 155 -1.32 0.87 14.66
CA SER G 155 -0.83 1.89 15.58
C SER G 155 -1.56 1.79 16.91
N PRO G 156 -0.86 1.68 18.04
CA PRO G 156 -1.52 1.31 19.30
C PRO G 156 -2.24 2.51 19.93
N VAL G 157 -3.49 2.28 20.35
CA VAL G 157 -4.31 3.32 20.94
C VAL G 157 -3.90 3.54 22.38
N LYS G 158 -3.77 4.81 22.78
CA LYS G 158 -3.29 5.12 24.13
C LYS G 158 -4.42 5.21 25.15
N ALA G 159 -5.45 6.00 24.86
CA ALA G 159 -6.48 6.32 25.82
C ALA G 159 -7.86 6.12 25.22
N GLY G 160 -8.87 6.22 26.08
CA GLY G 160 -10.23 5.90 25.71
C GLY G 160 -10.60 4.44 25.90
N VAL G 161 -9.78 3.67 26.62
CA VAL G 161 -9.99 2.24 26.81
C VAL G 161 -10.45 2.00 28.25
N GLU G 162 -11.55 1.27 28.40
CA GLU G 162 -11.99 0.77 29.70
C GLU G 162 -12.18 -0.73 29.59
N THR G 163 -11.67 -1.48 30.58
CA THR G 163 -11.69 -2.94 30.47
C THR G 163 -12.09 -3.61 31.78
N THR G 164 -12.93 -4.63 31.68
CA THR G 164 -13.34 -5.44 32.83
C THR G 164 -12.25 -6.41 33.27
N THR G 165 -12.34 -6.81 34.52
CA THR G 165 -11.58 -7.95 35.03
C THR G 165 -12.33 -9.25 34.71
N PRO G 166 -11.60 -10.32 34.38
CA PRO G 166 -12.24 -11.61 34.11
C PRO G 166 -13.23 -11.97 35.21
N SER G 167 -14.35 -12.56 34.81
CA SER G 167 -15.37 -13.01 35.74
C SER G 167 -15.87 -14.38 35.31
N LYS G 168 -16.04 -15.28 36.28
CA LYS G 168 -16.50 -16.63 35.99
C LYS G 168 -17.85 -16.63 35.28
N GLN G 169 -17.98 -17.47 34.26
CA GLN G 169 -19.26 -17.76 33.63
C GLN G 169 -19.90 -18.95 34.33
N SER G 170 -21.01 -19.44 33.79
CA SER G 170 -21.69 -20.58 34.40
C SER G 170 -20.94 -21.88 34.17
N ASN G 171 -20.16 -21.98 33.09
CA ASN G 171 -19.37 -23.17 32.81
C ASN G 171 -17.99 -23.14 33.46
N ASN G 172 -17.79 -22.29 34.48
CA ASN G 172 -16.51 -22.12 35.18
C ASN G 172 -15.41 -21.56 34.29
N LYS G 173 -15.75 -21.19 33.05
CA LYS G 173 -14.83 -20.42 32.24
C LYS G 173 -15.02 -18.93 32.56
N TYR G 174 -14.21 -18.07 31.97
CA TYR G 174 -14.22 -16.65 32.28
C TYR G 174 -14.58 -15.82 31.05
N ALA G 175 -15.04 -14.60 31.31
CA ALA G 175 -15.39 -13.66 30.23
C ALA G 175 -15.03 -12.24 30.64
N ALA G 176 -14.73 -11.41 29.64
CA ALA G 176 -14.35 -10.03 29.87
C ALA G 176 -14.86 -9.15 28.72
N SER G 177 -14.93 -7.84 28.96
CA SER G 177 -15.31 -6.88 27.93
C SER G 177 -14.38 -5.68 27.97
N SER G 178 -14.08 -5.12 26.80
CA SER G 178 -13.35 -3.86 26.71
C SER G 178 -14.05 -2.89 25.76
N TYR G 179 -14.04 -1.61 26.13
CA TYR G 179 -14.66 -0.56 25.34
C TYR G 179 -13.63 0.49 24.96
N LEU G 180 -13.72 0.99 23.73
CA LEU G 180 -12.88 2.07 23.25
C LEU G 180 -13.75 3.27 22.88
N SER G 181 -13.54 4.39 23.56
CA SER G 181 -14.27 5.62 23.29
C SER G 181 -13.52 6.46 22.25
N LEU G 182 -14.27 6.98 21.28
CA LEU G 182 -13.72 7.86 20.24
C LEU G 182 -14.73 8.94 19.92
N THR G 183 -14.21 10.11 19.55
CA THR G 183 -15.03 11.08 18.83
C THR G 183 -15.28 10.56 17.42
N PRO G 184 -16.42 10.91 16.81
CA PRO G 184 -16.71 10.38 15.46
C PRO G 184 -15.66 10.77 14.43
N GLU G 185 -15.04 11.93 14.58
CA GLU G 185 -13.89 12.31 13.75
C GLU G 185 -12.85 11.19 13.73
N GLN G 186 -12.29 10.84 14.88
CA GLN G 186 -11.19 9.89 14.92
C GLN G 186 -11.66 8.47 14.62
N TRP G 187 -12.94 8.17 14.82
CA TRP G 187 -13.50 6.94 14.29
C TRP G 187 -13.35 6.89 12.77
N LYS G 188 -13.93 7.86 12.08
CA LYS G 188 -13.94 7.80 10.62
C LYS G 188 -12.57 8.07 9.99
N SER G 189 -11.59 8.54 10.76
CA SER G 189 -10.33 9.02 10.20
C SER G 189 -9.21 7.98 10.28
N HIS G 190 -9.55 6.71 10.48
CA HIS G 190 -8.62 5.61 10.36
C HIS G 190 -9.27 4.54 9.49
N ARG G 191 -8.43 3.77 8.78
CA ARG G 191 -8.97 2.73 7.90
C ARG G 191 -9.70 1.66 8.70
N SER G 192 -9.13 1.24 9.82
CA SER G 192 -9.76 0.22 10.63
C SER G 192 -9.28 0.32 12.07
N TYR G 193 -10.07 -0.24 12.97
CA TYR G 193 -9.66 -0.47 14.35
C TYR G 193 -9.70 -1.96 14.66
N SER G 194 -8.86 -2.36 15.60
CA SER G 194 -8.69 -3.76 15.93
C SER G 194 -8.59 -3.96 17.44
N CYS G 195 -9.18 -5.06 17.91
CA CYS G 195 -9.13 -5.50 19.30
C CYS G 195 -8.33 -6.80 19.33
N GLN G 196 -7.20 -6.77 20.06
CA GLN G 196 -6.27 -7.89 20.15
C GLN G 196 -6.35 -8.47 21.56
N VAL G 197 -6.68 -9.76 21.66
CA VAL G 197 -6.87 -10.43 22.93
C VAL G 197 -5.82 -11.53 23.03
N THR G 198 -5.02 -11.48 24.09
CA THR G 198 -3.88 -12.38 24.24
C THR G 198 -4.11 -13.28 25.45
N HIS G 199 -4.00 -14.59 25.21
CA HIS G 199 -4.36 -15.63 26.19
C HIS G 199 -3.37 -16.78 26.06
N GLU G 200 -2.57 -17.00 27.11
CA GLU G 200 -1.62 -18.12 27.15
C GLU G 200 -0.74 -18.17 25.90
N GLY G 201 -0.10 -17.02 25.62
CA GLY G 201 0.86 -16.93 24.53
C GLY G 201 0.28 -16.82 23.14
N SER G 202 -1.05 -16.89 23.00
CA SER G 202 -1.71 -16.89 21.70
C SER G 202 -2.62 -15.66 21.61
N THR G 203 -2.41 -14.86 20.56
CA THR G 203 -3.19 -13.66 20.33
C THR G 203 -4.20 -13.88 19.22
N VAL G 204 -5.42 -13.39 19.43
CA VAL G 204 -6.44 -13.37 18.39
C VAL G 204 -6.96 -11.93 18.29
N GLU G 205 -7.16 -11.45 17.07
CA GLU G 205 -7.64 -10.09 16.89
C GLU G 205 -8.88 -10.08 16.02
N LYS G 206 -9.71 -9.05 16.23
CA LYS G 206 -10.89 -8.83 15.41
C LYS G 206 -10.95 -7.35 15.04
N THR G 207 -11.47 -7.06 13.84
CA THR G 207 -11.32 -5.72 13.25
C THR G 207 -12.64 -5.21 12.69
N VAL G 208 -12.84 -3.88 12.80
CA VAL G 208 -13.98 -3.20 12.19
C VAL G 208 -13.50 -1.96 11.43
N ALA G 209 -14.28 -1.55 10.44
CA ALA G 209 -14.02 -0.36 9.64
C ALA G 209 -15.26 0.51 9.52
N PRO G 210 -15.09 1.84 9.45
CA PRO G 210 -16.26 2.73 9.33
C PRO G 210 -17.07 2.62 8.05
N THR G 211 -16.45 2.26 6.92
CA THR G 211 -17.15 2.31 5.65
C THR G 211 -18.34 1.35 5.62
N GLU G 212 -18.10 0.09 5.93
CA GLU G 212 -19.08 -0.98 5.76
C GLU G 212 -20.43 -0.70 6.41
N TYR H 2 -27.07 -21.45 0.56
CA TYR H 2 -25.62 -21.46 0.57
C TYR H 2 -25.08 -20.93 -0.75
N GLU H 3 -24.14 -19.99 -0.68
CA GLU H 3 -23.58 -19.36 -1.87
C GLU H 3 -22.06 -19.30 -1.81
N LEU H 4 -21.43 -19.56 -2.95
CA LEU H 4 -19.99 -19.42 -3.13
C LEU H 4 -19.75 -18.23 -4.06
N THR H 5 -18.91 -17.29 -3.64
CA THR H 5 -18.81 -16.02 -4.33
C THR H 5 -17.37 -15.80 -4.77
N GLN H 6 -17.18 -15.59 -6.08
CA GLN H 6 -15.90 -15.50 -6.75
C GLN H 6 -15.69 -14.10 -7.30
N PRO H 7 -14.45 -13.69 -7.54
CA PRO H 7 -14.21 -12.46 -8.30
C PRO H 7 -14.69 -12.62 -9.73
N PRO H 8 -15.35 -11.62 -10.29
CA PRO H 8 -15.86 -11.80 -11.66
C PRO H 8 -14.78 -11.94 -12.71
N SER H 9 -13.68 -11.19 -12.59
CA SER H 9 -12.61 -11.22 -13.56
C SER H 9 -11.25 -11.10 -12.89
N VAL H 10 -10.25 -11.68 -13.56
CA VAL H 10 -8.85 -11.67 -13.16
C VAL H 10 -7.98 -11.69 -14.41
N SER H 11 -7.18 -10.66 -14.62
CA SER H 11 -6.25 -10.65 -15.75
C SER H 11 -4.82 -10.71 -15.25
N VAL H 12 -3.93 -11.19 -16.11
CA VAL H 12 -2.56 -11.51 -15.70
C VAL H 12 -1.69 -11.59 -16.94
N SER H 13 -0.46 -11.09 -16.82
CA SER H 13 0.53 -11.19 -17.88
C SER H 13 1.15 -12.59 -17.93
N PRO H 14 1.59 -13.04 -19.11
CA PRO H 14 2.18 -14.39 -19.20
C PRO H 14 3.39 -14.52 -18.30
N GLY H 15 3.48 -15.67 -17.63
CA GLY H 15 4.55 -15.92 -16.69
C GLY H 15 4.24 -15.51 -15.27
N GLN H 16 3.37 -14.52 -15.08
CA GLN H 16 2.98 -14.08 -13.75
C GLN H 16 2.12 -15.11 -13.06
N THR H 17 2.04 -15.00 -11.74
CA THR H 17 1.17 -15.85 -10.94
C THR H 17 -0.23 -15.24 -10.86
N ALA H 18 -1.26 -16.10 -10.95
CA ALA H 18 -2.64 -15.67 -10.92
C ALA H 18 -3.39 -16.40 -9.81
N SER H 19 -4.28 -15.68 -9.12
CA SER H 19 -5.03 -16.25 -8.01
C SER H 19 -6.51 -15.92 -8.11
N ILE H 20 -7.35 -16.92 -7.88
CA ILE H 20 -8.80 -16.79 -7.89
C ILE H 20 -9.35 -17.28 -6.55
N THR H 21 -10.17 -16.46 -5.91
CA THR H 21 -10.72 -16.79 -4.61
C THR H 21 -12.15 -17.28 -4.69
N CYS H 22 -12.59 -17.92 -3.60
CA CYS H 22 -13.90 -18.54 -3.52
C CYS H 22 -14.32 -18.50 -2.06
N SER H 23 -15.37 -17.74 -1.73
CA SER H 23 -15.73 -17.45 -0.35
C SER H 23 -17.11 -18.01 -0.03
N GLY H 24 -17.22 -18.70 1.10
CA GLY H 24 -18.50 -19.24 1.56
C GLY H 24 -18.49 -19.51 3.05
N ASP H 25 -19.67 -19.79 3.58
CA ASP H 25 -19.84 -19.97 5.02
C ASP H 25 -19.26 -21.30 5.46
N LYS H 26 -18.28 -21.24 6.36
CA LYS H 26 -17.54 -22.43 6.81
C LYS H 26 -17.16 -23.31 5.62
N LEU H 27 -16.64 -22.67 4.57
CA LEU H 27 -16.15 -23.40 3.41
C LEU H 27 -14.94 -24.26 3.76
N GLY H 28 -14.17 -23.85 4.78
CA GLY H 28 -13.09 -24.69 5.29
C GLY H 28 -13.56 -26.06 5.71
N ASP H 29 -14.84 -26.21 6.04
CA ASP H 29 -15.39 -27.47 6.51
C ASP H 29 -15.84 -28.38 5.37
N LYS H 30 -15.77 -27.92 4.13
CA LYS H 30 -16.02 -28.75 2.96
C LYS H 30 -14.79 -28.76 2.07
N TYR H 31 -14.73 -29.74 1.17
CA TYR H 31 -13.70 -29.78 0.15
C TYR H 31 -14.11 -28.91 -1.03
N ALA H 32 -13.14 -28.23 -1.62
CA ALA H 32 -13.38 -27.37 -2.76
C ALA H 32 -12.76 -27.96 -4.02
N CYS H 33 -13.50 -27.88 -5.11
CA CYS H 33 -13.02 -28.23 -6.45
C CYS H 33 -12.90 -26.97 -7.29
N TRP H 34 -12.02 -27.04 -8.28
CA TRP H 34 -11.84 -26.01 -9.28
C TRP H 34 -11.88 -26.63 -10.66
N TYR H 35 -12.71 -26.04 -11.53
CA TYR H 35 -12.91 -26.46 -12.91
C TYR H 35 -12.51 -25.34 -13.86
N GLN H 36 -11.88 -25.74 -14.95
CA GLN H 36 -11.49 -24.86 -16.05
C GLN H 36 -12.43 -25.10 -17.22
N GLN H 37 -12.90 -24.02 -17.84
CA GLN H 37 -13.78 -24.09 -19.01
C GLN H 37 -13.29 -23.08 -20.04
N LYS H 38 -12.73 -23.59 -21.12
CA LYS H 38 -12.41 -22.79 -22.28
C LYS H 38 -13.67 -22.62 -23.13
N PRO H 39 -13.70 -21.63 -24.03
CA PRO H 39 -14.95 -21.33 -24.74
C PRO H 39 -15.40 -22.48 -25.63
N GLY H 40 -16.69 -22.78 -25.58
CA GLY H 40 -17.26 -23.89 -26.33
C GLY H 40 -16.69 -25.24 -25.99
N GLN H 41 -16.15 -25.39 -24.79
CA GLN H 41 -15.69 -26.69 -24.31
C GLN H 41 -16.40 -27.03 -23.01
N SER H 42 -16.41 -28.30 -22.67
CA SER H 42 -16.94 -28.73 -21.38
C SER H 42 -15.96 -28.35 -20.27
N PRO H 43 -16.42 -28.30 -19.02
CA PRO H 43 -15.50 -28.11 -17.89
C PRO H 43 -14.54 -29.28 -17.77
N VAL H 44 -13.37 -29.00 -17.20
CA VAL H 44 -12.42 -30.04 -16.81
C VAL H 44 -12.00 -29.77 -15.38
N LEU H 45 -11.79 -30.83 -14.62
CA LEU H 45 -11.35 -30.71 -13.24
C LEU H 45 -9.86 -30.40 -13.19
N VAL H 46 -9.50 -29.30 -12.54
CA VAL H 46 -8.10 -28.97 -12.32
C VAL H 46 -7.69 -29.10 -10.86
N ILE H 47 -8.61 -28.94 -9.91
CA ILE H 47 -8.29 -29.16 -8.50
C ILE H 47 -9.46 -29.84 -7.82
N TYR H 48 -9.16 -30.82 -6.96
CA TYR H 48 -10.16 -31.42 -6.09
C TYR H 48 -9.55 -31.62 -4.71
N GLN H 49 -10.42 -31.91 -3.74
CA GLN H 49 -9.99 -32.14 -2.36
C GLN H 49 -9.11 -30.99 -1.85
N ASP H 50 -9.55 -29.75 -2.15
CA ASP H 50 -8.92 -28.49 -1.76
C ASP H 50 -7.66 -28.21 -2.58
N SER H 51 -6.80 -29.22 -2.72
CA SER H 51 -5.43 -29.02 -3.16
C SER H 51 -4.92 -30.13 -4.05
N LYS H 52 -5.61 -31.26 -4.14
CA LYS H 52 -5.17 -32.35 -4.99
C LYS H 52 -5.44 -32.04 -6.44
N ARG H 53 -4.54 -32.51 -7.31
CA ARG H 53 -4.54 -32.20 -8.73
C ARG H 53 -4.79 -33.48 -9.52
N PRO H 54 -5.82 -33.54 -10.36
CA PRO H 54 -6.13 -34.80 -11.05
C PRO H 54 -5.00 -35.21 -11.99
N SER H 55 -5.06 -36.47 -12.42
CA SER H 55 -4.02 -37.03 -13.27
C SER H 55 -3.98 -36.31 -14.61
N GLY H 56 -2.79 -35.86 -15.00
CA GLY H 56 -2.61 -35.16 -16.26
C GLY H 56 -2.83 -33.66 -16.21
N ILE H 57 -3.06 -33.10 -15.03
CA ILE H 57 -3.20 -31.65 -14.88
C ILE H 57 -1.83 -31.05 -14.57
N PRO H 58 -1.40 -30.02 -15.31
CA PRO H 58 -0.10 -29.41 -15.04
C PRO H 58 0.13 -29.07 -13.57
N GLU H 59 1.39 -29.17 -13.16
CA GLU H 59 1.75 -28.95 -11.76
C GLU H 59 1.66 -27.49 -11.35
N ARG H 60 1.61 -26.57 -12.33
CA ARG H 60 1.52 -25.15 -11.98
C ARG H 60 0.18 -24.79 -11.36
N PHE H 61 -0.83 -25.64 -11.51
CA PHE H 61 -2.10 -25.47 -10.81
C PHE H 61 -2.00 -26.00 -9.39
N SER H 62 -2.15 -25.11 -8.41
CA SER H 62 -2.27 -25.49 -7.01
C SER H 62 -3.55 -24.90 -6.42
N GLY H 63 -3.93 -25.41 -5.25
CA GLY H 63 -5.13 -24.94 -4.59
C GLY H 63 -5.01 -25.06 -3.10
N SER H 64 -5.63 -24.12 -2.39
CA SER H 64 -5.72 -24.18 -0.94
C SER H 64 -7.15 -23.88 -0.50
N ASN H 65 -7.43 -24.15 0.77
CA ASN H 65 -8.71 -23.81 1.37
C ASN H 65 -8.45 -23.62 2.86
N SER H 66 -8.77 -22.42 3.36
CA SER H 66 -8.58 -22.12 4.77
C SER H 66 -9.58 -21.06 5.19
N GLY H 67 -9.97 -21.11 6.45
CA GLY H 67 -10.98 -20.21 6.93
C GLY H 67 -12.23 -20.46 6.14
N ASN H 68 -12.72 -19.40 5.51
CA ASN H 68 -13.89 -19.48 4.65
C ASN H 68 -13.55 -19.24 3.17
N THR H 69 -12.27 -19.34 2.80
CA THR H 69 -11.83 -19.00 1.46
C THR H 69 -10.99 -20.13 0.88
N ALA H 70 -11.40 -20.64 -0.27
CA ALA H 70 -10.57 -21.47 -1.14
C ALA H 70 -9.90 -20.59 -2.19
N THR H 71 -8.69 -20.96 -2.57
CA THR H 71 -7.90 -20.17 -3.52
C THR H 71 -7.22 -21.08 -4.53
N LEU H 72 -7.53 -20.85 -5.81
CA LEU H 72 -6.85 -21.50 -6.93
C LEU H 72 -5.69 -20.62 -7.39
N THR H 73 -4.48 -21.19 -7.44
CA THR H 73 -3.28 -20.47 -7.85
C THR H 73 -2.68 -21.11 -9.09
N ILE H 74 -2.37 -20.29 -10.09
CA ILE H 74 -1.67 -20.71 -11.30
C ILE H 74 -0.35 -19.95 -11.34
N SER H 75 0.74 -20.62 -10.98
CA SER H 75 2.06 -20.03 -11.14
C SER H 75 2.53 -20.19 -12.58
N GLY H 76 3.28 -19.20 -13.06
CA GLY H 76 3.78 -19.23 -14.42
C GLY H 76 2.64 -19.32 -15.41
N THR H 77 1.67 -18.42 -15.28
CA THR H 77 0.48 -18.46 -16.12
C THR H 77 0.84 -18.35 -17.60
N GLN H 78 0.19 -19.18 -18.42
CA GLN H 78 0.48 -19.29 -19.84
C GLN H 78 -0.76 -18.95 -20.66
N ALA H 79 -0.54 -18.60 -21.93
CA ALA H 79 -1.62 -18.29 -22.86
C ALA H 79 -2.74 -19.33 -22.79
N MET H 80 -2.39 -20.61 -22.79
CA MET H 80 -3.39 -21.67 -22.84
C MET H 80 -4.15 -21.84 -21.53
N ASP H 81 -3.88 -21.01 -20.52
CA ASP H 81 -4.63 -21.04 -19.27
C ASP H 81 -5.78 -20.05 -19.25
N GLU H 82 -5.89 -19.18 -20.26
CA GLU H 82 -7.00 -18.24 -20.36
C GLU H 82 -8.33 -18.97 -20.45
N ALA H 83 -9.21 -18.75 -19.48
CA ALA H 83 -10.45 -19.52 -19.42
C ALA H 83 -11.34 -18.99 -18.31
N ASP H 84 -12.56 -19.51 -18.26
CA ASP H 84 -13.38 -19.32 -17.07
C ASP H 84 -13.06 -20.40 -16.04
N TYR H 85 -12.96 -19.99 -14.78
CA TYR H 85 -12.69 -20.91 -13.69
C TYR H 85 -13.82 -20.84 -12.67
N TYR H 86 -14.38 -22.00 -12.32
CA TYR H 86 -15.43 -22.12 -11.33
C TYR H 86 -14.97 -22.94 -10.14
N CYS H 87 -15.28 -22.46 -8.93
CA CYS H 87 -15.14 -23.31 -7.75
C CYS H 87 -16.45 -24.03 -7.45
N GLN H 88 -16.35 -25.09 -6.66
CA GLN H 88 -17.51 -25.91 -6.33
C GLN H 88 -17.29 -26.59 -4.99
N ALA H 89 -18.36 -26.77 -4.24
CA ALA H 89 -18.30 -27.46 -2.95
C ALA H 89 -19.52 -28.36 -2.76
N TRP H 90 -19.39 -29.26 -1.79
CA TRP H 90 -20.38 -30.29 -1.48
C TRP H 90 -20.48 -30.46 0.03
N ASP H 91 -21.70 -30.71 0.51
CA ASP H 91 -22.04 -30.68 1.94
C ASP H 91 -22.29 -32.09 2.46
N SER H 92 -21.34 -32.60 3.25
CA SER H 92 -21.44 -33.94 3.83
C SER H 92 -22.74 -34.19 4.59
N SER H 93 -23.48 -33.15 4.97
CA SER H 93 -24.75 -33.33 5.66
C SER H 93 -25.96 -33.26 4.75
N THR H 94 -26.01 -32.28 3.85
CA THR H 94 -27.17 -32.10 2.99
C THR H 94 -26.92 -32.51 1.54
N SER H 95 -25.81 -33.20 1.28
CA SER H 95 -25.43 -33.69 -0.07
C SER H 95 -25.77 -32.68 -1.16
N TYR H 96 -25.40 -31.42 -0.93
CA TYR H 96 -25.83 -30.30 -1.74
C TYR H 96 -24.64 -29.70 -2.48
N VAL H 97 -24.73 -29.65 -3.82
CA VAL H 97 -23.67 -29.16 -4.68
C VAL H 97 -23.84 -27.66 -4.91
N VAL H 98 -22.73 -26.92 -4.93
CA VAL H 98 -22.76 -25.46 -5.02
C VAL H 98 -21.59 -24.99 -5.88
N PHE H 99 -21.89 -24.28 -6.97
CA PHE H 99 -20.87 -23.66 -7.80
C PHE H 99 -20.70 -22.19 -7.43
N GLY H 100 -19.54 -21.65 -7.79
CA GLY H 100 -19.32 -20.21 -7.75
C GLY H 100 -19.80 -19.53 -9.01
N GLY H 101 -19.84 -18.19 -8.95
CA GLY H 101 -20.24 -17.42 -10.11
C GLY H 101 -19.27 -17.46 -11.27
N GLY H 102 -18.07 -18.00 -11.06
CA GLY H 102 -17.08 -18.08 -12.09
C GLY H 102 -16.18 -16.85 -12.15
N THR H 103 -15.02 -17.02 -12.79
CA THR H 103 -14.03 -15.97 -12.92
C THR H 103 -13.42 -16.04 -14.31
N LYS H 104 -13.45 -14.92 -15.04
CA LYS H 104 -12.89 -14.84 -16.38
C LYS H 104 -11.41 -14.51 -16.28
N LEU H 105 -10.57 -15.54 -16.30
CA LEU H 105 -9.11 -15.36 -16.31
C LEU H 105 -8.66 -15.02 -17.74
N THR H 106 -8.25 -13.78 -17.93
CA THR H 106 -7.61 -13.30 -19.16
C THR H 106 -6.10 -13.35 -19.02
N VAL H 107 -5.44 -13.85 -20.07
CA VAL H 107 -3.98 -13.83 -20.16
C VAL H 107 -3.59 -12.81 -21.22
N LEU H 108 -3.01 -11.72 -20.76
CA LEU H 108 -2.65 -10.58 -21.64
C LEU H 108 -1.49 -10.95 -22.56
N GLY H 109 -1.81 -11.41 -23.76
CA GLY H 109 -0.79 -11.71 -24.79
C GLY H 109 -1.04 -10.74 -25.92
N GLN H 110 0.02 -10.06 -26.37
CA GLN H 110 0.07 -9.04 -27.46
C GLN H 110 -0.27 -7.65 -26.92
N PRO H 111 0.11 -6.57 -27.63
CA PRO H 111 -0.10 -5.22 -27.14
C PRO H 111 -1.53 -4.68 -27.30
N LYS H 112 -1.80 -3.54 -26.68
CA LYS H 112 -3.11 -2.85 -26.78
C LYS H 112 -3.37 -2.51 -28.26
N ALA H 113 -4.63 -2.60 -28.67
CA ALA H 113 -5.05 -2.40 -30.05
C ALA H 113 -6.40 -1.70 -30.03
N ALA H 114 -6.44 -0.48 -30.56
CA ALA H 114 -7.66 0.28 -30.61
C ALA H 114 -8.64 -0.36 -31.58
N PRO H 115 -9.94 -0.26 -31.33
CA PRO H 115 -10.91 -0.89 -32.20
C PRO H 115 -11.08 -0.13 -33.51
N SER H 116 -11.53 -0.86 -34.52
CA SER H 116 -11.83 -0.34 -35.84
C SER H 116 -13.34 -0.41 -36.00
N VAL H 117 -13.99 0.76 -35.99
CA VAL H 117 -15.44 0.87 -35.94
C VAL H 117 -15.97 1.25 -37.32
N THR H 118 -16.97 0.49 -37.79
CA THR H 118 -17.63 0.77 -39.06
C THR H 118 -19.13 0.78 -38.81
N LEU H 119 -19.77 1.90 -39.12
CA LEU H 119 -21.21 2.06 -38.90
C LEU H 119 -21.92 2.00 -40.24
N PHE H 120 -22.86 1.08 -40.37
CA PHE H 120 -23.68 0.86 -41.56
C PHE H 120 -25.07 1.43 -41.34
N PRO H 121 -25.52 2.29 -42.24
CA PRO H 121 -26.90 2.78 -42.18
C PRO H 121 -27.84 1.73 -42.74
N PRO H 122 -29.16 1.87 -42.51
CA PRO H 122 -30.09 0.85 -42.98
C PRO H 122 -30.06 0.70 -44.50
N SER H 123 -30.04 -0.55 -44.95
CA SER H 123 -30.12 -0.85 -46.38
C SER H 123 -31.47 -0.41 -46.94
N SER H 124 -31.46 -0.03 -48.22
CA SER H 124 -32.71 0.37 -48.86
C SER H 124 -33.66 -0.81 -49.01
N GLU H 125 -33.13 -2.05 -49.06
CA GLU H 125 -34.00 -3.21 -49.01
C GLU H 125 -34.78 -3.24 -47.70
N GLU H 126 -34.09 -3.02 -46.58
CA GLU H 126 -34.74 -3.06 -45.28
C GLU H 126 -35.72 -1.92 -45.14
N LEU H 127 -35.37 -0.73 -45.65
CA LEU H 127 -36.32 0.38 -45.65
C LEU H 127 -37.57 0.04 -46.46
N GLN H 128 -37.39 -0.51 -47.66
CA GLN H 128 -38.52 -0.98 -48.45
C GLN H 128 -39.32 -2.05 -47.72
N ALA H 129 -38.72 -2.74 -46.76
CA ALA H 129 -39.43 -3.69 -45.92
C ALA H 129 -40.01 -3.07 -44.67
N ASN H 130 -39.94 -1.73 -44.55
CA ASN H 130 -40.60 -0.96 -43.49
C ASN H 130 -39.95 -1.16 -42.13
N LYS H 131 -38.63 -1.37 -42.10
CA LYS H 131 -37.84 -1.40 -40.88
C LYS H 131 -36.53 -0.69 -41.15
N ALA H 132 -35.77 -0.42 -40.08
CA ALA H 132 -34.49 0.25 -40.24
C ALA H 132 -33.56 -0.18 -39.11
N THR H 133 -32.39 -0.71 -39.46
CA THR H 133 -31.43 -1.19 -38.47
C THR H 133 -30.06 -0.58 -38.76
N LEU H 134 -29.53 0.16 -37.79
CA LEU H 134 -28.14 0.61 -37.84
C LEU H 134 -27.24 -0.46 -37.26
N VAL H 135 -26.12 -0.72 -37.95
CA VAL H 135 -25.23 -1.82 -37.60
C VAL H 135 -23.84 -1.26 -37.32
N CYS H 136 -23.36 -1.42 -36.09
CA CYS H 136 -22.07 -0.90 -35.67
C CYS H 136 -21.15 -2.09 -35.43
N LEU H 137 -20.13 -2.24 -36.29
CA LEU H 137 -19.23 -3.38 -36.27
C LEU H 137 -17.86 -2.93 -35.79
N ILE H 138 -17.36 -3.58 -34.74
CA ILE H 138 -16.12 -3.22 -34.05
C ILE H 138 -15.15 -4.39 -34.21
N SER H 139 -13.95 -4.12 -34.69
CA SER H 139 -13.02 -5.20 -35.01
C SER H 139 -11.61 -4.87 -34.57
N ASP H 140 -10.81 -5.92 -34.34
CA ASP H 140 -9.36 -5.81 -34.21
C ASP H 140 -8.96 -5.00 -32.97
N PHE H 141 -9.50 -5.37 -31.81
CA PHE H 141 -9.12 -4.72 -30.56
C PHE H 141 -8.70 -5.73 -29.52
N TYR H 142 -7.76 -5.31 -28.68
CA TYR H 142 -7.27 -6.13 -27.57
C TYR H 142 -6.93 -5.16 -26.45
N PRO H 143 -7.32 -5.45 -25.19
CA PRO H 143 -8.09 -6.61 -24.71
C PRO H 143 -9.53 -6.64 -25.21
N GLY H 144 -10.19 -7.79 -25.10
CA GLY H 144 -11.55 -7.93 -25.57
C GLY H 144 -12.59 -7.34 -24.63
N ALA H 145 -12.55 -6.02 -24.43
CA ALA H 145 -13.45 -5.36 -23.50
C ALA H 145 -13.74 -3.96 -24.04
N VAL H 146 -15.01 -3.66 -24.27
CA VAL H 146 -15.41 -2.46 -25.00
C VAL H 146 -16.82 -2.08 -24.56
N THR H 147 -17.12 -0.77 -24.57
CA THR H 147 -18.48 -0.28 -24.34
C THR H 147 -19.02 0.44 -25.57
N VAL H 148 -20.33 0.33 -25.79
CA VAL H 148 -21.01 0.94 -26.93
C VAL H 148 -22.04 1.95 -26.45
N ALA H 149 -22.19 3.06 -27.18
CA ALA H 149 -23.17 4.10 -26.87
C ALA H 149 -23.73 4.68 -28.17
N TRP H 150 -25.05 4.73 -28.27
CA TRP H 150 -25.72 5.27 -29.46
C TRP H 150 -26.23 6.68 -29.21
N LYS H 151 -26.26 7.48 -30.27
CA LYS H 151 -26.70 8.87 -30.17
C LYS H 151 -27.47 9.29 -31.43
N ALA H 152 -28.51 10.10 -31.22
CA ALA H 152 -29.21 10.80 -32.29
C ALA H 152 -28.93 12.30 -32.17
N ASP H 153 -27.96 12.78 -32.95
CA ASP H 153 -27.59 14.20 -33.01
C ASP H 153 -27.00 14.66 -31.68
N SER H 154 -26.03 13.89 -31.18
CA SER H 154 -25.34 14.11 -29.90
C SER H 154 -26.26 13.96 -28.70
N SER H 155 -27.51 13.54 -28.92
CA SER H 155 -28.49 13.24 -27.88
C SER H 155 -28.58 11.74 -27.69
N PRO H 156 -28.42 11.22 -26.48
CA PRO H 156 -28.17 9.78 -26.30
C PRO H 156 -29.44 8.94 -26.48
N VAL H 157 -29.32 7.88 -27.28
CA VAL H 157 -30.43 6.98 -27.57
C VAL H 157 -30.65 6.05 -26.38
N LYS H 158 -31.92 5.86 -26.03
CA LYS H 158 -32.31 5.16 -24.80
C LYS H 158 -32.48 3.65 -25.00
N ALA H 159 -33.33 3.24 -25.94
CA ALA H 159 -33.70 1.85 -26.12
C ALA H 159 -33.64 1.50 -27.59
N GLY H 160 -33.84 0.21 -27.87
CA GLY H 160 -33.67 -0.33 -29.21
C GLY H 160 -32.27 -0.78 -29.52
N VAL H 161 -31.42 -0.93 -28.51
CA VAL H 161 -30.03 -1.29 -28.66
C VAL H 161 -29.82 -2.72 -28.18
N GLU H 162 -29.20 -3.55 -29.01
CA GLU H 162 -28.69 -4.83 -28.56
C GLU H 162 -27.22 -4.95 -28.92
N THR H 163 -26.40 -5.43 -27.99
CA THR H 163 -24.96 -5.46 -28.21
C THR H 163 -24.39 -6.82 -27.88
N THR H 164 -23.51 -7.31 -28.76
CA THR H 164 -22.82 -8.57 -28.59
C THR H 164 -21.67 -8.42 -27.60
N THR H 165 -21.34 -9.53 -26.90
CA THR H 165 -20.11 -9.57 -26.11
C THR H 165 -18.92 -9.92 -26.99
N PRO H 166 -17.74 -9.31 -26.74
CA PRO H 166 -16.55 -9.59 -27.56
C PRO H 166 -16.30 -11.06 -27.85
N SER H 167 -15.86 -11.35 -29.07
CA SER H 167 -15.56 -12.72 -29.49
C SER H 167 -14.26 -12.73 -30.28
N LYS H 168 -13.43 -13.74 -30.01
CA LYS H 168 -12.15 -13.88 -30.70
C LYS H 168 -12.33 -13.99 -32.20
N GLN H 169 -11.49 -13.29 -32.95
CA GLN H 169 -11.41 -13.45 -34.39
C GLN H 169 -10.34 -14.50 -34.69
N SER H 170 -10.04 -14.67 -35.98
CA SER H 170 -8.98 -15.59 -36.36
C SER H 170 -7.59 -15.02 -36.07
N ASN H 171 -7.46 -13.69 -35.98
CA ASN H 171 -6.19 -13.06 -35.65
C ASN H 171 -5.92 -12.99 -34.14
N ASN H 172 -6.66 -13.75 -33.33
CA ASN H 172 -6.53 -13.75 -31.88
C ASN H 172 -6.92 -12.42 -31.23
N LYS H 173 -7.35 -11.45 -32.03
CA LYS H 173 -7.98 -10.24 -31.52
C LYS H 173 -9.48 -10.47 -31.38
N TYR H 174 -10.19 -9.45 -30.87
CA TYR H 174 -11.60 -9.56 -30.58
C TYR H 174 -12.42 -8.60 -31.42
N ALA H 175 -13.71 -8.92 -31.56
CA ALA H 175 -14.66 -8.13 -32.32
C ALA H 175 -16.02 -8.16 -31.65
N ALA H 176 -16.79 -7.10 -31.84
CA ALA H 176 -18.12 -6.97 -31.25
C ALA H 176 -19.07 -6.28 -32.22
N SER H 177 -20.37 -6.46 -31.99
CA SER H 177 -21.39 -5.83 -32.81
C SER H 177 -22.46 -5.20 -31.93
N SER H 178 -22.98 -4.05 -32.36
CA SER H 178 -24.16 -3.45 -31.74
C SER H 178 -25.17 -3.06 -32.82
N TYR H 179 -26.45 -3.27 -32.51
CA TYR H 179 -27.54 -2.95 -33.43
C TYR H 179 -28.49 -1.97 -32.78
N LEU H 180 -28.93 -1.00 -33.58
CA LEU H 180 -29.97 -0.05 -33.18
C LEU H 180 -31.16 -0.16 -34.11
N SER H 181 -32.32 -0.52 -33.55
CA SER H 181 -33.56 -0.64 -34.32
C SER H 181 -34.33 0.67 -34.34
N LEU H 182 -34.82 1.04 -35.52
CA LEU H 182 -35.65 2.22 -35.70
C LEU H 182 -36.74 1.94 -36.71
N THR H 183 -37.88 2.59 -36.52
CA THR H 183 -38.84 2.73 -37.60
C THR H 183 -38.27 3.69 -38.66
N PRO H 184 -38.63 3.51 -39.93
CA PRO H 184 -38.06 4.39 -40.96
C PRO H 184 -38.37 5.85 -40.74
N GLU H 185 -39.53 6.16 -40.15
CA GLU H 185 -39.83 7.53 -39.73
C GLU H 185 -38.69 8.12 -38.91
N GLN H 186 -38.39 7.49 -37.76
CA GLN H 186 -37.41 8.08 -36.85
C GLN H 186 -35.99 7.98 -37.38
N TRP H 187 -35.71 7.05 -38.30
CA TRP H 187 -34.47 7.10 -39.05
C TRP H 187 -34.37 8.42 -39.82
N LYS H 188 -35.35 8.69 -40.67
CA LYS H 188 -35.30 9.86 -41.54
C LYS H 188 -35.50 11.17 -40.79
N SER H 189 -35.94 11.13 -39.53
CA SER H 189 -36.38 12.33 -38.81
C SER H 189 -35.31 12.85 -37.83
N HIS H 190 -34.06 12.46 -38.01
CA HIS H 190 -32.95 13.04 -37.27
C HIS H 190 -31.83 13.42 -38.23
N ARG H 191 -31.03 14.41 -37.83
CA ARG H 191 -29.93 14.88 -38.68
C ARG H 191 -28.90 13.77 -38.91
N SER H 192 -28.51 13.07 -37.84
CA SER H 192 -27.53 12.00 -37.96
C SER H 192 -27.66 11.07 -36.76
N TYR H 193 -27.13 9.86 -36.92
CA TYR H 193 -26.94 8.94 -35.80
C TYR H 193 -25.45 8.61 -35.67
N SER H 194 -25.04 8.29 -34.44
CA SER H 194 -23.63 8.06 -34.14
C SER H 194 -23.46 6.89 -33.20
N CYS H 195 -22.41 6.11 -33.42
CA CYS H 195 -22.01 4.98 -32.59
C CYS H 195 -20.65 5.28 -31.96
N GLN H 196 -20.61 5.29 -30.63
CA GLN H 196 -19.42 5.61 -29.84
C GLN H 196 -18.92 4.35 -29.16
N VAL H 197 -17.67 3.99 -29.42
CA VAL H 197 -17.05 2.76 -28.93
C VAL H 197 -15.88 3.14 -28.04
N THR H 198 -15.89 2.65 -26.80
CA THR H 198 -14.91 3.03 -25.79
C THR H 198 -14.07 1.82 -25.39
N HIS H 199 -12.75 1.97 -25.46
CA HIS H 199 -11.79 0.89 -25.28
C HIS H 199 -10.60 1.41 -24.49
N GLU H 200 -10.43 0.92 -23.25
CA GLU H 200 -9.30 1.31 -22.39
C GLU H 200 -9.19 2.83 -22.26
N GLY H 201 -10.31 3.45 -21.90
CA GLY H 201 -10.35 4.88 -21.63
C GLY H 201 -10.41 5.78 -22.85
N SER H 202 -10.35 5.21 -24.05
CA SER H 202 -10.31 5.98 -25.30
C SER H 202 -11.53 5.68 -26.14
N THR H 203 -12.26 6.73 -26.53
CA THR H 203 -13.49 6.61 -27.31
C THR H 203 -13.27 7.02 -28.76
N VAL H 204 -13.85 6.24 -29.68
CA VAL H 204 -13.89 6.57 -31.10
C VAL H 204 -15.34 6.42 -31.58
N GLU H 205 -15.80 7.35 -32.42
CA GLU H 205 -17.16 7.30 -32.91
C GLU H 205 -17.22 7.34 -34.43
N LYS H 206 -18.32 6.81 -34.97
CA LYS H 206 -18.64 6.92 -36.39
C LYS H 206 -20.10 7.31 -36.57
N THR H 207 -20.38 8.08 -37.62
CA THR H 207 -21.67 8.73 -37.79
C THR H 207 -22.21 8.51 -39.19
N VAL H 208 -23.53 8.34 -39.30
CA VAL H 208 -24.23 8.24 -40.57
C VAL H 208 -25.41 9.20 -40.57
N ALA H 209 -25.85 9.57 -41.76
CA ALA H 209 -26.97 10.47 -41.94
C ALA H 209 -27.96 9.89 -42.93
N PRO H 210 -29.25 10.23 -42.79
CA PRO H 210 -30.25 9.71 -43.75
C PRO H 210 -29.96 10.09 -45.20
N THR H 211 -29.27 11.20 -45.44
CA THR H 211 -29.01 11.62 -46.81
C THR H 211 -28.13 10.61 -47.55
N GLU H 212 -26.98 10.28 -46.96
CA GLU H 212 -25.98 9.47 -47.66
C GLU H 212 -25.43 8.37 -46.76
N ASN I 4 -20.53 39.61 -17.12
CA ASN I 4 -21.65 40.44 -17.51
C ASN I 4 -22.47 39.72 -18.57
N LEU I 5 -23.49 40.38 -19.09
CA LEU I 5 -24.33 39.80 -20.12
C LEU I 5 -23.65 39.96 -21.49
N CYS I 6 -23.59 38.88 -22.26
CA CYS I 6 -22.95 38.94 -23.56
C CYS I 6 -23.66 39.94 -24.46
N PRO I 7 -22.92 40.74 -25.24
CA PRO I 7 -23.52 41.86 -25.97
C PRO I 7 -24.30 41.45 -27.22
N PHE I 8 -25.11 40.40 -27.11
CA PHE I 8 -25.95 39.99 -28.23
C PHE I 8 -26.85 41.12 -28.70
N GLY I 9 -27.34 41.94 -27.76
CA GLY I 9 -28.09 43.13 -28.14
C GLY I 9 -27.42 43.94 -29.23
N GLU I 10 -26.11 44.11 -29.12
CA GLU I 10 -25.39 44.93 -30.08
C GLU I 10 -25.30 44.27 -31.45
N VAL I 11 -25.41 42.95 -31.51
CA VAL I 11 -25.34 42.23 -32.77
C VAL I 11 -26.70 42.15 -33.44
N PHE I 12 -27.69 41.64 -32.70
CA PHE I 12 -29.06 41.42 -33.22
C PHE I 12 -29.81 42.76 -33.40
N ASN I 13 -29.61 43.70 -32.49
CA ASN I 13 -30.30 45.02 -32.56
C ASN I 13 -29.41 46.05 -33.26
N ALA I 14 -28.36 45.59 -33.95
CA ALA I 14 -27.42 46.47 -34.68
C ALA I 14 -28.21 47.43 -35.58
N THR I 15 -27.98 48.73 -35.40
CA THR I 15 -28.67 49.78 -36.16
C THR I 15 -28.50 49.57 -37.65
N ARG I 16 -27.28 49.33 -38.10
CA ARG I 16 -27.01 49.02 -39.50
C ARG I 16 -26.43 47.61 -39.62
N PHE I 17 -26.68 46.99 -40.77
CA PHE I 17 -26.19 45.64 -41.07
C PHE I 17 -25.28 45.67 -42.29
N ALA I 18 -24.57 44.56 -42.50
CA ALA I 18 -23.58 44.46 -43.55
C ALA I 18 -24.13 43.77 -44.80
N SER I 19 -23.55 44.12 -45.95
CA SER I 19 -23.79 43.37 -47.18
C SER I 19 -23.26 41.96 -47.02
N VAL I 20 -24.01 40.98 -47.54
CA VAL I 20 -23.62 39.58 -47.41
C VAL I 20 -22.22 39.34 -47.95
N TYR I 21 -21.86 39.98 -49.08
CA TYR I 21 -20.53 39.76 -49.64
C TYR I 21 -19.43 40.18 -48.68
N ALA I 22 -19.68 41.19 -47.85
CA ALA I 22 -18.73 41.63 -46.85
C ALA I 22 -19.27 41.34 -45.46
N TRP I 23 -19.71 40.09 -45.23
CA TRP I 23 -20.36 39.74 -43.98
C TRP I 23 -19.47 40.06 -42.78
N ASN I 24 -20.11 40.64 -41.75
CA ASN I 24 -19.42 41.10 -40.55
C ASN I 24 -19.42 40.01 -39.50
N ARG I 25 -18.26 39.79 -38.88
CA ARG I 25 -18.10 38.82 -37.82
C ARG I 25 -17.83 39.53 -36.51
N LYS I 26 -18.51 39.10 -35.45
CA LYS I 26 -18.21 39.55 -34.11
C LYS I 26 -17.83 38.36 -33.24
N ARG I 27 -16.59 38.35 -32.75
CA ARG I 27 -16.20 37.39 -31.73
C ARG I 27 -16.75 37.84 -30.39
N ILE I 28 -17.41 36.92 -29.70
CA ILE I 28 -18.02 37.17 -28.39
C ILE I 28 -17.28 36.33 -27.38
N SER I 29 -16.77 36.99 -26.32
CA SER I 29 -15.96 36.30 -25.35
C SER I 29 -16.05 37.00 -24.00
N ASN I 30 -15.89 36.21 -22.93
CA ASN I 30 -15.83 36.70 -21.56
C ASN I 30 -17.13 37.38 -21.14
N CYS I 31 -18.17 36.56 -21.00
CA CYS I 31 -19.48 37.02 -20.59
C CYS I 31 -20.37 35.81 -20.38
N VAL I 32 -21.52 36.06 -19.76
CA VAL I 32 -22.55 35.04 -19.56
C VAL I 32 -23.58 35.19 -20.67
N ALA I 33 -23.69 34.18 -21.51
CA ALA I 33 -24.59 34.22 -22.66
C ALA I 33 -25.94 33.61 -22.27
N ASP I 34 -26.95 34.47 -22.16
CA ASP I 34 -28.32 34.02 -21.87
C ASP I 34 -29.01 33.71 -23.19
N TYR I 35 -28.81 32.48 -23.68
CA TYR I 35 -29.40 32.09 -24.95
C TYR I 35 -30.92 32.07 -24.91
N SER I 36 -31.51 31.95 -23.72
CA SER I 36 -32.96 31.96 -23.60
C SER I 36 -33.56 33.24 -24.14
N VAL I 37 -32.86 34.37 -23.98
CA VAL I 37 -33.35 35.64 -24.49
C VAL I 37 -33.55 35.57 -26.00
N LEU I 38 -32.76 34.75 -26.68
CA LEU I 38 -32.93 34.62 -28.13
C LEU I 38 -34.11 33.72 -28.48
N TYR I 39 -34.03 32.43 -28.13
CA TYR I 39 -35.07 31.50 -28.55
C TYR I 39 -36.43 31.79 -27.92
N ASN I 40 -36.50 32.72 -26.96
CA ASN I 40 -37.78 33.14 -26.40
C ASN I 40 -38.26 34.46 -26.96
N SER I 41 -37.50 35.09 -27.84
CA SER I 41 -38.05 36.10 -28.74
C SER I 41 -38.64 35.37 -29.93
N ALA I 42 -39.96 35.21 -29.94
CA ALA I 42 -40.62 34.42 -30.97
C ALA I 42 -40.84 35.23 -32.23
N SER I 43 -39.97 36.20 -32.49
CA SER I 43 -40.06 37.05 -33.67
C SER I 43 -39.10 36.62 -34.77
N PHE I 44 -38.44 35.47 -34.61
CA PHE I 44 -37.45 35.01 -35.57
C PHE I 44 -38.13 34.08 -36.57
N SER I 45 -38.01 34.40 -37.86
CA SER I 45 -38.63 33.58 -38.89
C SER I 45 -37.86 32.30 -39.17
N THR I 46 -36.54 32.33 -39.03
CA THR I 46 -35.74 31.11 -39.11
C THR I 46 -34.87 31.00 -37.87
N PHE I 47 -34.76 29.79 -37.32
CA PHE I 47 -33.95 29.53 -36.14
C PHE I 47 -33.52 28.06 -36.14
N LYS I 48 -32.71 27.67 -37.12
CA LYS I 48 -32.27 26.27 -37.23
C LYS I 48 -30.91 26.08 -36.56
N CYS I 49 -30.84 25.14 -35.62
CA CYS I 49 -29.59 24.80 -34.97
C CYS I 49 -29.16 23.39 -35.37
N TYR I 50 -27.85 23.24 -35.61
CA TYR I 50 -27.25 21.99 -36.08
C TYR I 50 -26.24 21.50 -35.07
N GLY I 51 -26.43 20.27 -34.58
CA GLY I 51 -25.45 19.62 -33.74
C GLY I 51 -25.52 19.96 -32.27
N VAL I 52 -26.41 20.86 -31.87
CA VAL I 52 -26.51 21.29 -30.49
C VAL I 52 -27.95 21.15 -30.00
N SER I 53 -28.10 21.17 -28.67
CA SER I 53 -29.43 21.18 -28.08
C SER I 53 -30.07 22.54 -28.27
N PRO I 54 -31.40 22.62 -28.18
CA PRO I 54 -32.05 23.93 -28.27
C PRO I 54 -31.72 24.80 -27.07
N THR I 55 -32.01 24.27 -25.88
CA THR I 55 -31.88 25.00 -24.63
C THR I 55 -30.66 24.63 -23.80
N LYS I 56 -30.07 23.45 -24.02
CA LYS I 56 -28.96 23.07 -23.15
C LYS I 56 -27.68 23.84 -23.47
N LEU I 57 -27.68 24.63 -24.55
CA LEU I 57 -26.63 25.62 -24.74
C LEU I 57 -26.55 26.54 -23.53
N ASN I 58 -27.69 26.75 -22.87
CA ASN I 58 -27.76 27.57 -21.66
C ASN I 58 -26.98 26.96 -20.50
N ASP I 59 -26.46 25.75 -20.63
CA ASP I 59 -25.70 25.12 -19.55
C ASP I 59 -24.23 24.94 -19.87
N LEU I 60 -23.84 25.07 -21.14
CA LEU I 60 -22.49 24.77 -21.58
C LEU I 60 -21.64 26.04 -21.68
N CYS I 61 -20.33 25.84 -21.71
CA CYS I 61 -19.35 26.90 -21.85
C CYS I 61 -18.53 26.69 -23.11
N PHE I 62 -18.07 27.79 -23.69
CA PHE I 62 -17.31 27.73 -24.94
C PHE I 62 -16.13 28.68 -24.87
N THR I 63 -15.03 28.29 -25.54
CA THR I 63 -13.89 29.19 -25.66
C THR I 63 -14.29 30.49 -26.35
N ASN I 64 -14.95 30.40 -27.50
CA ASN I 64 -15.45 31.59 -28.18
C ASN I 64 -16.80 31.32 -28.82
N VAL I 65 -17.56 32.40 -29.03
CA VAL I 65 -18.76 32.38 -29.85
C VAL I 65 -18.58 33.44 -30.93
N TYR I 66 -18.72 33.05 -32.19
CA TYR I 66 -18.60 33.96 -33.31
C TYR I 66 -19.97 34.21 -33.92
N ALA I 67 -20.31 35.47 -34.13
CA ALA I 67 -21.58 35.87 -34.73
C ALA I 67 -21.30 36.54 -36.07
N ASP I 68 -21.49 35.80 -37.16
CA ASP I 68 -21.48 36.40 -38.49
C ASP I 68 -22.87 36.96 -38.80
N SER I 69 -22.94 38.17 -39.35
CA SER I 69 -24.24 38.76 -39.63
C SER I 69 -24.22 39.47 -40.98
N PHE I 70 -25.40 39.51 -41.62
CA PHE I 70 -25.51 40.10 -42.96
C PHE I 70 -26.98 40.20 -43.34
N VAL I 71 -27.23 40.67 -44.56
CA VAL I 71 -28.57 40.83 -45.11
C VAL I 71 -28.64 40.15 -46.48
N ILE I 72 -29.66 39.34 -46.69
CA ILE I 72 -29.93 38.72 -47.98
C ILE I 72 -31.43 38.85 -48.27
N ARG I 73 -31.87 38.30 -49.40
CA ARG I 73 -33.31 38.27 -49.62
C ARG I 73 -33.89 36.94 -49.14
N GLY I 74 -35.20 36.96 -48.89
CA GLY I 74 -35.84 35.86 -48.16
C GLY I 74 -35.62 34.49 -48.77
N ASP I 75 -35.82 34.37 -50.08
CA ASP I 75 -35.71 33.06 -50.71
C ASP I 75 -34.28 32.54 -50.76
N GLU I 76 -33.30 33.38 -50.44
CA GLU I 76 -31.92 32.97 -50.34
C GLU I 76 -31.55 32.46 -48.94
N VAL I 77 -32.44 32.62 -47.95
CA VAL I 77 -32.15 32.15 -46.61
C VAL I 77 -31.88 30.65 -46.60
N ARG I 78 -32.61 29.89 -47.42
CA ARG I 78 -32.40 28.45 -47.48
C ARG I 78 -30.97 28.09 -47.85
N GLN I 79 -30.19 29.04 -48.35
CA GLN I 79 -28.79 28.78 -48.70
C GLN I 79 -27.86 28.89 -47.51
N ILE I 80 -28.32 29.47 -46.40
CA ILE I 80 -27.48 29.59 -45.21
C ILE I 80 -27.65 28.31 -44.41
N ALA I 81 -27.13 27.21 -44.96
CA ALA I 81 -27.23 25.89 -44.37
C ALA I 81 -26.11 25.04 -44.95
N PRO I 82 -25.75 23.93 -44.30
CA PRO I 82 -24.63 23.11 -44.79
C PRO I 82 -24.91 22.53 -46.17
N GLY I 83 -23.87 22.52 -47.00
CA GLY I 83 -23.91 21.87 -48.30
C GLY I 83 -25.04 22.31 -49.21
N GLN I 84 -25.31 23.61 -49.26
CA GLN I 84 -26.15 24.17 -50.30
C GLN I 84 -25.28 24.71 -51.45
N THR I 85 -25.91 24.91 -52.59
CA THR I 85 -25.33 25.74 -53.65
C THR I 85 -26.28 26.89 -53.97
N GLY I 86 -25.79 27.82 -54.79
CA GLY I 86 -26.53 29.02 -55.14
C GLY I 86 -25.63 30.22 -55.15
N LYS I 87 -26.15 31.36 -55.63
CA LYS I 87 -25.35 32.58 -55.67
C LYS I 87 -24.66 32.86 -54.34
N ILE I 88 -25.41 32.77 -53.23
CA ILE I 88 -24.91 33.21 -51.94
C ILE I 88 -23.89 32.21 -51.39
N ALA I 89 -24.29 30.96 -51.23
CA ALA I 89 -23.40 29.95 -50.64
C ALA I 89 -22.18 29.70 -51.49
N ASP I 90 -22.24 29.95 -52.80
CA ASP I 90 -21.09 29.74 -53.66
C ASP I 90 -20.18 30.96 -53.71
N TYR I 91 -20.73 32.18 -53.66
CA TYR I 91 -19.94 33.37 -53.92
C TYR I 91 -19.92 34.37 -52.78
N ASN I 92 -20.60 34.09 -51.66
CA ASN I 92 -20.77 35.12 -50.63
C ASN I 92 -20.51 34.61 -49.22
N TYR I 93 -21.24 33.58 -48.77
CA TYR I 93 -21.09 33.09 -47.41
C TYR I 93 -21.35 31.57 -47.41
N LYS I 94 -20.26 30.80 -47.36
CA LYS I 94 -20.34 29.35 -47.33
C LYS I 94 -20.18 28.82 -45.91
N LEU I 95 -21.11 27.95 -45.51
CA LEU I 95 -21.04 27.21 -44.26
C LEU I 95 -20.40 25.83 -44.49
N PRO I 96 -19.64 25.31 -43.52
CA PRO I 96 -19.04 24.00 -43.69
C PRO I 96 -20.06 22.88 -43.55
N ASP I 97 -19.67 21.69 -44.01
CA ASP I 97 -20.58 20.55 -43.98
C ASP I 97 -20.81 20.06 -42.56
N ASP I 98 -19.78 20.09 -41.72
CA ASP I 98 -19.85 19.62 -40.34
C ASP I 98 -20.31 20.70 -39.37
N PHE I 99 -21.12 21.64 -39.83
CA PHE I 99 -21.40 22.86 -39.08
C PHE I 99 -22.16 22.56 -37.80
N THR I 100 -21.59 22.95 -36.66
CA THR I 100 -22.25 22.93 -35.37
C THR I 100 -22.52 24.37 -34.96
N GLY I 101 -23.78 24.77 -34.95
CA GLY I 101 -24.12 26.13 -34.59
C GLY I 101 -25.53 26.46 -35.05
N CYS I 102 -25.87 27.75 -34.98
CA CYS I 102 -27.26 28.16 -35.20
C CYS I 102 -27.36 29.25 -36.26
N VAL I 103 -28.33 29.09 -37.16
CA VAL I 103 -28.69 30.10 -38.16
C VAL I 103 -30.00 30.76 -37.74
N ILE I 104 -30.00 32.09 -37.68
CA ILE I 104 -31.13 32.89 -37.21
C ILE I 104 -31.42 33.95 -38.27
N ALA I 105 -32.68 34.05 -38.70
CA ALA I 105 -33.05 35.06 -39.69
C ALA I 105 -34.41 35.67 -39.37
N TRP I 106 -34.56 36.94 -39.73
CA TRP I 106 -35.85 37.62 -39.58
C TRP I 106 -36.05 38.66 -40.67
N ASN I 107 -37.32 38.95 -40.97
CA ASN I 107 -37.67 39.89 -42.02
C ASN I 107 -37.39 41.33 -41.57
N SER I 108 -36.64 42.06 -42.39
CA SER I 108 -36.25 43.44 -42.10
C SER I 108 -36.81 44.41 -43.14
N ASN I 109 -38.01 44.14 -43.67
CA ASN I 109 -38.56 45.00 -44.71
C ASN I 109 -38.78 46.42 -44.21
N ASN I 110 -39.26 46.58 -42.98
CA ASN I 110 -39.54 47.90 -42.42
C ASN I 110 -38.28 48.67 -42.03
N LEU I 111 -37.10 48.06 -42.15
CA LEU I 111 -35.85 48.72 -41.79
C LEU I 111 -34.88 48.87 -42.95
N ASP I 112 -34.85 47.92 -43.89
CA ASP I 112 -33.85 47.92 -44.95
C ASP I 112 -34.41 48.23 -46.33
N SER I 113 -35.73 48.09 -46.53
CA SER I 113 -36.38 48.65 -47.70
C SER I 113 -36.67 50.13 -47.47
N LYS I 114 -36.73 50.87 -48.56
CA LYS I 114 -37.20 52.25 -48.52
C LYS I 114 -37.97 52.57 -49.80
N VAL I 115 -38.93 53.49 -49.67
CA VAL I 115 -39.76 53.86 -50.81
C VAL I 115 -38.88 54.45 -51.90
N GLY I 116 -38.86 53.78 -53.06
CA GLY I 116 -37.99 54.12 -54.16
C GLY I 116 -36.86 53.12 -54.36
N GLY I 117 -36.44 52.46 -53.30
CA GLY I 117 -35.48 51.37 -53.39
C GLY I 117 -34.19 51.60 -52.64
N ASN I 118 -33.73 50.55 -51.96
CA ASN I 118 -32.46 50.57 -51.25
C ASN I 118 -31.44 49.79 -52.06
N TYR I 119 -30.34 50.46 -52.43
CA TYR I 119 -29.29 49.85 -53.24
C TYR I 119 -27.94 49.91 -52.52
N ASN I 120 -27.98 49.92 -51.19
CA ASN I 120 -26.76 49.83 -50.38
C ASN I 120 -26.36 48.39 -50.11
N TYR I 121 -27.34 47.52 -49.89
CA TYR I 121 -27.07 46.10 -49.62
C TYR I 121 -26.70 45.41 -50.93
N LEU I 122 -25.48 44.93 -51.03
CA LEU I 122 -24.98 44.28 -52.23
C LEU I 122 -24.79 42.78 -52.00
N TYR I 123 -24.41 42.10 -53.08
CA TYR I 123 -24.02 40.70 -53.07
C TYR I 123 -23.07 40.48 -54.24
N ARG I 124 -22.30 39.40 -54.18
CA ARG I 124 -21.38 39.08 -55.25
C ARG I 124 -22.08 38.23 -56.30
N LEU I 125 -22.01 38.65 -57.55
CA LEU I 125 -22.66 37.96 -58.67
C LEU I 125 -21.72 37.05 -59.43
N PHE I 126 -20.50 37.49 -59.69
CA PHE I 126 -19.52 36.73 -60.47
C PHE I 126 -18.30 36.44 -59.63
N ARG I 127 -17.84 35.18 -59.68
CA ARG I 127 -16.57 34.81 -59.08
C ARG I 127 -15.94 33.69 -59.90
N LYS I 128 -14.61 33.68 -59.94
CA LYS I 128 -13.89 32.69 -60.75
C LYS I 128 -14.00 31.28 -60.17
N SER I 129 -14.43 31.13 -58.91
CA SER I 129 -14.55 29.83 -58.27
C SER I 129 -15.30 30.01 -56.96
N ASN I 130 -15.61 28.88 -56.31
CA ASN I 130 -16.41 28.88 -55.09
C ASN I 130 -15.61 29.29 -53.87
N LEU I 131 -16.30 29.94 -52.93
CA LEU I 131 -15.73 30.20 -51.62
C LEU I 131 -15.59 28.92 -50.81
N LYS I 132 -14.57 28.88 -49.99
CA LYS I 132 -14.35 27.83 -49.01
C LYS I 132 -15.09 28.19 -47.71
N PRO I 133 -15.36 27.20 -46.85
CA PRO I 133 -16.12 27.49 -45.62
C PRO I 133 -15.56 28.65 -44.82
N PHE I 134 -16.46 29.54 -44.38
CA PHE I 134 -16.15 30.71 -43.58
C PHE I 134 -15.14 31.64 -44.26
N GLU I 135 -15.03 31.58 -45.58
CA GLU I 135 -14.24 32.55 -46.32
C GLU I 135 -15.11 33.75 -46.73
N ARG I 136 -14.47 34.91 -46.84
CA ARG I 136 -15.13 36.15 -47.24
C ARG I 136 -14.27 36.87 -48.28
N ASP I 137 -14.93 37.42 -49.31
CA ASP I 137 -14.25 38.08 -50.41
C ASP I 137 -14.90 39.43 -50.66
N ILE I 138 -14.09 40.50 -50.63
CA ILE I 138 -14.60 41.86 -50.82
C ILE I 138 -13.84 42.58 -51.94
N SER I 139 -13.15 41.81 -52.79
CA SER I 139 -12.45 42.41 -53.92
C SER I 139 -13.44 42.94 -54.94
N THR I 140 -13.10 44.08 -55.54
CA THR I 140 -13.86 44.65 -56.66
C THR I 140 -13.06 44.53 -57.95
N GLU I 141 -12.34 43.44 -58.11
CA GLU I 141 -11.59 43.19 -59.34
C GLU I 141 -12.55 42.93 -60.49
N ILE I 142 -12.24 43.50 -61.65
CA ILE I 142 -13.14 43.42 -62.80
C ILE I 142 -13.20 41.98 -63.29
N TYR I 143 -14.40 41.39 -63.24
CA TYR I 143 -14.60 40.02 -63.67
C TYR I 143 -14.51 39.90 -65.18
N GLN I 144 -13.69 38.95 -65.65
CA GLN I 144 -13.59 38.64 -67.07
C GLN I 144 -14.42 37.39 -67.37
N ALA I 145 -15.47 37.56 -68.16
CA ALA I 145 -16.17 36.41 -68.73
C ALA I 145 -15.75 36.12 -70.17
N GLY I 146 -15.29 37.15 -70.89
CA GLY I 146 -14.84 37.00 -72.25
C GLY I 146 -13.37 36.60 -72.33
N SER I 147 -12.85 36.63 -73.56
CA SER I 147 -11.50 36.19 -73.83
C SER I 147 -10.46 37.29 -73.70
N THR I 148 -10.83 38.55 -73.93
CA THR I 148 -9.87 39.65 -74.02
C THR I 148 -9.71 40.33 -72.66
N PRO I 149 -8.47 40.53 -72.21
CA PRO I 149 -8.25 41.14 -70.89
C PRO I 149 -8.91 42.50 -70.73
N CYS I 150 -9.38 42.77 -69.52
CA CYS I 150 -9.80 44.11 -69.13
C CYS I 150 -8.81 44.65 -68.09
N ASN I 151 -8.49 45.93 -68.21
CA ASN I 151 -7.65 46.62 -67.23
C ASN I 151 -8.17 47.98 -66.76
N GLY I 152 -9.28 48.47 -67.29
CA GLY I 152 -9.74 49.79 -66.89
C GLY I 152 -11.08 49.70 -66.20
N VAL I 153 -12.15 49.53 -66.96
CA VAL I 153 -13.48 49.47 -66.33
C VAL I 153 -14.25 48.31 -66.95
N GLU I 154 -14.46 48.35 -68.26
CA GLU I 154 -15.28 47.34 -68.92
C GLU I 154 -14.93 47.24 -70.39
N GLY I 155 -15.20 46.06 -70.94
CA GLY I 155 -14.94 45.79 -72.34
C GLY I 155 -15.86 44.65 -72.77
N PHE I 156 -15.34 43.74 -73.59
CA PHE I 156 -16.12 42.58 -74.03
C PHE I 156 -16.29 41.63 -72.86
N ASN I 157 -17.51 41.56 -72.29
CA ASN I 157 -17.77 40.74 -71.10
C ASN I 157 -16.76 41.04 -69.99
N CYS I 158 -16.89 42.22 -69.40
CA CYS I 158 -16.01 42.64 -68.31
C CYS I 158 -16.88 43.27 -67.23
N TYR I 159 -17.53 42.43 -66.43
CA TYR I 159 -18.54 42.93 -65.52
C TYR I 159 -17.94 43.25 -64.16
N PHE I 160 -18.45 44.30 -63.55
CA PHE I 160 -18.16 44.57 -62.15
C PHE I 160 -18.75 43.44 -61.32
N PRO I 161 -18.01 42.87 -60.37
CA PRO I 161 -18.46 41.60 -59.77
C PRO I 161 -19.65 41.75 -58.82
N LEU I 162 -19.81 42.90 -58.18
CA LEU I 162 -20.89 43.09 -57.22
C LEU I 162 -22.16 43.61 -57.90
N GLN I 163 -23.31 43.16 -57.38
CA GLN I 163 -24.61 43.66 -57.78
C GLN I 163 -25.36 44.08 -56.53
N SER I 164 -26.30 45.01 -56.69
CA SER I 164 -27.10 45.47 -55.56
C SER I 164 -28.46 44.77 -55.54
N TYR I 165 -28.89 44.38 -54.33
CA TYR I 165 -30.31 44.11 -54.11
C TYR I 165 -31.11 45.39 -54.24
N GLY I 166 -32.28 45.29 -54.86
CA GLY I 166 -33.20 46.41 -54.89
C GLY I 166 -34.35 46.23 -53.93
N PHE I 167 -34.21 46.76 -52.71
CA PHE I 167 -35.14 46.47 -51.61
C PHE I 167 -36.19 47.58 -51.52
N GLN I 168 -37.39 47.30 -52.04
CA GLN I 168 -38.55 48.19 -51.99
C GLN I 168 -39.62 47.60 -51.09
N PRO I 169 -40.33 48.42 -50.33
CA PRO I 169 -41.30 47.89 -49.35
C PRO I 169 -42.40 47.07 -49.99
N THR I 170 -42.61 47.19 -51.29
CA THR I 170 -43.71 46.53 -52.00
C THR I 170 -43.24 45.32 -52.79
N ASN I 171 -42.00 44.88 -52.58
CA ASN I 171 -41.50 43.65 -53.17
C ASN I 171 -42.25 42.44 -52.60
N GLY I 172 -42.24 41.35 -53.35
CA GLY I 172 -42.77 40.10 -52.84
C GLY I 172 -41.98 39.63 -51.63
N VAL I 173 -42.65 38.87 -50.77
CA VAL I 173 -42.04 38.38 -49.53
C VAL I 173 -40.69 37.71 -49.81
N GLY I 174 -40.63 36.89 -50.86
CA GLY I 174 -39.38 36.24 -51.24
C GLY I 174 -38.28 37.21 -51.66
N TYR I 175 -38.64 38.42 -52.08
CA TYR I 175 -37.67 39.40 -52.54
C TYR I 175 -37.44 40.52 -51.53
N GLN I 176 -37.95 40.38 -50.29
CA GLN I 176 -37.79 41.32 -49.18
C GLN I 176 -36.51 41.03 -48.39
N PRO I 177 -35.92 42.05 -47.76
CA PRO I 177 -34.65 41.83 -47.05
C PRO I 177 -34.85 41.10 -45.73
N TYR I 178 -34.03 40.08 -45.50
CA TYR I 178 -33.94 39.37 -44.25
C TYR I 178 -32.54 39.56 -43.65
N ARG I 179 -32.52 39.90 -42.36
CA ARG I 179 -31.28 39.96 -41.58
C ARG I 179 -30.97 38.58 -41.01
N VAL I 180 -29.69 38.17 -41.13
CA VAL I 180 -29.24 36.85 -40.72
C VAL I 180 -28.07 36.99 -39.74
N VAL I 181 -28.05 36.11 -38.74
CA VAL I 181 -26.99 35.96 -37.75
C VAL I 181 -26.68 34.48 -37.59
N VAL I 182 -25.41 34.12 -37.76
CA VAL I 182 -24.93 32.75 -37.71
C VAL I 182 -23.97 32.65 -36.51
N LEU I 183 -24.38 31.88 -35.50
CA LEU I 183 -23.57 31.64 -34.31
C LEU I 183 -22.78 30.35 -34.49
N SER I 184 -21.45 30.47 -34.52
CA SER I 184 -20.54 29.33 -34.49
C SER I 184 -19.88 29.25 -33.11
N PHE I 185 -19.81 28.03 -32.57
CA PHE I 185 -19.31 27.77 -31.22
C PHE I 185 -17.94 27.10 -31.27
N GLU I 186 -17.01 27.59 -30.45
CA GLU I 186 -15.61 27.15 -30.46
C GLU I 186 -15.20 26.72 -29.07
N LEU I 187 -14.75 25.47 -28.94
CA LEU I 187 -14.33 24.86 -27.68
C LEU I 187 -12.90 24.38 -27.84
N LEU I 188 -11.95 25.09 -27.22
CA LEU I 188 -10.53 24.79 -27.28
C LEU I 188 -10.01 24.25 -25.95
N HIS I 189 -8.81 23.65 -26.03
CA HIS I 189 -8.01 23.38 -24.84
C HIS I 189 -7.48 24.70 -24.30
N ALA I 190 -8.40 25.52 -23.81
CA ALA I 190 -8.09 26.86 -23.32
C ALA I 190 -9.25 27.29 -22.43
N PRO I 191 -9.08 28.38 -21.66
CA PRO I 191 -10.18 28.82 -20.78
C PRO I 191 -11.46 29.08 -21.57
N ALA I 192 -12.55 28.44 -21.13
CA ALA I 192 -13.87 28.70 -21.69
C ALA I 192 -14.41 29.98 -21.08
N THR I 193 -14.60 31.01 -21.93
CA THR I 193 -14.95 32.33 -21.44
C THR I 193 -16.42 32.70 -21.64
N VAL I 194 -17.14 31.99 -22.51
CA VAL I 194 -18.55 32.30 -22.80
C VAL I 194 -19.39 31.17 -22.22
N CYS I 195 -20.19 31.49 -21.21
CA CYS I 195 -20.86 30.49 -20.40
C CYS I 195 -22.33 30.83 -20.26
N GLY I 196 -23.17 29.80 -20.19
CA GLY I 196 -24.56 29.98 -19.82
C GLY I 196 -24.73 30.09 -18.31
N PRO I 197 -25.81 30.72 -17.88
CA PRO I 197 -26.04 30.86 -16.43
C PRO I 197 -26.25 29.55 -15.69
N GLY I 198 -26.60 28.46 -16.36
CA GLY I 198 -26.86 27.24 -15.61
C GLY I 198 -25.69 26.27 -15.55
N SER I 199 -24.48 26.80 -15.60
CA SER I 199 -23.26 26.00 -15.70
C SER I 199 -22.71 25.65 -14.33
N HIS I 200 -21.68 24.80 -14.32
CA HIS I 200 -20.97 24.46 -13.10
C HIS I 200 -20.18 25.64 -12.54
N HIS I 201 -19.93 26.66 -13.35
CA HIS I 201 -18.95 27.69 -13.00
C HIS I 201 -19.48 28.68 -11.96
N HIS I 202 -20.79 28.89 -11.91
CA HIS I 202 -21.35 29.96 -11.09
C HIS I 202 -22.06 29.46 -9.84
N ASN J 4 -42.89 -53.25 8.75
CA ASN J 4 -41.79 -54.14 9.10
C ASN J 4 -40.87 -53.50 10.12
N LEU J 5 -40.21 -54.31 10.94
CA LEU J 5 -39.30 -53.81 11.96
C LEU J 5 -37.94 -53.45 11.35
N CYS J 6 -37.45 -52.26 11.68
CA CYS J 6 -36.15 -51.83 11.18
C CYS J 6 -35.07 -52.76 11.70
N PRO J 7 -34.09 -53.13 10.87
CA PRO J 7 -33.15 -54.19 11.25
C PRO J 7 -32.08 -53.74 12.25
N PHE J 8 -32.49 -52.99 13.28
CA PHE J 8 -31.53 -52.56 14.29
C PHE J 8 -30.86 -53.75 14.98
N GLY J 9 -31.58 -54.86 15.16
CA GLY J 9 -30.96 -56.07 15.65
C GLY J 9 -29.68 -56.41 14.93
N GLU J 10 -29.68 -56.27 13.60
CA GLU J 10 -28.51 -56.64 12.81
C GLU J 10 -27.36 -55.68 13.04
N VAL J 11 -27.65 -54.45 13.45
CA VAL J 11 -26.61 -53.45 13.66
C VAL J 11 -26.02 -53.55 15.06
N PHE J 12 -26.90 -53.46 16.07
CA PHE J 12 -26.50 -53.46 17.50
C PHE J 12 -25.96 -54.83 17.93
N ASN J 13 -26.60 -55.92 17.49
CA ASN J 13 -26.18 -57.28 17.89
C ASN J 13 -25.21 -57.88 16.87
N ALA J 14 -24.64 -57.05 15.98
CA ALA J 14 -23.67 -57.52 14.96
C ALA J 14 -22.56 -58.32 15.65
N THR J 15 -22.43 -59.59 15.28
CA THR J 15 -21.44 -60.49 15.84
C THR J 15 -20.06 -59.84 15.88
N ARG J 16 -19.63 -59.23 14.77
CA ARG J 16 -18.41 -58.43 14.74
C ARG J 16 -18.72 -56.98 14.41
N PHE J 17 -17.79 -56.12 14.82
CA PHE J 17 -17.83 -54.69 14.57
C PHE J 17 -16.61 -54.28 13.76
N ALA J 18 -16.64 -53.07 13.24
CA ALA J 18 -15.61 -52.56 12.35
C ALA J 18 -14.59 -51.73 13.11
N SER J 19 -13.36 -51.68 12.57
CA SER J 19 -12.37 -50.73 13.05
C SER J 19 -12.86 -49.31 12.79
N VAL J 20 -12.63 -48.44 13.78
CA VAL J 20 -13.10 -47.05 13.68
C VAL J 20 -12.59 -46.38 12.42
N TYR J 21 -11.33 -46.63 12.04
CA TYR J 21 -10.78 -45.99 10.84
C TYR J 21 -11.59 -46.37 9.60
N ALA J 22 -12.16 -47.57 9.59
CA ALA J 22 -13.00 -48.02 8.48
C ALA J 22 -14.44 -48.18 8.95
N TRP J 23 -14.98 -47.15 9.62
CA TRP J 23 -16.31 -47.25 10.24
C TRP J 23 -17.37 -47.65 9.23
N ASN J 24 -18.24 -48.57 9.63
CA ASN J 24 -19.24 -49.12 8.72
C ASN J 24 -20.56 -48.35 8.81
N ARG J 25 -21.11 -47.98 7.65
CA ARG J 25 -22.39 -47.28 7.58
C ARG J 25 -23.45 -48.19 6.97
N LYS J 26 -24.62 -48.26 7.63
CA LYS J 26 -25.79 -48.92 7.07
C LYS J 26 -26.91 -47.90 6.94
N ARG J 27 -27.37 -47.68 5.71
CA ARG J 27 -28.60 -46.92 5.51
C ARG J 27 -29.80 -47.80 5.82
N ILE J 28 -30.72 -47.28 6.62
CA ILE J 28 -31.93 -47.95 7.05
C ILE J 28 -33.11 -47.18 6.48
N SER J 29 -34.00 -47.90 5.79
CA SER J 29 -35.12 -47.28 5.10
C SER J 29 -36.27 -48.28 5.00
N ASN J 30 -37.49 -47.75 4.97
CA ASN J 30 -38.71 -48.53 4.74
C ASN J 30 -38.94 -49.54 5.88
N CYS J 31 -39.28 -49.01 7.06
CA CYS J 31 -39.57 -49.85 8.21
C CYS J 31 -40.08 -49.00 9.35
N VAL J 32 -40.63 -49.67 10.36
CA VAL J 32 -41.05 -49.06 11.61
C VAL J 32 -39.93 -49.22 12.63
N ALA J 33 -39.34 -48.09 13.03
CA ALA J 33 -38.22 -48.10 13.98
C ALA J 33 -38.77 -47.95 15.40
N ASP J 34 -38.69 -49.04 16.17
CA ASP J 34 -39.11 -49.01 17.57
C ASP J 34 -37.92 -48.56 18.42
N TYR J 35 -37.76 -47.23 18.49
CA TYR J 35 -36.63 -46.67 19.23
C TYR J 35 -36.73 -46.98 20.72
N SER J 36 -37.94 -47.26 21.22
CA SER J 36 -38.09 -47.61 22.63
C SER J 36 -37.28 -48.84 23.00
N VAL J 37 -37.17 -49.80 22.09
CA VAL J 37 -36.38 -50.99 22.37
C VAL J 37 -34.93 -50.62 22.66
N LEU J 38 -34.45 -49.51 22.08
CA LEU J 38 -33.08 -49.08 22.35
C LEU J 38 -32.99 -48.35 23.69
N TYR J 39 -33.64 -47.19 23.82
CA TYR J 39 -33.46 -46.41 25.04
C TYR J 39 -34.04 -47.08 26.27
N ASN J 40 -34.75 -48.21 26.13
CA ASN J 40 -35.22 -48.97 27.29
C ASN J 40 -34.38 -50.20 27.55
N SER J 41 -33.36 -50.45 26.73
CA SER J 41 -32.27 -51.35 27.11
C SER J 41 -31.27 -50.52 27.91
N ALA J 42 -31.28 -50.67 29.24
CA ALA J 42 -30.47 -49.84 30.12
C ALA J 42 -29.04 -50.35 30.19
N SER J 43 -28.57 -50.98 29.12
CA SER J 43 -27.21 -51.51 29.04
C SER J 43 -26.27 -50.58 28.27
N PHE J 44 -26.74 -49.40 27.88
CA PHE J 44 -25.94 -48.46 27.09
C PHE J 44 -25.25 -47.47 28.02
N SER J 45 -23.93 -47.39 27.93
CA SER J 45 -23.19 -46.47 28.78
C SER J 45 -23.28 -45.02 28.30
N THR J 46 -23.37 -44.81 27.00
CA THR J 46 -23.63 -43.48 26.45
C THR J 46 -24.83 -43.54 25.51
N PHE J 47 -25.70 -42.54 25.59
CA PHE J 47 -26.88 -42.42 24.75
C PHE J 47 -27.25 -40.95 24.65
N LYS J 48 -26.36 -40.16 24.04
CA LYS J 48 -26.55 -38.71 23.94
C LYS J 48 -27.16 -38.37 22.60
N CYS J 49 -28.32 -37.69 22.62
CA CYS J 49 -28.99 -37.26 21.40
C CYS J 49 -28.94 -35.74 21.30
N TYR J 50 -28.71 -35.24 20.08
CA TYR J 50 -28.58 -33.83 19.81
C TYR J 50 -29.70 -33.41 18.86
N GLY J 51 -30.48 -32.43 19.30
CA GLY J 51 -31.55 -31.83 18.55
C GLY J 51 -32.87 -32.58 18.64
N VAL J 52 -32.86 -33.78 19.22
CA VAL J 52 -34.08 -34.55 19.40
C VAL J 52 -34.09 -35.14 20.81
N SER J 53 -35.29 -35.45 21.29
CA SER J 53 -35.33 -36.40 22.38
C SER J 53 -35.64 -37.77 21.80
N PRO J 54 -35.31 -38.87 22.48
CA PRO J 54 -35.65 -40.21 21.94
C PRO J 54 -37.14 -40.46 21.85
N THR J 55 -37.83 -40.25 22.96
CA THR J 55 -39.25 -40.57 22.99
C THR J 55 -40.02 -39.76 21.97
N LYS J 56 -39.50 -38.58 21.61
CA LYS J 56 -40.16 -37.78 20.58
C LYS J 56 -39.82 -38.30 19.19
N LEU J 57 -38.65 -38.94 19.07
CA LEU J 57 -38.31 -39.69 17.85
C LEU J 57 -39.27 -40.83 17.62
N ASN J 58 -39.82 -41.42 18.69
CA ASN J 58 -40.75 -42.53 18.47
C ASN J 58 -42.02 -42.11 17.73
N ASP J 59 -42.18 -40.82 17.43
CA ASP J 59 -43.36 -40.29 16.75
C ASP J 59 -43.08 -39.81 15.33
N LEU J 60 -41.83 -39.62 14.96
CA LEU J 60 -41.46 -38.92 13.74
C LEU J 60 -41.16 -39.92 12.62
N CYS J 61 -41.18 -39.42 11.39
CA CYS J 61 -40.80 -40.21 10.23
C CYS J 61 -39.62 -39.55 9.51
N PHE J 62 -38.79 -40.39 8.89
CA PHE J 62 -37.60 -39.91 8.20
C PHE J 62 -37.42 -40.66 6.89
N THR J 63 -36.91 -39.94 5.88
CA THR J 63 -36.56 -40.56 4.61
C THR J 63 -35.53 -41.68 4.82
N ASN J 64 -34.44 -41.39 5.53
CA ASN J 64 -33.47 -42.43 5.84
C ASN J 64 -32.92 -42.25 7.25
N VAL J 65 -32.44 -43.35 7.82
CA VAL J 65 -31.66 -43.31 9.05
C VAL J 65 -30.34 -44.01 8.77
N TYR J 66 -29.23 -43.33 9.04
CA TYR J 66 -27.92 -43.91 8.80
C TYR J 66 -27.31 -44.32 10.14
N ALA J 67 -26.81 -45.54 10.19
CA ALA J 67 -26.17 -46.09 11.38
C ALA J 67 -24.69 -46.32 11.07
N ASP J 68 -23.84 -45.40 11.52
CA ASP J 68 -22.41 -45.63 11.51
C ASP J 68 -22.02 -46.39 12.78
N SER J 69 -21.18 -47.41 12.62
CA SER J 69 -20.78 -48.21 13.78
C SER J 69 -19.31 -48.56 13.70
N PHE J 70 -18.72 -48.70 14.89
CA PHE J 70 -17.29 -48.98 15.03
C PHE J 70 -16.97 -49.30 16.49
N VAL J 71 -15.68 -49.51 16.76
CA VAL J 71 -15.18 -49.81 18.11
C VAL J 71 -14.03 -48.86 18.43
N ILE J 72 -14.06 -48.25 19.61
CA ILE J 72 -12.97 -47.42 20.12
C ILE J 72 -12.70 -47.81 21.57
N ARG J 73 -11.75 -47.12 22.20
CA ARG J 73 -11.57 -47.34 23.62
C ARG J 73 -12.37 -46.33 24.43
N GLY J 74 -12.65 -46.68 25.68
CA GLY J 74 -13.65 -45.96 26.47
C GLY J 74 -13.38 -44.47 26.58
N ASP J 75 -12.14 -44.09 26.92
CA ASP J 75 -11.86 -42.67 27.13
C ASP J 75 -11.90 -41.87 25.84
N GLU J 76 -11.96 -42.53 24.69
CA GLU J 76 -12.12 -41.85 23.42
C GLU J 76 -13.58 -41.61 23.05
N VAL J 77 -14.53 -42.21 23.79
CA VAL J 77 -15.94 -42.02 23.49
C VAL J 77 -16.31 -40.54 23.54
N ARG J 78 -15.73 -39.79 24.48
CA ARG J 78 -16.00 -38.37 24.59
C ARG J 78 -15.70 -37.61 23.29
N GLN J 79 -14.98 -38.22 22.36
CA GLN J 79 -14.66 -37.61 21.08
C GLN J 79 -15.76 -37.78 20.04
N ILE J 80 -16.71 -38.69 20.27
CA ILE J 80 -17.80 -38.89 19.33
C ILE J 80 -18.90 -37.91 19.67
N ALA J 81 -18.62 -36.62 19.44
CA ALA J 81 -19.54 -35.54 19.75
C ALA J 81 -19.16 -34.34 18.90
N PRO J 82 -20.07 -33.38 18.72
CA PRO J 82 -19.75 -32.23 17.86
C PRO J 82 -18.59 -31.41 18.40
N GLY J 83 -17.75 -30.95 17.48
CA GLY J 83 -16.67 -30.02 17.78
C GLY J 83 -15.71 -30.47 18.86
N GLN J 84 -15.34 -31.75 18.85
CA GLN J 84 -14.21 -32.23 19.62
C GLN J 84 -12.96 -32.28 18.73
N THR J 85 -11.80 -32.35 19.38
CA THR J 85 -10.57 -32.76 18.72
C THR J 85 -9.99 -33.99 19.41
N GLY J 86 -8.96 -34.55 18.81
CA GLY J 86 -8.34 -35.77 19.31
C GLY J 86 -8.00 -36.72 18.19
N LYS J 87 -7.26 -37.79 18.51
CA LYS J 87 -6.88 -38.78 17.50
C LYS J 87 -8.08 -39.23 16.67
N ILE J 88 -9.18 -39.55 17.34
CA ILE J 88 -10.31 -40.17 16.67
C ILE J 88 -11.07 -39.15 15.83
N ALA J 89 -11.55 -38.07 16.47
CA ALA J 89 -12.35 -37.09 15.75
C ALA J 89 -11.56 -36.37 14.66
N ASP J 90 -10.23 -36.31 14.78
CA ASP J 90 -9.42 -35.65 13.76
C ASP J 90 -9.04 -36.59 12.63
N TYR J 91 -8.78 -37.87 12.93
CA TYR J 91 -8.19 -38.77 11.95
C TYR J 91 -9.06 -39.99 11.62
N ASN J 92 -10.23 -40.14 12.24
CA ASN J 92 -10.97 -41.40 12.10
C ASN J 92 -12.45 -41.19 11.81
N TYR J 93 -13.16 -40.48 12.69
CA TYR J 93 -14.61 -40.29 12.52
C TYR J 93 -14.97 -38.92 13.09
N LYS J 94 -15.18 -37.95 12.19
CA LYS J 94 -15.56 -36.60 12.57
C LYS J 94 -17.07 -36.41 12.43
N LEU J 95 -17.70 -35.89 13.48
CA LEU J 95 -19.10 -35.47 13.45
C LEU J 95 -19.20 -33.98 13.11
N PRO J 96 -20.23 -33.58 12.38
CA PRO J 96 -20.38 -32.15 12.04
C PRO J 96 -20.84 -31.35 13.24
N ASP J 97 -20.67 -30.04 13.13
CA ASP J 97 -21.02 -29.15 14.23
C ASP J 97 -22.53 -29.07 14.43
N ASP J 98 -23.30 -29.09 13.34
CA ASP J 98 -24.76 -29.00 13.40
C ASP J 98 -25.43 -30.36 13.58
N PHE J 99 -24.77 -31.30 14.25
CA PHE J 99 -25.20 -32.70 14.21
C PHE J 99 -26.55 -32.86 14.90
N THR J 100 -27.53 -33.37 14.15
CA THR J 100 -28.82 -33.80 14.69
C THR J 100 -28.85 -35.33 14.62
N GLY J 101 -28.82 -35.98 15.77
CA GLY J 101 -28.82 -37.42 15.79
C GLY J 101 -28.36 -37.93 17.15
N CYS J 102 -28.10 -39.23 17.20
CA CYS J 102 -27.82 -39.87 18.48
C CYS J 102 -26.52 -40.66 18.46
N VAL J 103 -25.72 -40.49 19.50
CA VAL J 103 -24.51 -41.27 19.74
C VAL J 103 -24.79 -42.29 20.85
N ILE J 104 -24.52 -43.56 20.57
CA ILE J 104 -24.81 -44.66 21.48
C ILE J 104 -23.54 -45.49 21.64
N ALA J 105 -23.13 -45.75 22.87
CA ALA J 105 -21.94 -46.56 23.13
C ALA J 105 -22.17 -47.49 24.30
N TRP J 106 -21.54 -48.66 24.26
CA TRP J 106 -21.58 -49.59 25.38
C TRP J 106 -20.28 -50.38 25.45
N ASN J 107 -19.97 -50.84 26.67
CA ASN J 107 -18.74 -51.58 26.91
C ASN J 107 -18.83 -52.99 26.31
N SER J 108 -17.84 -53.34 25.49
CA SER J 108 -17.79 -54.62 24.82
C SER J 108 -16.57 -55.44 25.23
N ASN J 109 -16.15 -55.33 26.50
CA ASN J 109 -14.95 -56.03 26.95
C ASN J 109 -15.10 -57.55 26.80
N ASN J 110 -16.28 -58.08 27.14
CA ASN J 110 -16.51 -59.52 27.10
C ASN J 110 -16.63 -60.07 25.68
N LEU J 111 -16.62 -59.23 24.66
CA LEU J 111 -16.74 -59.68 23.28
C LEU J 111 -15.54 -59.32 22.41
N ASP J 112 -14.88 -58.18 22.68
CA ASP J 112 -13.82 -57.70 21.80
C ASP J 112 -12.44 -57.79 22.43
N SER J 113 -12.35 -57.94 23.76
CA SER J 113 -11.11 -58.37 24.38
C SER J 113 -11.01 -59.89 24.30
N LYS J 114 -9.78 -60.39 24.26
CA LYS J 114 -9.58 -61.83 24.32
C LYS J 114 -8.29 -62.17 25.05
N VAL J 115 -8.27 -63.38 25.61
CA VAL J 115 -7.09 -63.84 26.34
C VAL J 115 -5.88 -63.84 25.41
N GLY J 116 -4.88 -63.01 25.74
CA GLY J 116 -3.72 -62.81 24.92
C GLY J 116 -3.70 -61.48 24.20
N GLY J 117 -4.87 -60.94 23.88
CA GLY J 117 -4.97 -59.61 23.30
C GLY J 117 -5.61 -59.61 21.95
N ASN J 118 -6.49 -58.65 21.70
CA ASN J 118 -7.13 -58.49 20.40
C ASN J 118 -6.48 -57.33 19.67
N TYR J 119 -5.92 -57.62 18.49
CA TYR J 119 -5.24 -56.64 17.67
C TYR J 119 -5.84 -56.56 16.27
N ASN J 120 -7.14 -56.88 16.17
CA ASN J 120 -7.89 -56.72 14.94
C ASN J 120 -8.47 -55.31 14.81
N TYR J 121 -8.92 -54.73 15.91
CA TYR J 121 -9.50 -53.39 15.93
C TYR J 121 -8.38 -52.37 15.82
N LEU J 122 -8.34 -51.63 14.72
CA LEU J 122 -7.31 -50.64 14.48
C LEU J 122 -7.90 -49.23 14.58
N TYR J 123 -7.00 -48.25 14.46
CA TYR J 123 -7.35 -46.84 14.36
C TYR J 123 -6.23 -46.14 13.60
N ARG J 124 -6.55 -44.96 13.07
CA ARG J 124 -5.55 -44.19 12.34
C ARG J 124 -4.79 -43.28 13.29
N LEU J 125 -3.47 -43.37 13.24
CA LEU J 125 -2.60 -42.58 14.11
C LEU J 125 -2.06 -41.34 13.44
N PHE J 126 -1.63 -41.44 12.18
CA PHE J 126 -1.04 -40.33 11.45
C PHE J 126 -1.89 -40.01 10.23
N ARG J 127 -2.14 -38.71 10.03
CA ARG J 127 -2.77 -38.23 8.82
C ARG J 127 -2.21 -36.86 8.49
N LYS J 128 -2.15 -36.56 7.19
CA LYS J 128 -1.58 -35.30 6.72
C LYS J 128 -2.45 -34.10 7.06
N SER J 129 -3.72 -34.32 7.41
CA SER J 129 -4.65 -33.25 7.75
C SER J 129 -5.91 -33.88 8.35
N ASN J 130 -6.82 -33.03 8.83
CA ASN J 130 -8.02 -33.48 9.52
C ASN J 130 -9.07 -33.97 8.54
N LEU J 131 -9.84 -34.96 8.98
CA LEU J 131 -11.02 -35.39 8.24
C LEU J 131 -12.11 -34.32 8.31
N LYS J 132 -12.89 -34.23 7.24
CA LYS J 132 -14.11 -33.45 7.20
C LYS J 132 -15.27 -34.28 7.76
N PRO J 133 -16.35 -33.63 8.18
CA PRO J 133 -17.49 -34.36 8.76
C PRO J 133 -17.97 -35.51 7.88
N PHE J 134 -18.21 -36.66 8.51
CA PHE J 134 -18.71 -37.88 7.88
C PHE J 134 -17.80 -38.38 6.76
N GLU J 135 -16.53 -38.01 6.77
CA GLU J 135 -15.55 -38.58 5.85
C GLU J 135 -14.90 -39.81 6.49
N ARG J 136 -14.52 -40.75 5.64
CA ARG J 136 -13.81 -41.96 6.07
C ARG J 136 -12.65 -42.23 5.14
N ASP J 137 -11.52 -42.62 5.74
CA ASP J 137 -10.28 -42.84 5.02
C ASP J 137 -9.76 -44.21 5.41
N ILE J 138 -9.54 -45.06 4.41
CA ILE J 138 -9.05 -46.42 4.65
C ILE J 138 -7.77 -46.68 3.86
N SER J 139 -7.09 -45.62 3.44
CA SER J 139 -5.82 -45.80 2.75
C SER J 139 -4.80 -46.35 3.73
N THR J 140 -4.00 -47.30 3.25
CA THR J 140 -2.87 -47.83 3.99
C THR J 140 -1.55 -47.37 3.39
N GLU J 141 -1.55 -46.18 2.80
CA GLU J 141 -0.35 -45.59 2.24
C GLU J 141 0.62 -45.22 3.34
N ILE J 142 1.90 -45.55 3.13
CA ILE J 142 2.92 -45.44 4.17
C ILE J 142 3.08 -43.98 4.60
N TYR J 143 2.81 -43.70 5.87
CA TYR J 143 2.94 -42.31 6.32
C TYR J 143 4.42 -41.94 6.37
N GLN J 144 4.75 -40.81 5.77
CA GLN J 144 6.13 -40.31 5.81
C GLN J 144 6.22 -39.18 6.84
N ALA J 145 6.97 -39.44 7.91
CA ALA J 145 7.39 -38.40 8.84
C ALA J 145 8.80 -37.90 8.55
N GLY J 146 9.63 -38.74 7.94
CA GLY J 146 10.98 -38.36 7.57
C GLY J 146 11.02 -37.68 6.22
N SER J 147 12.23 -37.44 5.74
CA SER J 147 12.39 -36.66 4.51
C SER J 147 12.43 -37.49 3.24
N THR J 148 12.93 -38.72 3.31
CA THR J 148 13.16 -39.48 2.08
C THR J 148 11.98 -40.39 1.78
N PRO J 149 11.49 -40.39 0.54
CA PRO J 149 10.32 -41.21 0.20
C PRO J 149 10.52 -42.67 0.54
N CYS J 150 9.44 -43.31 0.97
CA CYS J 150 9.43 -44.75 1.13
C CYS J 150 8.56 -45.41 0.07
N ASN J 151 8.97 -46.61 -0.33
CA ASN J 151 8.15 -47.46 -1.17
C ASN J 151 7.88 -48.80 -0.50
N GLY J 152 8.77 -49.22 0.39
CA GLY J 152 8.59 -50.44 1.14
C GLY J 152 7.87 -50.13 2.43
N VAL J 153 7.86 -51.11 3.33
CA VAL J 153 7.01 -50.97 4.51
C VAL J 153 7.72 -50.29 5.69
N GLU J 154 8.98 -50.60 5.98
CA GLU J 154 9.57 -50.06 7.21
C GLU J 154 10.86 -49.29 6.97
N GLY J 155 11.20 -48.53 8.00
CA GLY J 155 12.36 -47.66 8.12
C GLY J 155 12.06 -46.68 9.23
N PHE J 156 13.09 -45.93 9.65
CA PHE J 156 12.82 -44.83 10.56
C PHE J 156 11.88 -43.86 9.85
N ASN J 157 10.74 -43.59 10.49
CA ASN J 157 9.67 -42.76 9.91
C ASN J 157 9.23 -43.28 8.53
N CYS J 158 9.09 -44.60 8.40
CA CYS J 158 8.53 -45.23 7.19
C CYS J 158 7.70 -46.43 7.63
N TYR J 159 6.43 -46.19 7.95
CA TYR J 159 5.53 -47.22 8.44
C TYR J 159 4.11 -46.82 8.04
N PHE J 160 3.26 -47.83 7.83
CA PHE J 160 1.85 -47.55 7.60
C PHE J 160 1.23 -46.93 8.84
N PRO J 161 0.38 -45.91 8.66
CA PRO J 161 -0.05 -45.07 9.80
C PRO J 161 -1.00 -45.75 10.77
N LEU J 162 -1.65 -46.85 10.40
CA LEU J 162 -2.64 -47.44 11.29
C LEU J 162 -1.94 -48.14 12.46
N GLN J 163 -2.58 -48.06 13.63
CA GLN J 163 -2.12 -48.74 14.83
C GLN J 163 -3.26 -49.58 15.38
N SER J 164 -2.91 -50.64 16.11
CA SER J 164 -3.92 -51.51 16.71
C SER J 164 -4.16 -51.14 18.16
N TYR J 165 -5.43 -51.12 18.55
CA TYR J 165 -5.78 -51.22 19.96
C TYR J 165 -5.36 -52.58 20.49
N GLY J 166 -4.83 -52.61 21.70
CA GLY J 166 -4.57 -53.88 22.34
C GLY J 166 -5.59 -54.17 23.43
N PHE J 167 -6.64 -54.91 23.07
CA PHE J 167 -7.79 -55.09 23.95
C PHE J 167 -7.65 -56.40 24.71
N GLN J 168 -7.20 -56.29 25.97
CA GLN J 168 -7.10 -57.45 26.84
C GLN J 168 -8.10 -57.32 28.00
N PRO J 169 -8.68 -58.44 28.45
CA PRO J 169 -9.80 -58.35 29.42
C PRO J 169 -9.44 -57.65 30.72
N THR J 170 -8.17 -57.51 31.05
CA THR J 170 -7.75 -56.92 32.32
C THR J 170 -7.21 -55.51 32.15
N ASN J 171 -7.43 -54.89 30.99
CA ASN J 171 -7.12 -53.49 30.81
C ASN J 171 -8.02 -52.63 31.70
N GLY J 172 -7.55 -51.42 31.98
CA GLY J 172 -8.37 -50.46 32.70
C GLY J 172 -9.61 -50.08 31.91
N VAL J 173 -10.65 -49.65 32.65
CA VAL J 173 -11.93 -49.30 32.04
C VAL J 173 -11.75 -48.33 30.88
N GLY J 174 -10.91 -47.32 31.07
CA GLY J 174 -10.64 -46.36 30.01
C GLY J 174 -9.99 -46.96 28.79
N TYR J 175 -9.32 -48.09 28.93
CA TYR J 175 -8.61 -48.74 27.83
C TYR J 175 -9.34 -49.98 27.31
N GLN J 176 -10.60 -50.22 27.76
CA GLN J 176 -11.44 -51.33 27.32
C GLN J 176 -12.23 -50.96 26.07
N PRO J 177 -12.59 -51.94 25.25
CA PRO J 177 -13.29 -51.64 23.99
C PRO J 177 -14.74 -51.28 24.22
N TYR J 178 -15.18 -50.19 23.60
CA TYR J 178 -16.57 -49.78 23.55
C TYR J 178 -17.05 -49.80 22.11
N ARG J 179 -18.22 -50.41 21.91
CA ARG J 179 -18.91 -50.39 20.63
C ARG J 179 -19.77 -49.14 20.52
N VAL J 180 -19.71 -48.48 19.36
CA VAL J 180 -20.40 -47.22 19.12
C VAL J 180 -21.28 -47.34 17.87
N VAL J 181 -22.46 -46.73 17.96
CA VAL J 181 -23.45 -46.61 16.88
C VAL J 181 -23.94 -45.18 16.86
N VAL J 182 -23.84 -44.53 15.70
CA VAL J 182 -24.20 -43.13 15.49
C VAL J 182 -25.34 -43.10 14.50
N LEU J 183 -26.52 -42.68 14.96
CA LEU J 183 -27.72 -42.54 14.13
C LEU J 183 -27.85 -41.11 13.62
N SER J 184 -27.80 -40.96 12.29
CA SER J 184 -28.08 -39.71 11.58
C SER J 184 -29.45 -39.81 10.91
N PHE J 185 -30.25 -38.74 11.02
CA PHE J 185 -31.60 -38.74 10.47
C PHE J 185 -31.68 -37.81 9.25
N GLU J 186 -32.27 -38.32 8.15
CA GLU J 186 -32.26 -37.66 6.86
C GLU J 186 -33.65 -37.54 6.26
N LEU J 187 -33.99 -36.34 5.77
CA LEU J 187 -35.28 -36.03 5.17
C LEU J 187 -35.04 -35.58 3.73
N LEU J 188 -35.50 -36.37 2.76
CA LEU J 188 -35.33 -36.08 1.35
C LEU J 188 -36.65 -35.58 0.75
N HIS J 189 -36.55 -34.97 -0.43
CA HIS J 189 -37.74 -34.72 -1.23
C HIS J 189 -38.24 -36.04 -1.79
N ALA J 190 -38.67 -36.91 -0.90
CA ALA J 190 -39.13 -38.26 -1.25
C ALA J 190 -39.93 -38.78 -0.08
N PRO J 191 -40.67 -39.89 -0.26
CA PRO J 191 -41.46 -40.44 0.85
C PRO J 191 -40.59 -40.75 2.07
N ALA J 192 -41.03 -40.26 3.23
CA ALA J 192 -40.38 -40.61 4.48
C ALA J 192 -40.86 -42.00 4.89
N THR J 193 -39.95 -42.97 4.88
CA THR J 193 -40.29 -44.38 5.05
C THR J 193 -39.93 -44.97 6.41
N VAL J 194 -39.11 -44.31 7.22
CA VAL J 194 -38.68 -44.87 8.49
C VAL J 194 -39.48 -44.15 9.57
N CYS J 195 -40.36 -44.87 10.24
CA CYS J 195 -41.39 -44.27 11.07
C CYS J 195 -41.45 -44.96 12.43
N GLY J 196 -41.80 -44.18 13.44
CA GLY J 196 -42.10 -44.69 14.76
C GLY J 196 -43.51 -45.22 14.88
N PRO J 197 -43.79 -46.01 15.93
CA PRO J 197 -45.15 -46.53 16.12
C PRO J 197 -46.19 -45.45 16.27
N GLY J 198 -45.78 -44.21 16.53
CA GLY J 198 -46.67 -43.08 16.74
C GLY J 198 -46.85 -42.29 15.47
N SER J 199 -47.01 -42.99 14.35
CA SER J 199 -46.90 -42.35 13.05
C SER J 199 -48.12 -41.47 12.78
N HIS J 200 -47.87 -40.34 12.11
CA HIS J 200 -48.87 -39.29 11.97
C HIS J 200 -50.15 -39.82 11.33
N HIS J 201 -50.02 -40.48 10.17
CA HIS J 201 -51.13 -40.95 9.33
C HIS J 201 -52.47 -40.23 9.54
N ASN K 4 24.35 44.82 -2.59
CA ASN K 4 23.97 46.16 -2.14
C ASN K 4 22.51 46.23 -1.70
N LEU K 5 21.74 47.05 -2.39
CA LEU K 5 20.33 47.24 -2.07
C LEU K 5 19.53 46.08 -2.62
N CYS K 6 18.69 45.47 -1.79
CA CYS K 6 17.90 44.33 -2.23
C CYS K 6 16.99 44.75 -3.39
N PRO K 7 16.88 43.94 -4.44
CA PRO K 7 16.22 44.36 -5.68
C PRO K 7 14.69 44.34 -5.63
N PHE K 8 14.14 44.91 -4.53
CA PHE K 8 12.69 45.00 -4.41
C PHE K 8 12.06 45.77 -5.57
N GLY K 9 12.83 46.69 -6.14
CA GLY K 9 12.34 47.48 -7.29
C GLY K 9 11.97 46.57 -8.45
N GLU K 10 12.72 45.47 -8.62
CA GLU K 10 12.45 44.56 -9.72
C GLU K 10 11.18 43.75 -9.48
N VAL K 11 10.81 43.55 -8.23
CA VAL K 11 9.64 42.75 -7.89
C VAL K 11 8.37 43.61 -7.90
N PHE K 12 8.39 44.70 -7.13
CA PHE K 12 7.20 45.58 -6.96
C PHE K 12 6.94 46.45 -8.19
N ASN K 13 7.99 46.87 -8.90
CA ASN K 13 7.83 47.75 -10.09
C ASN K 13 7.86 46.92 -11.37
N ALA K 14 7.72 45.59 -11.22
CA ALA K 14 7.71 44.67 -12.39
C ALA K 14 6.68 45.17 -13.41
N THR K 15 7.11 45.35 -14.67
CA THR K 15 6.21 45.88 -15.69
C THR K 15 4.96 45.01 -15.84
N ARG K 16 5.14 43.70 -15.93
CA ARG K 16 4.00 42.78 -15.91
C ARG K 16 4.10 41.86 -14.70
N PHE K 17 2.96 41.31 -14.30
CA PHE K 17 2.85 40.40 -13.18
C PHE K 17 2.35 39.04 -13.66
N ALA K 18 2.44 38.06 -12.76
CA ALA K 18 2.11 36.67 -13.08
C ALA K 18 0.69 36.34 -12.66
N SER K 19 0.09 35.36 -13.35
CA SER K 19 -1.18 34.79 -12.91
C SER K 19 -1.01 34.10 -11.56
N VAL K 20 -2.01 34.27 -10.69
CA VAL K 20 -1.93 33.70 -9.34
C VAL K 20 -1.68 32.19 -9.39
N TYR K 21 -2.32 31.49 -10.32
CA TYR K 21 -2.12 30.03 -10.40
C TYR K 21 -0.67 29.69 -10.68
N ALA K 22 0.04 30.56 -11.39
CA ALA K 22 1.47 30.37 -11.66
C ALA K 22 2.28 31.45 -10.95
N TRP K 23 2.02 31.65 -9.66
CA TRP K 23 2.65 32.72 -8.90
C TRP K 23 4.17 32.66 -8.99
N ASN K 24 4.81 33.82 -9.18
CA ASN K 24 6.25 33.88 -9.40
C ASN K 24 6.99 34.10 -8.08
N ARG K 25 8.04 33.31 -7.85
CA ARG K 25 8.86 33.44 -6.65
C ARG K 25 10.26 33.92 -7.02
N LYS K 26 10.74 34.94 -6.30
CA LYS K 26 12.15 35.36 -6.34
C LYS K 26 12.75 35.22 -4.95
N ARG K 27 13.81 34.41 -4.84
CA ARG K 27 14.58 34.41 -3.61
C ARG K 27 15.51 35.62 -3.59
N ILE K 28 15.51 36.33 -2.47
CA ILE K 28 16.33 37.50 -2.22
C ILE K 28 17.31 37.15 -1.11
N SER K 29 18.59 37.35 -1.40
CA SER K 29 19.67 36.97 -0.49
C SER K 29 20.88 37.86 -0.77
N ASN K 30 21.66 38.09 0.28
CA ASN K 30 22.93 38.82 0.21
C ASN K 30 22.71 40.27 -0.25
N CYS K 31 22.09 41.04 0.64
CA CYS K 31 21.82 42.45 0.37
C CYS K 31 21.26 43.10 1.62
N VAL K 32 21.25 44.42 1.61
CA VAL K 32 20.64 45.23 2.67
C VAL K 32 19.23 45.59 2.24
N ALA K 33 18.24 45.08 2.96
CA ALA K 33 16.84 45.30 2.63
C ALA K 33 16.34 46.54 3.36
N ASP K 34 16.11 47.61 2.61
CA ASP K 34 15.56 48.85 3.17
C ASP K 34 14.04 48.75 3.14
N TYR K 35 13.49 48.10 4.18
CA TYR K 35 12.05 47.92 4.25
C TYR K 35 11.31 49.24 4.39
N SER K 36 11.99 50.29 4.87
CA SER K 36 11.36 51.59 5.00
C SER K 36 10.86 52.12 3.67
N VAL K 37 11.57 51.82 2.57
CA VAL K 37 11.14 52.26 1.26
C VAL K 37 9.76 51.70 0.93
N LEU K 38 9.43 50.53 1.48
CA LEU K 38 8.11 49.96 1.24
C LEU K 38 7.04 50.60 2.13
N TYR K 39 7.15 50.44 3.45
CA TYR K 39 6.09 50.94 4.32
C TYR K 39 5.98 52.47 4.33
N ASN K 40 6.90 53.18 3.69
CA ASN K 40 6.79 54.62 3.56
C ASN K 40 6.31 55.04 2.18
N SER K 41 6.07 54.10 1.27
CA SER K 41 5.19 54.33 0.14
C SER K 41 3.77 54.07 0.61
N ALA K 42 3.03 55.13 0.91
CA ALA K 42 1.70 54.99 1.49
C ALA K 42 0.66 54.73 0.43
N SER K 43 1.07 54.09 -0.67
CA SER K 43 0.18 53.75 -1.77
C SER K 43 -0.27 52.29 -1.72
N PHE K 44 0.06 51.57 -0.66
CA PHE K 44 -0.28 50.16 -0.55
C PHE K 44 -1.61 50.03 0.19
N SER K 45 -2.57 49.37 -0.45
CA SER K 45 -3.89 49.21 0.16
C SER K 45 -3.90 48.15 1.24
N THR K 46 -3.08 47.11 1.11
CA THR K 46 -2.92 46.13 2.18
C THR K 46 -1.44 45.98 2.50
N PHE K 47 -1.12 45.90 3.79
CA PHE K 47 0.24 45.73 4.28
C PHE K 47 0.18 45.03 5.63
N LYS K 48 -0.28 43.78 5.64
CA LYS K 48 -0.45 43.03 6.89
C LYS K 48 0.78 42.16 7.14
N CYS K 49 1.41 42.34 8.30
CA CYS K 49 2.56 41.55 8.70
C CYS K 49 2.23 40.67 9.89
N TYR K 50 2.72 39.43 9.85
CA TYR K 50 2.49 38.41 10.86
C TYR K 50 3.84 37.99 11.43
N GLY K 51 3.97 38.12 12.76
CA GLY K 51 5.17 37.67 13.45
C GLY K 51 6.29 38.67 13.52
N VAL K 52 6.14 39.85 12.90
CA VAL K 52 7.16 40.88 12.89
C VAL K 52 6.55 42.20 13.35
N SER K 53 7.43 43.12 13.74
CA SER K 53 7.06 44.47 14.13
C SER K 53 6.63 45.29 12.91
N PRO K 54 5.97 46.43 13.12
CA PRO K 54 5.59 47.27 11.97
C PRO K 54 6.78 47.84 11.22
N THR K 55 7.71 48.50 11.91
CA THR K 55 8.85 49.16 11.29
C THR K 55 10.20 48.63 11.73
N LYS K 56 10.26 47.88 12.84
CA LYS K 56 11.51 47.32 13.35
C LYS K 56 12.07 46.19 12.48
N LEU K 57 11.37 45.74 11.43
CA LEU K 57 12.00 44.77 10.49
C LEU K 57 13.28 45.41 9.91
N ASN K 58 13.37 46.73 9.83
CA ASN K 58 14.55 47.42 9.33
C ASN K 58 15.76 47.16 10.23
N ASP K 59 15.55 46.45 11.34
CA ASP K 59 16.60 46.16 12.30
C ASP K 59 17.00 44.69 12.31
N LEU K 60 16.21 43.82 11.68
CA LEU K 60 16.40 42.38 11.77
C LEU K 60 17.17 41.87 10.55
N CYS K 61 17.75 40.68 10.69
CA CYS K 61 18.43 39.98 9.60
C CYS K 61 17.79 38.62 9.40
N PHE K 62 17.84 38.11 8.17
CA PHE K 62 17.22 36.82 7.88
C PHE K 62 18.11 36.00 6.95
N THR K 63 18.05 34.68 7.13
CA THR K 63 18.78 33.79 6.24
C THR K 63 18.37 34.00 4.79
N ASN K 64 17.07 33.99 4.51
CA ASN K 64 16.59 34.30 3.17
C ASN K 64 15.29 35.09 3.24
N VAL K 65 15.00 35.83 2.18
CA VAL K 65 13.70 36.46 2.00
C VAL K 65 13.13 35.98 0.68
N TYR K 66 11.90 35.48 0.68
CA TYR K 66 11.28 35.05 -0.56
C TYR K 66 10.14 36.00 -0.91
N ALA K 67 10.11 36.44 -2.16
CA ALA K 67 9.06 37.34 -2.65
C ALA K 67 8.24 36.59 -3.68
N ASP K 68 7.07 36.10 -3.26
CA ASP K 68 6.06 35.58 -4.18
C ASP K 68 5.18 36.72 -4.67
N SER K 69 4.88 36.74 -5.96
CA SER K 69 4.07 37.81 -6.50
C SER K 69 3.08 37.27 -7.53
N PHE K 70 1.94 37.96 -7.63
CA PHE K 70 0.85 37.54 -8.52
C PHE K 70 -0.22 38.63 -8.54
N VAL K 71 -1.30 38.36 -9.27
CA VAL K 71 -2.44 39.26 -9.40
C VAL K 71 -3.72 38.50 -9.09
N ILE K 72 -4.59 39.08 -8.25
CA ILE K 72 -5.90 38.52 -7.96
C ILE K 72 -6.93 39.65 -8.03
N ARG K 73 -8.19 39.34 -7.75
CA ARG K 73 -9.17 40.40 -7.65
C ARG K 73 -9.34 40.83 -6.19
N GLY K 74 -9.86 42.05 -6.02
CA GLY K 74 -9.81 42.71 -4.72
C GLY K 74 -10.43 41.89 -3.60
N ASP K 75 -11.63 41.36 -3.83
CA ASP K 75 -12.32 40.64 -2.76
C ASP K 75 -11.63 39.32 -2.41
N GLU K 76 -10.68 38.87 -3.23
CA GLU K 76 -9.90 37.70 -2.94
C GLU K 76 -8.65 38.01 -2.11
N VAL K 77 -8.32 39.29 -1.91
CA VAL K 77 -7.16 39.65 -1.10
C VAL K 77 -7.28 39.07 0.30
N ARG K 78 -8.49 39.08 0.87
CA ARG K 78 -8.71 38.54 2.21
C ARG K 78 -8.28 37.09 2.33
N GLN K 79 -8.06 36.41 1.20
CA GLN K 79 -7.63 35.01 1.20
C GLN K 79 -6.12 34.87 1.32
N ILE K 80 -5.35 35.93 1.10
CA ILE K 80 -3.91 35.84 1.22
C ILE K 80 -3.55 36.11 2.68
N ALA K 81 -3.92 35.17 3.53
CA ALA K 81 -3.70 35.25 4.97
C ALA K 81 -3.73 33.84 5.52
N PRO K 82 -3.20 33.62 6.73
CA PRO K 82 -3.14 32.25 7.26
C PRO K 82 -4.53 31.66 7.48
N GLY K 83 -4.65 30.38 7.14
CA GLY K 83 -5.86 29.61 7.43
C GLY K 83 -7.15 30.19 6.90
N GLN K 84 -7.12 30.70 5.68
CA GLN K 84 -8.36 31.00 4.95
C GLN K 84 -8.75 29.84 4.04
N THR K 85 -10.00 29.84 3.62
CA THR K 85 -10.45 29.04 2.49
C THR K 85 -11.02 29.93 1.40
N GLY K 86 -11.27 29.32 0.25
CA GLY K 86 -11.74 30.05 -0.91
C GLY K 86 -11.06 29.55 -2.17
N LYS K 87 -11.52 30.01 -3.34
CA LYS K 87 -10.93 29.60 -4.61
C LYS K 87 -9.40 29.72 -4.58
N ILE K 88 -8.90 30.86 -4.11
CA ILE K 88 -7.48 31.19 -4.24
C ILE K 88 -6.66 30.38 -3.24
N ALA K 89 -6.96 30.52 -1.95
CA ALA K 89 -6.18 29.85 -0.92
C ALA K 89 -6.27 28.33 -1.02
N ASP K 90 -7.34 27.80 -1.61
CA ASP K 90 -7.49 26.36 -1.74
C ASP K 90 -6.84 25.83 -3.01
N TYR K 91 -6.89 26.59 -4.11
CA TYR K 91 -6.50 26.06 -5.42
C TYR K 91 -5.35 26.82 -6.07
N ASN K 92 -4.82 27.87 -5.45
CA ASN K 92 -3.87 28.72 -6.15
C ASN K 92 -2.65 29.08 -5.32
N TYR K 93 -2.85 29.68 -4.15
CA TYR K 93 -1.72 30.12 -3.33
C TYR K 93 -2.12 29.99 -1.87
N LYS K 94 -1.64 28.94 -1.21
CA LYS K 94 -1.92 28.68 0.19
C LYS K 94 -0.79 29.20 1.07
N LEU K 95 -1.13 29.97 2.10
CA LEU K 95 -0.18 30.35 3.12
C LEU K 95 -0.26 29.39 4.31
N PRO K 96 0.86 29.09 4.95
CA PRO K 96 0.81 28.18 6.11
C PRO K 96 0.20 28.88 7.31
N ASP K 97 -0.20 28.07 8.29
CA ASP K 97 -0.85 28.61 9.48
C ASP K 97 0.16 29.38 10.34
N ASP K 98 1.40 28.90 10.41
CA ASP K 98 2.45 29.53 11.22
C ASP K 98 3.19 30.63 10.47
N PHE K 99 2.52 31.32 9.54
CA PHE K 99 3.19 32.19 8.59
C PHE K 99 3.82 33.39 9.29
N THR K 100 5.14 33.55 9.13
CA THR K 100 5.87 34.74 9.55
C THR K 100 6.29 35.49 8.29
N GLY K 101 5.70 36.65 8.07
CA GLY K 101 6.04 37.44 6.91
C GLY K 101 4.97 38.49 6.65
N CYS K 102 5.06 39.12 5.49
CA CYS K 102 4.20 40.26 5.19
C CYS K 102 3.48 40.06 3.85
N VAL K 103 2.18 40.37 3.85
CA VAL K 103 1.36 40.40 2.64
C VAL K 103 1.14 41.86 2.25
N ILE K 104 1.44 42.19 1.00
CA ILE K 104 1.39 43.54 0.48
C ILE K 104 0.54 43.53 -0.78
N ALA K 105 -0.46 44.41 -0.85
CA ALA K 105 -1.32 44.45 -2.03
C ALA K 105 -1.66 45.88 -2.38
N TRP K 106 -1.84 46.13 -3.68
CA TRP K 106 -2.29 47.44 -4.15
C TRP K 106 -3.16 47.28 -5.39
N ASN K 107 -4.05 48.26 -5.60
CA ASN K 107 -4.95 48.23 -6.73
C ASN K 107 -4.20 48.54 -8.03
N SER K 108 -4.33 47.65 -9.01
CA SER K 108 -3.65 47.78 -10.29
C SER K 108 -4.64 47.93 -11.44
N ASN K 109 -5.77 48.59 -11.20
CA ASN K 109 -6.79 48.76 -12.24
C ASN K 109 -6.22 49.52 -13.43
N ASN K 110 -5.44 50.56 -13.16
CA ASN K 110 -4.89 51.41 -14.22
C ASN K 110 -3.76 50.74 -15.01
N LEU K 111 -3.33 49.53 -14.61
CA LEU K 111 -2.27 48.81 -15.30
C LEU K 111 -2.68 47.46 -15.84
N ASP K 112 -3.59 46.75 -15.16
CA ASP K 112 -3.92 45.39 -15.55
C ASP K 112 -5.31 45.24 -16.14
N SER K 113 -6.20 46.20 -15.91
CA SER K 113 -7.41 46.31 -16.71
C SER K 113 -7.09 47.02 -18.02
N LYS K 114 -7.86 46.70 -19.05
CA LYS K 114 -7.81 47.45 -20.29
C LYS K 114 -9.20 47.54 -20.89
N VAL K 115 -9.45 48.64 -21.62
CA VAL K 115 -10.75 48.86 -22.22
C VAL K 115 -11.06 47.72 -23.18
N GLY K 116 -12.12 46.97 -22.86
CA GLY K 116 -12.48 45.76 -23.59
C GLY K 116 -12.20 44.50 -22.81
N GLY K 117 -11.22 44.52 -21.91
CA GLY K 117 -10.98 43.41 -21.01
C GLY K 117 -9.60 42.79 -21.15
N ASN K 118 -8.99 42.48 -20.01
CA ASN K 118 -7.69 41.82 -19.97
C ASN K 118 -7.90 40.35 -19.62
N TYR K 119 -7.42 39.47 -20.48
CA TYR K 119 -7.60 38.04 -20.29
C TYR K 119 -6.28 37.29 -20.27
N ASN K 120 -5.22 37.95 -19.80
CA ASN K 120 -3.94 37.30 -19.56
C ASN K 120 -3.92 36.67 -18.18
N TYR K 121 -4.48 37.36 -17.18
CA TYR K 121 -4.46 36.93 -15.80
C TYR K 121 -5.49 35.83 -15.58
N LEU K 122 -5.02 34.63 -15.26
CA LEU K 122 -5.88 33.49 -15.01
C LEU K 122 -5.83 33.11 -13.53
N TYR K 123 -6.65 32.12 -13.17
CA TYR K 123 -6.65 31.50 -11.86
C TYR K 123 -7.17 30.08 -12.03
N ARG K 124 -6.88 29.25 -11.04
CA ARG K 124 -7.34 27.87 -11.08
C ARG K 124 -8.73 27.79 -10.47
N LEU K 125 -9.67 27.22 -11.22
CA LEU K 125 -11.05 27.09 -10.79
C LEU K 125 -11.35 25.73 -10.18
N PHE K 126 -10.83 24.66 -10.78
CA PHE K 126 -11.10 23.31 -10.32
C PHE K 126 -9.79 22.62 -9.94
N ARG K 127 -9.80 21.94 -8.80
CA ARG K 127 -8.71 21.07 -8.42
C ARG K 127 -9.26 19.90 -7.64
N LYS K 128 -8.62 18.73 -7.78
CA LYS K 128 -9.10 17.53 -7.13
C LYS K 128 -8.91 17.57 -5.62
N SER K 129 -8.10 18.50 -5.12
CA SER K 129 -7.83 18.62 -3.69
C SER K 129 -7.11 19.94 -3.45
N ASN K 130 -6.92 20.26 -2.19
CA ASN K 130 -6.35 21.53 -1.79
C ASN K 130 -4.84 21.52 -1.98
N LEU K 131 -4.29 22.68 -2.32
CA LEU K 131 -2.83 22.84 -2.34
C LEU K 131 -2.27 22.80 -0.93
N LYS K 132 -1.04 22.32 -0.81
CA LYS K 132 -0.33 22.44 0.46
C LYS K 132 0.34 23.80 0.52
N PRO K 133 0.65 24.30 1.72
CA PRO K 133 1.27 25.63 1.82
C PRO K 133 2.49 25.80 0.94
N PHE K 134 2.55 26.95 0.27
CA PHE K 134 3.64 27.32 -0.63
C PHE K 134 3.84 26.32 -1.78
N GLU K 135 2.82 25.54 -2.10
CA GLU K 135 2.82 24.71 -3.30
C GLU K 135 2.24 25.49 -4.47
N ARG K 136 2.69 25.15 -5.67
CA ARG K 136 2.17 25.79 -6.87
C ARG K 136 1.92 24.75 -7.95
N ASP K 137 0.80 24.89 -8.65
CA ASP K 137 0.34 23.92 -9.64
C ASP K 137 0.00 24.67 -10.91
N ILE K 138 0.62 24.28 -12.02
CA ILE K 138 0.40 24.94 -13.30
C ILE K 138 -0.01 23.93 -14.36
N SER K 139 -0.46 22.74 -13.92
CA SER K 139 -0.94 21.75 -14.88
C SER K 139 -2.25 22.20 -15.49
N THR K 140 -2.40 21.94 -16.79
CA THR K 140 -3.66 22.17 -17.48
C THR K 140 -4.33 20.84 -17.84
N GLU K 141 -4.18 19.86 -16.95
CA GLU K 141 -4.77 18.53 -17.14
CA GLU K 141 -4.79 18.56 -17.21
C GLU K 141 -6.29 18.61 -16.95
N ILE K 142 -7.03 17.97 -17.86
CA ILE K 142 -8.48 18.15 -17.93
C ILE K 142 -9.16 17.67 -16.65
N TYR K 143 -9.82 18.60 -15.97
CA TYR K 143 -10.54 18.28 -14.75
C TYR K 143 -11.80 17.46 -15.06
N GLN K 144 -11.95 16.34 -14.37
CA GLN K 144 -13.15 15.51 -14.45
C GLN K 144 -14.01 15.73 -13.22
N ALA K 145 -15.21 16.28 -13.41
CA ALA K 145 -16.24 16.28 -12.38
C ALA K 145 -17.26 15.17 -12.57
N GLY K 146 -17.47 14.73 -13.81
CA GLY K 146 -18.40 13.67 -14.12
C GLY K 146 -17.77 12.29 -13.99
N SER K 147 -18.52 11.30 -14.45
CA SER K 147 -18.11 9.90 -14.29
C SER K 147 -17.28 9.37 -15.45
N THR K 148 -17.47 9.88 -16.66
CA THR K 148 -16.84 9.31 -17.85
C THR K 148 -15.54 10.02 -18.19
N PRO K 149 -14.46 9.26 -18.43
CA PRO K 149 -13.16 9.88 -18.72
C PRO K 149 -13.20 10.83 -19.91
N CYS K 150 -12.38 11.88 -19.81
CA CYS K 150 -12.12 12.78 -20.91
C CYS K 150 -10.70 12.55 -21.42
N ASN K 151 -10.52 12.73 -22.72
CA ASN K 151 -9.21 12.64 -23.36
C ASN K 151 -8.87 13.94 -24.07
N GLY K 152 -9.57 15.02 -23.71
CA GLY K 152 -9.38 16.33 -24.28
C GLY K 152 -10.48 17.23 -23.77
N VAL K 153 -10.29 18.55 -23.85
CA VAL K 153 -11.20 19.56 -23.31
C VAL K 153 -12.68 19.25 -23.52
N GLU K 154 -13.00 18.66 -24.68
CA GLU K 154 -14.39 18.41 -25.10
C GLU K 154 -15.21 17.74 -24.00
N GLY K 155 -16.40 18.29 -23.73
CA GLY K 155 -17.35 17.61 -22.87
C GLY K 155 -18.03 18.36 -21.73
N PHE K 156 -19.30 18.01 -21.49
CA PHE K 156 -19.98 18.39 -20.25
C PHE K 156 -19.38 17.59 -19.10
N ASN K 157 -19.08 18.28 -18.00
CA ASN K 157 -18.34 17.73 -16.86
C ASN K 157 -16.97 17.22 -17.29
N CYS K 158 -16.32 17.98 -18.19
CA CYS K 158 -14.93 17.79 -18.63
C CYS K 158 -14.42 19.22 -18.81
N TYR K 159 -14.02 19.86 -17.71
CA TYR K 159 -13.71 21.27 -17.77
C TYR K 159 -12.21 21.52 -17.74
N PHE K 160 -11.80 22.51 -18.52
CA PHE K 160 -10.45 23.03 -18.44
C PHE K 160 -10.28 23.68 -17.06
N PRO K 161 -9.19 23.40 -16.35
CA PRO K 161 -9.15 23.80 -14.93
C PRO K 161 -8.99 25.30 -14.71
N LEU K 162 -8.37 26.01 -15.64
CA LEU K 162 -8.12 27.43 -15.48
C LEU K 162 -9.27 28.27 -16.02
N GLN K 163 -9.51 29.40 -15.36
CA GLN K 163 -10.45 30.42 -15.82
C GLN K 163 -9.72 31.75 -15.84
N SER K 164 -10.17 32.66 -16.69
CA SER K 164 -9.56 33.98 -16.76
C SER K 164 -10.36 34.99 -15.95
N TYR K 165 -9.64 35.83 -15.22
CA TYR K 165 -10.24 37.07 -14.75
C TYR K 165 -10.53 37.96 -15.96
N GLY K 166 -11.70 38.60 -15.95
CA GLY K 166 -11.99 39.60 -16.97
C GLY K 166 -11.86 41.00 -16.42
N PHE K 167 -10.69 41.61 -16.58
CA PHE K 167 -10.36 42.87 -15.90
C PHE K 167 -10.64 44.03 -16.84
N GLN K 168 -11.77 44.69 -16.61
CA GLN K 168 -12.20 45.88 -17.34
C GLN K 168 -12.17 47.09 -16.41
N PRO K 169 -11.78 48.26 -16.92
CA PRO K 169 -11.60 49.42 -16.02
C PRO K 169 -12.85 49.84 -15.29
N THR K 170 -14.02 49.37 -15.74
CA THR K 170 -15.29 49.78 -15.17
C THR K 170 -15.91 48.72 -14.28
N ASN K 171 -15.14 47.70 -13.93
CA ASN K 171 -15.56 46.72 -12.94
C ASN K 171 -15.68 47.35 -11.57
N GLY K 172 -16.49 46.73 -10.72
CA GLY K 172 -16.57 47.15 -9.34
C GLY K 172 -15.26 46.95 -8.62
N VAL K 173 -15.06 47.74 -7.56
CA VAL K 173 -13.79 47.71 -6.83
C VAL K 173 -13.43 46.30 -6.42
N GLY K 174 -14.41 45.53 -5.93
CA GLY K 174 -14.17 44.15 -5.54
C GLY K 174 -13.73 43.25 -6.67
N TYR K 175 -14.04 43.64 -7.91
CA TYR K 175 -13.72 42.84 -9.09
C TYR K 175 -12.56 43.42 -9.89
N GLN K 176 -11.84 44.45 -9.34
CA GLN K 176 -10.69 45.08 -9.97
C GLN K 176 -9.41 44.33 -9.62
N PRO K 177 -8.39 44.37 -10.49
CA PRO K 177 -7.16 43.61 -10.23
C PRO K 177 -6.30 44.29 -9.17
N TYR K 178 -5.85 43.48 -8.22
CA TYR K 178 -4.87 43.89 -7.23
C TYR K 178 -3.60 43.06 -7.41
N ARG K 179 -2.47 43.75 -7.42
CA ARG K 179 -1.16 43.11 -7.42
C ARG K 179 -0.75 42.82 -5.98
N VAL K 180 -0.26 41.59 -5.75
CA VAL K 180 0.11 41.11 -4.43
C VAL K 180 1.56 40.64 -4.44
N VAL K 181 2.26 40.93 -3.34
CA VAL K 181 3.63 40.49 -3.07
C VAL K 181 3.66 39.97 -1.64
N VAL K 182 4.12 38.74 -1.47
CA VAL K 182 4.16 38.06 -0.19
C VAL K 182 5.62 37.82 0.14
N LEU K 183 6.10 38.48 1.19
CA LEU K 183 7.45 38.33 1.68
C LEU K 183 7.45 37.28 2.79
N SER K 184 8.16 36.18 2.56
CA SER K 184 8.39 35.17 3.59
C SER K 184 9.81 35.34 4.11
N PHE K 185 9.96 35.31 5.43
CA PHE K 185 11.25 35.50 6.07
C PHE K 185 11.72 34.15 6.61
N GLU K 186 12.97 33.80 6.34
CA GLU K 186 13.51 32.48 6.65
C GLU K 186 14.74 32.66 7.52
N LEU K 187 14.73 32.04 8.70
CA LEU K 187 15.77 32.16 9.70
C LEU K 187 16.31 30.77 10.01
N LEU K 188 17.51 30.47 9.53
CA LEU K 188 18.17 29.20 9.78
C LEU K 188 19.33 29.41 10.75
N HIS K 189 19.80 28.32 11.36
CA HIS K 189 21.08 28.40 12.06
C HIS K 189 22.20 28.46 11.03
N ALA K 190 22.28 29.58 10.32
CA ALA K 190 23.26 29.79 9.28
C ALA K 190 23.40 31.29 9.09
N PRO K 191 24.44 31.75 8.38
CA PRO K 191 24.60 33.19 8.19
C PRO K 191 23.37 33.82 7.55
N ALA K 192 22.81 34.83 8.22
CA ALA K 192 21.71 35.60 7.66
C ALA K 192 22.26 36.62 6.68
N THR K 193 21.82 36.54 5.43
CA THR K 193 22.39 37.35 4.36
C THR K 193 21.56 38.57 4.01
N VAL K 194 20.31 38.64 4.45
CA VAL K 194 19.41 39.74 4.14
C VAL K 194 19.19 40.54 5.43
N CYS K 195 19.66 41.78 5.45
CA CYS K 195 19.73 42.57 6.69
C CYS K 195 19.15 43.95 6.47
N GLY K 196 18.55 44.49 7.53
CA GLY K 196 18.15 45.88 7.57
C GLY K 196 19.33 46.78 7.91
N PRO K 197 19.27 48.04 7.51
CA PRO K 197 20.40 48.96 7.77
C PRO K 197 20.65 49.23 9.24
N GLY K 198 19.65 49.06 10.11
CA GLY K 198 19.78 49.37 11.51
C GLY K 198 20.00 48.16 12.42
N SER K 199 20.74 47.16 11.94
CA SER K 199 20.77 45.86 12.62
C SER K 199 21.58 45.89 13.91
N THR L 3 11.77 19.11 79.29
CA THR L 3 12.00 19.72 80.59
C THR L 3 13.04 18.96 81.42
N ASN L 4 13.59 17.87 80.88
CA ASN L 4 14.55 17.08 81.64
C ASN L 4 15.74 16.66 80.79
N LEU L 5 16.74 16.12 81.50
CA LEU L 5 17.95 15.59 80.92
C LEU L 5 17.72 14.15 80.47
N CYS L 6 18.16 13.84 79.25
CA CYS L 6 18.00 12.48 78.73
C CYS L 6 18.71 11.48 79.65
N PRO L 7 18.07 10.28 79.91
CA PRO L 7 18.52 9.32 80.93
C PRO L 7 19.71 8.47 80.51
N PHE L 8 20.73 9.11 79.93
CA PHE L 8 21.95 8.41 79.55
C PHE L 8 22.59 7.70 80.74
N GLY L 9 22.35 8.25 81.93
CA GLY L 9 22.88 7.62 83.15
C GLY L 9 22.39 6.19 83.29
N GLU L 10 21.15 5.92 82.90
CA GLU L 10 20.59 4.58 83.06
C GLU L 10 21.20 3.61 82.07
N VAL L 11 21.68 4.11 80.93
CA VAL L 11 22.25 3.25 79.89
C VAL L 11 23.73 2.99 80.14
N PHE L 12 24.51 4.07 80.21
CA PHE L 12 25.99 3.97 80.34
C PHE L 12 26.42 3.40 81.69
N ASN L 13 25.79 3.86 82.78
CA ASN L 13 26.17 3.42 84.16
C ASN L 13 25.34 2.22 84.60
N ALA L 14 24.63 1.57 83.68
CA ALA L 14 23.81 0.38 84.01
C ALA L 14 24.67 -0.62 84.77
N THR L 15 24.19 -1.08 85.92
CA THR L 15 24.95 -2.01 86.75
C THR L 15 25.30 -3.28 85.99
N ARG L 16 24.33 -3.87 85.29
CA ARG L 16 24.60 -5.02 84.46
C ARG L 16 24.31 -4.70 83.00
N PHE L 17 24.99 -5.41 82.10
CA PHE L 17 24.85 -5.25 80.66
C PHE L 17 24.36 -6.55 80.05
N ALA L 18 23.95 -6.47 78.79
CA ALA L 18 23.35 -7.60 78.09
C ALA L 18 24.38 -8.33 77.24
N SER L 19 24.13 -9.60 77.00
CA SER L 19 24.89 -10.35 76.00
C SER L 19 24.65 -9.75 74.62
N VAL L 20 25.73 -9.66 73.83
CA VAL L 20 25.64 -9.05 72.51
C VAL L 20 24.54 -9.69 71.67
N TYR L 21 24.40 -11.02 71.74
CA TYR L 21 23.38 -11.70 70.93
C TYR L 21 21.99 -11.20 71.30
N ALA L 22 21.77 -10.81 72.55
CA ALA L 22 20.50 -10.27 73.00
C ALA L 22 20.66 -8.79 73.35
N TRP L 23 21.27 -8.02 72.44
CA TRP L 23 21.59 -6.62 72.72
C TRP L 23 20.36 -5.82 73.12
N ASN L 24 20.51 -4.98 74.15
CA ASN L 24 19.39 -4.24 74.71
C ASN L 24 19.26 -2.86 74.09
N ARG L 25 18.06 -2.48 73.70
CA ARG L 25 17.79 -1.16 73.11
C ARG L 25 16.93 -0.33 74.05
N LYS L 26 17.31 0.94 74.26
CA LYS L 26 16.48 1.93 74.92
C LYS L 26 16.18 3.07 73.96
N ARG L 27 14.90 3.31 73.69
CA ARG L 27 14.54 4.53 72.98
C ARG L 27 14.56 5.70 73.94
N ILE L 28 15.21 6.78 73.52
CA ILE L 28 15.33 8.02 74.26
C ILE L 28 14.56 9.08 73.46
N SER L 29 13.62 9.73 74.13
CA SER L 29 12.73 10.70 73.51
C SER L 29 12.24 11.68 74.57
N ASN L 30 11.96 12.90 74.12
CA ASN L 30 11.39 13.96 74.96
C ASN L 30 12.32 14.31 76.12
N CYS L 31 13.45 14.92 75.76
CA CYS L 31 14.45 15.35 76.75
C CYS L 31 15.54 16.14 76.03
N VAL L 32 16.34 16.84 76.83
CA VAL L 32 17.50 17.57 76.36
C VAL L 32 18.73 16.69 76.55
N ALA L 33 19.35 16.28 75.45
CA ALA L 33 20.50 15.39 75.48
C ALA L 33 21.77 16.22 75.54
N ASP L 34 22.43 16.22 76.70
CA ASP L 34 23.70 16.91 76.87
C ASP L 34 24.82 15.95 76.45
N TYR L 35 25.08 15.92 75.14
CA TYR L 35 26.08 15.00 74.62
C TYR L 35 27.48 15.34 75.13
N SER L 36 27.69 16.59 75.56
CA SER L 36 28.99 16.98 76.09
C SER L 36 29.38 16.15 77.31
N VAL L 37 28.40 15.76 78.12
CA VAL L 37 28.69 14.93 79.28
C VAL L 37 29.34 13.61 78.86
N LEU L 38 29.01 13.14 77.65
CA LEU L 38 29.63 11.90 77.17
C LEU L 38 31.04 12.14 76.64
N TYR L 39 31.17 12.92 75.55
CA TYR L 39 32.48 13.08 74.93
C TYR L 39 33.48 13.82 75.81
N ASN L 40 33.04 14.38 76.95
CA ASN L 40 33.96 14.99 77.90
C ASN L 40 34.24 14.10 79.09
N SER L 41 33.65 12.91 79.15
CA SER L 41 34.17 11.83 79.99
C SER L 41 35.26 11.13 79.19
N ALA L 42 36.53 11.44 79.51
CA ALA L 42 37.65 10.96 78.73
C ALA L 42 38.03 9.54 79.13
N SER L 43 37.06 8.77 79.60
CA SER L 43 37.27 7.39 80.01
C SER L 43 36.85 6.39 78.93
N PHE L 44 36.48 6.87 77.75
CA PHE L 44 35.99 6.01 76.68
C PHE L 44 37.14 5.63 75.75
N SER L 45 37.34 4.33 75.56
CA SER L 45 38.42 3.88 74.70
C SER L 45 38.07 4.02 73.22
N THR L 46 36.79 3.86 72.85
CA THR L 46 36.33 4.14 71.50
C THR L 46 35.15 5.11 71.53
N PHE L 47 35.14 6.07 70.62
CA PHE L 47 34.08 7.06 70.49
C PHE L 47 34.04 7.56 69.05
N LYS L 48 33.73 6.67 68.11
CA LYS L 48 33.74 6.99 66.69
C LYS L 48 32.33 7.34 66.22
N CYS L 49 32.17 8.52 65.62
CA CYS L 49 30.89 8.97 65.11
C CYS L 49 30.91 9.02 63.58
N TYR L 50 29.81 8.59 62.97
CA TYR L 50 29.65 8.49 61.53
C TYR L 50 28.48 9.37 61.09
N GLY L 51 28.75 10.29 60.16
CA GLY L 51 27.70 11.08 59.57
C GLY L 51 27.29 12.30 60.34
N VAL L 52 27.84 12.49 61.54
CA VAL L 52 27.53 13.64 62.38
C VAL L 52 28.86 14.29 62.79
N SER L 53 28.77 15.54 63.21
CA SER L 53 29.94 16.20 63.76
C SER L 53 30.23 15.63 65.15
N PRO L 54 31.45 15.78 65.64
CA PRO L 54 31.74 15.28 66.99
C PRO L 54 30.99 16.06 68.07
N THR L 55 31.18 17.37 68.09
CA THR L 55 30.64 18.22 69.14
C THR L 55 29.43 19.04 68.72
N LYS L 56 29.22 19.28 67.43
CA LYS L 56 28.05 20.04 66.96
C LYS L 56 26.76 19.25 67.15
N LEU L 57 26.88 17.97 67.51
CA LEU L 57 25.73 17.18 67.90
C LEU L 57 24.93 17.86 68.99
N ASN L 58 25.61 18.63 69.86
CA ASN L 58 25.01 19.36 70.97
C ASN L 58 24.09 20.49 70.50
N ASP L 59 24.01 20.72 69.19
CA ASP L 59 23.21 21.79 68.62
C ASP L 59 22.00 21.28 67.84
N LEU L 60 21.94 20.00 67.53
CA LEU L 60 20.93 19.45 66.63
C LEU L 60 19.78 18.81 67.42
N CYS L 61 18.65 18.62 66.74
CA CYS L 61 17.50 17.94 67.30
C CYS L 61 17.16 16.71 66.47
N PHE L 62 16.57 15.70 67.12
CA PHE L 62 16.24 14.45 66.44
C PHE L 62 14.88 13.95 66.89
N THR L 63 14.17 13.29 65.96
CA THR L 63 12.90 12.67 66.30
C THR L 63 13.06 11.65 67.43
N ASN L 64 14.00 10.73 67.30
CA ASN L 64 14.30 9.80 68.38
C ASN L 64 15.79 9.53 68.45
N VAL L 65 16.25 9.10 69.62
CA VAL L 65 17.62 8.59 69.78
C VAL L 65 17.50 7.18 70.34
N TYR L 66 18.15 6.21 69.71
CA TYR L 66 18.14 4.85 70.21
C TYR L 66 19.52 4.49 70.76
N ALA L 67 19.56 3.90 71.95
CA ALA L 67 20.81 3.48 72.58
C ALA L 67 20.78 1.96 72.67
N ASP L 68 21.49 1.29 71.75
CA ASP L 68 21.74 -0.13 71.86
C ASP L 68 22.99 -0.37 72.72
N SER L 69 22.93 -1.34 73.62
CA SER L 69 24.06 -1.60 74.49
C SER L 69 24.25 -3.10 74.66
N PHE L 70 25.52 -3.49 74.86
CA PHE L 70 25.90 -4.89 75.00
C PHE L 70 27.36 -4.99 75.42
N VAL L 71 27.86 -6.22 75.52
CA VAL L 71 29.25 -6.51 75.89
C VAL L 71 29.85 -7.47 74.85
N ILE L 72 31.05 -7.14 74.37
CA ILE L 72 31.81 -8.01 73.49
C ILE L 72 33.25 -8.06 73.99
N ARG L 73 34.11 -8.78 73.27
CA ARG L 73 35.52 -8.73 73.63
C ARG L 73 36.24 -7.69 72.78
N GLY L 74 37.39 -7.24 73.29
CA GLY L 74 38.05 -6.06 72.74
C GLY L 74 38.30 -6.12 71.25
N ASP L 75 38.87 -7.24 70.78
CA ASP L 75 39.20 -7.33 69.36
C ASP L 75 37.97 -7.41 68.46
N GLU L 76 36.80 -7.60 69.03
CA GLU L 76 35.55 -7.58 68.29
C GLU L 76 34.97 -6.17 68.17
N VAL L 77 35.52 -5.21 68.90
CA VAL L 77 35.02 -3.83 68.82
C VAL L 77 35.10 -3.32 67.39
N ARG L 78 36.16 -3.69 66.67
CA ARG L 78 36.32 -3.24 65.29
C ARG L 78 35.14 -3.64 64.42
N GLN L 79 34.32 -4.58 64.88
CA GLN L 79 33.17 -5.04 64.12
C GLN L 79 31.92 -4.18 64.32
N ILE L 80 31.91 -3.32 65.33
CA ILE L 80 30.77 -2.45 65.56
C ILE L 80 30.96 -1.20 64.70
N ALA L 81 30.88 -1.38 63.39
CA ALA L 81 31.09 -0.30 62.43
C ALA L 81 30.39 -0.69 61.14
N PRO L 82 30.13 0.28 60.25
CA PRO L 82 29.42 -0.04 59.00
C PRO L 82 30.20 -0.99 58.10
N GLY L 83 29.47 -1.93 57.50
CA GLY L 83 30.04 -2.82 56.50
C GLY L 83 31.26 -3.60 56.96
N GLN L 84 31.23 -4.10 58.19
CA GLN L 84 32.17 -5.11 58.62
C GLN L 84 31.58 -6.52 58.46
N THR L 85 32.46 -7.51 58.46
CA THR L 85 32.06 -8.89 58.68
C THR L 85 32.78 -9.45 59.90
N GLY L 86 32.36 -10.64 60.30
CA GLY L 86 32.89 -11.28 61.48
C GLY L 86 31.79 -11.94 62.27
N LYS L 87 32.15 -12.73 63.29
CA LYS L 87 31.17 -13.41 64.11
C LYS L 87 30.08 -12.45 64.57
N ILE L 88 30.48 -11.29 65.07
CA ILE L 88 29.55 -10.38 65.75
C ILE L 88 28.66 -9.68 64.73
N ALA L 89 29.26 -8.95 63.79
CA ALA L 89 28.47 -8.17 62.84
C ALA L 89 27.61 -9.05 61.93
N ASP L 90 28.00 -10.31 61.73
CA ASP L 90 27.22 -11.21 60.88
C ASP L 90 26.13 -11.93 61.66
N TYR L 91 26.38 -12.28 62.93
CA TYR L 91 25.47 -13.16 63.65
C TYR L 91 24.87 -12.53 64.91
N ASN L 92 25.22 -11.29 65.24
CA ASN L 92 24.84 -10.75 66.54
C ASN L 92 24.28 -9.34 66.46
N TYR L 93 25.06 -8.39 65.91
CA TYR L 93 24.62 -7.00 65.87
C TYR L 93 25.19 -6.36 64.61
N LYS L 94 24.35 -6.21 63.58
CA LYS L 94 24.75 -5.61 62.31
C LYS L 94 24.34 -4.15 62.27
N LEU L 95 25.28 -3.28 61.90
CA LEU L 95 25.04 -1.87 61.62
C LEU L 95 24.81 -1.66 60.12
N PRO L 96 23.93 -0.75 59.74
CA PRO L 96 23.70 -0.50 58.31
C PRO L 96 24.86 0.25 57.69
N ASP L 97 24.91 0.22 56.35
CA ASP L 97 26.00 0.88 55.64
C ASP L 97 25.89 2.40 55.74
N ASP L 98 24.67 2.94 55.72
CA ASP L 98 24.44 4.38 55.78
C ASP L 98 24.35 4.89 57.21
N PHE L 99 25.04 4.24 58.15
CA PHE L 99 24.82 4.48 59.57
C PHE L 99 25.23 5.90 59.95
N THR L 100 24.28 6.66 60.50
CA THR L 100 24.54 7.96 61.11
C THR L 100 24.34 7.79 62.61
N GLY L 101 25.44 7.88 63.35
CA GLY L 101 25.37 7.74 64.80
C GLY L 101 26.76 7.49 65.36
N CYS L 102 26.79 7.12 66.63
CA CYS L 102 28.06 7.04 67.34
C CYS L 102 28.22 5.67 68.01
N VAL L 103 29.41 5.10 67.88
CA VAL L 103 29.80 3.87 68.58
C VAL L 103 30.73 4.25 69.72
N ILE L 104 30.38 3.80 70.93
CA ILE L 104 31.07 4.15 72.16
C ILE L 104 31.44 2.86 72.88
N ALA L 105 32.71 2.70 73.24
CA ALA L 105 33.13 1.48 73.91
C ALA L 105 34.15 1.80 74.99
N TRP L 106 34.12 0.98 76.05
CA TRP L 106 35.13 1.09 77.10
C TRP L 106 35.42 -0.28 77.71
N ASN L 107 36.62 -0.42 78.23
CA ASN L 107 37.05 -1.69 78.82
C ASN L 107 36.36 -1.91 80.17
N SER L 108 35.72 -3.07 80.33
CA SER L 108 34.98 -3.40 81.53
C SER L 108 35.58 -4.61 82.24
N ASN L 109 36.91 -4.76 82.20
CA ASN L 109 37.55 -5.93 82.80
C ASN L 109 37.30 -5.99 84.31
N ASN L 110 37.36 -4.84 84.98
CA ASN L 110 37.17 -4.77 86.43
C ASN L 110 35.72 -4.98 86.86
N LEU L 111 34.78 -5.10 85.92
CA LEU L 111 33.38 -5.29 86.25
C LEU L 111 32.78 -6.58 85.71
N ASP L 112 33.23 -7.05 84.55
CA ASP L 112 32.60 -8.19 83.90
C ASP L 112 33.46 -9.44 83.91
N SER L 113 34.77 -9.31 84.11
CA SER L 113 35.60 -10.46 84.44
C SER L 113 35.49 -10.75 85.93
N LYS L 114 35.70 -12.02 86.28
CA LYS L 114 35.87 -12.38 87.68
C LYS L 114 36.91 -13.48 87.78
N VAL L 115 37.58 -13.54 88.93
CA VAL L 115 38.61 -14.56 89.17
C VAL L 115 37.96 -15.93 89.06
N GLY L 116 38.43 -16.72 88.09
CA GLY L 116 37.87 -18.01 87.77
C GLY L 116 37.09 -18.03 86.47
N GLY L 117 36.52 -16.88 86.07
CA GLY L 117 35.89 -16.75 84.77
C GLY L 117 34.43 -16.41 84.82
N ASN L 118 34.02 -15.48 83.96
CA ASN L 118 32.62 -15.11 83.80
C ASN L 118 32.10 -15.74 82.51
N TYR L 119 31.05 -16.56 82.64
CA TYR L 119 30.46 -17.24 81.51
C TYR L 119 28.97 -16.93 81.38
N ASN L 120 28.59 -15.73 81.83
CA ASN L 120 27.23 -15.22 81.64
C ASN L 120 27.07 -14.50 80.31
N TYR L 121 28.09 -13.74 79.90
CA TYR L 121 28.04 -13.01 78.63
C TYR L 121 28.24 -13.97 77.47
N LEU L 122 27.22 -14.12 76.63
CA LEU L 122 27.25 -15.02 75.49
C LEU L 122 27.34 -14.25 74.18
N TYR L 123 27.47 -15.01 73.09
CA TYR L 123 27.39 -14.52 71.73
C TYR L 123 26.94 -15.66 70.85
N ARG L 124 26.44 -15.32 69.65
CA ARG L 124 25.98 -16.33 68.71
C ARG L 124 27.15 -16.77 67.84
N LEU L 125 27.36 -18.08 67.76
CA LEU L 125 28.48 -18.65 67.01
C LEU L 125 28.06 -19.14 65.62
N PHE L 126 26.91 -19.79 65.51
CA PHE L 126 26.43 -20.37 64.27
C PHE L 126 25.09 -19.73 63.89
N ARG L 127 24.96 -19.36 62.62
CA ARG L 127 23.67 -18.94 62.08
C ARG L 127 23.59 -19.35 60.63
N LYS L 128 22.38 -19.67 60.19
CA LYS L 128 22.14 -20.11 58.81
C LYS L 128 22.36 -19.00 57.80
N SER L 129 22.36 -17.74 58.25
CA SER L 129 22.53 -16.61 57.35
C SER L 129 22.78 -15.36 58.21
N ASN L 130 23.10 -14.28 57.53
CA ASN L 130 23.46 -13.03 58.19
C ASN L 130 22.24 -12.30 58.71
N LEU L 131 22.41 -11.60 59.83
CA LEU L 131 21.39 -10.69 60.33
C LEU L 131 21.25 -9.48 59.42
N LYS L 132 20.03 -8.96 59.37
CA LYS L 132 19.80 -7.67 58.73
C LYS L 132 20.12 -6.55 59.70
N PRO L 133 20.43 -5.36 59.18
CA PRO L 133 20.80 -4.24 60.07
C PRO L 133 19.76 -4.01 61.15
N PHE L 134 20.24 -3.83 62.39
CA PHE L 134 19.42 -3.58 63.57
C PHE L 134 18.42 -4.70 63.84
N GLU L 135 18.67 -5.90 63.34
CA GLU L 135 17.92 -7.09 63.72
C GLU L 135 18.56 -7.78 64.92
N ARG L 136 17.74 -8.43 65.73
CA ARG L 136 18.25 -9.17 66.87
C ARG L 136 17.57 -10.53 66.96
N ASP L 137 18.37 -11.55 67.27
CA ASP L 137 17.93 -12.94 67.27
C ASP L 137 18.37 -13.59 68.57
N ILE L 138 17.42 -14.15 69.30
CA ILE L 138 17.70 -14.81 70.58
C ILE L 138 17.16 -16.24 70.56
N SER L 139 16.88 -16.75 69.38
CA SER L 139 16.43 -18.13 69.25
C SER L 139 17.55 -19.11 69.58
N THR L 140 17.20 -20.20 70.26
CA THR L 140 18.15 -21.28 70.47
C THR L 140 17.78 -22.48 69.63
N GLU L 141 17.51 -22.23 68.35
CA GLU L 141 17.25 -23.30 67.40
C GLU L 141 18.53 -24.10 67.16
N ILE L 142 18.41 -25.43 67.17
CA ILE L 142 19.60 -26.28 67.06
C ILE L 142 20.18 -26.13 65.65
N TYR L 143 21.39 -25.63 65.58
CA TYR L 143 22.07 -25.43 64.30
C TYR L 143 22.46 -26.75 63.67
N GLN L 144 22.13 -26.91 62.39
CA GLN L 144 22.53 -28.07 61.61
C GLN L 144 23.76 -27.68 60.81
N ALA L 145 24.90 -28.32 61.11
CA ALA L 145 26.09 -28.18 60.28
C ALA L 145 26.27 -29.31 59.29
N GLY L 146 25.79 -30.50 59.61
CA GLY L 146 25.84 -31.63 58.69
C GLY L 146 24.60 -31.66 57.80
N SER L 147 24.49 -32.75 57.07
CA SER L 147 23.39 -32.97 56.15
C SER L 147 22.20 -33.63 56.85
N THR L 148 22.43 -34.22 58.02
CA THR L 148 21.42 -35.04 58.66
C THR L 148 20.56 -34.19 59.57
N PRO L 149 19.23 -34.18 59.42
CA PRO L 149 18.39 -33.39 60.32
C PRO L 149 18.52 -33.89 61.75
N CYS L 150 18.57 -32.96 62.69
CA CYS L 150 18.49 -33.23 64.12
C CYS L 150 17.31 -32.56 64.79
N ASN L 151 16.85 -33.17 65.87
CA ASN L 151 15.84 -32.58 66.73
C ASN L 151 16.37 -32.42 68.15
N GLY L 152 17.55 -32.98 68.42
CA GLY L 152 18.10 -32.97 69.75
C GLY L 152 19.49 -32.38 69.69
N VAL L 153 19.89 -31.76 70.79
CA VAL L 153 21.08 -30.93 70.79
C VAL L 153 22.35 -31.77 70.92
N GLU L 154 22.24 -32.98 71.47
CA GLU L 154 23.44 -33.77 71.74
C GLU L 154 24.17 -34.24 70.48
N GLY L 155 23.51 -34.25 69.33
CA GLY L 155 24.14 -34.81 68.14
C GLY L 155 25.34 -34.00 67.68
N PHE L 156 26.34 -34.72 67.15
CA PHE L 156 27.46 -34.07 66.49
C PHE L 156 27.00 -33.52 65.15
N ASN L 157 27.64 -32.43 64.72
CA ASN L 157 27.21 -31.63 63.58
C ASN L 157 25.78 -31.14 63.79
N CYS L 158 25.44 -30.92 65.07
CA CYS L 158 24.17 -30.37 65.52
C CYS L 158 24.53 -29.54 66.75
N TYR L 159 24.95 -28.30 66.52
CA TYR L 159 25.52 -27.50 67.58
C TYR L 159 24.51 -26.53 68.15
N PHE L 160 24.56 -26.34 69.47
CA PHE L 160 23.84 -25.26 70.10
C PHE L 160 24.41 -23.94 69.62
N PRO L 161 23.58 -22.98 69.23
CA PRO L 161 24.12 -21.82 68.49
C PRO L 161 24.91 -20.85 69.34
N LEU L 162 24.62 -20.74 70.63
CA LEU L 162 25.30 -19.77 71.48
C LEU L 162 26.57 -20.34 72.12
N GLN L 163 27.57 -19.48 72.28
CA GLN L 163 28.78 -19.79 73.00
C GLN L 163 29.01 -18.68 74.03
N SER L 164 29.72 -19.01 75.11
CA SER L 164 30.03 -18.03 76.15
C SER L 164 31.42 -17.45 75.97
N TYR L 165 31.55 -16.14 76.16
CA TYR L 165 32.85 -15.55 76.44
C TYR L 165 33.34 -16.02 77.80
N GLY L 166 34.63 -16.31 77.89
CA GLY L 166 35.23 -16.60 79.18
C GLY L 166 36.07 -15.46 79.70
N PHE L 167 35.47 -14.58 80.51
CA PHE L 167 36.10 -13.31 80.89
C PHE L 167 36.79 -13.47 82.23
N GLN L 168 38.11 -13.59 82.18
CA GLN L 168 39.03 -13.72 83.30
C GLN L 168 39.90 -12.47 83.40
N PRO L 169 40.18 -11.98 84.61
CA PRO L 169 40.89 -10.70 84.74
C PRO L 169 42.27 -10.69 84.12
N THR L 170 42.86 -11.87 83.88
CA THR L 170 44.21 -11.98 83.37
C THR L 170 44.25 -12.37 81.90
N ASN L 171 43.11 -12.31 81.22
CA ASN L 171 43.08 -12.50 79.78
C ASN L 171 43.80 -11.35 79.08
N GLY L 172 44.24 -11.61 77.85
CA GLY L 172 44.84 -10.57 77.04
C GLY L 172 43.84 -9.46 76.75
N VAL L 173 44.40 -8.27 76.49
CA VAL L 173 43.59 -7.08 76.27
C VAL L 173 42.52 -7.34 75.21
N GLY L 174 42.90 -8.02 74.13
CA GLY L 174 41.95 -8.37 73.09
C GLY L 174 40.85 -9.31 73.54
N TYR L 175 41.07 -10.05 74.62
CA TYR L 175 40.10 -11.03 75.09
C TYR L 175 39.37 -10.55 76.34
N GLN L 176 39.55 -9.28 76.73
CA GLN L 176 38.89 -8.66 77.88
C GLN L 176 37.53 -8.08 77.46
N PRO L 177 36.58 -8.00 78.39
CA PRO L 177 35.24 -7.52 78.04
C PRO L 177 35.21 -6.01 77.88
N TYR L 178 34.61 -5.57 76.77
CA TYR L 178 34.31 -4.18 76.53
C TYR L 178 32.81 -3.97 76.46
N ARG L 179 32.33 -2.95 77.18
CA ARG L 179 30.96 -2.51 77.10
C ARG L 179 30.79 -1.51 75.96
N VAL L 180 29.74 -1.71 75.17
CA VAL L 180 29.48 -0.89 73.98
C VAL L 180 28.08 -0.30 74.07
N VAL L 181 27.98 0.96 73.62
CA VAL L 181 26.73 1.71 73.49
C VAL L 181 26.75 2.35 72.10
N VAL L 182 25.70 2.11 71.32
CA VAL L 182 25.56 2.58 69.96
C VAL L 182 24.37 3.51 69.93
N LEU L 183 24.63 4.79 69.68
CA LEU L 183 23.59 5.80 69.56
C LEU L 183 23.20 5.94 68.10
N SER L 184 21.95 5.63 67.79
CA SER L 184 21.35 5.85 66.48
C SER L 184 20.48 7.10 66.56
N PHE L 185 20.61 7.98 65.59
CA PHE L 185 19.84 9.22 65.56
C PHE L 185 18.80 9.10 64.46
N GLU L 186 17.54 9.42 64.78
CA GLU L 186 16.41 9.18 63.88
C GLU L 186 15.70 10.51 63.66
N LEU L 187 15.57 10.88 62.38
CA LEU L 187 15.04 12.17 61.96
C LEU L 187 13.84 11.94 61.03
N LEU L 188 12.64 12.18 61.54
CA LEU L 188 11.42 12.01 60.77
C LEU L 188 10.79 13.35 60.42
N HIS L 189 9.86 13.32 59.46
CA HIS L 189 8.95 14.43 59.20
C HIS L 189 7.93 14.48 60.33
N ALA L 190 8.40 14.80 61.53
CA ALA L 190 7.56 14.81 62.74
C ALA L 190 8.27 15.65 63.79
N PRO L 191 7.59 16.01 64.88
CA PRO L 191 8.25 16.81 65.92
C PRO L 191 9.51 16.14 66.46
N ALA L 192 10.60 16.90 66.46
CA ALA L 192 11.88 16.46 67.03
C ALA L 192 11.83 16.59 68.55
N THR L 193 11.97 15.47 69.26
CA THR L 193 11.81 15.44 70.71
C THR L 193 13.12 15.39 71.49
N VAL L 194 14.22 15.01 70.86
CA VAL L 194 15.51 14.89 71.55
C VAL L 194 16.42 15.99 71.00
N CYS L 195 16.80 16.93 71.87
CA CYS L 195 17.46 18.15 71.44
C CYS L 195 18.68 18.43 72.30
N GLY L 196 19.69 19.04 71.68
CA GLY L 196 20.82 19.57 72.42
C GLY L 196 20.49 20.93 73.01
N PRO L 197 21.20 21.32 74.07
CA PRO L 197 20.92 22.61 74.71
C PRO L 197 21.19 23.82 73.83
N GLY L 198 22.04 23.70 72.81
CA GLY L 198 22.39 24.82 71.97
C GLY L 198 21.64 24.86 70.66
N SER L 199 20.37 24.43 70.66
CA SER L 199 19.67 24.16 69.41
C SER L 199 19.24 25.44 68.70
C1 NAG M . 9.23 51.89 -7.88
C2 NAG M . 10.27 52.03 -6.78
C3 NAG M . 9.81 53.12 -5.82
C4 NAG M . 9.59 54.41 -6.58
C5 NAG M . 8.58 54.17 -7.70
C6 NAG M . 8.32 55.40 -8.56
C7 NAG M . 10.56 50.63 -4.80
C8 NAG M . 9.37 50.99 -3.96
N2 NAG M . 10.40 50.75 -6.11
O3 NAG M . 10.81 53.32 -4.81
O4 NAG M . 9.10 55.40 -5.65
O5 NAG M . 9.04 53.13 -8.55
O6 NAG M . 7.41 56.29 -7.89
O7 NAG M . 11.60 50.23 -4.30
C1 NAG M . 9.81 56.65 -5.78
C2 NAG M . 9.89 57.37 -4.44
C3 NAG M . 10.44 58.77 -4.67
C4 NAG M . 11.80 58.65 -5.35
C5 NAG M . 11.64 57.87 -6.66
C6 NAG M . 12.97 57.73 -7.38
C7 NAG M . 7.56 58.03 -4.53
C8 NAG M . 6.27 57.25 -4.56
N2 NAG M . 8.56 57.48 -3.86
O3 NAG M . 10.58 59.46 -3.42
O4 NAG M . 12.31 59.96 -5.64
O5 NAG M . 11.09 56.58 -6.40
O6 NAG M . 12.73 57.39 -8.76
O7 NAG M . 7.68 59.10 -5.11
C1 NAG N . 28.07 7.72 85.11
C2 NAG N . 27.73 9.11 84.62
C3 NAG N . 28.99 9.96 84.67
C4 NAG N . 29.53 9.98 86.08
C5 NAG N . 29.80 8.55 86.53
C6 NAG N . 30.17 8.52 88.00
C7 NAG N . 25.95 9.12 82.98
C8 NAG N . 25.55 10.16 81.99
N2 NAG N . 27.25 9.05 83.26
O3 NAG N . 28.66 11.30 84.29
O4 NAG N . 30.75 10.71 86.09
O5 NAG N . 28.60 7.80 86.43
O6 NAG N . 29.05 8.98 88.77
O7 NAG N . 25.14 8.38 83.51
C1 NAG N . 30.62 11.81 87.00
C2 NAG N . 31.92 12.03 87.75
C3 NAG N . 31.73 13.15 88.75
C4 NAG N . 31.31 14.40 88.00
C5 NAG N . 30.03 14.10 87.23
C6 NAG N . 29.55 15.31 86.44
C7 NAG N . 33.60 10.33 88.11
C8 NAG N . 33.71 9.63 86.79
N2 NAG N . 32.40 10.84 88.41
O3 NAG N . 32.96 13.33 89.48
O4 NAG N . 31.10 15.51 88.88
O5 NAG N . 30.25 13.01 86.33
O6 NAG N . 30.32 15.41 85.23
O7 NAG N . 34.55 10.43 88.87
C1 NAG O . -33.49 44.32 -28.86
C2 NAG O . -33.20 43.72 -27.49
C3 NAG O . -34.43 42.99 -26.97
C4 NAG O . -35.59 43.97 -26.93
C5 NAG O . -35.81 44.58 -28.31
C6 NAG O . -36.94 45.58 -28.28
C7 NAG O . -32.19 41.71 -28.39
C8 NAG O . -31.32 40.55 -28.01
N2 NAG O . -32.10 42.77 -27.60
O3 NAG O . -34.16 42.50 -25.66
O4 NAG O . -36.77 43.29 -26.51
O5 NAG O . -34.61 45.21 -28.76
O6 NAG O . -38.04 45.02 -27.55
O7 NAG O . -32.93 41.68 -29.35
C1 NAG P . -30.41 -57.76 20.43
C2 NAG P . -30.14 -58.48 21.74
C3 NAG P . -31.27 -58.20 22.72
C4 NAG P . -31.41 -56.69 22.89
C5 NAG P . -31.64 -56.04 21.54
C6 NAG P . -31.73 -54.53 21.69
C7 NAG P . -30.93 -60.59 20.84
C8 NAG P . -32.15 -60.98 21.62
N2 NAG P . -30.02 -59.91 21.53
O3 NAG P . -30.98 -58.82 23.98
O4 NAG P . -32.52 -56.42 23.75
O5 NAG P . -30.56 -56.35 20.66
O6 NAG P . -32.45 -54.22 22.89
O7 NAG P . -30.79 -60.86 19.66
#